data_9CC7
#
_entry.id   9CC7
#
loop_
_entity.id
_entity.type
_entity.pdbx_description
1 polymer 'PhiTE adaptor protein'
2 polymer 'PhiTE head completion protein'
3 polymer 'PhiTE tail terminator protein'
4 polymer 'Tail tube protein'
5 polymer 'Tail sheath protein'
6 polymer 'Portal protein'
#
loop_
_entity_poly.entity_id
_entity_poly.type
_entity_poly.pdbx_seq_one_letter_code
_entity_poly.pdbx_strand_id
1 'polypeptide(L)'
;MTNEQVIELVRVLLGGITTEEISDQTIIFFWTKWKLTYDLDNRPEKIPAALYNTVVDCVRWLIVQEVSSGNSSIRERFEK
IGDETISVKGGSSWESWKDFLDWLELNPDYIDPSLAFNSSLVIIGGVRKDEFFRVKNNPNSYNGFMEQGVYPTPAIPKQS
AWPCTAARRSPWMVR
;
D,C
2 'polypeptide(L)'
;MARAYSLLSSRNRLIPRVEVQCRKREWVKTDPDSPFLNGGREVLYTPFTAVECTVQPMRGKAIRDQNNQLMIGGEEDYDS
YTVYSETLLFRAREGTEHLSDQMLLPDSGGGQTWFTVMKADMYPSSGVPRYRYYLIAVPVGTEGGL
;
E
3 'polypeptide(L)'
;MALPLDFTNSDVVMGALTKAVGRLCLDVTGYDVVEADETIPKPEGPYILVDLSLLTPLDWATNEVVDEDGVVHTAHNYTA
SYTLTAYRGKPHWALSRVHQAFGLPFLREKYFPTGSPYAYSSTSNIARMRVPLNQQMFENRARTIVTFNATFVEKDLGTF
EDIEHIIIGIDVDNPSGPPIGIGADYDKGVKPGGDDPGLPPKPNPPIVYHDAIAQVCMATPVIDKPALISDKTGE
;
F
4 'polypeptide(L)'
;MLNQSKILTLQAYDPAKVLVFIGGQRVSGFAADTKIVITRNNDNISVHAGVDGEISNALSRDNTGVMTLSLQNTAKWNGY
LAQWQRQANVTGLIYLPVQVEGSQGLSLNTIGWIQKQPDLSYGTEVGQMDWEIGVLDAWLSPDQIQGIAAGITGLLGLDQ
;
G,H
5 'polypeptide(L)'
;MAEYQDKVVDVEVSLGTQPIDTVGFETPMFLAMHGNFPERIRFYVSTAGMVADGFAVGSPAYQFATNAFAGNFAPQRVAI
GRMSIDSSKVDFTGTTNTEQVVVNITLNKVVKAVKINVLPGNTPAQIATALADAVTADADLTGKATAVATGTYVTVTAVS
PNVVSVGKGAGVYKIVNESSETVATVLPSVIAENHNWYFLATEARSDADIVAAAEFAKANYKLHIYNSTDVDAYAPENSA
ASVFDTLKSLSYDSLGTSDAGADVDFTEGSVIGAMAANDPSYGDSLHLKTMPGMVPFAGSDTQRSNAWSRNANIYRGLYG
GGSYIEGKTSSGQYVDVIRFSHWVKFRMEESVFAYMKRRSDMGLSMKMSDEDLPVLKSVLMNNPINIGIRNGGILTGYDT
ENKVSYDPTIIIPKRANIPTNDLAARILRDVKVELVYNNSLHYVKIRASVVLDRPAGQSTNAQTPMSSSAVGV
;
I,J
6 'polypeptide(L)'
;MSRKRNRNRSVQVAKATSEQLNVSRMRMSEQGTFALAKVQVDSERMKAEEIRWPHLIGTAESMKQDATVATGLDMLYTFV
EKAFKDFKVIPGESEESKKAAKFIEYCLKNMEGQTLRQFARDAATFNEYGLSVVEKVYTQIAVGEYVGKYKVKNLAFRPQ
ASLSRTNPIVYNSDGSAIVGIKQSLSAFQNYTASEIGVGGVSTRMSDVIIPISRVMLMNTGGSSSQALGVSPLVGCYRAW
REKILIENLEVVGATKDMGGVIELKIPSQILNKAAMDPSSPEADMVRGLMSDAANAHSGEQSFFMLPSDTKDNAPQYSMT
LKGIDGMGKQYSTAQLISDRKKSILDRLGAGFINVGNDKGGSYNLSESKQTIHTQFVQRVNEIILEALNENLLPQLLALN
DIRLPETEMPYVKAGEIVDVDMEGFSKAIQRIGAVGYLPKTPKVINRVLEVLGIDEKIEEDISQEELMKLLGEDTSRAGD
GMTKGSSGNGTGKISASRDNSAANLDN
;
A,B
#
# COMPACT_ATOMS: atom_id res chain seq x y z
N MET A 1 -36.55 -6.38 -51.02
CA MET A 1 -35.71 -6.21 -49.85
C MET A 1 -35.63 -7.50 -49.04
N THR A 2 -34.48 -7.74 -48.42
CA THR A 2 -34.25 -8.97 -47.68
C THR A 2 -34.72 -8.83 -46.24
N ASN A 3 -34.66 -9.94 -45.49
CA ASN A 3 -35.19 -9.98 -44.14
C ASN A 3 -34.34 -9.18 -43.14
N GLU A 4 -33.10 -8.85 -43.48
CA GLU A 4 -32.24 -8.14 -42.54
C GLU A 4 -32.29 -6.62 -42.71
N GLN A 5 -32.50 -6.14 -43.94
CA GLN A 5 -32.51 -4.70 -44.17
C GLN A 5 -33.74 -4.03 -43.55
N VAL A 6 -34.85 -4.76 -43.44
CA VAL A 6 -36.08 -4.17 -42.94
C VAL A 6 -35.92 -3.69 -41.50
N ILE A 7 -35.28 -4.51 -40.66
CA ILE A 7 -35.01 -4.09 -39.28
C ILE A 7 -34.08 -2.88 -39.28
N GLU A 8 -33.04 -2.92 -40.09
CA GLU A 8 -32.07 -1.82 -40.13
C GLU A 8 -32.74 -0.53 -40.58
N LEU A 9 -33.64 -0.62 -41.55
CA LEU A 9 -34.30 0.58 -42.06
C LEU A 9 -35.36 1.09 -41.09
N VAL A 10 -36.09 0.18 -40.45
CA VAL A 10 -37.16 0.58 -39.54
C VAL A 10 -36.58 1.32 -38.33
N ARG A 11 -35.50 0.80 -37.77
CA ARG A 11 -34.91 1.40 -36.57
C ARG A 11 -34.41 2.82 -36.85
N VAL A 12 -33.79 3.03 -38.01
CA VAL A 12 -33.33 4.37 -38.37
C VAL A 12 -34.52 5.31 -38.52
N LEU A 13 -35.58 4.85 -39.18
CA LEU A 13 -36.75 5.69 -39.39
C LEU A 13 -37.42 6.05 -38.06
N LEU A 14 -37.45 5.11 -37.12
CA LEU A 14 -38.05 5.32 -35.81
C LEU A 14 -37.11 5.98 -34.82
N GLY A 15 -36.08 6.66 -35.30
CA GLY A 15 -35.15 7.35 -34.42
C GLY A 15 -34.29 6.46 -33.56
N GLY A 16 -33.77 5.36 -34.12
CA GLY A 16 -32.89 4.50 -33.36
C GLY A 16 -33.55 3.79 -32.19
N ILE A 17 -34.75 3.24 -32.39
CA ILE A 17 -35.44 2.55 -31.31
C ILE A 17 -34.64 1.32 -30.90
N THR A 18 -34.69 0.99 -29.61
CA THR A 18 -33.88 -0.07 -29.04
C THR A 18 -34.51 -1.43 -29.29
N THR A 19 -33.78 -2.50 -28.93
CA THR A 19 -34.27 -3.85 -29.15
C THR A 19 -35.33 -4.24 -28.13
N GLU A 20 -35.17 -3.82 -26.87
CA GLU A 20 -36.12 -4.20 -25.84
C GLU A 20 -37.48 -3.56 -26.07
N GLU A 21 -37.51 -2.35 -26.60
CA GLU A 21 -38.79 -1.69 -26.87
C GLU A 21 -39.55 -2.40 -27.98
N ILE A 22 -38.86 -2.81 -29.04
CA ILE A 22 -39.47 -3.57 -30.12
C ILE A 22 -38.48 -4.64 -30.58
N SER A 23 -38.89 -5.90 -30.47
CA SER A 23 -38.04 -7.00 -30.85
C SER A 23 -37.97 -7.12 -32.37
N ASP A 24 -36.89 -7.74 -32.86
CA ASP A 24 -36.76 -7.97 -34.29
C ASP A 24 -37.74 -9.02 -34.78
N GLN A 25 -38.25 -9.87 -33.88
CA GLN A 25 -39.24 -10.86 -34.26
C GLN A 25 -40.54 -10.17 -34.67
N THR A 26 -40.99 -9.20 -33.88
CA THR A 26 -42.25 -8.53 -34.17
C THR A 26 -42.19 -7.77 -35.49
N ILE A 27 -41.03 -7.18 -35.80
CA ILE A 27 -40.88 -6.50 -37.08
C ILE A 27 -41.04 -7.48 -38.24
N ILE A 28 -40.45 -8.66 -38.12
CA ILE A 28 -40.59 -9.67 -39.16
C ILE A 28 -42.04 -10.12 -39.28
N PHE A 29 -42.75 -10.21 -38.15
CA PHE A 29 -44.13 -10.67 -38.16
C PHE A 29 -45.02 -9.76 -39.01
N PHE A 30 -44.87 -8.45 -38.85
CA PHE A 30 -45.63 -7.53 -39.69
C PHE A 30 -45.07 -7.46 -41.10
N TRP A 31 -43.76 -7.58 -41.25
CA TRP A 31 -43.16 -7.59 -42.58
C TRP A 31 -43.63 -8.80 -43.39
N THR A 32 -43.70 -9.97 -42.74
CA THR A 32 -44.15 -11.17 -43.44
C THR A 32 -45.62 -11.07 -43.80
N LYS A 33 -46.41 -10.37 -42.99
CA LYS A 33 -47.85 -10.23 -43.23
C LYS A 33 -48.13 -9.56 -44.57
N TRP A 34 -47.40 -8.48 -44.87
CA TRP A 34 -47.62 -7.75 -46.11
C TRP A 34 -46.91 -8.38 -47.29
N LYS A 35 -45.90 -9.20 -47.05
CA LYS A 35 -45.22 -9.89 -48.15
C LYS A 35 -46.15 -10.86 -48.87
N LEU A 36 -46.92 -11.64 -48.10
CA LEU A 36 -47.81 -12.62 -48.70
C LEU A 36 -49.05 -11.99 -49.30
N THR A 37 -49.50 -10.85 -48.76
CA THR A 37 -50.65 -10.15 -49.32
C THR A 37 -50.31 -9.32 -50.54
N TYR A 38 -49.03 -9.02 -50.76
CA TYR A 38 -48.61 -8.20 -51.90
C TYR A 38 -47.58 -8.90 -52.79
N ASP A 39 -47.30 -10.18 -52.53
CA ASP A 39 -46.39 -11.05 -53.31
C ASP A 39 -45.23 -10.26 -53.90
N LEU A 40 -44.47 -9.64 -53.00
CA LEU A 40 -43.39 -8.73 -53.39
C LEU A 40 -42.39 -9.39 -54.33
N ASP A 41 -42.15 -10.69 -54.16
CA ASP A 41 -41.24 -11.40 -55.05
C ASP A 41 -41.78 -11.42 -56.48
N ASN A 42 -43.10 -11.57 -56.63
CA ASN A 42 -43.71 -11.57 -57.95
C ASN A 42 -43.76 -10.18 -58.58
N ARG A 43 -44.09 -9.16 -57.79
CA ARG A 43 -44.18 -7.79 -58.30
C ARG A 43 -43.44 -6.85 -57.35
N PRO A 44 -42.29 -6.32 -57.79
CA PRO A 44 -41.52 -5.41 -56.92
C PRO A 44 -42.02 -3.97 -56.92
N GLU A 45 -43.16 -3.68 -57.55
CA GLU A 45 -43.66 -2.31 -57.56
C GLU A 45 -44.25 -1.90 -56.22
N LYS A 46 -44.49 -2.85 -55.32
CA LYS A 46 -45.11 -2.57 -54.03
C LYS A 46 -44.11 -2.44 -52.89
N ILE A 47 -42.81 -2.33 -53.20
CA ILE A 47 -41.81 -2.15 -52.14
C ILE A 47 -42.10 -0.92 -51.29
N PRO A 48 -42.37 0.26 -51.86
CA PRO A 48 -42.74 1.39 -50.98
C PRO A 48 -44.04 1.17 -50.23
N ALA A 49 -45.02 0.53 -50.88
CA ALA A 49 -46.31 0.32 -50.23
C ALA A 49 -46.19 -0.66 -49.05
N ALA A 50 -45.47 -1.76 -49.25
CA ALA A 50 -45.28 -2.72 -48.16
C ALA A 50 -44.46 -2.12 -47.03
N LEU A 51 -43.46 -1.30 -47.37
CA LEU A 51 -42.63 -0.68 -46.34
C LEU A 51 -43.44 0.29 -45.49
N TYR A 52 -44.32 1.07 -46.13
CA TYR A 52 -45.11 2.05 -45.39
C TYR A 52 -46.06 1.37 -44.41
N ASN A 53 -46.73 0.30 -44.85
CA ASN A 53 -47.65 -0.40 -43.96
C ASN A 53 -46.91 -1.08 -42.81
N THR A 54 -45.70 -1.57 -43.07
CA THR A 54 -44.92 -2.23 -42.04
C THR A 54 -44.58 -1.28 -40.90
N VAL A 55 -44.15 -0.06 -41.22
CA VAL A 55 -43.78 0.90 -40.20
C VAL A 55 -45.00 1.33 -39.40
N VAL A 56 -46.13 1.54 -40.08
CA VAL A 56 -47.36 1.95 -39.40
C VAL A 56 -47.82 0.86 -38.44
N ASP A 57 -47.76 -0.40 -38.88
CA ASP A 57 -48.17 -1.51 -38.01
C ASP A 57 -47.28 -1.61 -36.79
N CYS A 58 -45.99 -1.34 -36.94
CA CYS A 58 -45.08 -1.38 -35.81
C CYS A 58 -45.44 -0.31 -34.77
N VAL A 59 -45.81 0.88 -35.23
CA VAL A 59 -46.24 1.94 -34.31
C VAL A 59 -47.51 1.52 -33.59
N ARG A 60 -48.42 0.85 -34.30
CA ARG A 60 -49.65 0.37 -33.66
C ARG A 60 -49.33 -0.64 -32.57
N TRP A 61 -48.38 -1.54 -32.81
CA TRP A 61 -47.99 -2.50 -31.79
C TRP A 61 -47.28 -1.82 -30.62
N LEU A 62 -46.59 -0.72 -30.89
CA LEU A 62 -45.93 0.02 -29.81
C LEU A 62 -46.96 0.67 -28.90
N ILE A 63 -48.04 1.21 -29.48
CA ILE A 63 -49.07 1.86 -28.67
C ILE A 63 -49.75 0.85 -27.75
N VAL A 64 -50.08 -0.33 -28.28
CA VAL A 64 -50.73 -1.35 -27.47
C VAL A 64 -49.76 -1.97 -26.48
N GLN A 65 -48.46 -1.73 -26.63
CA GLN A 65 -47.50 -2.21 -25.65
C GLN A 65 -47.55 -1.37 -24.38
N GLU A 66 -47.77 -0.07 -24.51
CA GLU A 66 -47.96 0.77 -23.33
C GLU A 66 -49.23 0.38 -22.59
N VAL A 67 -50.31 0.11 -23.33
CA VAL A 67 -51.52 -0.48 -22.77
C VAL A 67 -51.16 -1.92 -22.43
N SER A 68 -52.00 -2.60 -21.63
CA SER A 68 -51.77 -3.95 -21.12
C SER A 68 -50.61 -3.99 -20.14
N SER A 69 -50.12 -2.84 -19.68
CA SER A 69 -49.09 -2.74 -18.67
C SER A 69 -49.41 -1.55 -17.76
N GLY A 70 -48.60 -1.36 -16.73
CA GLY A 70 -48.84 -0.27 -15.80
C GLY A 70 -48.42 1.09 -16.27
N ASN A 71 -47.74 1.19 -17.41
CA ASN A 71 -47.20 2.47 -17.85
C ASN A 71 -48.30 3.43 -18.27
N SER A 72 -49.39 2.91 -18.85
CA SER A 72 -50.39 3.78 -19.44
C SER A 72 -51.25 4.47 -18.38
N SER A 73 -51.60 3.76 -17.31
CA SER A 73 -52.59 4.25 -16.36
C SER A 73 -52.00 5.03 -15.19
N ILE A 74 -50.67 5.16 -15.11
CA ILE A 74 -50.04 5.86 -14.00
C ILE A 74 -49.60 7.24 -14.48
N ARG A 75 -49.73 8.24 -13.60
CA ARG A 75 -49.24 9.59 -13.90
C ARG A 75 -48.57 10.24 -12.71
N GLU A 76 -48.19 9.47 -11.69
CA GLU A 76 -47.38 9.93 -10.57
C GLU A 76 -46.52 8.77 -10.08
N ARG A 77 -45.43 9.10 -9.39
CA ARG A 77 -44.57 8.12 -8.75
C ARG A 77 -43.85 8.80 -7.59
N PHE A 78 -43.52 8.03 -6.57
CA PHE A 78 -42.82 8.57 -5.41
C PHE A 78 -42.08 7.44 -4.71
N GLU A 79 -40.76 7.54 -4.63
CA GLU A 79 -39.92 6.54 -3.99
C GLU A 79 -39.17 7.16 -2.82
N LYS A 80 -39.08 6.42 -1.72
CA LYS A 80 -38.31 6.83 -0.56
C LYS A 80 -37.99 5.61 0.28
N ILE A 81 -36.72 5.23 0.33
CA ILE A 81 -36.26 4.10 1.13
C ILE A 81 -35.27 4.63 2.16
N GLY A 82 -35.49 5.85 2.60
CA GLY A 82 -34.56 6.54 3.48
C GLY A 82 -34.43 8.00 3.10
N ASP A 83 -33.20 8.44 2.82
CA ASP A 83 -32.98 9.81 2.37
C ASP A 83 -33.16 9.99 0.88
N GLU A 84 -33.21 8.91 0.11
CA GLU A 84 -33.35 9.01 -1.34
C GLU A 84 -34.82 9.18 -1.71
N THR A 85 -35.12 10.29 -2.40
CA THR A 85 -36.49 10.56 -2.84
C THR A 85 -36.48 10.89 -4.33
N ILE A 86 -37.38 10.24 -5.07
CA ILE A 86 -37.53 10.48 -6.50
C ILE A 86 -39.02 10.62 -6.81
N SER A 87 -39.34 11.63 -7.62
CA SER A 87 -40.72 11.83 -8.06
C SER A 87 -40.72 12.36 -9.49
N VAL A 88 -41.42 11.65 -10.37
CA VAL A 88 -41.51 12.02 -11.78
C VAL A 88 -42.97 11.91 -12.23
N LYS A 89 -43.36 12.77 -13.17
CA LYS A 89 -44.61 12.58 -13.89
C LYS A 89 -44.56 13.32 -15.23
N SER A 93 -45.24 6.97 -22.60
CA SER A 93 -45.14 7.35 -24.01
C SER A 93 -46.42 7.00 -24.76
N TRP A 94 -47.46 6.63 -24.01
CA TRP A 94 -48.74 6.28 -24.62
C TRP A 94 -49.34 7.47 -25.35
N GLU A 95 -49.27 8.65 -24.73
CA GLU A 95 -49.85 9.84 -25.35
C GLU A 95 -48.99 10.37 -26.49
N SER A 96 -47.67 10.22 -26.39
CA SER A 96 -46.80 10.74 -27.44
C SER A 96 -46.84 9.88 -28.69
N TRP A 97 -47.02 8.57 -28.53
CA TRP A 97 -47.08 7.68 -29.69
C TRP A 97 -48.39 7.87 -30.46
N LYS A 98 -49.41 8.43 -29.81
CA LYS A 98 -50.70 8.60 -30.48
C LYS A 98 -50.60 9.61 -31.62
N ASP A 99 -50.21 10.84 -31.31
CA ASP A 99 -50.19 11.90 -32.32
C ASP A 99 -49.15 11.63 -33.39
N PHE A 100 -48.07 10.92 -33.04
CA PHE A 100 -47.08 10.56 -34.04
C PHE A 100 -47.67 9.67 -35.12
N LEU A 101 -48.51 8.72 -34.73
CA LEU A 101 -49.19 7.88 -35.71
C LEU A 101 -50.08 8.71 -36.62
N ASP A 102 -50.80 9.67 -36.04
CA ASP A 102 -51.62 10.57 -36.86
C ASP A 102 -50.75 11.42 -37.78
N TRP A 103 -49.62 11.92 -37.25
CA TRP A 103 -48.70 12.70 -38.07
C TRP A 103 -48.07 11.85 -39.17
N LEU A 104 -47.66 10.63 -38.83
CA LEU A 104 -47.03 9.76 -39.83
C LEU A 104 -48.00 9.39 -40.94
N GLU A 105 -49.27 9.19 -40.60
CA GLU A 105 -50.28 8.88 -41.62
C GLU A 105 -50.52 10.05 -42.56
N LEU A 106 -50.09 11.25 -42.20
CA LEU A 106 -50.27 12.43 -43.02
C LEU A 106 -49.02 12.82 -43.78
N ASN A 107 -47.87 12.21 -43.48
CA ASN A 107 -46.60 12.50 -44.15
C ASN A 107 -45.93 11.20 -44.56
N PRO A 108 -46.49 10.49 -45.54
CA PRO A 108 -45.85 9.24 -45.99
C PRO A 108 -44.55 9.46 -46.73
N ASP A 109 -44.28 10.69 -47.20
CA ASP A 109 -43.03 10.95 -47.90
C ASP A 109 -41.82 10.77 -47.01
N TYR A 110 -42.01 10.84 -45.68
CA TYR A 110 -40.91 10.60 -44.75
C TYR A 110 -40.37 9.18 -44.85
N ILE A 111 -41.18 8.23 -45.33
CA ILE A 111 -40.74 6.85 -45.48
C ILE A 111 -40.18 6.65 -46.89
N ASP A 112 -41.00 6.95 -47.90
CA ASP A 112 -40.58 6.79 -49.29
C ASP A 112 -41.23 7.87 -50.15
N PRO A 113 -40.43 8.69 -50.84
CA PRO A 113 -41.01 9.77 -51.66
C PRO A 113 -41.79 9.28 -52.86
N SER A 114 -41.62 8.03 -53.27
CA SER A 114 -42.27 7.50 -54.47
C SER A 114 -43.62 6.85 -54.21
N LEU A 115 -44.33 7.28 -53.16
CA LEU A 115 -45.61 6.69 -52.82
C LEU A 115 -46.79 7.32 -53.57
N ALA A 116 -46.55 8.34 -54.40
CA ALA A 116 -47.59 9.00 -55.18
C ALA A 116 -48.69 9.55 -54.27
N PHE A 117 -48.28 10.11 -53.13
CA PHE A 117 -49.23 10.66 -52.17
C PHE A 117 -49.80 11.98 -52.67
N ASN A 118 -51.09 12.20 -52.36
CA ASN A 118 -51.74 13.50 -52.54
C ASN A 118 -51.73 13.93 -54.01
N SER A 119 -52.42 13.17 -54.85
CA SER A 119 -52.46 13.44 -56.29
C SER A 119 -53.86 13.52 -56.87
N SER A 120 -54.86 12.91 -56.24
CA SER A 120 -56.21 12.83 -56.78
C SER A 120 -57.27 13.36 -55.82
N LEU A 121 -57.02 14.53 -55.20
CA LEU A 121 -57.97 15.07 -54.25
C LEU A 121 -59.26 15.54 -54.93
N VAL A 122 -59.14 16.30 -56.01
CA VAL A 122 -60.28 16.96 -56.64
C VAL A 122 -60.61 16.24 -57.93
N ILE A 123 -61.89 15.85 -58.08
CA ILE A 123 -62.37 15.15 -59.25
C ILE A 123 -63.53 15.93 -59.83
N ILE A 124 -63.45 16.24 -61.13
CA ILE A 124 -64.53 16.89 -61.87
C ILE A 124 -64.90 15.98 -63.03
N GLY A 125 -66.19 15.69 -63.16
CA GLY A 125 -66.65 14.75 -64.17
C GLY A 125 -67.07 15.43 -65.46
N GLY A 126 -66.90 14.70 -66.56
CA GLY A 126 -67.31 15.18 -67.86
C GLY A 126 -66.32 16.11 -68.54
N VAL A 127 -65.13 16.30 -67.98
CA VAL A 127 -64.14 17.19 -68.57
C VAL A 127 -62.98 16.42 -69.19
N ARG A 128 -63.11 15.11 -69.36
CA ARG A 128 -62.09 14.30 -70.01
C ARG A 128 -62.76 13.31 -70.95
N LYS A 129 -62.18 13.15 -72.14
CA LYS A 129 -62.73 12.18 -73.10
C LYS A 129 -62.50 10.75 -72.64
N ASP A 130 -61.36 10.49 -71.98
CA ASP A 130 -61.05 9.15 -71.52
C ASP A 130 -62.07 8.69 -70.48
N GLU A 131 -62.41 9.56 -69.54
CA GLU A 131 -63.37 9.20 -68.50
C GLU A 131 -64.81 9.20 -69.03
N PHE A 132 -65.12 10.13 -69.94
CA PHE A 132 -66.49 10.21 -70.46
C PHE A 132 -66.87 8.95 -71.22
N PHE A 133 -65.95 8.43 -72.05
CA PHE A 133 -66.24 7.22 -72.81
C PHE A 133 -66.19 5.97 -71.95
N ARG A 134 -65.40 5.99 -70.87
CA ARG A 134 -65.35 4.83 -69.99
C ARG A 134 -66.70 4.56 -69.34
N VAL A 135 -67.37 5.62 -68.86
CA VAL A 135 -68.70 5.46 -68.29
C VAL A 135 -69.72 5.18 -69.39
N LYS A 136 -69.60 5.87 -70.54
CA LYS A 136 -70.59 5.72 -71.60
C LYS A 136 -70.59 4.31 -72.19
N ASN A 137 -69.41 3.73 -72.37
CA ASN A 137 -69.28 2.40 -72.97
C ASN A 137 -69.45 1.26 -71.97
N ASN A 138 -69.66 1.57 -70.70
CA ASN A 138 -69.83 0.54 -69.69
C ASN A 138 -71.18 -0.15 -69.90
N PRO A 139 -71.22 -1.47 -70.14
CA PRO A 139 -72.51 -2.13 -70.39
C PRO A 139 -73.45 -2.12 -69.21
N ASN A 140 -72.95 -1.92 -67.99
CA ASN A 140 -73.77 -1.93 -66.79
C ASN A 140 -74.29 -0.56 -66.42
N SER A 141 -73.91 0.49 -67.16
CA SER A 141 -74.31 1.84 -66.83
C SER A 141 -75.79 2.06 -67.11
N TYR A 142 -76.44 2.83 -66.24
CA TYR A 142 -77.84 3.22 -66.40
C TYR A 142 -77.93 4.73 -66.23
N ASN A 143 -78.30 5.43 -67.30
CA ASN A 143 -78.30 6.89 -67.32
C ASN A 143 -79.72 7.40 -67.50
N GLY A 144 -79.84 8.72 -67.67
CA GLY A 144 -81.14 9.37 -67.69
C GLY A 144 -81.94 9.14 -68.96
N PHE A 145 -81.28 8.75 -70.05
CA PHE A 145 -81.98 8.54 -71.31
C PHE A 145 -82.69 7.20 -71.36
N MET A 146 -82.73 6.44 -70.27
CA MET A 146 -83.36 5.13 -70.24
C MET A 146 -84.71 5.15 -69.52
N GLU A 147 -85.31 6.31 -69.34
CA GLU A 147 -86.54 6.42 -68.55
C GLU A 147 -87.72 5.79 -69.29
N GLN A 148 -88.02 4.53 -68.99
CA GLN A 148 -89.01 3.79 -69.76
C GLN A 148 -90.43 4.23 -69.46
N GLY A 149 -90.71 4.65 -68.22
CA GLY A 149 -92.02 5.15 -67.87
C GLY A 149 -92.96 4.03 -67.45
N VAL A 150 -94.23 4.14 -67.87
CA VAL A 150 -95.25 3.19 -67.42
C VAL A 150 -94.97 1.79 -67.98
N TYR A 151 -94.67 1.70 -69.27
CA TYR A 151 -94.29 0.44 -69.89
C TYR A 151 -93.28 0.71 -70.99
N PRO A 152 -92.39 -0.24 -71.27
CA PRO A 152 -91.31 0.03 -72.22
C PRO A 152 -91.82 0.32 -73.62
N THR A 153 -91.08 1.16 -74.34
CA THR A 153 -91.35 1.52 -75.72
C THR A 153 -90.07 1.42 -76.54
N PRO A 154 -90.17 1.10 -77.82
CA PRO A 154 -88.97 1.01 -78.66
C PRO A 154 -88.35 2.35 -79.02
N ALA A 155 -88.91 3.46 -78.54
CA ALA A 155 -88.37 4.78 -78.81
C ALA A 155 -87.30 5.20 -77.81
N ILE A 156 -86.95 4.34 -76.85
CA ILE A 156 -86.03 4.70 -75.78
C ILE A 156 -84.93 3.65 -75.71
N PRO A 157 -83.66 4.06 -75.68
CA PRO A 157 -82.57 3.08 -75.73
C PRO A 157 -82.52 2.21 -74.49
N LYS A 158 -82.01 0.99 -74.67
CA LYS A 158 -81.78 0.06 -73.58
C LYS A 158 -80.30 -0.13 -73.28
N GLN A 159 -79.41 0.55 -74.00
CA GLN A 159 -77.98 0.46 -73.78
C GLN A 159 -77.38 1.86 -73.75
N SER A 160 -76.32 2.03 -72.96
CA SER A 160 -75.74 3.36 -72.78
C SER A 160 -74.92 3.79 -73.99
N ALA A 161 -74.17 2.86 -74.57
CA ALA A 161 -73.27 3.21 -75.67
C ALA A 161 -74.05 3.57 -76.93
N TRP A 162 -73.52 4.53 -77.68
CA TRP A 162 -74.11 4.89 -78.96
C TRP A 162 -73.88 3.77 -79.98
N PRO A 163 -74.84 3.56 -80.90
CA PRO A 163 -74.72 2.54 -81.94
C PRO A 163 -73.52 2.77 -82.86
N ALA B 4 -43.16 -3.55 -5.68
CA ALA B 4 -41.79 -3.33 -5.25
C ALA B 4 -41.25 -2.00 -5.75
N TYR B 5 -40.20 -1.51 -5.11
CA TYR B 5 -39.58 -0.24 -5.47
C TYR B 5 -39.10 -0.31 -6.91
N SER B 6 -39.39 0.71 -7.71
CA SER B 6 -38.89 0.79 -9.07
C SER B 6 -37.95 1.98 -9.28
N LEU B 7 -38.40 3.19 -8.95
CA LEU B 7 -37.59 4.36 -9.24
C LEU B 7 -36.26 4.33 -8.49
N LEU B 8 -36.29 3.98 -7.21
CA LEU B 8 -35.06 3.95 -6.43
C LEU B 8 -34.16 2.79 -6.81
N SER B 9 -34.63 1.85 -7.60
CA SER B 9 -33.81 0.74 -8.07
C SER B 9 -33.01 1.08 -9.31
N SER B 10 -32.86 2.36 -9.62
CA SER B 10 -32.10 2.80 -10.78
C SER B 10 -31.28 4.02 -10.41
N ARG B 11 -30.25 4.28 -11.21
CA ARG B 11 -29.33 5.36 -10.91
C ARG B 11 -29.96 6.72 -11.16
N ASN B 12 -29.62 7.69 -10.31
CA ASN B 12 -30.19 9.02 -10.39
C ASN B 12 -29.75 9.72 -11.68
N ARG B 13 -30.53 10.72 -12.08
CA ARG B 13 -30.22 11.48 -13.30
C ARG B 13 -30.30 12.99 -13.10
N LEU B 14 -30.32 13.46 -11.86
CA LEU B 14 -30.30 14.90 -11.60
C LEU B 14 -29.11 15.32 -10.75
N ILE B 15 -28.85 14.61 -9.66
CA ILE B 15 -27.76 14.96 -8.75
C ILE B 15 -26.47 14.28 -9.20
N PRO B 16 -25.39 15.02 -9.39
CA PRO B 16 -24.13 14.38 -9.78
C PRO B 16 -23.61 13.44 -8.70
N ARG B 17 -22.98 12.36 -9.15
CA ARG B 17 -22.37 11.38 -8.27
C ARG B 17 -20.98 11.06 -8.78
N VAL B 18 -20.11 10.66 -7.87
CA VAL B 18 -18.72 10.37 -8.22
C VAL B 18 -18.37 8.99 -7.70
N GLU B 19 -17.32 8.41 -8.27
CA GLU B 19 -16.75 7.18 -7.78
C GLU B 19 -15.56 7.48 -6.86
N VAL B 20 -15.31 6.58 -5.92
CA VAL B 20 -14.24 6.75 -4.96
C VAL B 20 -13.42 5.47 -4.92
N GLN B 21 -12.19 5.57 -4.43
CA GLN B 21 -11.35 4.40 -4.28
C GLN B 21 -11.39 3.88 -2.86
N CYS B 22 -11.20 2.57 -2.71
CA CYS B 22 -11.26 1.93 -1.40
C CYS B 22 -10.16 0.88 -1.32
N ARG B 23 -10.11 0.18 -0.19
CA ARG B 23 -9.17 -0.92 -0.04
C ARG B 23 -9.59 -1.78 1.15
N LYS B 24 -9.60 -3.08 0.94
CA LYS B 24 -9.90 -4.03 2.00
C LYS B 24 -8.68 -4.20 2.91
N ARG B 25 -8.91 -4.76 4.09
CA ARG B 25 -7.86 -4.83 5.10
C ARG B 25 -7.98 -6.13 5.89
N GLU B 26 -6.87 -6.87 5.97
CA GLU B 26 -6.72 -8.00 6.88
C GLU B 26 -5.53 -7.74 7.80
N TRP B 27 -5.16 -8.74 8.59
CA TRP B 27 -4.00 -8.67 9.45
C TRP B 27 -3.39 -10.05 9.61
N VAL B 28 -2.11 -10.07 10.00
CA VAL B 28 -1.33 -11.30 10.05
C VAL B 28 -0.28 -11.20 11.15
N LYS B 29 0.12 -12.34 11.68
CA LYS B 29 1.13 -12.43 12.72
C LYS B 29 2.47 -12.77 12.09
N THR B 30 3.52 -12.08 12.53
CA THR B 30 4.84 -12.25 11.92
C THR B 30 5.89 -12.84 12.84
N ASP B 31 5.85 -12.55 14.13
CA ASP B 31 6.87 -13.05 15.04
C ASP B 31 6.84 -14.59 15.06
N PRO B 32 7.99 -15.24 14.92
CA PRO B 32 7.98 -16.71 14.91
C PRO B 32 7.83 -17.32 16.28
N ASP B 33 8.42 -16.70 17.31
CA ASP B 33 8.47 -17.30 18.63
C ASP B 33 7.56 -16.66 19.67
N SER B 34 7.04 -15.46 19.41
CA SER B 34 6.18 -14.82 20.38
C SER B 34 4.92 -15.65 20.56
N PRO B 35 4.46 -15.87 21.80
CA PRO B 35 3.29 -16.72 22.01
C PRO B 35 1.97 -16.01 21.79
N PHE B 36 1.98 -14.81 21.21
CA PHE B 36 0.79 -14.00 21.21
C PHE B 36 0.10 -14.02 19.85
N LEU B 37 -1.23 -13.88 19.88
CA LEU B 37 -1.96 -13.74 18.62
C LEU B 37 -1.54 -12.48 17.89
N ASN B 38 -1.19 -11.43 18.65
CA ASN B 38 -0.79 -10.17 18.03
C ASN B 38 0.49 -10.35 17.22
N GLY B 39 1.52 -10.91 17.85
CA GLY B 39 2.82 -10.93 17.22
C GLY B 39 3.17 -9.56 16.69
N GLY B 40 3.97 -9.53 15.62
CA GLY B 40 4.17 -8.29 14.91
C GLY B 40 3.09 -8.14 13.87
N ARG B 41 2.04 -7.39 14.21
CA ARG B 41 0.87 -7.34 13.35
C ARG B 41 1.21 -6.68 12.02
N GLU B 42 0.62 -7.18 10.95
CA GLU B 42 0.72 -6.58 9.63
C GLU B 42 -0.66 -6.58 8.99
N VAL B 43 -0.88 -5.65 8.09
CA VAL B 43 -2.16 -5.49 7.41
C VAL B 43 -1.95 -5.70 5.91
N LEU B 44 -2.83 -6.47 5.30
CA LEU B 44 -2.79 -6.73 3.87
C LEU B 44 -3.94 -6.00 3.19
N TYR B 45 -3.64 -5.37 2.06
CA TYR B 45 -4.60 -4.53 1.35
C TYR B 45 -4.93 -5.11 -0.01
N THR B 46 -6.15 -4.86 -0.46
CA THR B 46 -6.57 -5.20 -1.82
C THR B 46 -7.50 -4.12 -2.35
N PRO B 47 -7.05 -3.31 -3.30
CA PRO B 47 -7.80 -2.12 -3.69
C PRO B 47 -9.06 -2.45 -4.48
N PHE B 48 -9.97 -1.48 -4.51
CA PHE B 48 -11.17 -1.54 -5.33
C PHE B 48 -11.83 -0.17 -5.30
N THR B 49 -12.95 -0.05 -6.01
CA THR B 49 -13.63 1.22 -6.17
C THR B 49 -15.12 1.06 -5.92
N ALA B 50 -15.77 2.18 -5.55
CA ALA B 50 -17.20 2.23 -5.35
C ALA B 50 -17.88 2.80 -6.59
N VAL B 51 -19.03 2.23 -6.94
CA VAL B 51 -19.64 2.53 -8.23
C VAL B 51 -19.99 4.00 -8.35
N GLU B 52 -20.65 4.56 -7.32
CA GLU B 52 -21.01 5.97 -7.34
C GLU B 52 -21.40 6.38 -5.93
N CYS B 53 -20.93 7.55 -5.51
CA CYS B 53 -21.01 7.93 -4.11
C CYS B 53 -21.28 9.42 -4.00
N THR B 54 -21.78 9.82 -2.83
CA THR B 54 -22.01 11.21 -2.50
C THR B 54 -21.42 11.49 -1.13
N VAL B 55 -20.65 12.58 -1.01
CA VAL B 55 -19.91 12.89 0.20
C VAL B 55 -20.46 14.19 0.77
N GLN B 56 -20.67 14.21 2.09
CA GLN B 56 -21.18 15.40 2.76
C GLN B 56 -20.56 15.53 4.14
N PRO B 57 -20.44 16.75 4.65
CA PRO B 57 -19.76 16.96 5.93
C PRO B 57 -20.73 16.98 7.11
N MET B 58 -20.18 16.98 8.33
CA MET B 58 -21.01 17.03 9.52
C MET B 58 -21.77 18.35 9.60
N ARG B 59 -22.98 18.30 10.14
CA ARG B 59 -23.90 19.41 10.02
C ARG B 59 -23.76 20.43 11.14
N GLY B 60 -23.36 20.00 12.33
CA GLY B 60 -23.28 20.89 13.49
C GLY B 60 -21.92 21.57 13.60
N LYS B 61 -21.66 22.07 14.80
CA LYS B 61 -20.39 22.71 15.13
C LYS B 61 -19.93 22.29 16.51
N ALA B 62 -20.30 21.07 16.90
CA ALA B 62 -19.95 20.59 18.24
C ALA B 62 -18.44 20.47 18.38
N ILE B 63 -17.97 20.62 19.62
CA ILE B 63 -16.53 20.77 19.86
C ILE B 63 -15.75 19.57 19.34
N ARG B 64 -16.35 18.39 19.35
CA ARG B 64 -15.68 17.20 18.86
C ARG B 64 -15.75 17.07 17.35
N ASP B 65 -16.52 17.91 16.66
CA ASP B 65 -16.61 17.85 15.22
C ASP B 65 -15.77 18.92 14.53
N GLN B 66 -15.07 19.75 15.28
CA GLN B 66 -14.21 20.77 14.69
C GLN B 66 -12.97 20.12 14.10
N ASN B 67 -12.34 20.79 13.13
CA ASN B 67 -11.27 20.14 12.37
C ASN B 67 -9.97 20.12 13.15
N ASN B 68 -9.45 21.29 13.53
CA ASN B 68 -8.23 21.38 14.31
C ASN B 68 -8.58 21.55 15.77
N GLN B 69 -8.00 20.71 16.63
CA GLN B 69 -8.31 20.69 18.05
C GLN B 69 -7.05 20.96 18.85
N LEU B 70 -7.22 21.72 19.94
CA LEU B 70 -6.11 22.12 20.79
C LEU B 70 -5.95 21.10 21.90
N MET B 71 -4.81 20.41 21.89
CA MET B 71 -4.43 19.50 22.95
C MET B 71 -3.13 19.97 23.58
N ILE B 72 -2.77 19.33 24.70
CA ILE B 72 -1.60 19.76 25.44
C ILE B 72 -0.32 19.60 24.62
N GLY B 73 -0.36 18.76 23.58
CA GLY B 73 0.79 18.60 22.70
C GLY B 73 0.80 19.57 21.53
N GLY B 74 -0.31 19.70 20.82
CA GLY B 74 -0.36 20.62 19.71
C GLY B 74 -1.67 20.47 18.95
N GLU B 75 -1.85 21.35 17.97
CA GLU B 75 -3.12 21.49 17.28
C GLU B 75 -3.34 20.27 16.42
N GLU B 76 -3.98 19.26 16.99
CA GLU B 76 -4.24 18.01 16.28
C GLU B 76 -5.29 18.21 15.20
N ASP B 77 -5.58 17.13 14.48
CA ASP B 77 -6.34 17.15 13.25
C ASP B 77 -7.48 16.15 13.32
N TYR B 78 -8.62 16.49 12.74
CA TYR B 78 -9.79 15.62 12.78
C TYR B 78 -10.72 15.94 11.62
N ASP B 79 -11.31 14.89 11.03
CA ASP B 79 -12.22 15.04 9.91
C ASP B 79 -13.20 13.88 9.90
N SER B 80 -14.32 14.08 9.22
CA SER B 80 -15.35 13.05 9.13
C SER B 80 -16.29 13.38 7.98
N TYR B 81 -17.17 12.43 7.66
CA TYR B 81 -18.05 12.57 6.51
C TYR B 81 -19.27 11.68 6.68
N THR B 82 -20.26 11.91 5.81
CA THR B 82 -21.38 11.00 5.64
C THR B 82 -21.53 10.71 4.15
N VAL B 83 -21.62 9.43 3.80
CA VAL B 83 -21.50 8.98 2.41
C VAL B 83 -22.69 8.12 2.05
N TYR B 84 -23.28 8.38 0.90
CA TYR B 84 -24.33 7.55 0.32
C TYR B 84 -23.76 6.84 -0.90
N SER B 85 -23.94 5.52 -0.96
CA SER B 85 -23.26 4.75 -1.98
C SER B 85 -24.11 3.54 -2.35
N GLU B 86 -23.83 3.00 -3.53
CA GLU B 86 -24.48 1.78 -4.00
C GLU B 86 -23.55 0.58 -4.01
N THR B 87 -22.41 0.68 -3.32
CA THR B 87 -21.51 -0.45 -3.14
C THR B 87 -21.57 -0.92 -1.70
N LEU B 88 -21.37 -2.22 -1.51
CA LEU B 88 -21.41 -2.79 -0.17
C LEU B 88 -20.01 -2.74 0.45
N LEU B 89 -19.90 -2.09 1.60
CA LEU B 89 -18.68 -2.05 2.37
C LEU B 89 -18.92 -2.63 3.75
N PHE B 90 -17.93 -3.31 4.29
CA PHE B 90 -18.09 -4.10 5.50
C PHE B 90 -17.24 -3.53 6.63
N ARG B 91 -17.75 -3.65 7.85
CA ARG B 91 -16.99 -3.34 9.04
C ARG B 91 -16.20 -4.58 9.49
N ALA B 92 -15.52 -4.45 10.62
CA ALA B 92 -14.75 -5.57 11.15
C ALA B 92 -15.66 -6.60 11.78
N ARG B 93 -15.22 -7.86 11.78
CA ARG B 93 -15.96 -8.94 12.40
C ARG B 93 -15.06 -9.70 13.35
N GLU B 94 -15.60 -10.02 14.53
CA GLU B 94 -14.80 -10.57 15.62
C GLU B 94 -14.51 -12.04 15.39
N GLY B 95 -13.44 -12.52 16.03
CA GLY B 95 -13.02 -13.89 15.80
C GLY B 95 -12.55 -14.15 14.40
N THR B 96 -12.14 -13.11 13.68
CA THR B 96 -11.69 -13.23 12.30
C THR B 96 -10.44 -12.41 12.10
N GLU B 97 -9.92 -12.42 10.88
CA GLU B 97 -8.74 -11.64 10.52
C GLU B 97 -9.08 -10.50 9.55
N HIS B 98 -10.36 -10.15 9.45
CA HIS B 98 -10.80 -9.07 8.57
C HIS B 98 -10.95 -7.79 9.37
N LEU B 99 -10.54 -6.68 8.78
CA LEU B 99 -10.66 -5.36 9.37
C LEU B 99 -11.63 -4.52 8.55
N SER B 100 -11.86 -3.30 9.01
CA SER B 100 -12.85 -2.44 8.38
C SER B 100 -12.31 -1.80 7.10
N ASP B 101 -13.18 -1.70 6.10
CA ASP B 101 -12.77 -1.12 4.83
C ASP B 101 -12.48 0.37 4.97
N GLN B 102 -11.64 0.88 4.10
CA GLN B 102 -11.24 2.28 4.11
C GLN B 102 -11.37 2.84 2.71
N MET B 103 -11.54 4.16 2.62
CA MET B 103 -11.69 4.80 1.32
C MET B 103 -11.13 6.21 1.38
N LEU B 104 -10.57 6.65 0.26
CA LEU B 104 -9.72 7.83 0.20
C LEU B 104 -10.51 9.04 -0.28
N LEU B 105 -10.48 10.11 0.51
CA LEU B 105 -11.30 11.29 0.26
C LEU B 105 -10.50 12.54 0.59
N PRO B 106 -10.89 13.69 0.05
CA PRO B 106 -10.19 14.94 0.36
C PRO B 106 -10.51 15.44 1.76
N ASP B 107 -9.56 16.19 2.33
CA ASP B 107 -9.66 16.68 3.70
C ASP B 107 -9.60 18.21 3.72
N SER B 108 -9.72 18.76 4.93
CA SER B 108 -9.76 20.21 5.09
C SER B 108 -8.40 20.87 4.91
N GLY B 109 -7.32 20.12 5.01
CA GLY B 109 -6.00 20.65 4.81
C GLY B 109 -5.53 20.68 3.37
N GLY B 110 -6.39 20.30 2.43
CA GLY B 110 -6.04 20.32 1.03
C GLY B 110 -5.45 19.04 0.49
N GLY B 111 -5.13 18.07 1.34
CA GLY B 111 -4.55 16.82 0.91
C GLY B 111 -5.58 15.74 0.67
N GLN B 112 -5.15 14.49 0.77
CA GLN B 112 -6.04 13.34 0.67
C GLN B 112 -5.62 12.31 1.70
N THR B 113 -6.61 11.72 2.37
CA THR B 113 -6.33 10.79 3.46
C THR B 113 -7.39 9.70 3.48
N TRP B 114 -7.10 8.65 4.25
CA TRP B 114 -7.99 7.50 4.30
C TRP B 114 -8.99 7.64 5.43
N PHE B 115 -10.23 7.29 5.14
CA PHE B 115 -11.32 7.29 6.10
C PHE B 115 -11.76 5.87 6.37
N THR B 116 -12.04 5.56 7.64
CA THR B 116 -12.38 4.21 8.05
C THR B 116 -13.86 4.09 8.34
N VAL B 117 -14.50 3.09 7.75
CA VAL B 117 -15.94 2.90 7.92
C VAL B 117 -16.23 2.53 9.37
N MET B 118 -17.20 3.21 9.96
CA MET B 118 -17.58 2.96 11.34
C MET B 118 -19.03 2.53 11.50
N LYS B 119 -19.94 3.03 10.68
CA LYS B 119 -21.35 2.69 10.79
C LYS B 119 -21.92 2.49 9.39
N ALA B 120 -22.61 1.38 9.20
CA ALA B 120 -23.21 1.06 7.90
C ALA B 120 -24.68 0.78 8.10
N ASP B 121 -25.51 1.37 7.25
CA ASP B 121 -26.95 1.25 7.35
C ASP B 121 -27.51 0.51 6.14
N MET B 122 -28.40 -0.44 6.40
CA MET B 122 -28.98 -1.27 5.37
C MET B 122 -30.46 -1.47 5.65
N TYR B 123 -31.23 -1.75 4.60
CA TYR B 123 -32.68 -1.94 4.69
C TYR B 123 -33.01 -3.28 4.08
N PRO B 124 -32.80 -4.38 4.80
CA PRO B 124 -32.94 -5.70 4.19
C PRO B 124 -34.33 -5.98 3.61
N SER B 125 -35.38 -5.37 4.15
CA SER B 125 -36.72 -5.70 3.70
C SER B 125 -37.15 -4.93 2.46
N SER B 126 -36.38 -3.93 2.05
CA SER B 126 -36.78 -3.12 0.90
C SER B 126 -36.29 -3.68 -0.43
N GLY B 127 -35.04 -4.12 -0.49
CA GLY B 127 -34.49 -4.73 -1.69
C GLY B 127 -33.52 -3.87 -2.48
N VAL B 128 -33.81 -2.58 -2.61
CA VAL B 128 -32.94 -1.71 -3.42
C VAL B 128 -31.58 -1.61 -2.75
N PRO B 129 -30.48 -1.68 -3.50
CA PRO B 129 -29.13 -1.58 -2.92
C PRO B 129 -28.64 -0.15 -2.77
N ARG B 130 -29.15 0.54 -1.75
CA ARG B 130 -28.72 1.89 -1.41
C ARG B 130 -28.32 1.90 0.05
N TYR B 131 -27.11 2.41 0.33
CA TYR B 131 -26.55 2.34 1.67
C TYR B 131 -26.11 3.73 2.11
N ARG B 132 -25.91 3.87 3.42
CA ARG B 132 -25.40 5.09 4.02
C ARG B 132 -24.28 4.72 4.98
N TYR B 133 -23.17 5.46 4.91
CA TYR B 133 -22.02 5.18 5.75
C TYR B 133 -21.62 6.43 6.52
N TYR B 134 -20.90 6.22 7.62
CA TYR B 134 -20.33 7.29 8.43
C TYR B 134 -18.85 7.00 8.62
N LEU B 135 -18.00 7.96 8.30
CA LEU B 135 -16.57 7.75 8.19
C LEU B 135 -15.80 8.72 9.08
N ILE B 136 -14.65 8.28 9.56
CA ILE B 136 -13.77 9.10 10.41
C ILE B 136 -12.36 8.99 9.88
N ALA B 137 -11.70 10.13 9.71
CA ALA B 137 -10.37 10.15 9.09
C ALA B 137 -9.35 9.45 9.96
N VAL B 138 -8.45 8.71 9.33
CA VAL B 138 -7.41 7.98 10.06
C VAL B 138 -6.50 8.98 10.76
N PRO B 139 -5.99 8.67 11.95
CA PRO B 139 -5.05 9.60 12.61
C PRO B 139 -3.87 9.89 11.71
N VAL B 140 -3.46 11.16 11.69
CA VAL B 140 -2.35 11.54 10.83
C VAL B 140 -1.08 10.85 11.28
N GLY B 141 -0.37 10.25 10.33
CA GLY B 141 0.87 9.56 10.60
C GLY B 141 0.73 8.08 10.90
N THR B 142 -0.46 7.51 10.78
CA THR B 142 -0.67 6.10 11.04
C THR B 142 -1.68 5.56 10.04
N GLU B 143 -1.92 4.24 10.11
CA GLU B 143 -2.89 3.58 9.23
C GLU B 143 -4.06 2.99 10.01
N GLY B 144 -4.43 3.62 11.13
CA GLY B 144 -5.63 3.20 11.83
C GLY B 144 -5.47 1.87 12.55
N GLY B 145 -6.62 1.27 12.85
CA GLY B 145 -6.65 0.02 13.59
C GLY B 145 -7.94 -0.76 13.38
N PRO C 4 34.44 -4.57 23.05
CA PRO C 4 34.30 -6.03 23.08
C PRO C 4 33.56 -6.54 24.31
N LEU C 5 33.59 -5.78 25.40
CA LEU C 5 32.88 -6.14 26.63
C LEU C 5 31.44 -5.67 26.48
N ASP C 6 30.62 -6.55 25.90
CA ASP C 6 29.23 -6.23 25.61
C ASP C 6 28.33 -6.68 26.76
N PHE C 7 27.03 -6.45 26.61
CA PHE C 7 26.07 -6.68 27.69
C PHE C 7 24.68 -6.72 27.08
N THR C 8 23.66 -6.69 27.95
CA THR C 8 22.27 -6.64 27.53
C THR C 8 21.63 -5.39 28.12
N ASN C 9 21.38 -4.40 27.27
CA ASN C 9 20.87 -3.12 27.73
C ASN C 9 19.42 -3.24 28.19
N SER C 10 18.82 -2.11 28.56
CA SER C 10 17.47 -2.12 29.10
C SER C 10 16.47 -2.62 28.06
N ASP C 11 16.62 -2.19 26.81
CA ASP C 11 15.62 -2.51 25.80
C ASP C 11 15.45 -4.02 25.65
N VAL C 12 16.55 -4.76 25.74
CA VAL C 12 16.48 -6.22 25.58
C VAL C 12 15.75 -6.85 26.76
N VAL C 13 16.10 -6.47 27.98
CA VAL C 13 15.49 -7.09 29.15
C VAL C 13 13.99 -6.79 29.18
N MET C 14 13.63 -5.53 28.95
CA MET C 14 12.23 -5.15 29.07
C MET C 14 11.36 -5.90 28.08
N GLY C 15 11.82 -6.03 26.83
CA GLY C 15 11.02 -6.72 25.83
C GLY C 15 10.92 -8.22 26.06
N ALA C 16 11.95 -8.84 26.62
CA ALA C 16 11.93 -10.27 26.88
C ALA C 16 11.09 -10.64 28.09
N LEU C 17 10.86 -9.69 29.01
CA LEU C 17 10.04 -9.99 30.18
C LEU C 17 8.59 -10.24 29.78
N THR C 18 8.07 -9.46 28.84
CA THR C 18 6.70 -9.69 28.38
C THR C 18 6.54 -11.10 27.84
N LYS C 19 7.44 -11.51 26.95
CA LYS C 19 7.30 -12.83 26.35
C LYS C 19 7.44 -13.93 27.39
N ALA C 20 8.25 -13.72 28.41
CA ALA C 20 8.35 -14.73 29.48
C ALA C 20 7.01 -14.90 30.18
N VAL C 21 6.33 -13.80 30.48
CA VAL C 21 5.01 -13.88 31.09
C VAL C 21 4.02 -14.51 30.11
N GLY C 22 4.14 -14.16 28.84
CA GLY C 22 3.19 -14.69 27.85
C GLY C 22 3.24 -16.20 27.74
N ARG C 23 4.44 -16.77 27.78
CA ARG C 23 4.58 -18.21 27.59
C ARG C 23 4.10 -18.98 28.81
N LEU C 24 4.35 -18.45 30.00
CA LEU C 24 3.94 -19.15 31.21
C LEU C 24 2.43 -19.14 31.38
N CYS C 25 1.78 -18.05 30.98
CA CYS C 25 0.32 -18.03 31.01
C CYS C 25 -0.27 -19.02 30.02
N LEU C 26 0.29 -19.09 28.82
CA LEU C 26 -0.20 -20.04 27.82
C LEU C 26 0.03 -21.47 28.27
N ASP C 27 1.19 -21.74 28.86
CA ASP C 27 1.59 -23.11 29.16
C ASP C 27 0.90 -23.68 30.40
N VAL C 28 0.29 -22.85 31.24
CA VAL C 28 -0.35 -23.31 32.45
C VAL C 28 -1.86 -23.34 32.32
N THR C 29 -2.47 -22.19 32.03
CA THR C 29 -3.93 -22.07 32.02
C THR C 29 -4.56 -22.70 30.79
N GLY C 30 -3.83 -22.79 29.68
CA GLY C 30 -4.40 -23.30 28.45
C GLY C 30 -5.21 -22.29 27.66
N TYR C 31 -5.32 -21.06 28.16
CA TYR C 31 -6.03 -20.00 27.46
C TYR C 31 -5.15 -19.40 26.38
N ASP C 32 -5.73 -18.48 25.62
CA ASP C 32 -4.98 -17.76 24.59
C ASP C 32 -4.60 -16.37 25.10
N VAL C 33 -3.52 -15.83 24.55
CA VAL C 33 -2.88 -14.63 25.11
C VAL C 33 -2.85 -13.53 24.04
N VAL C 34 -2.83 -12.28 24.50
CA VAL C 34 -2.88 -11.09 23.65
C VAL C 34 -2.31 -9.92 24.45
N GLU C 35 -1.59 -9.03 23.77
CA GLU C 35 -1.12 -7.80 24.40
C GLU C 35 -1.93 -6.57 24.02
N ALA C 36 -1.66 -5.50 24.75
CA ALA C 36 -2.27 -4.20 24.57
C ALA C 36 -1.57 -3.36 23.51
N ASP C 37 -0.44 -3.82 22.96
CA ASP C 37 0.37 -2.96 22.11
C ASP C 37 -0.36 -2.60 20.82
N GLU C 38 -1.00 -3.58 20.17
CA GLU C 38 -1.78 -3.33 18.98
C GLU C 38 -3.14 -4.01 19.10
N THR C 39 -4.14 -3.36 18.53
CA THR C 39 -5.53 -3.77 18.68
C THR C 39 -5.95 -4.66 17.52
N ILE C 40 -6.69 -5.72 17.85
CA ILE C 40 -7.23 -6.64 16.84
C ILE C 40 -8.65 -7.01 17.24
N PRO C 41 -9.45 -7.45 16.27
CA PRO C 41 -10.80 -7.91 16.63
C PRO C 41 -10.75 -9.01 17.67
N LYS C 42 -11.70 -8.97 18.58
CA LYS C 42 -11.66 -9.80 19.77
C LYS C 42 -11.61 -11.28 19.38
N PRO C 43 -10.66 -12.06 19.90
CA PRO C 43 -10.58 -13.47 19.52
C PRO C 43 -11.79 -14.25 19.99
N GLU C 44 -11.86 -15.50 19.54
CA GLU C 44 -12.92 -16.40 19.93
C GLU C 44 -12.45 -17.36 21.01
N GLY C 45 -13.28 -17.56 22.03
CA GLY C 45 -12.94 -18.40 23.14
C GLY C 45 -12.28 -17.61 24.26
N PRO C 46 -12.04 -18.27 25.39
CA PRO C 46 -11.39 -17.58 26.50
C PRO C 46 -9.98 -17.15 26.12
N TYR C 47 -9.53 -16.04 26.68
CA TYR C 47 -8.18 -15.56 26.43
C TYR C 47 -7.80 -14.58 27.52
N ILE C 48 -6.51 -14.27 27.57
CA ILE C 48 -5.95 -13.39 28.59
C ILE C 48 -5.32 -12.19 27.91
N LEU C 49 -5.39 -11.04 28.57
CA LEU C 49 -4.80 -9.80 28.08
C LEU C 49 -3.66 -9.39 28.99
N VAL C 50 -2.52 -9.04 28.41
CA VAL C 50 -1.32 -8.65 29.16
C VAL C 50 -1.04 -7.19 28.89
N ASP C 51 -0.69 -6.45 29.95
CA ASP C 51 -0.35 -5.03 29.85
C ASP C 51 0.73 -4.70 30.85
N LEU C 52 1.67 -3.84 30.44
CA LEU C 52 2.74 -3.36 31.32
C LEU C 52 2.30 -2.01 31.90
N SER C 53 1.52 -2.08 32.97
CA SER C 53 0.82 -0.90 33.46
C SER C 53 1.78 0.15 34.01
N LEU C 54 2.80 -0.26 34.75
CA LEU C 54 3.56 0.69 35.56
C LEU C 54 4.99 0.20 35.71
N LEU C 55 5.88 1.14 36.03
CA LEU C 55 7.30 0.84 36.17
C LEU C 55 7.93 1.82 37.15
N THR C 56 8.65 1.28 38.14
CA THR C 56 9.16 2.08 39.25
C THR C 56 10.68 1.96 39.28
N PRO C 57 11.40 3.07 39.40
CA PRO C 57 12.85 3.00 39.53
C PRO C 57 13.32 3.02 40.98
N LEU C 58 14.55 2.58 41.18
CA LEU C 58 15.24 2.66 42.47
C LEU C 58 16.44 3.59 42.33
N ASP C 59 16.56 4.53 43.27
CA ASP C 59 17.25 5.78 42.97
C ASP C 59 18.70 5.57 42.58
N TRP C 60 19.47 4.89 43.43
CA TRP C 60 20.92 4.91 43.33
C TRP C 60 21.46 3.60 42.79
N ALA C 61 22.36 3.69 41.82
CA ALA C 61 22.87 2.52 41.13
C ALA C 61 23.57 1.58 42.09
N THR C 62 23.45 0.28 41.81
CA THR C 62 23.99 -0.75 42.69
C THR C 62 25.33 -1.30 42.25
N ASN C 63 25.70 -1.15 40.98
CA ASN C 63 26.95 -1.70 40.50
C ASN C 63 27.46 -0.86 39.34
N GLU C 64 28.77 -0.82 39.20
CA GLU C 64 29.42 -0.16 38.08
C GLU C 64 30.45 -1.11 37.47
N VAL C 65 30.33 -1.34 36.16
CA VAL C 65 31.23 -2.22 35.43
C VAL C 65 32.02 -1.36 34.46
N VAL C 66 33.34 -1.41 34.55
CA VAL C 66 34.22 -0.59 33.73
C VAL C 66 34.66 -1.41 32.52
N ASP C 67 34.42 -0.87 31.33
CA ASP C 67 34.88 -1.49 30.10
C ASP C 67 36.39 -1.61 30.11
N GLU C 68 36.92 -2.31 29.10
CA GLU C 68 38.37 -2.41 28.98
C GLU C 68 39.01 -1.05 28.73
N ASP C 69 38.36 -0.20 27.95
CA ASP C 69 38.89 1.11 27.58
C ASP C 69 38.54 2.20 28.57
N GLY C 70 37.73 1.90 29.58
CA GLY C 70 37.37 2.86 30.61
C GLY C 70 35.93 3.27 30.63
N VAL C 71 35.17 3.01 29.56
CA VAL C 71 33.75 3.33 29.58
C VAL C 71 33.09 2.63 30.75
N VAL C 72 32.02 3.23 31.26
CA VAL C 72 31.36 2.77 32.48
C VAL C 72 29.95 2.30 32.15
N HIS C 73 29.57 1.15 32.65
CA HIS C 73 28.21 0.63 32.55
C HIS C 73 27.59 0.59 33.94
N THR C 74 26.42 1.21 34.09
CA THR C 74 25.77 1.36 35.38
C THR C 74 24.53 0.50 35.43
N ALA C 75 24.27 -0.10 36.59
CA ALA C 75 23.16 -1.01 36.79
C ALA C 75 22.20 -0.46 37.83
N HIS C 76 20.91 -0.50 37.52
CA HIS C 76 19.87 0.03 38.39
C HIS C 76 18.80 -1.03 38.62
N ASN C 77 18.27 -1.08 39.83
CA ASN C 77 17.18 -1.98 40.16
C ASN C 77 15.84 -1.34 39.82
N TYR C 78 14.90 -2.16 39.36
CA TYR C 78 13.57 -1.68 38.98
C TYR C 78 12.53 -2.64 39.49
N THR C 79 11.26 -2.29 39.27
CA THR C 79 10.13 -3.17 39.56
C THR C 79 9.03 -2.88 38.55
N ALA C 80 8.69 -3.88 37.75
CA ALA C 80 7.69 -3.73 36.70
C ALA C 80 6.42 -4.44 37.12
N SER C 81 5.27 -3.79 36.92
CA SER C 81 3.98 -4.34 37.28
C SER C 81 3.17 -4.63 36.02
N TYR C 82 2.64 -5.84 35.92
CA TYR C 82 1.85 -6.28 34.79
C TYR C 82 0.42 -6.48 35.22
N THR C 83 -0.52 -5.98 34.42
CA THR C 83 -1.94 -6.14 34.67
C THR C 83 -2.48 -7.25 33.78
N LEU C 84 -2.97 -8.31 34.38
CA LEU C 84 -3.54 -9.45 33.66
C LEU C 84 -5.05 -9.39 33.75
N THR C 85 -5.73 -9.72 32.66
CA THR C 85 -7.18 -9.76 32.62
C THR C 85 -7.61 -10.98 31.82
N ALA C 86 -8.50 -11.78 32.40
CA ALA C 86 -9.03 -12.97 31.74
C ALA C 86 -10.51 -12.76 31.46
N TYR C 87 -10.95 -13.12 30.25
CA TYR C 87 -12.17 -12.57 29.71
C TYR C 87 -13.34 -13.52 29.61
N ARG C 88 -13.15 -14.83 29.70
CA ARG C 88 -14.28 -15.74 29.61
C ARG C 88 -13.96 -17.02 30.37
N GLY C 89 -14.83 -18.01 30.23
CA GLY C 89 -14.65 -19.26 30.96
C GLY C 89 -14.73 -19.01 32.45
N LYS C 90 -13.77 -19.57 33.20
CA LYS C 90 -13.66 -19.32 34.62
C LYS C 90 -12.43 -18.44 34.85
N PRO C 91 -12.53 -17.14 34.57
CA PRO C 91 -11.31 -16.32 34.60
C PRO C 91 -10.60 -16.33 35.93
N HIS C 92 -11.35 -16.32 37.03
CA HIS C 92 -10.72 -16.29 38.34
C HIS C 92 -9.88 -17.55 38.57
N TRP C 93 -10.38 -18.70 38.10
CA TRP C 93 -9.59 -19.93 38.19
C TRP C 93 -8.34 -19.82 37.32
N ALA C 94 -8.47 -19.24 36.12
CA ALA C 94 -7.31 -19.16 35.24
C ALA C 94 -6.20 -18.34 35.87
N LEU C 95 -6.52 -17.17 36.41
CA LEU C 95 -5.48 -16.33 36.99
C LEU C 95 -4.81 -17.00 38.18
N SER C 96 -5.59 -17.70 39.00
CA SER C 96 -5.01 -18.33 40.18
C SER C 96 -3.94 -19.33 39.79
N ARG C 97 -4.19 -20.12 38.74
CA ARG C 97 -3.19 -21.12 38.34
C ARG C 97 -1.92 -20.43 37.87
N VAL C 98 -2.02 -19.22 37.34
CA VAL C 98 -0.81 -18.47 37.02
C VAL C 98 -0.05 -18.13 38.29
N HIS C 99 -0.76 -17.73 39.34
CA HIS C 99 -0.10 -17.43 40.60
C HIS C 99 0.66 -18.63 41.14
N GLN C 100 0.00 -19.78 41.21
CA GLN C 100 0.65 -20.96 41.78
C GLN C 100 1.79 -21.45 40.92
N ALA C 101 1.79 -21.13 39.63
CA ALA C 101 2.85 -21.58 38.74
C ALA C 101 4.21 -21.13 39.23
N PHE C 102 4.29 -19.93 39.81
CA PHE C 102 5.58 -19.41 40.27
C PHE C 102 6.12 -20.19 41.45
N GLY C 103 5.32 -21.05 42.06
CA GLY C 103 5.80 -21.91 43.13
C GLY C 103 6.27 -23.27 42.67
N LEU C 104 6.02 -23.63 41.41
CA LEU C 104 6.46 -24.92 40.89
C LEU C 104 7.88 -24.83 40.37
N PRO C 105 8.81 -25.63 40.87
CA PRO C 105 10.22 -25.43 40.49
C PRO C 105 10.52 -25.72 39.03
N PHE C 106 10.11 -26.88 38.52
CA PHE C 106 10.49 -27.24 37.16
C PHE C 106 9.90 -26.27 36.15
N LEU C 107 8.66 -25.86 36.35
CA LEU C 107 8.01 -24.98 35.38
C LEU C 107 8.73 -23.64 35.30
N ARG C 108 9.13 -23.07 36.45
CA ARG C 108 9.85 -21.80 36.40
C ARG C 108 11.17 -21.91 35.64
N GLU C 109 11.91 -23.01 35.84
CA GLU C 109 13.24 -23.08 35.26
C GLU C 109 13.20 -22.93 33.75
N LYS C 110 12.09 -23.26 33.10
CA LYS C 110 12.03 -23.08 31.66
C LYS C 110 12.17 -21.62 31.27
N TYR C 111 11.50 -20.73 31.99
CA TYR C 111 11.37 -19.34 31.59
C TYR C 111 12.08 -18.37 32.52
N PHE C 112 12.37 -18.76 33.75
CA PHE C 112 13.05 -17.90 34.72
C PHE C 112 14.29 -18.61 35.24
N PRO C 113 15.26 -18.85 34.37
CA PRO C 113 16.46 -19.59 34.79
C PRO C 113 17.29 -18.76 35.75
N THR C 114 18.05 -19.46 36.60
CA THR C 114 18.93 -18.77 37.54
C THR C 114 19.89 -17.87 36.78
N GLY C 115 20.08 -16.66 37.29
CA GLY C 115 20.91 -15.68 36.63
C GLY C 115 20.19 -14.78 35.65
N SER C 116 18.89 -14.98 35.44
CA SER C 116 18.16 -14.15 34.50
C SER C 116 18.02 -12.74 35.06
N PRO C 117 17.85 -11.75 34.18
CA PRO C 117 17.81 -10.35 34.63
C PRO C 117 16.47 -9.89 35.19
N TYR C 118 15.52 -10.80 35.41
CA TYR C 118 14.23 -10.44 35.99
C TYR C 118 13.74 -11.59 36.84
N ALA C 119 12.90 -11.28 37.82
CA ALA C 119 12.41 -12.28 38.76
C ALA C 119 11.02 -11.88 39.24
N TYR C 120 10.35 -12.82 39.88
CA TYR C 120 9.00 -12.59 40.38
C TYR C 120 9.07 -12.09 41.82
N SER C 121 8.15 -11.19 42.17
CA SER C 121 8.14 -10.58 43.51
C SER C 121 6.88 -10.93 44.30
N SER C 122 5.70 -10.60 43.80
CA SER C 122 4.48 -10.81 44.57
C SER C 122 3.29 -10.65 43.64
N THR C 123 2.09 -10.72 44.22
CA THR C 123 0.84 -10.65 43.46
C THR C 123 -0.20 -9.91 44.29
N SER C 124 -1.18 -9.35 43.60
CA SER C 124 -2.25 -8.60 44.24
C SER C 124 -3.53 -9.44 44.30
N ASN C 125 -4.58 -8.85 44.85
CA ASN C 125 -5.85 -9.54 44.97
C ASN C 125 -6.45 -9.78 43.60
N ILE C 126 -7.15 -10.90 43.46
CA ILE C 126 -7.81 -11.27 42.22
C ILE C 126 -9.28 -10.95 42.39
N ALA C 127 -9.77 -10.00 41.60
CA ALA C 127 -11.16 -9.56 41.69
C ALA C 127 -11.94 -10.12 40.51
N ARG C 128 -13.07 -10.76 40.80
CA ARG C 128 -13.96 -11.26 39.77
C ARG C 128 -15.06 -10.25 39.49
N MET C 129 -15.38 -10.07 38.21
CA MET C 129 -16.27 -9.01 37.78
C MET C 129 -17.28 -9.55 36.78
N ARG C 130 -18.44 -8.91 36.73
CA ARG C 130 -19.47 -9.22 35.74
C ARG C 130 -19.81 -7.94 35.00
N VAL C 131 -19.74 -7.98 33.67
CA VAL C 131 -19.87 -6.80 32.83
C VAL C 131 -21.03 -7.03 31.87
N PRO C 132 -22.04 -6.17 31.83
CA PRO C 132 -23.12 -6.35 30.87
C PRO C 132 -22.63 -6.13 29.44
N LEU C 133 -23.25 -6.86 28.51
CA LEU C 133 -22.94 -6.76 27.10
C LEU C 133 -24.23 -6.62 26.31
N ASN C 134 -24.34 -5.55 25.53
CA ASN C 134 -25.50 -5.32 24.68
C ASN C 134 -26.81 -5.37 25.47
N GLN C 135 -26.73 -5.21 26.79
CA GLN C 135 -27.91 -5.20 27.65
C GLN C 135 -28.65 -6.53 27.62
N GLN C 136 -27.93 -7.63 27.43
CA GLN C 136 -28.56 -8.94 27.37
C GLN C 136 -27.90 -9.94 28.31
N MET C 137 -26.58 -9.88 28.42
CA MET C 137 -25.82 -10.92 29.08
C MET C 137 -24.77 -10.29 29.98
N PHE C 138 -24.38 -11.03 31.03
CA PHE C 138 -23.30 -10.67 31.92
C PHE C 138 -22.09 -11.54 31.59
N GLU C 139 -20.96 -10.92 31.32
CA GLU C 139 -19.73 -11.63 30.99
C GLU C 139 -18.83 -11.72 32.22
N ASN C 140 -18.25 -12.89 32.43
CA ASN C 140 -17.33 -13.09 33.54
C ASN C 140 -15.94 -12.56 33.17
N ARG C 141 -15.28 -11.91 34.13
CA ARG C 141 -13.95 -11.39 33.94
C ARG C 141 -13.19 -11.43 35.27
N ALA C 142 -11.95 -10.97 35.23
CA ALA C 142 -11.13 -10.88 36.42
C ALA C 142 -9.97 -9.95 36.14
N ARG C 143 -9.22 -9.61 37.18
CA ARG C 143 -8.11 -8.69 37.02
C ARG C 143 -7.13 -8.90 38.16
N THR C 144 -5.84 -8.72 37.87
CA THR C 144 -4.80 -8.83 38.89
C THR C 144 -3.56 -8.09 38.40
N ILE C 145 -2.69 -7.79 39.36
CA ILE C 145 -1.44 -7.08 39.09
C ILE C 145 -0.30 -7.93 39.65
N VAL C 146 0.65 -8.27 38.78
CA VAL C 146 1.79 -9.10 39.16
C VAL C 146 3.03 -8.22 39.10
N THR C 147 3.80 -8.21 40.19
CA THR C 147 4.96 -7.35 40.33
C THR C 147 6.23 -8.17 40.16
N PHE C 148 7.14 -7.71 39.30
CA PHE C 148 8.39 -8.39 39.04
C PHE C 148 9.57 -7.51 39.41
N ASN C 149 10.70 -8.15 39.69
CA ASN C 149 11.96 -7.46 39.86
C ASN C 149 12.72 -7.46 38.54
N ALA C 150 13.66 -6.52 38.40
CA ALA C 150 14.45 -6.42 37.18
C ALA C 150 15.73 -5.66 37.50
N THR C 151 16.65 -5.67 36.54
CA THR C 151 17.89 -4.91 36.64
C THR C 151 18.28 -4.42 35.25
N PHE C 152 18.48 -3.11 35.13
CA PHE C 152 18.75 -2.48 33.84
C PHE C 152 20.17 -1.96 33.80
N VAL C 153 20.83 -2.14 32.66
CA VAL C 153 22.22 -1.75 32.47
C VAL C 153 22.30 -0.81 31.27
N GLU C 154 23.07 0.26 31.42
CA GLU C 154 23.27 1.23 30.36
C GLU C 154 24.75 1.60 30.28
N LYS C 155 25.16 2.08 29.11
CA LYS C 155 26.55 2.34 28.81
C LYS C 155 26.80 3.84 28.65
N ASP C 156 27.90 4.32 29.22
CA ASP C 156 28.23 5.72 29.19
C ASP C 156 28.51 6.19 27.77
N LEU C 157 28.68 7.49 27.60
CA LEU C 157 28.92 8.12 26.31
C LEU C 157 30.36 8.58 26.13
N GLY C 158 31.28 8.15 26.97
CA GLY C 158 32.67 8.51 26.82
C GLY C 158 33.44 8.26 28.11
N THR C 159 34.65 8.79 28.14
CA THR C 159 35.52 8.68 29.31
C THR C 159 36.38 9.93 29.44
N PHE C 160 36.91 10.12 30.63
CA PHE C 160 37.87 11.18 30.88
C PHE C 160 39.28 10.70 30.55
N GLU C 161 40.21 11.64 30.49
CA GLU C 161 41.60 11.30 30.20
C GLU C 161 42.25 10.63 31.40
N ASP C 162 43.28 9.84 31.15
CA ASP C 162 44.02 9.21 32.23
C ASP C 162 45.02 10.19 32.83
N ILE C 163 45.54 9.83 34.00
CA ILE C 163 46.59 10.61 34.64
C ILE C 163 47.93 10.02 34.27
N GLU C 164 48.63 10.65 33.32
CA GLU C 164 49.91 10.12 32.87
C GLU C 164 51.06 10.72 33.66
N HIS C 165 50.93 11.99 34.05
CA HIS C 165 52.01 12.70 34.73
C HIS C 165 51.43 13.53 35.85
N ILE C 166 52.07 13.45 37.01
CA ILE C 166 51.66 14.18 38.21
C ILE C 166 52.84 14.99 38.70
N ILE C 167 52.60 16.27 38.97
CA ILE C 167 53.62 17.17 39.50
C ILE C 167 53.12 17.75 40.82
N ILE C 168 53.95 17.68 41.85
CA ILE C 168 53.58 18.11 43.19
C ILE C 168 54.62 19.10 43.68
N GLY C 169 54.15 20.22 44.24
CA GLY C 169 55.03 21.21 44.84
C GLY C 169 54.97 21.10 46.35
N ILE C 170 56.13 21.21 46.99
CA ILE C 170 56.26 21.01 48.42
C ILE C 170 57.00 22.20 49.01
N ASP C 171 56.56 22.68 50.16
CA ASP C 171 57.21 23.78 50.87
C ASP C 171 57.31 23.44 52.34
N VAL C 172 58.54 23.36 52.84
CA VAL C 172 58.83 22.96 54.21
C VAL C 172 59.26 24.22 54.97
N ASP C 173 58.35 24.77 55.76
CA ASP C 173 58.67 25.94 56.57
C ASP C 173 59.50 25.53 57.78
N ASN C 174 60.60 26.25 58.00
CA ASN C 174 61.52 25.94 59.08
C ASN C 174 62.03 27.25 59.65
N PRO C 175 62.57 27.23 60.87
CA PRO C 175 63.04 28.48 61.49
C PRO C 175 64.46 28.89 61.15
N SER C 176 65.28 27.99 60.61
CA SER C 176 66.68 28.32 60.36
C SER C 176 66.87 29.17 59.11
N GLY C 177 65.85 29.34 58.29
CA GLY C 177 65.97 30.10 57.06
C GLY C 177 64.66 30.17 56.32
N PRO C 178 64.69 30.64 55.08
CA PRO C 178 63.46 30.73 54.29
C PRO C 178 62.95 29.35 53.92
N PRO C 179 61.67 29.23 53.60
CA PRO C 179 61.11 27.90 53.30
C PRO C 179 61.83 27.24 52.13
N ILE C 180 62.00 25.92 52.23
CA ILE C 180 62.69 25.14 51.21
C ILE C 180 61.66 24.64 50.21
N GLY C 181 61.80 25.04 48.96
CA GLY C 181 60.92 24.58 47.91
C GLY C 181 61.53 23.39 47.20
N ILE C 182 60.72 22.36 46.97
CA ILE C 182 61.17 21.14 46.33
C ILE C 182 59.97 20.47 45.69
N GLY C 183 60.19 19.81 44.56
CA GLY C 183 59.10 19.19 43.83
C GLY C 183 59.16 17.67 43.82
N ALA C 184 58.04 17.03 43.52
CA ALA C 184 57.98 15.58 43.34
C ALA C 184 57.20 15.28 42.08
N ASP C 185 57.50 14.13 41.47
CA ASP C 185 56.95 13.81 40.16
C ASP C 185 56.63 12.32 40.07
N TYR C 186 55.73 11.98 39.16
CA TYR C 186 55.38 10.60 38.89
C TYR C 186 55.24 10.41 37.38
N ASP C 187 55.64 9.24 36.90
CA ASP C 187 55.53 8.90 35.49
C ASP C 187 55.08 7.45 35.35
N LYS C 188 54.39 7.16 34.24
CA LYS C 188 53.64 5.93 34.16
C LYS C 188 54.53 4.70 34.30
N GLY C 189 55.66 4.68 33.60
CA GLY C 189 56.51 3.51 33.55
C GLY C 189 57.79 3.57 34.34
N VAL C 190 58.02 4.64 35.10
CA VAL C 190 59.30 4.87 35.77
C VAL C 190 59.19 4.35 37.19
N LYS C 191 59.80 3.22 37.46
CA LYS C 191 59.81 2.68 38.81
C LYS C 191 60.70 3.54 39.71
N PRO C 192 60.38 3.68 40.99
CA PRO C 192 61.25 4.46 41.87
C PRO C 192 62.66 3.95 41.95
N GLY C 193 62.86 2.63 41.93
CA GLY C 193 64.20 2.08 42.10
C GLY C 193 64.82 1.57 40.82
N GLY C 194 64.22 1.91 39.68
CA GLY C 194 64.70 1.34 38.44
C GLY C 194 64.44 -0.14 38.40
N ASP C 195 65.50 -0.94 38.39
CA ASP C 195 65.41 -2.38 38.42
C ASP C 195 66.46 -2.96 39.36
N ASP C 196 66.78 -2.24 40.41
CA ASP C 196 67.86 -2.64 41.29
C ASP C 196 67.52 -3.99 41.92
N PRO C 197 68.46 -4.94 41.96
CA PRO C 197 68.13 -6.26 42.52
C PRO C 197 67.74 -6.22 43.98
N GLY C 198 68.17 -5.21 44.73
CA GLY C 198 67.90 -5.16 46.14
C GLY C 198 68.89 -5.99 46.94
N LEU C 199 68.64 -6.09 48.23
CA LEU C 199 69.54 -6.83 49.10
C LEU C 199 69.51 -8.32 48.75
N PRO C 200 70.60 -9.04 48.98
CA PRO C 200 70.59 -10.49 48.75
C PRO C 200 69.59 -11.17 49.64
N PRO C 201 68.95 -12.23 49.17
CA PRO C 201 67.99 -12.95 50.01
C PRO C 201 68.67 -13.94 50.95
N LYS C 202 67.93 -14.33 51.97
CA LYS C 202 68.41 -15.36 52.89
C LYS C 202 68.27 -16.72 52.21
N PRO C 203 69.36 -17.46 51.99
CA PRO C 203 69.25 -18.69 51.21
C PRO C 203 68.55 -19.80 51.96
N ASN C 204 67.89 -20.67 51.21
CA ASN C 204 67.36 -21.91 51.75
C ASN C 204 68.46 -22.95 51.77
N PRO C 205 68.82 -23.52 52.93
CA PRO C 205 69.86 -24.53 52.95
C PRO C 205 69.42 -25.77 52.19
N PRO C 206 70.35 -26.48 51.55
CA PRO C 206 69.98 -27.69 50.83
C PRO C 206 69.61 -28.82 51.79
N ILE C 207 68.92 -29.81 51.25
CA ILE C 207 68.41 -30.92 52.05
C ILE C 207 69.49 -31.99 52.18
N VAL C 208 69.86 -32.31 53.42
CA VAL C 208 70.98 -33.20 53.71
C VAL C 208 70.54 -34.17 54.80
N TYR C 209 71.28 -35.25 54.95
CA TYR C 209 71.00 -36.22 56.00
C TYR C 209 71.60 -35.76 57.32
N HIS C 210 70.87 -36.02 58.42
CA HIS C 210 71.33 -35.69 59.76
C HIS C 210 71.31 -36.95 60.62
N ASP C 211 72.42 -37.21 61.31
CA ASP C 211 72.47 -38.38 62.19
C ASP C 211 71.71 -38.15 63.49
N ALA C 212 71.83 -36.96 64.06
CA ALA C 212 71.32 -36.68 65.39
C ALA C 212 69.96 -36.00 65.29
N ILE C 213 69.02 -36.46 66.11
CA ILE C 213 67.71 -35.83 66.16
C ILE C 213 67.84 -34.38 66.60
N ALA C 214 68.64 -34.14 67.63
CA ALA C 214 68.92 -32.79 68.12
C ALA C 214 70.40 -32.71 68.46
N GLN C 215 71.14 -31.87 67.74
CA GLN C 215 72.57 -31.75 67.94
C GLN C 215 72.92 -30.35 68.40
N VAL C 216 73.82 -30.27 69.36
CA VAL C 216 74.34 -29.02 69.88
C VAL C 216 75.83 -28.98 69.57
N CYS C 217 76.28 -27.89 68.96
CA CYS C 217 77.70 -27.72 68.66
C CYS C 217 78.11 -26.30 69.05
N MET C 218 79.20 -26.20 69.79
CA MET C 218 79.65 -24.94 70.36
C MET C 218 80.38 -24.08 69.32
N LEU D 8 27.03 -11.26 29.05
CA LEU D 8 27.02 -10.66 30.39
C LEU D 8 25.68 -10.03 30.73
N THR D 9 24.86 -10.75 31.50
CA THR D 9 23.61 -10.21 32.00
C THR D 9 23.66 -10.22 33.52
N LEU D 10 23.52 -9.06 34.14
CA LEU D 10 23.56 -8.98 35.59
C LEU D 10 22.29 -9.54 36.21
N GLN D 11 22.44 -10.19 37.36
CA GLN D 11 21.31 -10.83 38.02
C GLN D 11 20.32 -9.81 38.55
N ALA D 12 19.06 -10.21 38.60
CA ALA D 12 18.05 -9.51 39.37
C ALA D 12 17.75 -10.30 40.63
N TYR D 13 17.57 -9.59 41.74
CA TYR D 13 17.35 -10.25 43.02
C TYR D 13 16.15 -11.18 42.91
N ASP D 14 16.39 -12.49 43.03
CA ASP D 14 15.33 -13.47 42.93
C ASP D 14 14.98 -13.95 44.33
N PRO D 15 13.85 -13.54 44.89
CA PRO D 15 13.50 -14.00 46.24
C PRO D 15 13.28 -15.50 46.32
N ALA D 16 12.99 -16.17 45.22
CA ALA D 16 12.66 -17.58 45.25
C ALA D 16 13.89 -18.48 45.33
N LYS D 17 15.08 -17.94 45.08
CA LYS D 17 16.30 -18.73 45.13
C LYS D 17 17.06 -18.56 46.43
N VAL D 18 16.47 -17.89 47.43
CA VAL D 18 17.04 -17.85 48.77
C VAL D 18 16.71 -19.17 49.43
N LEU D 19 17.73 -19.97 49.73
CA LEU D 19 17.55 -21.33 50.23
C LEU D 19 17.99 -21.41 51.68
N VAL D 20 17.34 -22.31 52.42
CA VAL D 20 17.74 -22.63 53.77
C VAL D 20 17.77 -24.14 53.91
N PHE D 21 18.92 -24.68 54.29
CA PHE D 21 19.08 -26.11 54.54
C PHE D 21 19.37 -26.31 56.01
N ILE D 22 18.52 -27.05 56.70
CA ILE D 22 18.71 -27.37 58.11
C ILE D 22 18.80 -28.87 58.26
N GLY D 23 19.96 -29.35 58.73
CA GLY D 23 20.14 -30.76 58.98
C GLY D 23 20.28 -31.61 57.74
N GLY D 24 20.25 -31.01 56.55
CA GLY D 24 20.36 -31.77 55.33
C GLY D 24 19.21 -31.56 54.37
N GLN D 25 18.04 -31.20 54.90
CA GLN D 25 16.88 -30.95 54.08
C GLN D 25 16.69 -29.45 53.86
N ARG D 26 15.74 -29.12 52.99
CA ARG D 26 15.46 -27.74 52.63
C ARG D 26 14.16 -27.29 53.27
N VAL D 27 14.17 -26.12 53.88
CA VAL D 27 12.98 -25.57 54.52
C VAL D 27 12.03 -25.01 53.46
N SER D 28 10.74 -25.12 53.73
CA SER D 28 9.73 -24.57 52.84
C SER D 28 8.51 -24.21 53.67
N GLY D 29 7.71 -23.28 53.15
CA GLY D 29 6.52 -22.85 53.84
C GLY D 29 6.73 -21.59 54.64
N PHE D 30 7.32 -20.57 54.03
CA PHE D 30 7.57 -19.32 54.74
C PHE D 30 6.34 -18.42 54.71
N ALA D 31 6.33 -17.46 55.64
CA ALA D 31 5.28 -16.45 55.65
C ALA D 31 5.69 -15.29 54.75
N ALA D 32 4.71 -14.45 54.41
CA ALA D 32 4.97 -13.37 53.46
C ALA D 32 5.98 -12.40 54.05
N ASP D 33 6.52 -11.55 53.16
CA ASP D 33 7.54 -10.57 53.54
C ASP D 33 8.86 -11.24 53.86
N THR D 34 9.43 -10.93 55.03
CA THR D 34 10.78 -11.37 55.34
C THR D 34 10.80 -12.86 55.61
N LYS D 35 11.55 -13.60 54.80
CA LYS D 35 11.69 -15.03 55.03
C LYS D 35 12.60 -15.31 56.22
N ILE D 36 13.71 -14.56 56.34
CA ILE D 36 14.67 -14.78 57.41
C ILE D 36 15.28 -13.44 57.81
N VAL D 37 15.99 -13.45 58.93
CA VAL D 37 16.79 -12.32 59.39
C VAL D 37 17.99 -12.87 60.14
N ILE D 38 19.16 -12.30 59.88
CA ILE D 38 20.40 -12.75 60.49
C ILE D 38 21.00 -11.58 61.26
N THR D 39 21.33 -11.82 62.53
CA THR D 39 21.84 -10.77 63.37
C THR D 39 22.91 -11.33 64.29
N ARG D 40 23.98 -10.57 64.48
CA ARG D 40 25.05 -10.97 65.39
C ARG D 40 24.74 -10.50 66.80
N ASN D 41 25.57 -10.96 67.74
CA ASN D 41 25.32 -10.71 69.16
C ASN D 41 26.29 -9.71 69.78
N ASN D 42 27.50 -9.60 69.24
CA ASN D 42 28.53 -8.78 69.86
C ASN D 42 29.25 -7.93 68.82
N ASP D 43 29.91 -6.89 69.33
CA ASP D 43 30.66 -5.96 68.52
C ASP D 43 32.03 -6.56 68.16
N ASN D 44 32.55 -6.15 67.00
CA ASN D 44 33.76 -6.79 66.49
C ASN D 44 34.97 -6.49 67.37
N ILE D 45 35.14 -5.24 67.79
CA ILE D 45 36.37 -4.81 68.45
C ILE D 45 36.02 -3.92 69.63
N SER D 46 36.77 -4.09 70.72
CA SER D 46 36.56 -3.33 71.95
C SER D 46 37.72 -2.36 72.14
N VAL D 47 37.41 -1.07 72.24
CA VAL D 47 38.40 0.00 72.21
C VAL D 47 38.55 0.57 73.62
N HIS D 48 39.78 0.56 74.12
CA HIS D 48 40.12 1.09 75.44
C HIS D 48 40.85 2.41 75.24
N ALA D 49 40.30 3.49 75.75
CA ALA D 49 40.79 4.84 75.49
C ALA D 49 41.41 5.41 76.76
N GLY D 50 42.65 5.87 76.67
CA GLY D 50 43.36 6.35 77.82
C GLY D 50 43.04 7.78 78.19
N VAL D 51 43.61 8.21 79.31
CA VAL D 51 43.38 9.57 79.78
C VAL D 51 43.94 10.59 78.79
N ASP D 52 45.16 10.34 78.31
CA ASP D 52 45.84 11.27 77.41
C ASP D 52 45.49 11.04 75.95
N GLY D 53 44.74 9.99 75.65
CA GLY D 53 44.33 9.73 74.29
C GLY D 53 44.93 8.48 73.65
N GLU D 54 45.75 7.72 74.37
CA GLU D 54 46.24 6.47 73.82
C GLU D 54 45.09 5.51 73.59
N ILE D 55 45.13 4.79 72.48
CA ILE D 55 44.06 3.89 72.06
C ILE D 55 44.66 2.50 71.84
N SER D 56 43.98 1.49 72.35
CA SER D 56 44.36 0.11 72.13
C SER D 56 43.11 -0.72 71.88
N ASN D 57 43.24 -1.75 71.05
CA ASN D 57 42.11 -2.52 70.57
C ASN D 57 42.22 -3.97 71.00
N ALA D 58 41.08 -4.63 71.14
CA ALA D 58 41.03 -6.06 71.46
C ALA D 58 40.12 -6.76 70.46
N LEU D 59 40.51 -7.96 70.05
CA LEU D 59 39.75 -8.69 69.06
C LEU D 59 38.67 -9.53 69.74
N SER D 60 37.49 -9.56 69.15
CA SER D 60 36.37 -10.30 69.73
C SER D 60 36.49 -11.78 69.40
N ARG D 61 36.38 -12.61 70.44
CA ARG D 61 36.51 -14.06 70.31
C ARG D 61 35.22 -14.79 70.62
N ASP D 62 34.09 -14.09 70.55
CA ASP D 62 32.76 -14.68 70.68
C ASP D 62 31.94 -14.27 69.47
N ASN D 63 31.73 -15.21 68.55
CA ASN D 63 31.16 -14.89 67.25
C ASN D 63 29.81 -15.56 67.01
N THR D 64 29.03 -15.78 68.06
CA THR D 64 27.71 -16.38 67.88
C THR D 64 26.74 -15.35 67.32
N GLY D 65 25.69 -15.85 66.67
CA GLY D 65 24.68 -15.01 66.06
C GLY D 65 23.31 -15.55 66.38
N VAL D 66 22.30 -14.97 65.72
CA VAL D 66 20.93 -15.46 65.81
C VAL D 66 20.27 -15.29 64.46
N MET D 67 19.49 -16.29 64.06
CA MET D 67 18.74 -16.26 62.80
C MET D 67 17.28 -16.53 63.08
N THR D 68 16.42 -15.61 62.66
CA THR D 68 14.98 -15.77 62.79
C THR D 68 14.42 -16.43 61.54
N LEU D 69 13.34 -17.17 61.71
CA LEU D 69 12.78 -18.00 60.65
C LEU D 69 11.27 -17.92 60.72
N SER D 70 10.65 -17.24 59.76
CA SER D 70 9.21 -17.01 59.79
C SER D 70 8.50 -18.10 58.99
N LEU D 71 7.62 -18.84 59.65
CA LEU D 71 6.92 -19.96 59.05
C LEU D 71 5.44 -19.83 59.32
N GLN D 72 4.62 -20.11 58.30
CA GLN D 72 3.18 -20.13 58.51
C GLN D 72 2.81 -21.27 59.43
N ASN D 73 1.83 -21.04 60.30
CA ASN D 73 1.56 -22.02 61.34
C ASN D 73 0.98 -23.31 60.79
N THR D 74 0.59 -23.35 59.52
CA THR D 74 0.17 -24.58 58.89
C THR D 74 1.31 -25.30 58.19
N ALA D 75 2.52 -24.74 58.22
CA ALA D 75 3.65 -25.37 57.54
C ALA D 75 3.94 -26.72 58.15
N LYS D 76 4.32 -27.67 57.30
CA LYS D 76 4.70 -28.99 57.78
C LYS D 76 6.01 -28.96 58.54
N TRP D 77 6.81 -27.92 58.36
CA TRP D 77 8.10 -27.82 59.02
C TRP D 77 8.00 -27.41 60.47
N ASN D 78 6.83 -26.98 60.93
CA ASN D 78 6.67 -26.73 62.36
C ASN D 78 6.80 -28.02 63.15
N GLY D 79 6.21 -29.10 62.64
CA GLY D 79 6.29 -30.37 63.35
C GLY D 79 7.71 -30.85 63.51
N TYR D 80 8.52 -30.70 62.45
CA TYR D 80 9.89 -31.18 62.52
C TYR D 80 10.68 -30.45 63.59
N LEU D 81 10.57 -29.12 63.61
CA LEU D 81 11.30 -28.35 64.61
C LEU D 81 10.82 -28.67 66.02
N ALA D 82 9.50 -28.84 66.19
CA ALA D 82 8.98 -29.19 67.50
C ALA D 82 9.52 -30.54 67.96
N GLN D 83 9.62 -31.50 67.04
CA GLN D 83 10.17 -32.81 67.41
C GLN D 83 11.65 -32.72 67.72
N TRP D 84 12.41 -31.99 66.89
CA TRP D 84 13.84 -31.86 67.13
C TRP D 84 14.10 -31.17 68.46
N GLN D 85 13.31 -30.16 68.78
CA GLN D 85 13.51 -29.43 70.02
C GLN D 85 13.37 -30.34 71.24
N ARG D 86 12.28 -31.12 71.29
CA ARG D 86 12.02 -31.96 72.44
C ARG D 86 13.02 -33.11 72.52
N GLN D 87 13.40 -33.67 71.36
CA GLN D 87 14.38 -34.75 71.37
C GLN D 87 15.67 -34.31 72.04
N ALA D 88 16.18 -33.15 71.66
CA ALA D 88 17.47 -32.70 72.18
C ALA D 88 17.41 -32.45 73.68
N ASN D 89 16.28 -31.96 74.18
CA ASN D 89 16.17 -31.67 75.60
C ASN D 89 16.38 -32.93 76.44
N VAL D 90 16.17 -34.10 75.87
CA VAL D 90 16.31 -35.36 76.59
C VAL D 90 17.69 -35.97 76.39
N THR D 91 18.11 -36.11 75.13
CA THR D 91 19.38 -36.75 74.82
C THR D 91 20.59 -35.88 75.09
N GLY D 92 20.48 -34.57 74.89
CA GLY D 92 21.62 -33.69 75.02
C GLY D 92 22.34 -33.39 73.73
N LEU D 93 21.89 -33.93 72.60
CA LEU D 93 22.48 -33.64 71.30
C LEU D 93 21.66 -32.55 70.64
N ILE D 94 22.26 -31.37 70.49
CA ILE D 94 21.49 -30.18 70.12
C ILE D 94 21.90 -29.56 68.79
N TYR D 95 23.02 -29.97 68.21
CA TYR D 95 23.57 -29.29 67.05
C TYR D 95 23.11 -29.93 65.76
N LEU D 96 22.85 -29.10 64.74
CA LEU D 96 22.55 -29.54 63.40
C LEU D 96 23.12 -28.55 62.41
N PRO D 97 23.55 -29.02 61.23
CA PRO D 97 24.11 -28.09 60.24
C PRO D 97 23.07 -27.09 59.77
N VAL D 98 23.54 -25.88 59.46
CA VAL D 98 22.70 -24.80 58.98
C VAL D 98 23.42 -24.14 57.81
N GLN D 99 22.70 -23.95 56.71
CA GLN D 99 23.31 -23.34 55.54
C GLN D 99 22.29 -22.43 54.86
N VAL D 100 22.76 -21.27 54.40
CA VAL D 100 21.91 -20.30 53.74
C VAL D 100 22.56 -19.88 52.43
N GLU D 101 21.73 -19.51 51.47
CA GLU D 101 22.19 -19.04 50.17
C GLU D 101 21.50 -17.73 49.85
N GLY D 102 22.12 -16.96 48.96
CA GLY D 102 21.52 -15.73 48.49
C GLY D 102 21.49 -15.71 46.98
N SER D 103 20.34 -15.30 46.44
CA SER D 103 20.26 -15.10 45.00
C SER D 103 21.31 -14.12 44.54
N GLN D 104 21.36 -12.97 45.20
CA GLN D 104 22.53 -12.09 45.19
C GLN D 104 22.62 -11.46 46.56
N GLY D 105 23.60 -11.90 47.34
CA GLY D 105 23.73 -11.47 48.72
C GLY D 105 24.78 -12.30 49.41
N LEU D 106 24.76 -12.24 50.74
CA LEU D 106 25.79 -12.87 51.55
C LEU D 106 25.25 -14.18 52.10
N SER D 107 25.98 -15.27 51.86
CA SER D 107 25.56 -16.60 52.27
C SER D 107 25.93 -16.84 53.72
N LEU D 108 25.88 -18.11 54.13
CA LEU D 108 26.29 -18.50 55.47
C LEU D 108 26.24 -20.01 55.56
N ASN D 109 27.17 -20.58 56.32
CA ASN D 109 27.33 -22.04 56.37
C ASN D 109 28.02 -22.40 57.68
N THR D 110 27.24 -22.82 58.68
CA THR D 110 27.81 -23.20 59.97
C THR D 110 26.91 -24.26 60.59
N ILE D 111 27.06 -24.46 61.89
CA ILE D 111 26.17 -25.30 62.68
C ILE D 111 25.41 -24.42 63.64
N GLY D 112 24.30 -24.94 64.16
CA GLY D 112 23.47 -24.16 65.05
C GLY D 112 22.44 -25.03 65.74
N TRP D 113 21.64 -24.41 66.58
CA TRP D 113 20.66 -25.12 67.38
C TRP D 113 19.41 -24.26 67.54
N ILE D 114 18.30 -24.91 67.89
CA ILE D 114 17.07 -24.18 68.15
C ILE D 114 17.17 -23.54 69.54
N GLN D 115 17.06 -22.22 69.59
CA GLN D 115 17.33 -21.48 70.81
C GLN D 115 16.10 -21.37 71.71
N LYS D 116 15.02 -20.77 71.22
CA LYS D 116 13.84 -20.58 72.03
C LYS D 116 12.60 -20.96 71.23
N GLN D 117 11.57 -21.38 71.94
CA GLN D 117 10.31 -21.73 71.31
C GLN D 117 9.52 -20.48 70.96
N PRO D 118 9.03 -20.35 69.74
CA PRO D 118 8.33 -19.13 69.34
C PRO D 118 7.01 -19.02 70.06
N ASP D 119 6.26 -17.98 69.71
CA ASP D 119 4.95 -17.75 70.30
C ASP D 119 3.86 -18.17 69.33
N LEU D 120 2.99 -19.06 69.78
CA LEU D 120 1.92 -19.59 68.95
C LEU D 120 0.60 -18.93 69.33
N SER D 121 -0.09 -18.37 68.35
CA SER D 121 -1.37 -17.71 68.57
C SER D 121 -2.38 -18.14 67.52
N TYR D 122 -3.62 -18.31 67.94
CA TYR D 122 -4.68 -18.80 67.07
C TYR D 122 -5.77 -17.75 66.94
N GLY D 123 -6.23 -17.55 65.71
CA GLY D 123 -7.23 -16.54 65.46
C GLY D 123 -8.10 -16.92 64.29
N THR D 124 -8.57 -15.90 63.57
CA THR D 124 -9.45 -16.11 62.42
C THR D 124 -8.71 -16.33 61.12
N GLU D 125 -7.39 -16.14 61.09
CA GLU D 125 -6.62 -16.33 59.87
C GLU D 125 -5.32 -17.05 60.19
N VAL D 126 -4.77 -17.70 59.17
CA VAL D 126 -3.52 -18.43 59.35
C VAL D 126 -2.47 -17.46 59.86
N GLY D 127 -1.84 -17.82 60.97
CA GLY D 127 -0.93 -16.94 61.68
C GLY D 127 0.50 -17.06 61.23
N GLN D 128 1.39 -17.13 62.21
CA GLN D 128 2.83 -17.08 61.96
C GLN D 128 3.56 -17.56 63.21
N MET D 129 4.72 -18.18 62.99
CA MET D 129 5.62 -18.52 64.08
C MET D 129 7.03 -18.14 63.70
N ASP D 130 7.74 -17.47 64.62
CA ASP D 130 9.09 -16.99 64.39
C ASP D 130 10.03 -17.78 65.29
N TRP D 131 10.74 -18.73 64.69
CA TRP D 131 11.70 -19.52 65.44
C TRP D 131 13.00 -18.75 65.59
N GLU D 132 13.70 -19.01 66.68
CA GLU D 132 15.01 -18.41 66.92
C GLU D 132 16.07 -19.51 66.86
N ILE D 133 16.82 -19.54 65.76
CA ILE D 133 17.86 -20.51 65.53
C ILE D 133 19.18 -19.86 65.88
N GLY D 134 19.85 -20.37 66.90
CA GLY D 134 21.20 -19.92 67.19
C GLY D 134 22.18 -20.49 66.17
N VAL D 135 23.16 -19.68 65.79
CA VAL D 135 24.20 -20.08 64.85
C VAL D 135 25.54 -19.88 65.54
N LEU D 136 26.39 -20.90 65.50
CA LEU D 136 27.60 -20.88 66.30
C LEU D 136 28.70 -20.04 65.68
N ASP D 137 28.51 -19.54 64.46
CA ASP D 137 29.38 -18.52 63.88
C ASP D 137 28.57 -17.69 62.90
N ALA D 138 28.87 -16.41 62.81
CA ALA D 138 28.04 -15.48 62.07
C ALA D 138 28.86 -14.65 61.10
N TRP D 139 29.71 -15.30 60.31
CA TRP D 139 30.47 -14.61 59.28
C TRP D 139 29.79 -14.79 57.94
N LEU D 140 29.40 -13.69 57.32
CA LEU D 140 28.77 -13.72 56.01
C LEU D 140 29.81 -13.89 54.92
N SER D 141 29.41 -14.47 53.80
CA SER D 141 30.37 -14.84 52.77
C SER D 141 29.97 -14.27 51.40
N PRO D 142 30.94 -13.87 50.59
CA PRO D 142 30.63 -13.29 49.28
C PRO D 142 30.55 -14.31 48.15
N ASP D 143 30.32 -15.57 48.48
CA ASP D 143 30.35 -16.63 47.46
C ASP D 143 29.48 -16.29 46.26
N GLN D 144 28.23 -15.86 46.51
CA GLN D 144 27.25 -15.74 45.44
C GLN D 144 27.25 -14.37 44.78
N ILE D 145 28.00 -13.40 45.30
CA ILE D 145 28.05 -12.08 44.67
C ILE D 145 28.66 -12.23 43.28
N GLN D 146 28.01 -11.61 42.29
CA GLN D 146 28.42 -11.76 40.89
C GLN D 146 29.51 -10.75 40.56
N GLY D 147 30.75 -11.12 40.86
CA GLY D 147 31.88 -10.29 40.50
C GLY D 147 32.86 -10.03 41.61
N ILE D 148 32.49 -10.33 42.84
CA ILE D 148 33.38 -10.10 43.97
C ILE D 148 34.64 -10.94 43.79
N ASN E 3 43.28 10.55 69.14
CA ASN E 3 44.10 10.97 67.98
C ASN E 3 44.84 9.75 67.44
N GLN E 4 45.06 9.70 66.13
CA GLN E 4 45.69 8.52 65.54
C GLN E 4 47.20 8.53 65.69
N SER E 5 47.80 9.60 66.21
CA SER E 5 49.23 9.64 66.42
C SER E 5 49.65 9.00 67.74
N LYS E 6 48.71 8.48 68.52
CA LYS E 6 48.99 7.86 69.81
C LYS E 6 48.36 6.49 69.91
N ILE E 7 48.37 5.73 68.81
CA ILE E 7 47.85 4.38 68.84
C ILE E 7 48.86 3.51 69.58
N LEU E 8 48.45 2.95 70.72
CA LEU E 8 49.38 2.24 71.57
C LEU E 8 49.62 0.81 71.10
N THR E 9 48.78 0.30 70.19
CA THR E 9 48.92 -1.05 69.67
C THR E 9 48.53 -1.05 68.20
N LEU E 10 49.51 -1.28 67.33
CA LEU E 10 49.25 -1.29 65.90
C LEU E 10 48.67 -2.61 65.42
N GLN E 11 48.76 -3.67 66.23
CA GLN E 11 48.09 -4.93 65.97
C GLN E 11 47.15 -5.21 67.13
N ALA E 12 45.89 -5.49 66.81
CA ALA E 12 44.90 -5.69 67.86
C ALA E 12 45.38 -6.78 68.81
N TYR E 13 45.09 -6.60 70.09
CA TYR E 13 45.47 -7.56 71.12
C TYR E 13 44.54 -8.76 71.06
N ASP E 14 45.04 -9.88 70.57
CA ASP E 14 44.26 -11.10 70.47
C ASP E 14 44.50 -11.96 71.71
N PRO E 15 43.51 -12.18 72.57
CA PRO E 15 43.77 -12.92 73.80
C PRO E 15 44.19 -14.36 73.57
N ALA E 16 43.93 -14.93 72.40
CA ALA E 16 44.26 -16.33 72.17
C ALA E 16 45.76 -16.56 71.99
N LYS E 17 46.54 -15.50 71.77
CA LYS E 17 47.98 -15.66 71.64
C LYS E 17 48.66 -15.95 72.97
N VAL E 18 47.98 -15.70 74.09
CA VAL E 18 48.58 -15.90 75.40
C VAL E 18 48.67 -17.40 75.67
N LEU E 19 49.86 -17.96 75.59
CA LEU E 19 50.07 -19.38 75.83
C LEU E 19 50.48 -19.62 77.27
N VAL E 20 49.99 -20.71 77.84
CA VAL E 20 50.36 -21.16 79.18
C VAL E 20 50.74 -22.62 79.09
N PHE E 21 51.94 -22.96 79.55
CA PHE E 21 52.42 -24.34 79.58
C PHE E 21 52.70 -24.72 81.02
N ILE E 22 52.10 -25.81 81.48
CA ILE E 22 52.38 -26.36 82.80
C ILE E 22 52.88 -27.79 82.62
N GLY E 23 54.09 -28.06 83.08
CA GLY E 23 54.66 -29.37 82.94
C GLY E 23 55.01 -29.75 81.52
N GLY E 24 54.92 -28.81 80.57
CA GLY E 24 55.23 -29.08 79.19
C GLY E 24 54.04 -29.31 78.29
N GLN E 25 52.83 -29.28 78.82
CA GLN E 25 51.61 -29.39 78.03
C GLN E 25 50.87 -28.07 78.05
N ARG E 26 50.26 -27.73 76.92
CA ARG E 26 49.60 -26.44 76.76
C ARG E 26 48.23 -26.50 77.43
N VAL E 27 47.93 -25.51 78.27
CA VAL E 27 46.66 -25.47 78.97
C VAL E 27 45.56 -25.02 78.00
N SER E 28 44.34 -25.49 78.23
CA SER E 28 43.21 -25.06 77.44
C SER E 28 41.92 -25.32 78.21
N GLY E 29 40.87 -24.63 77.80
CA GLY E 29 39.58 -24.72 78.47
C GLY E 29 39.36 -23.64 79.51
N PHE E 30 39.51 -22.37 79.13
CA PHE E 30 39.49 -21.29 80.09
C PHE E 30 38.08 -20.75 80.30
N ALA E 31 37.97 -19.86 81.29
CA ALA E 31 36.68 -19.34 81.74
C ALA E 31 36.24 -18.20 80.84
N ALA E 32 35.28 -17.40 81.33
CA ALA E 32 34.62 -16.40 80.51
C ALA E 32 35.33 -15.06 80.46
N ASP E 33 35.82 -14.55 81.59
CA ASP E 33 36.30 -13.17 81.61
C ASP E 33 37.82 -13.07 81.77
N THR E 34 38.36 -13.69 82.81
CA THR E 34 39.78 -13.56 83.10
C THR E 34 40.47 -14.91 82.97
N LYS E 35 41.63 -14.91 82.34
CA LYS E 35 42.35 -16.17 82.13
C LYS E 35 43.32 -16.43 83.28
N ILE E 36 44.11 -15.44 83.66
CA ILE E 36 45.12 -15.62 84.69
C ILE E 36 45.29 -14.33 85.47
N VAL E 37 45.84 -14.45 86.67
CA VAL E 37 46.21 -13.32 87.51
C VAL E 37 47.49 -13.68 88.25
N ILE E 38 48.47 -12.79 88.22
CA ILE E 38 49.77 -13.02 88.84
C ILE E 38 50.00 -11.94 89.88
N THR E 39 50.39 -12.34 91.09
CA THR E 39 50.58 -11.40 92.19
C THR E 39 51.82 -11.80 92.96
N ARG E 40 52.38 -10.84 93.68
CA ARG E 40 53.40 -11.13 94.67
C ARG E 40 52.79 -11.12 96.06
N ASN E 41 53.55 -11.63 97.03
CA ASN E 41 53.12 -11.63 98.42
C ASN E 41 53.77 -10.51 99.21
N ASN E 42 55.04 -10.20 98.92
CA ASN E 42 55.81 -9.24 99.70
C ASN E 42 56.26 -8.09 98.80
N ASP E 43 56.28 -6.90 99.37
CA ASP E 43 56.77 -5.74 98.63
C ASP E 43 58.29 -5.81 98.52
N ASN E 44 58.84 -4.95 97.67
CA ASN E 44 60.22 -5.15 97.22
C ASN E 44 61.23 -4.82 98.30
N ILE E 45 61.05 -3.71 99.02
CA ILE E 45 62.03 -3.27 100.01
C ILE E 45 61.32 -2.81 101.27
N SER E 46 62.06 -2.77 102.37
CA SER E 46 61.57 -2.36 103.68
C SER E 46 62.25 -1.07 104.08
N VAL E 47 61.49 -0.14 104.64
CA VAL E 47 61.99 1.19 105.01
C VAL E 47 61.98 1.30 106.53
N HIS E 48 63.14 1.63 107.09
CA HIS E 48 63.30 1.81 108.53
C HIS E 48 63.73 3.24 108.78
N ALA E 49 62.78 4.08 109.20
CA ALA E 49 63.01 5.51 109.36
C ALA E 49 63.22 5.84 110.83
N GLY E 50 64.28 6.59 111.12
CA GLY E 50 64.65 6.92 112.48
C GLY E 50 63.87 8.09 113.05
N VAL E 51 64.16 8.39 114.30
CA VAL E 51 63.43 9.45 115.01
C VAL E 51 63.65 10.78 114.33
N ASP E 52 64.89 11.09 113.96
CA ASP E 52 65.24 12.39 113.42
C ASP E 52 65.19 12.44 111.89
N GLY E 53 64.73 11.38 111.24
CA GLY E 53 64.56 11.36 109.81
C GLY E 53 65.56 10.51 109.06
N GLU E 54 66.53 9.92 109.74
CA GLU E 54 67.46 9.01 109.06
C GLU E 54 66.68 7.87 108.43
N ILE E 55 66.95 7.62 107.15
CA ILE E 55 66.22 6.63 106.36
C ILE E 55 67.20 5.58 105.86
N SER E 56 66.85 4.32 106.02
CA SER E 56 67.63 3.21 105.48
C SER E 56 66.68 2.13 104.95
N ASN E 57 67.12 1.43 103.91
CA ASN E 57 66.26 0.53 103.16
C ASN E 57 66.87 -0.87 103.12
N ALA E 58 66.02 -1.88 102.97
CA ALA E 58 66.45 -3.27 102.90
C ALA E 58 65.82 -3.96 101.70
N LEU E 59 66.53 -4.93 101.15
CA LEU E 59 66.10 -5.64 99.95
C LEU E 59 65.45 -6.95 100.37
N SER E 60 64.27 -7.23 99.81
CA SER E 60 63.54 -8.43 100.16
C SER E 60 64.21 -9.66 99.56
N ARG E 61 64.00 -10.79 100.21
CA ARG E 61 64.51 -12.06 99.72
C ARG E 61 63.43 -13.14 99.60
N ASP E 62 62.16 -12.78 99.80
CA ASP E 62 61.03 -13.67 99.53
C ASP E 62 60.29 -13.11 98.32
N ASN E 63 60.42 -13.80 97.19
CA ASN E 63 59.82 -13.35 95.94
C ASN E 63 58.71 -14.26 95.46
N THR E 64 58.20 -15.14 96.31
CA THR E 64 57.16 -16.06 95.88
C THR E 64 55.88 -15.30 95.55
N GLY E 65 55.13 -15.84 94.59
CA GLY E 65 53.86 -15.25 94.20
C GLY E 65 52.81 -16.34 94.05
N VAL E 66 51.61 -15.92 93.67
CA VAL E 66 50.49 -16.83 93.46
C VAL E 66 49.89 -16.55 92.10
N MET E 67 49.51 -17.62 91.39
CA MET E 67 48.93 -17.52 90.06
C MET E 67 47.58 -18.24 90.05
N THR E 68 46.54 -17.54 89.62
CA THR E 68 45.21 -18.11 89.54
C THR E 68 44.88 -18.44 88.09
N LEU E 69 44.19 -19.57 87.90
CA LEU E 69 43.96 -20.13 86.59
C LEU E 69 42.48 -20.52 86.51
N SER E 70 41.70 -19.76 85.74
CA SER E 70 40.26 -19.96 85.67
C SER E 70 39.94 -20.96 84.57
N LEU E 71 39.27 -22.05 84.93
CA LEU E 71 38.88 -23.09 83.99
C LEU E 71 37.41 -23.43 84.18
N GLN E 72 36.71 -23.65 83.07
CA GLN E 72 35.35 -24.12 83.16
C GLN E 72 35.32 -25.51 83.78
N ASN E 73 34.36 -25.74 84.69
CA ASN E 73 34.38 -26.98 85.45
C ASN E 73 34.15 -28.20 84.57
N THR E 74 33.71 -27.99 83.33
CA THR E 74 33.60 -29.08 82.36
C THR E 74 34.89 -29.30 81.58
N ALA E 75 35.93 -28.51 81.82
CA ALA E 75 37.17 -28.64 81.09
C ALA E 75 37.85 -29.97 81.42
N LYS E 76 38.65 -30.47 80.47
CA LYS E 76 39.36 -31.71 80.70
C LYS E 76 40.58 -31.53 81.60
N TRP E 77 41.16 -30.32 81.61
CA TRP E 77 42.37 -30.10 82.38
C TRP E 77 42.12 -30.17 83.88
N ASN E 78 40.87 -30.07 84.32
CA ASN E 78 40.60 -30.31 85.73
C ASN E 78 41.07 -31.69 86.16
N GLY E 79 41.00 -32.66 85.26
CA GLY E 79 41.44 -34.00 85.61
C GLY E 79 42.93 -34.07 85.87
N TYR E 80 43.73 -33.43 85.02
CA TYR E 80 45.18 -33.53 85.17
C TYR E 80 45.63 -32.91 86.48
N LEU E 81 45.05 -31.77 86.85
CA LEU E 81 45.43 -31.14 88.12
C LEU E 81 44.98 -31.97 89.30
N ALA E 82 43.79 -32.57 89.21
CA ALA E 82 43.29 -33.36 90.34
C ALA E 82 44.16 -34.59 90.57
N GLN E 83 44.59 -35.26 89.50
CA GLN E 83 45.52 -36.37 89.67
C GLN E 83 46.83 -35.89 90.27
N TRP E 84 47.33 -34.73 89.82
CA TRP E 84 48.63 -34.27 90.28
C TRP E 84 48.63 -34.03 91.78
N GLN E 85 47.53 -33.54 92.34
CA GLN E 85 47.48 -33.29 93.78
C GLN E 85 47.79 -34.55 94.55
N ARG E 86 47.05 -35.63 94.27
CA ARG E 86 47.27 -36.88 95.00
C ARG E 86 48.67 -37.41 94.74
N GLN E 87 49.16 -37.27 93.52
CA GLN E 87 50.52 -37.71 93.21
C GLN E 87 51.51 -37.11 94.18
N ALA E 88 51.44 -35.79 94.38
CA ALA E 88 52.42 -35.11 95.21
C ALA E 88 52.16 -35.38 96.69
N ASN E 89 50.90 -35.51 97.07
CA ASN E 89 50.60 -35.70 98.48
C ASN E 89 51.24 -36.98 99.01
N VAL E 90 51.33 -38.01 98.18
CA VAL E 90 51.86 -39.30 98.63
C VAL E 90 53.36 -39.38 98.37
N THR E 91 53.77 -39.14 97.12
CA THR E 91 55.16 -39.31 96.74
C THR E 91 56.06 -38.20 97.23
N GLY E 92 55.52 -37.01 97.46
CA GLY E 92 56.30 -35.90 97.95
C GLY E 92 57.00 -35.08 96.89
N LEU E 93 56.69 -35.28 95.61
CA LEU E 93 57.24 -34.46 94.52
C LEU E 93 56.18 -33.44 94.14
N ILE E 94 56.43 -32.18 94.48
CA ILE E 94 55.42 -31.15 94.30
C ILE E 94 55.71 -30.25 93.09
N TYR E 95 56.97 -29.95 92.83
CA TYR E 95 57.30 -28.89 91.89
C TYR E 95 57.02 -29.33 90.44
N LEU E 96 56.87 -28.33 89.58
CA LEU E 96 56.51 -28.57 88.18
C LEU E 96 56.77 -27.29 87.40
N PRO E 97 57.41 -27.36 86.23
CA PRO E 97 57.71 -26.13 85.49
C PRO E 97 56.45 -25.41 85.06
N VAL E 98 56.52 -24.08 85.03
CA VAL E 98 55.43 -23.21 84.62
C VAL E 98 55.99 -22.16 83.68
N GLN E 99 55.20 -21.81 82.66
CA GLN E 99 55.63 -20.82 81.68
C GLN E 99 54.43 -20.04 81.18
N VAL E 100 54.66 -18.78 80.81
CA VAL E 100 53.61 -17.90 80.31
C VAL E 100 54.18 -17.06 79.17
N GLU E 101 53.36 -16.83 78.14
CA GLU E 101 53.78 -16.06 76.98
C GLU E 101 53.01 -14.74 76.96
N GLY E 102 53.74 -13.65 77.11
CA GLY E 102 53.15 -12.32 77.07
C GLY E 102 52.98 -11.80 75.66
N SER E 103 51.90 -12.22 74.98
CA SER E 103 51.67 -11.81 73.60
C SER E 103 52.13 -10.39 73.33
N GLN E 104 51.59 -9.43 74.07
CA GLN E 104 52.00 -8.03 73.96
C GLN E 104 52.13 -7.44 75.35
N GLY E 105 52.71 -8.21 76.26
CA GLY E 105 52.87 -7.77 77.63
C GLY E 105 54.10 -8.38 78.27
N LEU E 106 53.98 -8.80 79.52
CA LEU E 106 55.09 -9.38 80.26
C LEU E 106 54.94 -10.89 80.35
N SER E 107 56.05 -11.60 80.23
CA SER E 107 56.05 -13.05 80.26
C SER E 107 56.30 -13.54 81.68
N LEU E 108 56.59 -14.84 81.80
CA LEU E 108 56.93 -15.46 83.07
C LEU E 108 57.46 -16.85 82.77
N ASN E 109 58.45 -17.28 83.53
CA ASN E 109 59.04 -18.60 83.32
C ASN E 109 59.70 -19.02 84.63
N THR E 110 59.09 -19.98 85.32
CA THR E 110 59.57 -20.41 86.62
C THR E 110 58.98 -21.78 86.90
N ILE E 111 59.09 -22.23 88.15
CA ILE E 111 58.48 -23.48 88.60
C ILE E 111 57.41 -23.14 89.62
N GLY E 112 56.44 -24.04 89.76
CA GLY E 112 55.35 -23.80 90.68
C GLY E 112 54.68 -25.11 91.07
N TRP E 113 53.72 -24.99 91.99
CA TRP E 113 53.04 -26.14 92.55
C TRP E 113 51.59 -25.74 92.80
N ILE E 114 50.74 -26.74 92.97
CA ILE E 114 49.33 -26.47 93.26
C ILE E 114 49.20 -26.15 94.75
N GLN E 115 48.75 -24.95 95.05
CA GLN E 115 48.70 -24.49 96.43
C GLN E 115 47.40 -24.89 97.13
N LYS E 116 46.28 -24.79 96.43
CA LYS E 116 44.98 -25.11 96.99
C LYS E 116 44.06 -25.58 95.88
N GLN E 117 43.02 -26.32 96.25
CA GLN E 117 42.06 -26.71 95.23
C GLN E 117 40.81 -25.84 95.33
N PRO E 118 40.16 -25.58 94.22
CA PRO E 118 39.09 -24.58 94.20
C PRO E 118 37.82 -25.07 94.86
N ASP E 119 36.74 -24.33 94.69
CA ASP E 119 35.44 -24.71 95.22
C ASP E 119 34.58 -25.23 94.08
N LEU E 120 34.26 -26.52 94.11
CA LEU E 120 33.46 -27.14 93.06
C LEU E 120 31.98 -26.95 93.37
N SER E 121 31.24 -26.37 92.44
CA SER E 121 29.82 -26.10 92.61
C SER E 121 29.06 -26.53 91.36
N TYR E 122 27.89 -27.12 91.57
CA TYR E 122 27.04 -27.59 90.50
C TYR E 122 25.69 -26.90 90.58
N GLY E 123 25.21 -26.40 89.45
CA GLY E 123 23.97 -25.68 89.40
C GLY E 123 23.37 -25.72 88.02
N THR E 124 22.57 -24.70 87.69
CA THR E 124 21.90 -24.64 86.41
C THR E 124 22.78 -24.12 85.30
N GLU E 125 24.00 -23.68 85.60
CA GLU E 125 24.92 -23.17 84.60
C GLU E 125 26.27 -23.84 84.79
N VAL E 126 27.05 -23.90 83.71
CA VAL E 126 28.36 -24.50 83.81
C VAL E 126 29.23 -23.62 84.69
N GLY E 127 29.76 -24.22 85.75
CA GLY E 127 30.44 -23.46 86.79
C GLY E 127 31.78 -22.94 86.37
N GLN E 128 32.71 -22.89 87.32
CA GLN E 128 34.04 -22.33 87.11
C GLN E 128 34.94 -22.81 88.24
N MET E 129 36.24 -22.81 87.98
CA MET E 129 37.22 -23.23 88.96
C MET E 129 38.43 -22.31 88.94
N ASP E 130 38.95 -21.97 90.11
CA ASP E 130 40.09 -21.07 90.27
C ASP E 130 41.21 -21.84 90.95
N TRP E 131 42.08 -22.45 90.15
CA TRP E 131 43.22 -23.17 90.68
C TRP E 131 44.33 -22.20 91.04
N GLU E 132 45.00 -22.44 92.16
CA GLU E 132 46.10 -21.59 92.62
C GLU E 132 47.41 -22.32 92.39
N ILE E 133 48.23 -21.77 91.50
CA ILE E 133 49.52 -22.36 91.16
C ILE E 133 50.58 -21.45 91.75
N GLY E 134 50.99 -21.72 92.99
CA GLY E 134 52.07 -20.94 93.58
C GLY E 134 53.34 -21.06 92.75
N VAL E 135 53.91 -19.91 92.40
CA VAL E 135 55.10 -19.86 91.56
C VAL E 135 56.28 -19.46 92.44
N LEU E 136 57.37 -20.21 92.31
CA LEU E 136 58.49 -20.02 93.23
C LEU E 136 59.08 -18.63 93.13
N ASP E 137 59.26 -18.13 91.91
CA ASP E 137 59.83 -16.82 91.69
C ASP E 137 59.00 -16.07 90.66
N ALA E 138 58.64 -14.83 90.96
CA ALA E 138 57.62 -14.11 90.20
C ALA E 138 58.13 -12.79 89.65
N TRP E 139 59.32 -12.77 89.05
CA TRP E 139 59.80 -11.58 88.36
C TRP E 139 59.27 -11.60 86.93
N LEU E 140 58.47 -10.61 86.59
CA LEU E 140 57.94 -10.52 85.22
C LEU E 140 59.04 -10.14 84.26
N SER E 141 58.98 -10.70 83.05
CA SER E 141 60.02 -10.53 82.06
C SER E 141 59.53 -9.68 80.91
N PRO E 142 60.27 -8.66 80.47
CA PRO E 142 59.81 -7.85 79.35
C PRO E 142 60.26 -8.38 78.00
N ASP E 143 60.71 -9.63 77.95
CA ASP E 143 61.44 -10.10 76.78
C ASP E 143 60.62 -10.01 75.50
N GLN E 144 59.30 -10.15 75.59
CA GLN E 144 58.46 -10.08 74.40
C GLN E 144 58.46 -8.70 73.76
N ILE E 145 58.80 -7.65 74.51
CA ILE E 145 58.74 -6.28 74.02
C ILE E 145 60.02 -5.98 73.25
N GLN E 146 59.88 -5.40 72.07
CA GLN E 146 61.04 -4.99 71.29
C GLN E 146 61.41 -3.55 71.61
N GLY E 147 62.69 -3.22 71.43
CA GLY E 147 63.18 -1.88 71.66
C GLY E 147 63.52 -1.55 73.09
N ILE E 148 63.59 -2.54 73.98
CA ILE E 148 63.96 -2.30 75.37
C ILE E 148 65.47 -2.16 75.47
N ALA E 149 65.95 -0.91 75.49
CA ALA E 149 67.39 -0.66 75.57
C ALA E 149 67.87 -0.74 77.01
N MET F 1 -23.12 19.51 -54.39
CA MET F 1 -22.47 19.56 -53.08
C MET F 1 -21.86 18.23 -52.70
N THR F 2 -20.71 18.27 -52.03
CA THR F 2 -20.02 17.07 -51.61
C THR F 2 -20.58 16.56 -50.29
N ASN F 3 -20.17 15.35 -49.90
CA ASN F 3 -20.70 14.72 -48.70
C ASN F 3 -20.27 15.43 -47.42
N GLU F 4 -19.17 16.18 -47.45
CA GLU F 4 -18.69 16.85 -46.24
C GLU F 4 -19.34 18.21 -46.03
N GLN F 5 -19.73 18.89 -47.11
CA GLN F 5 -20.31 20.22 -46.97
C GLN F 5 -21.71 20.18 -46.36
N VAL F 6 -22.46 19.11 -46.62
CA VAL F 6 -23.86 19.07 -46.18
C VAL F 6 -23.95 19.07 -44.65
N ILE F 7 -23.10 18.27 -43.98
CA ILE F 7 -23.10 18.27 -42.52
C ILE F 7 -22.69 19.64 -42.00
N GLU F 8 -21.69 20.26 -42.63
CA GLU F 8 -21.27 21.59 -42.22
C GLU F 8 -22.40 22.60 -42.37
N LEU F 9 -23.17 22.50 -43.45
CA LEU F 9 -24.24 23.45 -43.69
C LEU F 9 -25.44 23.20 -42.78
N VAL F 10 -25.81 21.93 -42.60
CA VAL F 10 -27.00 21.61 -41.79
C VAL F 10 -26.78 22.01 -40.34
N ARG F 11 -25.59 21.74 -39.79
CA ARG F 11 -25.33 22.07 -38.39
C ARG F 11 -25.40 23.57 -38.15
N VAL F 12 -24.89 24.37 -39.08
CA VAL F 12 -24.97 25.83 -38.95
C VAL F 12 -26.42 26.29 -39.00
N LEU F 13 -27.20 25.74 -39.93
CA LEU F 13 -28.59 26.15 -40.06
C LEU F 13 -29.41 25.77 -38.83
N LEU F 14 -29.08 24.65 -38.19
CA LEU F 14 -29.78 24.18 -37.01
C LEU F 14 -29.22 24.77 -35.72
N GLY F 15 -28.55 25.92 -35.80
CA GLY F 15 -28.01 26.56 -34.61
C GLY F 15 -26.87 25.83 -33.94
N GLY F 16 -25.92 25.31 -34.73
CA GLY F 16 -24.78 24.62 -34.16
C GLY F 16 -25.11 23.36 -33.40
N ILE F 17 -25.99 22.52 -33.94
CA ILE F 17 -26.38 21.29 -33.25
C ILE F 17 -25.17 20.37 -33.14
N THR F 18 -25.10 19.62 -32.04
CA THR F 18 -23.95 18.80 -31.72
C THR F 18 -24.07 17.41 -32.36
N THR F 19 -23.02 16.61 -32.19
CA THR F 19 -22.98 15.29 -32.81
C THR F 19 -23.89 14.30 -32.07
N GLU F 20 -23.92 14.35 -30.75
CA GLU F 20 -24.74 13.41 -29.99
C GLU F 20 -26.22 13.61 -30.24
N GLU F 21 -26.65 14.88 -30.42
CA GLU F 21 -28.05 15.13 -30.72
C GLU F 21 -28.45 14.57 -32.07
N ILE F 22 -27.58 14.72 -33.07
CA ILE F 22 -27.81 14.13 -34.39
C ILE F 22 -26.47 13.74 -34.98
N SER F 23 -26.33 12.47 -35.33
CA SER F 23 -25.07 11.95 -35.86
C SER F 23 -24.88 12.37 -37.32
N ASP F 24 -23.63 12.31 -37.78
CA ASP F 24 -23.35 12.64 -39.17
C ASP F 24 -23.78 11.52 -40.10
N GLN F 25 -23.94 10.30 -39.57
CA GLN F 25 -24.39 9.19 -40.40
C GLN F 25 -25.86 9.36 -40.80
N THR F 26 -26.69 9.83 -39.88
CA THR F 26 -28.10 10.02 -40.19
C THR F 26 -28.30 11.11 -41.23
N ILE F 27 -27.49 12.18 -41.16
CA ILE F 27 -27.60 13.26 -42.14
C ILE F 27 -27.28 12.74 -43.54
N ILE F 28 -26.24 11.91 -43.66
CA ILE F 28 -25.88 11.32 -44.95
C ILE F 28 -27.02 10.43 -45.45
N PHE F 29 -27.68 9.71 -44.53
CA PHE F 29 -28.75 8.81 -44.92
C PHE F 29 -29.89 9.56 -45.60
N PHE F 30 -30.28 10.72 -45.04
CA PHE F 30 -31.32 11.52 -45.68
C PHE F 30 -30.79 12.26 -46.89
N TRP F 31 -29.51 12.67 -46.86
CA TRP F 31 -28.92 13.33 -48.02
C TRP F 31 -28.85 12.39 -49.21
N THR F 32 -28.47 11.13 -48.96
CA THR F 32 -28.35 10.15 -50.05
C THR F 32 -29.71 9.82 -50.64
N LYS F 33 -30.76 9.83 -49.80
CA LYS F 33 -32.10 9.47 -50.27
C LYS F 33 -32.60 10.43 -51.33
N TRP F 34 -32.38 11.73 -51.13
CA TRP F 34 -32.79 12.72 -52.12
C TRP F 34 -31.83 12.84 -53.28
N LYS F 35 -30.60 12.32 -53.14
CA LYS F 35 -29.66 12.35 -54.25
C LYS F 35 -30.09 11.39 -55.35
N LEU F 36 -30.47 10.16 -54.98
CA LEU F 36 -30.85 9.17 -55.98
C LEU F 36 -32.21 9.47 -56.60
N THR F 37 -33.11 10.08 -55.86
CA THR F 37 -34.42 10.45 -56.40
C THR F 37 -34.36 11.66 -57.32
N TYR F 38 -33.41 12.58 -57.09
CA TYR F 38 -33.33 13.81 -57.87
C TYR F 38 -32.08 13.87 -58.74
N ASP F 39 -31.31 12.78 -58.82
CA ASP F 39 -30.10 12.62 -59.64
C ASP F 39 -29.34 13.95 -59.78
N LEU F 40 -28.92 14.48 -58.63
CA LEU F 40 -28.27 15.78 -58.57
C LEU F 40 -27.06 15.86 -59.49
N ASP F 41 -26.32 14.76 -59.64
CA ASP F 41 -25.18 14.76 -60.54
C ASP F 41 -25.62 15.01 -61.98
N ASN F 42 -26.76 14.43 -62.38
CA ASN F 42 -27.28 14.63 -63.73
C ASN F 42 -27.80 16.04 -63.94
N ARG F 43 -28.60 16.56 -63.00
CA ARG F 43 -29.17 17.90 -63.14
C ARG F 43 -28.85 18.69 -61.88
N PRO F 44 -27.92 19.66 -61.97
CA PRO F 44 -27.58 20.46 -60.79
C PRO F 44 -28.61 21.52 -60.44
N GLU F 45 -29.76 21.56 -61.12
CA GLU F 45 -30.77 22.56 -60.80
C GLU F 45 -31.53 22.23 -59.53
N LYS F 46 -31.42 21.01 -59.02
CA LYS F 46 -32.15 20.57 -57.85
C LYS F 46 -31.34 20.69 -56.56
N ILE F 47 -30.21 21.41 -56.58
CA ILE F 47 -29.42 21.60 -55.37
C ILE F 47 -30.23 22.28 -54.26
N PRO F 48 -30.94 23.38 -54.50
CA PRO F 48 -31.76 23.95 -53.41
C PRO F 48 -32.89 23.04 -52.96
N ALA F 49 -33.53 22.34 -53.90
CA ALA F 49 -34.67 21.51 -53.55
C ALA F 49 -34.25 20.31 -52.70
N ALA F 50 -33.15 19.65 -53.09
CA ALA F 50 -32.68 18.51 -52.31
C ALA F 50 -32.14 18.95 -50.95
N LEU F 51 -31.58 20.15 -50.88
CA LEU F 51 -31.05 20.65 -49.61
C LEU F 51 -32.18 20.99 -48.65
N TYR F 52 -33.25 21.61 -49.15
CA TYR F 52 -34.37 21.98 -48.29
C TYR F 52 -35.06 20.74 -47.71
N ASN F 53 -35.26 19.71 -48.54
CA ASN F 53 -35.91 18.50 -48.06
C ASN F 53 -35.05 17.76 -47.05
N THR F 54 -33.72 17.80 -47.23
CA THR F 54 -32.83 17.11 -46.32
C THR F 54 -32.93 17.67 -44.91
N VAL F 55 -32.98 18.99 -44.78
CA VAL F 55 -33.07 19.61 -43.46
C VAL F 55 -34.40 19.28 -42.79
N VAL F 56 -35.48 19.30 -43.58
CA VAL F 56 -36.81 19.02 -43.02
C VAL F 56 -36.87 17.59 -42.48
N ASP F 57 -36.30 16.64 -43.22
CA ASP F 57 -36.31 15.25 -42.76
C ASP F 57 -35.50 15.10 -41.47
N CYS F 58 -34.40 15.84 -41.35
CA CYS F 58 -33.59 15.79 -40.13
C CYS F 58 -34.39 16.29 -38.93
N VAL F 59 -35.17 17.36 -39.11
CA VAL F 59 -36.03 17.84 -38.02
C VAL F 59 -37.06 16.79 -37.67
N ARG F 60 -37.60 16.10 -38.67
CA ARG F 60 -38.54 15.01 -38.40
C ARG F 60 -37.90 13.91 -37.58
N TRP F 61 -36.65 13.57 -37.89
CA TRP F 61 -35.94 12.55 -37.12
C TRP F 61 -35.64 13.04 -35.71
N LEU F 62 -35.44 14.35 -35.54
CA LEU F 62 -35.22 14.90 -34.21
C LEU F 62 -36.48 14.78 -33.35
N ILE F 63 -37.65 15.01 -33.94
CA ILE F 63 -38.90 14.90 -33.19
C ILE F 63 -39.12 13.47 -32.73
N VAL F 64 -38.92 12.51 -33.64
CA VAL F 64 -39.10 11.11 -33.29
C VAL F 64 -38.00 10.61 -32.37
N GLN F 65 -36.90 11.34 -32.24
CA GLN F 65 -35.85 10.96 -31.30
C GLN F 65 -36.27 11.25 -29.86
N GLU F 66 -37.01 12.33 -29.64
CA GLU F 66 -37.59 12.58 -28.33
C GLU F 66 -38.59 11.49 -27.96
N VAL F 67 -39.41 11.09 -28.93
CA VAL F 67 -40.28 9.93 -28.79
C VAL F 67 -39.35 8.71 -28.81
N SER F 68 -39.87 7.54 -28.41
CA SER F 68 -39.11 6.30 -28.26
C SER F 68 -38.09 6.38 -27.12
N SER F 69 -38.16 7.41 -26.30
CA SER F 69 -37.33 7.56 -25.11
C SER F 69 -38.18 8.17 -24.00
N GLY F 70 -37.58 8.29 -22.81
CA GLY F 70 -38.33 8.83 -21.69
C GLY F 70 -38.48 10.33 -21.68
N ASN F 71 -37.82 11.05 -22.59
CA ASN F 71 -37.84 12.50 -22.56
C ASN F 71 -39.21 13.06 -22.88
N SER F 72 -39.95 12.42 -23.78
CA SER F 72 -41.21 12.98 -24.26
C SER F 72 -42.30 12.91 -23.20
N SER F 73 -42.36 11.81 -22.46
CA SER F 73 -43.50 11.53 -21.58
C SER F 73 -43.30 12.03 -20.16
N ILE F 74 -42.17 12.66 -19.84
CA ILE F 74 -41.92 13.17 -18.50
C ILE F 74 -42.00 14.69 -18.53
N ARG F 75 -42.50 15.28 -17.44
CA ARG F 75 -42.51 16.73 -17.27
C ARG F 75 -42.18 17.15 -15.84
N GLU F 76 -41.63 16.25 -15.03
CA GLU F 76 -41.18 16.56 -13.68
C GLU F 76 -39.91 15.78 -13.37
N ARG F 77 -39.17 16.25 -12.38
CA ARG F 77 -38.01 15.51 -11.89
C ARG F 77 -37.69 15.98 -10.48
N PHE F 78 -37.15 15.08 -9.68
CA PHE F 78 -36.77 15.41 -8.30
C PHE F 78 -35.72 14.42 -7.83
N GLU F 79 -34.51 14.91 -7.59
CA GLU F 79 -33.42 14.11 -7.07
C GLU F 79 -33.06 14.61 -5.67
N LYS F 80 -32.87 13.70 -4.74
CA LYS F 80 -32.55 14.06 -3.36
C LYS F 80 -31.79 12.91 -2.74
N ILE F 81 -30.46 13.02 -2.70
CA ILE F 81 -29.59 11.98 -2.16
C ILE F 81 -28.86 12.51 -0.93
N GLY F 82 -29.52 13.42 -0.21
CA GLY F 82 -28.91 14.05 0.95
C GLY F 82 -29.22 15.53 0.99
N ASP F 83 -28.19 16.37 0.98
CA ASP F 83 -28.39 17.80 0.93
C ASP F 83 -28.53 18.32 -0.49
N GLU F 84 -28.31 17.49 -1.50
CA GLU F 84 -28.45 17.92 -2.88
C GLU F 84 -29.86 17.62 -3.40
N THR F 85 -30.58 18.69 -3.79
CA THR F 85 -31.91 18.53 -4.37
C THR F 85 -31.97 19.32 -5.66
N ILE F 86 -32.47 18.67 -6.72
CA ILE F 86 -32.65 19.29 -8.03
C ILE F 86 -34.06 18.99 -8.52
N SER F 87 -34.74 20.03 -9.02
CA SER F 87 -36.08 19.85 -9.56
C SER F 87 -36.28 20.75 -10.76
N VAL F 88 -36.72 20.15 -11.87
CA VAL F 88 -36.99 20.87 -13.11
C VAL F 88 -38.28 20.31 -13.71
N LYS F 89 -39.13 21.20 -14.22
CA LYS F 89 -40.31 20.75 -14.92
C LYS F 89 -40.47 21.50 -16.24
N SER F 93 -37.66 18.88 -25.37
CA SER F 93 -37.61 19.66 -26.60
C SER F 93 -38.55 19.09 -27.65
N TRP F 94 -39.37 18.13 -27.23
CA TRP F 94 -40.31 17.50 -28.15
C TRP F 94 -41.32 18.51 -28.69
N GLU F 95 -41.89 19.33 -27.80
CA GLU F 95 -42.87 20.32 -28.25
C GLU F 95 -42.20 21.52 -28.91
N SER F 96 -40.96 21.82 -28.55
CA SER F 96 -40.26 22.94 -29.16
C SER F 96 -39.89 22.63 -30.61
N TRP F 97 -39.59 21.37 -30.91
CA TRP F 97 -39.28 20.98 -32.29
C TRP F 97 -40.52 20.95 -33.15
N LYS F 98 -41.71 20.84 -32.53
CA LYS F 98 -42.94 20.75 -33.29
C LYS F 98 -43.21 22.02 -34.08
N ASP F 99 -43.37 23.15 -33.38
CA ASP F 99 -43.74 24.39 -34.06
C ASP F 99 -42.61 24.90 -34.96
N PHE F 100 -41.37 24.55 -34.63
CA PHE F 100 -40.26 24.93 -35.49
C PHE F 100 -40.38 24.28 -36.86
N LEU F 101 -40.75 23.00 -36.89
CA LEU F 101 -40.99 22.33 -38.17
C LEU F 101 -42.13 23.00 -38.93
N ASP F 102 -43.19 23.38 -38.22
CA ASP F 102 -44.28 24.13 -38.85
C ASP F 102 -43.78 25.50 -39.34
N TRP F 103 -42.98 26.18 -38.53
CA TRP F 103 -42.44 27.47 -38.94
C TRP F 103 -41.48 27.34 -40.11
N LEU F 104 -40.62 26.30 -40.09
CA LEU F 104 -39.64 26.13 -41.15
C LEU F 104 -40.30 25.87 -42.49
N GLU F 105 -41.39 25.10 -42.50
CA GLU F 105 -42.10 24.83 -43.75
C GLU F 105 -42.76 26.07 -44.33
N LEU F 106 -42.87 27.15 -43.54
CA LEU F 106 -43.48 28.39 -44.01
C LEU F 106 -42.44 29.44 -44.39
N ASN F 107 -41.16 29.21 -44.09
CA ASN F 107 -40.08 30.14 -44.43
C ASN F 107 -38.93 29.37 -45.05
N PRO F 108 -39.11 28.83 -46.26
CA PRO F 108 -38.03 28.08 -46.90
C PRO F 108 -36.86 28.95 -47.34
N ASP F 109 -37.03 30.27 -47.41
CA ASP F 109 -35.94 31.15 -47.82
C ASP F 109 -34.80 31.11 -46.82
N TYR F 110 -35.06 30.68 -45.58
CA TYR F 110 -34.01 30.56 -44.58
C TYR F 110 -32.96 29.53 -45.00
N ILE F 111 -33.33 28.55 -45.83
CA ILE F 111 -32.39 27.55 -46.32
C ILE F 111 -31.74 28.05 -47.60
N ASP F 112 -32.57 28.38 -48.59
CA ASP F 112 -32.08 28.85 -49.88
C ASP F 112 -33.08 29.84 -50.48
N PRO F 113 -32.67 31.08 -50.73
CA PRO F 113 -33.62 32.08 -51.26
C PRO F 113 -34.08 31.80 -52.68
N SER F 114 -33.39 30.92 -53.42
CA SER F 114 -33.71 30.65 -54.81
C SER F 114 -34.72 29.54 -55.00
N LEU F 115 -35.58 29.29 -54.02
CA LEU F 115 -36.54 28.20 -54.10
C LEU F 115 -37.82 28.58 -54.84
N ALA F 116 -37.95 29.83 -55.27
CA ALA F 116 -39.14 30.31 -56.00
C ALA F 116 -40.41 30.08 -55.19
N PHE F 117 -40.31 30.26 -53.88
CA PHE F 117 -41.44 30.06 -52.99
C PHE F 117 -42.46 31.18 -53.14
N ASN F 118 -43.74 30.83 -52.98
CA ASN F 118 -44.83 31.82 -52.94
C ASN F 118 -44.89 32.65 -54.22
N SER F 119 -45.20 31.98 -55.33
CA SER F 119 -45.24 32.64 -56.63
C SER F 119 -46.55 32.43 -57.39
N SER F 120 -47.31 31.39 -57.08
CA SER F 120 -48.52 31.04 -57.83
C SER F 120 -49.72 30.84 -56.90
N LEU F 121 -49.95 31.77 -55.99
CA LEU F 121 -51.07 31.62 -55.05
C LEU F 121 -52.41 31.78 -55.74
N VAL F 122 -52.57 32.81 -56.57
CA VAL F 122 -53.85 33.15 -57.18
C VAL F 122 -53.77 32.83 -58.66
N ILE F 123 -54.72 32.04 -59.14
CA ILE F 123 -54.80 31.63 -60.54
C ILE F 123 -56.15 32.07 -61.10
N ILE F 124 -56.13 32.81 -62.20
CA ILE F 124 -57.33 33.24 -62.90
C ILE F 124 -57.28 32.67 -64.31
N GLY F 125 -58.32 31.95 -64.69
CA GLY F 125 -58.36 31.28 -65.98
C GLY F 125 -59.02 32.11 -67.06
N GLY F 126 -58.53 31.92 -68.29
CA GLY F 126 -59.08 32.61 -69.43
C GLY F 126 -58.59 34.01 -69.65
N VAL F 127 -57.52 34.43 -68.97
CA VAL F 127 -56.97 35.77 -69.12
C VAL F 127 -55.58 35.74 -69.75
N ARG F 128 -55.17 34.60 -70.31
CA ARG F 128 -53.89 34.48 -70.99
C ARG F 128 -54.07 33.67 -72.26
N LYS F 129 -53.42 34.11 -73.34
CA LYS F 129 -53.48 33.36 -74.59
C LYS F 129 -52.73 32.03 -74.46
N ASP F 130 -51.61 32.03 -73.73
CA ASP F 130 -50.83 30.81 -73.56
C ASP F 130 -51.64 29.73 -72.85
N GLU F 131 -52.37 30.11 -71.79
CA GLU F 131 -53.18 29.14 -71.05
C GLU F 131 -54.44 28.78 -71.82
N PHE F 132 -54.98 29.70 -72.60
CA PHE F 132 -56.22 29.44 -73.33
C PHE F 132 -56.01 28.40 -74.42
N PHE F 133 -54.94 28.54 -75.20
CA PHE F 133 -54.71 27.63 -76.31
C PHE F 133 -54.20 26.27 -75.86
N ARG F 134 -53.48 26.21 -74.74
CA ARG F 134 -53.03 24.92 -74.23
C ARG F 134 -54.21 24.05 -73.83
N VAL F 135 -55.22 24.63 -73.18
CA VAL F 135 -56.43 23.89 -72.87
C VAL F 135 -57.25 23.63 -74.13
N LYS F 136 -57.31 24.61 -75.04
CA LYS F 136 -58.13 24.47 -76.23
C LYS F 136 -57.59 23.39 -77.17
N ASN F 137 -56.27 23.31 -77.30
CA ASN F 137 -55.65 22.38 -78.24
C ASN F 137 -55.38 21.00 -77.64
N ASN F 138 -55.75 20.77 -76.39
CA ASN F 138 -55.54 19.48 -75.76
C ASN F 138 -56.49 18.46 -76.38
N PRO F 139 -55.98 17.38 -77.00
CA PRO F 139 -56.89 16.40 -77.63
C PRO F 139 -57.80 15.69 -76.66
N ASN F 140 -57.46 15.62 -75.38
CA ASN F 140 -58.27 14.95 -74.38
C ASN F 140 -59.32 15.86 -73.75
N SER F 141 -59.31 17.14 -74.09
CA SER F 141 -60.23 18.09 -73.46
C SER F 141 -61.66 17.86 -73.93
N TYR F 142 -62.60 18.05 -73.00
CA TYR F 142 -64.03 17.98 -73.29
C TYR F 142 -64.69 19.23 -72.73
N ASN F 143 -65.26 20.05 -73.61
CA ASN F 143 -65.84 21.33 -73.23
C ASN F 143 -67.34 21.32 -73.48
N GLY F 144 -67.96 22.49 -73.31
CA GLY F 144 -69.41 22.60 -73.40
C GLY F 144 -69.96 22.49 -74.81
N PHE F 145 -69.13 22.74 -75.82
CA PHE F 145 -69.60 22.68 -77.20
C PHE F 145 -69.67 21.27 -77.75
N MET F 146 -69.62 20.25 -76.90
CA MET F 146 -69.69 18.86 -77.33
C MET F 146 -70.96 18.15 -76.86
N GLU F 147 -72.00 18.91 -76.50
CA GLU F 147 -73.20 18.32 -75.93
C GLU F 147 -74.00 17.59 -76.99
N GLN F 148 -73.78 16.28 -77.12
CA GLN F 148 -74.40 15.51 -78.20
C GLN F 148 -75.88 15.28 -77.97
N GLY F 149 -76.31 15.21 -76.71
CA GLY F 149 -77.72 15.10 -76.40
C GLY F 149 -78.23 13.67 -76.54
N VAL F 150 -79.31 13.50 -77.29
CA VAL F 150 -79.95 12.19 -77.41
C VAL F 150 -79.06 11.23 -78.17
N TYR F 151 -78.78 11.54 -79.44
CA TYR F 151 -77.89 10.75 -80.27
C TYR F 151 -76.98 11.68 -81.04
N PRO F 152 -75.78 11.23 -81.39
CA PRO F 152 -74.80 12.13 -82.03
C PRO F 152 -75.29 12.65 -83.38
N THR F 153 -74.93 13.89 -83.67
CA THR F 153 -75.25 14.57 -84.91
C THR F 153 -73.99 15.24 -85.45
N PRO F 154 -73.89 15.38 -86.78
CA PRO F 154 -72.70 16.05 -87.35
C PRO F 154 -72.70 17.56 -87.20
N ALA F 155 -73.68 18.14 -86.52
CA ALA F 155 -73.72 19.57 -86.29
C ALA F 155 -72.93 20.00 -85.07
N ILE F 156 -72.33 19.06 -84.35
CA ILE F 156 -71.63 19.35 -83.09
C ILE F 156 -70.22 18.80 -83.17
N PRO F 157 -69.20 19.59 -82.85
CA PRO F 157 -67.82 19.12 -83.02
C PRO F 157 -67.47 17.98 -82.09
N LYS F 158 -66.54 17.15 -82.55
CA LYS F 158 -66.01 16.05 -81.76
C LYS F 158 -64.59 16.29 -81.29
N GLN F 159 -64.00 17.43 -81.61
CA GLN F 159 -62.66 17.80 -81.18
C GLN F 159 -62.68 19.22 -80.63
N SER F 160 -61.83 19.48 -79.64
CA SER F 160 -61.84 20.78 -78.98
C SER F 160 -61.19 21.85 -79.84
N ALA F 161 -60.11 21.51 -80.55
CA ALA F 161 -59.37 22.50 -81.32
C ALA F 161 -60.17 22.94 -82.55
N TRP F 162 -60.02 24.22 -82.90
CA TRP F 162 -60.63 24.75 -84.10
C TRP F 162 -59.95 24.18 -85.34
N PRO F 163 -60.69 24.00 -86.44
CA PRO F 163 -60.14 23.50 -87.70
C PRO F 163 -59.03 24.39 -88.26
N GLY G 16 37.52 -51.22 38.15
CA GLY G 16 36.26 -51.28 38.87
C GLY G 16 36.44 -51.39 40.36
N THR G 17 37.26 -50.50 40.93
CA THR G 17 37.57 -50.56 42.36
C THR G 17 36.37 -50.16 43.19
N GLN G 18 35.84 -51.10 43.96
CA GLN G 18 34.77 -50.76 44.88
C GLN G 18 35.34 -50.14 46.16
N PRO G 19 34.57 -49.32 46.86
CA PRO G 19 35.13 -48.58 47.99
C PRO G 19 35.11 -49.37 49.28
N ILE G 20 36.16 -49.15 50.08
CA ILE G 20 36.25 -49.71 51.42
C ILE G 20 35.48 -48.81 52.37
N ASP G 21 35.24 -49.29 53.59
CA ASP G 21 34.59 -48.49 54.62
C ASP G 21 35.57 -48.33 55.79
N THR G 22 35.06 -47.75 56.88
CA THR G 22 35.95 -47.36 57.97
C THR G 22 36.66 -48.56 58.60
N VAL G 23 35.94 -49.67 58.82
CA VAL G 23 36.58 -50.83 59.42
C VAL G 23 37.68 -51.35 58.51
N GLY G 24 37.42 -51.40 57.21
CA GLY G 24 38.44 -51.87 56.29
C GLY G 24 39.69 -51.02 56.31
N PHE G 25 39.52 -49.72 56.60
CA PHE G 25 40.67 -48.82 56.59
C PHE G 25 41.71 -49.19 57.63
N GLU G 26 41.34 -50.05 58.59
CA GLU G 26 42.27 -50.46 59.63
C GLU G 26 42.72 -51.91 59.48
N THR G 27 42.02 -52.71 58.69
CA THR G 27 42.31 -54.14 58.60
C THR G 27 43.54 -54.37 57.72
N PRO G 28 44.60 -54.98 58.23
CA PRO G 28 45.71 -55.38 57.35
C PRO G 28 45.56 -56.80 56.85
N MET G 29 46.05 -57.03 55.63
CA MET G 29 45.97 -58.33 54.99
C MET G 29 47.39 -58.86 54.78
N PHE G 30 47.60 -60.12 55.14
CA PHE G 30 48.86 -60.81 54.96
C PHE G 30 48.63 -62.00 54.04
N LEU G 31 49.42 -62.08 52.96
CA LEU G 31 49.23 -63.12 51.95
C LEU G 31 50.19 -64.27 52.23
N ALA G 32 49.72 -65.19 53.09
CA ALA G 32 50.54 -66.31 53.51
C ALA G 32 50.37 -67.50 52.57
N MET G 33 51.15 -68.54 52.84
CA MET G 33 51.07 -69.81 52.13
C MET G 33 50.65 -70.88 53.12
N HIS G 34 49.56 -71.58 52.84
CA HIS G 34 49.02 -72.60 53.73
C HIS G 34 47.82 -73.24 53.07
N GLY G 35 47.22 -74.20 53.75
CA GLY G 35 46.00 -74.81 53.30
C GLY G 35 45.06 -75.11 54.44
N ASN G 36 45.18 -74.36 55.54
CA ASN G 36 44.44 -74.65 56.75
C ASN G 36 42.94 -74.38 56.63
N PHE G 37 42.52 -73.53 55.70
CA PHE G 37 41.10 -73.35 55.44
C PHE G 37 40.87 -73.31 53.95
N PRO G 38 39.69 -73.70 53.47
CA PRO G 38 39.45 -73.74 52.03
C PRO G 38 39.27 -72.36 51.41
N GLU G 39 38.86 -71.39 52.23
CA GLU G 39 38.53 -70.08 51.73
C GLU G 39 39.79 -69.32 51.32
N ARG G 40 39.59 -68.25 50.55
CA ARG G 40 40.70 -67.41 50.12
C ARG G 40 41.07 -66.35 51.14
N ILE G 41 40.26 -66.13 52.17
CA ILE G 41 40.54 -65.10 53.15
C ILE G 41 39.69 -65.32 54.39
N ARG G 42 40.23 -64.96 55.55
CA ARG G 42 39.52 -65.07 56.82
C ARG G 42 40.02 -63.99 57.75
N PHE G 43 39.20 -63.66 58.75
CA PHE G 43 39.48 -62.58 59.68
C PHE G 43 39.54 -63.12 61.10
N TYR G 44 40.51 -62.65 61.87
CA TYR G 44 40.73 -63.09 63.23
C TYR G 44 40.85 -61.89 64.16
N VAL G 45 40.54 -62.12 65.44
CA VAL G 45 40.69 -61.10 66.47
C VAL G 45 41.68 -61.49 67.55
N SER G 46 42.43 -62.57 67.35
CA SER G 46 43.47 -63.00 68.28
C SER G 46 44.16 -64.22 67.70
N THR G 47 45.36 -64.48 68.20
CA THR G 47 46.14 -65.61 67.68
C THR G 47 45.51 -66.94 68.05
N ALA G 48 44.63 -66.96 69.06
CA ALA G 48 44.02 -68.22 69.47
C ALA G 48 43.15 -68.80 68.36
N GLY G 49 42.42 -67.96 67.63
CA GLY G 49 41.64 -68.47 66.51
C GLY G 49 42.51 -69.12 65.45
N MET G 50 43.64 -68.49 65.14
CA MET G 50 44.57 -69.07 64.17
C MET G 50 45.12 -70.39 64.69
N VAL G 51 45.46 -70.44 65.98
CA VAL G 51 45.91 -71.70 66.57
C VAL G 51 44.87 -72.79 66.38
N ALA G 52 43.60 -72.45 66.63
CA ALA G 52 42.52 -73.41 66.43
C ALA G 52 42.45 -73.86 64.98
N ASP G 53 42.62 -72.92 64.04
CA ASP G 53 42.59 -73.26 62.63
C ASP G 53 43.78 -74.11 62.20
N GLY G 54 44.70 -74.44 63.11
CA GLY G 54 45.78 -75.34 62.79
C GLY G 54 47.09 -74.69 62.41
N PHE G 55 47.22 -73.38 62.61
CA PHE G 55 48.50 -72.74 62.34
C PHE G 55 49.50 -73.09 63.43
N ALA G 56 50.69 -73.51 63.04
CA ALA G 56 51.70 -73.92 64.00
C ALA G 56 52.32 -72.71 64.67
N VAL G 57 52.48 -72.80 66.00
CA VAL G 57 53.12 -71.72 66.74
C VAL G 57 54.49 -71.45 66.15
N GLY G 58 54.81 -70.19 65.95
CA GLY G 58 56.04 -69.82 65.28
C GLY G 58 55.96 -69.82 63.78
N SER G 59 54.81 -70.13 63.20
CA SER G 59 54.65 -70.08 61.76
C SER G 59 54.58 -68.63 61.30
N PRO G 60 54.78 -68.39 60.00
CA PRO G 60 54.82 -67.00 59.50
C PRO G 60 53.59 -66.17 59.86
N ALA G 61 52.41 -66.66 59.49
CA ALA G 61 51.20 -65.90 59.76
C ALA G 61 51.01 -65.69 61.25
N TYR G 62 51.34 -66.71 62.06
CA TYR G 62 51.24 -66.55 63.51
C TYR G 62 52.15 -65.44 64.01
N GLN G 63 53.39 -65.40 63.52
CA GLN G 63 54.31 -64.34 63.92
C GLN G 63 53.76 -62.98 63.52
N PHE G 64 53.27 -62.86 62.30
CA PHE G 64 52.75 -61.58 61.83
C PHE G 64 51.57 -61.13 62.66
N ALA G 65 50.65 -62.05 62.98
CA ALA G 65 49.50 -61.69 63.80
C ALA G 65 49.93 -61.26 65.19
N THR G 66 50.89 -61.98 65.79
CA THR G 66 51.36 -61.60 67.11
C THR G 66 51.96 -60.20 67.09
N ASN G 67 52.79 -59.91 66.08
CA ASN G 67 53.39 -58.59 65.99
C ASN G 67 52.32 -57.51 65.81
N ALA G 68 51.36 -57.76 64.92
CA ALA G 68 50.33 -56.75 64.66
C ALA G 68 49.53 -56.47 65.93
N PHE G 69 49.16 -57.51 66.67
CA PHE G 69 48.43 -57.30 67.91
C PHE G 69 49.31 -56.73 69.03
N ALA G 70 50.63 -56.78 68.87
CA ALA G 70 51.54 -56.37 69.94
C ALA G 70 51.87 -54.88 69.91
N GLY G 71 51.33 -54.12 68.96
CA GLY G 71 51.67 -52.71 68.85
C GLY G 71 50.87 -51.82 69.78
N ASN G 72 51.29 -50.55 69.84
CA ASN G 72 50.59 -49.56 70.63
C ASN G 72 49.30 -49.09 69.98
N PHE G 73 49.24 -49.11 68.65
CA PHE G 73 48.07 -48.68 67.89
C PHE G 73 47.48 -49.87 67.14
N ALA G 74 47.41 -51.01 67.82
CA ALA G 74 47.14 -52.26 67.14
C ALA G 74 45.76 -52.26 66.52
N PRO G 75 45.58 -52.94 65.39
CA PRO G 75 44.24 -53.02 64.79
C PRO G 75 43.35 -54.02 65.52
N GLN G 76 42.06 -53.92 65.29
CA GLN G 76 41.12 -54.81 65.97
C GLN G 76 41.08 -56.19 65.33
N ARG G 77 41.20 -56.30 64.02
CA ARG G 77 41.10 -57.57 63.34
C ARG G 77 42.15 -57.65 62.25
N VAL G 78 42.60 -58.88 61.96
CA VAL G 78 43.62 -59.14 60.96
C VAL G 78 43.08 -60.14 59.96
N ALA G 79 43.28 -59.86 58.68
CA ALA G 79 42.85 -60.74 57.60
C ALA G 79 44.04 -61.51 57.07
N ILE G 80 43.85 -62.79 56.78
CA ILE G 80 44.89 -63.66 56.26
C ILE G 80 44.44 -64.23 54.93
N GLY G 81 45.28 -64.07 53.90
CA GLY G 81 45.00 -64.66 52.61
C GLY G 81 45.62 -66.05 52.48
N ARG G 82 45.24 -66.74 51.41
CA ARG G 82 45.71 -68.10 51.16
C ARG G 82 46.35 -68.17 49.78
N MET G 83 47.55 -68.74 49.73
CA MET G 83 48.21 -69.10 48.48
C MET G 83 48.61 -70.56 48.55
N SER G 84 48.29 -71.33 47.52
CA SER G 84 48.45 -72.78 47.55
C SER G 84 49.86 -73.15 47.94
N ILE G 85 50.00 -73.88 49.05
CA ILE G 85 51.32 -74.32 49.50
C ILE G 85 51.68 -75.63 48.82
N ASP G 86 52.97 -75.82 48.57
CA ASP G 86 53.49 -77.05 47.96
C ASP G 86 54.38 -77.82 48.91
N SER G 87 55.43 -77.19 49.43
CA SER G 87 56.35 -77.87 50.33
C SER G 87 57.18 -76.84 51.07
N SER G 88 57.48 -77.13 52.33
CA SER G 88 58.22 -76.23 53.19
C SER G 88 59.72 -76.51 53.10
N LYS G 89 60.49 -75.75 53.89
CA LYS G 89 61.92 -75.96 54.02
C LYS G 89 62.35 -75.55 55.41
N VAL G 90 63.20 -76.36 56.03
CA VAL G 90 63.85 -76.02 57.29
C VAL G 90 65.33 -75.86 56.99
N ASP G 91 65.78 -74.63 56.82
CA ASP G 91 67.11 -74.35 56.30
C ASP G 91 68.04 -73.97 57.44
N PHE G 92 69.16 -74.70 57.54
CA PHE G 92 70.26 -74.34 58.42
C PHE G 92 71.46 -73.80 57.67
N THR G 93 71.37 -73.69 56.35
CA THR G 93 72.52 -73.29 55.54
C THR G 93 73.06 -71.96 56.01
N GLY G 94 74.37 -71.90 56.24
CA GLY G 94 75.03 -70.69 56.68
C GLY G 94 74.85 -70.36 58.14
N THR G 95 74.22 -71.23 58.92
CA THR G 95 73.95 -70.94 60.31
C THR G 95 75.02 -71.57 61.21
N THR G 96 75.00 -71.18 62.48
CA THR G 96 75.82 -71.79 63.51
C THR G 96 74.93 -72.08 64.72
N ASN G 97 75.07 -73.27 65.28
CA ASN G 97 74.19 -73.70 66.35
C ASN G 97 75.00 -74.40 67.44
N THR G 98 74.75 -73.98 68.68
CA THR G 98 75.33 -74.64 69.85
C THR G 98 74.25 -74.76 70.93
N GLU G 99 73.02 -75.03 70.50
CA GLU G 99 71.87 -75.06 71.39
C GLU G 99 70.89 -76.09 70.86
N GLN G 100 70.06 -76.61 71.76
CA GLN G 100 69.04 -77.57 71.38
C GLN G 100 68.13 -76.98 70.30
N VAL G 101 68.19 -77.52 69.09
CA VAL G 101 67.32 -77.07 68.03
C VAL G 101 65.93 -77.68 68.24
N VAL G 102 64.90 -76.86 68.07
CA VAL G 102 63.52 -77.30 68.28
C VAL G 102 62.68 -76.79 67.11
N VAL G 103 61.76 -77.64 66.65
CA VAL G 103 60.84 -77.29 65.58
C VAL G 103 59.44 -77.70 66.01
N ASN G 104 58.48 -76.78 65.83
CA ASN G 104 57.09 -77.06 66.14
C ASN G 104 56.38 -77.46 64.87
N ILE G 105 55.65 -78.58 64.92
CA ILE G 105 54.92 -79.09 63.76
C ILE G 105 53.50 -79.44 64.19
N THR G 106 52.53 -79.00 63.42
CA THR G 106 51.13 -79.36 63.61
C THR G 106 50.67 -80.17 62.41
N LEU G 107 50.10 -81.34 62.67
CA LEU G 107 49.63 -82.26 61.64
C LEU G 107 48.15 -82.51 61.85
N ASN G 108 47.31 -81.97 60.95
CA ASN G 108 45.89 -82.27 60.93
C ASN G 108 45.27 -82.14 62.32
N LYS G 109 45.54 -81.00 62.96
CA LYS G 109 45.02 -80.70 64.28
C LYS G 109 45.80 -81.45 65.37
N VAL G 110 46.78 -82.25 64.96
CA VAL G 110 47.67 -82.89 65.91
C VAL G 110 48.95 -82.06 66.02
N VAL G 111 49.32 -81.71 67.26
CA VAL G 111 50.43 -80.81 67.53
C VAL G 111 51.59 -81.63 68.05
N LYS G 112 52.79 -81.37 67.50
CA LYS G 112 53.99 -82.12 67.86
C LYS G 112 55.11 -81.14 68.19
N ALA G 113 56.22 -81.71 68.66
CA ALA G 113 57.47 -81.00 68.83
C ALA G 113 58.61 -81.91 68.41
N VAL G 114 59.70 -81.30 67.92
CA VAL G 114 60.86 -82.03 67.43
C VAL G 114 62.10 -81.46 68.11
N LYS G 115 63.05 -82.33 68.43
CA LYS G 115 64.23 -81.95 69.18
C LYS G 115 65.48 -82.54 68.55
N ILE G 116 66.48 -81.68 68.33
CA ILE G 116 67.80 -82.10 67.87
C ILE G 116 68.83 -81.47 68.79
N ASN G 117 69.74 -82.29 69.32
CA ASN G 117 70.66 -81.85 70.35
C ASN G 117 71.94 -81.29 69.73
N VAL G 118 72.46 -80.25 70.37
CA VAL G 118 73.71 -79.63 69.95
C VAL G 118 73.60 -79.10 68.53
N ASN G 122 79.63 -79.96 66.90
CA ASN G 122 78.49 -80.19 66.02
C ASN G 122 78.47 -79.17 64.88
N THR G 123 77.84 -79.53 63.78
CA THR G 123 77.84 -78.70 62.57
C THR G 123 76.43 -78.62 62.01
N PRO G 124 76.12 -77.56 61.27
CA PRO G 124 74.78 -77.44 60.67
C PRO G 124 74.41 -78.63 59.79
N ALA G 125 75.35 -79.16 59.02
CA ALA G 125 75.04 -80.31 58.18
C ALA G 125 74.66 -81.52 59.02
N GLN G 126 75.40 -81.77 60.10
CA GLN G 126 75.06 -82.87 60.99
C GLN G 126 73.69 -82.65 61.60
N ILE G 127 73.38 -81.41 61.99
CA ILE G 127 72.07 -81.11 62.57
C ILE G 127 70.97 -81.39 61.57
N ALA G 128 71.16 -80.93 60.33
CA ALA G 128 70.15 -81.14 59.30
C ALA G 128 69.94 -82.63 59.05
N THR G 129 71.03 -83.39 58.98
CA THR G 129 70.89 -84.83 58.77
C THR G 129 70.14 -85.48 59.93
N ALA G 130 70.50 -85.12 61.16
CA ALA G 130 69.84 -85.70 62.33
C ALA G 130 68.37 -85.32 62.39
N LEU G 131 68.00 -84.17 61.80
CA LEU G 131 66.60 -83.78 61.80
C LEU G 131 65.73 -84.75 61.01
N ALA G 132 66.32 -85.60 60.19
CA ALA G 132 65.54 -86.61 59.47
C ALA G 132 64.80 -87.54 60.41
N ASP G 133 65.14 -87.55 61.70
CA ASP G 133 64.41 -88.35 62.67
C ASP G 133 62.93 -87.99 62.74
N ALA G 134 62.52 -86.88 62.12
CA ALA G 134 61.10 -86.54 62.05
C ALA G 134 60.41 -87.43 61.02
N VAL G 135 60.35 -88.73 61.32
CA VAL G 135 59.72 -89.70 60.43
C VAL G 135 58.74 -90.56 61.25
N THR G 136 58.78 -90.41 62.57
CA THR G 136 57.86 -91.15 63.43
C THR G 136 56.50 -90.47 63.45
N ALA G 137 55.46 -91.29 63.72
CA ALA G 137 54.09 -90.80 63.79
C ALA G 137 53.70 -90.06 62.52
N ASP G 138 54.11 -90.60 61.38
CA ASP G 138 53.80 -89.99 60.09
C ASP G 138 54.17 -90.93 58.95
N LYS G 144 51.91 -90.42 56.88
CA LYS G 144 51.30 -89.15 56.51
C LYS G 144 52.33 -88.25 55.82
N ALA G 145 52.84 -87.27 56.55
CA ALA G 145 53.81 -86.35 55.96
C ALA G 145 55.19 -87.00 55.89
N THR G 146 56.07 -86.38 55.10
CA THR G 146 57.40 -86.90 54.86
C THR G 146 58.43 -85.81 55.10
N ALA G 147 59.65 -86.23 55.43
CA ALA G 147 60.78 -85.33 55.63
C ALA G 147 61.96 -85.82 54.81
N VAL G 148 62.64 -84.89 54.15
CA VAL G 148 63.74 -85.23 53.25
C VAL G 148 64.93 -84.32 53.51
N ALA G 149 65.97 -84.85 54.15
CA ALA G 149 67.17 -84.07 54.41
C ALA G 149 67.99 -83.90 53.14
N THR G 150 68.77 -82.82 53.08
CA THR G 150 69.64 -82.58 51.94
C THR G 150 71.00 -82.02 52.35
N GLY G 151 71.41 -82.18 53.61
CA GLY G 151 72.73 -81.79 54.05
C GLY G 151 72.85 -80.39 54.62
N THR G 152 71.95 -79.48 54.24
CA THR G 152 71.88 -78.17 54.86
C THR G 152 70.45 -77.74 55.17
N TYR G 153 69.45 -78.43 54.62
CA TYR G 153 68.06 -78.10 54.87
C TYR G 153 67.24 -79.36 54.71
N VAL G 154 66.06 -79.36 55.33
CA VAL G 154 65.14 -80.49 55.27
C VAL G 154 63.88 -80.02 54.56
N THR G 155 63.51 -80.73 53.50
CA THR G 155 62.30 -80.43 52.75
C THR G 155 61.15 -81.29 53.27
N VAL G 156 60.10 -80.63 53.76
CA VAL G 156 58.93 -81.29 54.31
C VAL G 156 57.81 -81.18 53.29
N THR G 157 57.24 -82.31 52.90
CA THR G 157 56.15 -82.36 51.95
C THR G 157 55.03 -83.22 52.53
N ALA G 158 53.81 -82.71 52.47
CA ALA G 158 52.66 -83.47 52.96
C ALA G 158 52.08 -84.32 51.84
N VAL G 159 51.03 -85.06 52.18
CA VAL G 159 50.32 -85.92 51.24
C VAL G 159 48.91 -85.38 51.07
N SER G 160 48.29 -85.74 49.95
CA SER G 160 47.00 -85.17 49.55
C SER G 160 46.05 -84.85 50.69
N PRO G 161 45.67 -85.81 51.55
CA PRO G 161 44.72 -85.50 52.63
C PRO G 161 45.34 -84.86 53.85
N ASN G 162 46.67 -84.87 53.99
CA ASN G 162 47.31 -84.36 55.18
C ASN G 162 47.52 -82.85 55.07
N VAL G 163 47.49 -82.20 56.24
CA VAL G 163 47.79 -80.78 56.35
C VAL G 163 48.91 -80.65 57.38
N VAL G 164 49.93 -79.86 57.04
CA VAL G 164 51.13 -79.72 57.85
C VAL G 164 51.45 -78.25 58.03
N SER G 165 51.76 -77.85 59.26
CA SER G 165 52.21 -76.50 59.57
C SER G 165 53.50 -76.61 60.35
N VAL G 166 54.54 -75.90 59.90
CA VAL G 166 55.87 -75.97 60.50
C VAL G 166 56.21 -74.59 61.03
N GLY G 167 56.60 -74.51 62.29
CA GLY G 167 56.79 -73.24 62.95
C GLY G 167 58.16 -73.15 63.60
N LYS G 168 58.57 -71.91 63.87
CA LYS G 168 59.87 -71.64 64.46
C LYS G 168 59.93 -72.18 65.89
N GLY G 169 61.14 -72.52 66.32
CA GLY G 169 61.40 -72.93 67.68
C GLY G 169 62.58 -72.20 68.27
N ALA G 170 63.38 -72.89 69.09
CA ALA G 170 64.53 -72.26 69.73
C ALA G 170 65.78 -72.29 68.87
N GLY G 171 65.75 -72.97 67.72
CA GLY G 171 66.95 -73.09 66.91
C GLY G 171 67.21 -71.88 66.04
N VAL G 172 68.43 -71.82 65.50
CA VAL G 172 68.84 -70.75 64.61
C VAL G 172 68.63 -71.25 63.18
N TYR G 173 67.44 -71.01 62.65
CA TYR G 173 67.08 -71.47 61.31
C TYR G 173 65.91 -70.63 60.84
N LYS G 174 65.69 -70.66 59.53
CA LYS G 174 64.59 -69.90 58.93
C LYS G 174 63.74 -70.83 58.07
N ILE G 175 62.43 -70.68 58.21
CA ILE G 175 61.45 -71.50 57.51
C ILE G 175 61.07 -70.81 56.22
N VAL G 176 61.12 -71.56 55.12
CA VAL G 176 60.80 -71.03 53.81
C VAL G 176 59.74 -71.91 53.16
N ASN G 177 58.80 -71.29 52.46
CA ASN G 177 57.72 -71.99 51.80
C ASN G 177 57.75 -71.69 50.30
N GLU G 178 57.28 -72.65 49.51
CA GLU G 178 57.19 -72.52 48.07
C GLU G 178 55.80 -72.87 47.60
N SER G 179 55.40 -72.29 46.47
CA SER G 179 54.06 -72.48 45.94
C SER G 179 54.12 -72.45 44.43
N SER G 180 53.11 -73.05 43.80
CA SER G 180 53.02 -73.07 42.35
C SER G 180 52.38 -71.80 41.79
N GLU G 181 51.78 -70.97 42.64
CA GLU G 181 51.09 -69.79 42.17
C GLU G 181 52.02 -68.58 42.22
N THR G 182 51.52 -67.44 41.74
CA THR G 182 52.26 -66.19 41.77
C THR G 182 51.34 -65.09 42.25
N VAL G 183 51.92 -64.08 42.90
CA VAL G 183 51.12 -63.03 43.52
C VAL G 183 50.28 -62.32 42.48
N ALA G 184 50.88 -62.00 41.33
CA ALA G 184 50.20 -61.26 40.27
C ALA G 184 48.96 -61.99 39.74
N THR G 185 48.74 -63.25 40.13
CA THR G 185 47.53 -63.96 39.79
C THR G 185 46.69 -64.34 41.00
N VAL G 186 47.29 -64.47 42.18
CA VAL G 186 46.50 -64.76 43.37
C VAL G 186 45.72 -63.53 43.82
N LEU G 187 46.35 -62.35 43.78
CA LEU G 187 45.69 -61.17 44.35
C LEU G 187 44.35 -60.85 43.70
N PRO G 188 44.21 -60.90 42.37
CA PRO G 188 42.89 -60.63 41.78
C PRO G 188 41.80 -61.55 42.27
N SER G 189 42.13 -62.72 42.80
CA SER G 189 41.15 -63.60 43.40
C SER G 189 40.79 -63.16 44.82
N VAL G 190 41.79 -62.78 45.61
CA VAL G 190 41.51 -62.36 46.98
C VAL G 190 40.68 -61.09 46.99
N ILE G 191 41.02 -60.12 46.14
CA ILE G 191 40.27 -58.87 46.14
C ILE G 191 38.82 -59.12 45.73
N ALA G 192 38.61 -59.97 44.72
CA ALA G 192 37.25 -60.32 44.33
C ALA G 192 36.50 -61.02 45.44
N GLU G 193 37.17 -61.91 46.17
CA GLU G 193 36.54 -62.56 47.32
C GLU G 193 36.09 -61.53 48.35
N ASN G 194 36.97 -60.58 48.67
CA ASN G 194 36.67 -59.57 49.67
C ASN G 194 37.62 -58.40 49.47
N HIS G 195 37.11 -57.18 49.69
CA HIS G 195 37.89 -55.97 49.47
C HIS G 195 37.97 -55.07 50.69
N ASN G 196 37.49 -55.53 51.85
CA ASN G 196 37.40 -54.67 53.03
C ASN G 196 38.69 -54.78 53.85
N TRP G 197 39.77 -54.27 53.26
CA TRP G 197 41.05 -54.18 53.95
C TRP G 197 41.88 -53.11 53.25
N TYR G 198 42.84 -52.55 53.99
CA TYR G 198 43.63 -51.44 53.47
C TYR G 198 45.09 -51.80 53.29
N PHE G 199 45.76 -52.23 54.35
CA PHE G 199 47.18 -52.54 54.24
C PHE G 199 47.38 -53.82 53.44
N LEU G 200 48.59 -53.96 52.88
CA LEU G 200 48.95 -55.10 52.06
C LEU G 200 50.32 -55.62 52.48
N ALA G 201 50.42 -56.94 52.63
CA ALA G 201 51.68 -57.58 52.96
C ALA G 201 51.69 -58.98 52.36
N THR G 202 52.88 -59.55 52.21
CA THR G 202 53.04 -60.83 51.56
C THR G 202 54.17 -61.61 52.22
N GLU G 203 54.15 -62.93 52.02
CA GLU G 203 55.23 -63.77 52.53
C GLU G 203 56.36 -63.91 51.52
N ALA G 204 56.02 -63.96 50.23
CA ALA G 204 57.04 -64.04 49.21
C ALA G 204 57.95 -62.83 49.26
N ARG G 205 59.24 -63.05 49.00
CA ARG G 205 60.21 -61.97 49.13
C ARG G 205 61.07 -61.81 47.89
N SER G 206 60.72 -62.42 46.76
CA SER G 206 61.46 -62.20 45.54
C SER G 206 61.15 -60.82 44.98
N ASP G 207 62.09 -60.29 44.19
CA ASP G 207 61.91 -58.97 43.62
C ASP G 207 60.68 -58.92 42.72
N ALA G 208 60.46 -59.96 41.94
CA ALA G 208 59.28 -59.98 41.07
C ALA G 208 58.00 -59.94 41.88
N ASP G 209 57.91 -60.73 42.94
CA ASP G 209 56.72 -60.71 43.78
C ASP G 209 56.51 -59.36 44.43
N ILE G 210 57.58 -58.76 44.94
CA ILE G 210 57.46 -57.45 45.59
C ILE G 210 56.98 -56.41 44.60
N VAL G 211 57.56 -56.40 43.39
CA VAL G 211 57.16 -55.41 42.40
C VAL G 211 55.73 -55.63 41.95
N ALA G 212 55.32 -56.89 41.81
CA ALA G 212 53.94 -57.17 41.44
C ALA G 212 52.99 -56.68 42.52
N ALA G 213 53.32 -56.91 43.78
CA ALA G 213 52.49 -56.41 44.87
C ALA G 213 52.40 -54.89 44.85
N ALA G 214 53.53 -54.23 44.63
CA ALA G 214 53.53 -52.77 44.58
C ALA G 214 52.64 -52.27 43.45
N GLU G 215 52.75 -52.89 42.27
CA GLU G 215 51.97 -52.43 41.13
C GLU G 215 50.49 -52.68 41.32
N PHE G 216 50.12 -53.79 41.97
CA PHE G 216 48.71 -54.02 42.26
C PHE G 216 48.20 -53.01 43.28
N ALA G 217 48.97 -52.79 44.35
CA ALA G 217 48.52 -51.90 45.42
C ALA G 217 48.35 -50.48 44.89
N LYS G 218 49.31 -49.99 44.12
CA LYS G 218 49.20 -48.62 43.62
C LYS G 218 48.01 -48.46 42.70
N ALA G 219 47.57 -49.53 42.03
CA ALA G 219 46.40 -49.46 41.16
C ALA G 219 45.09 -49.59 41.92
N ASN G 220 45.09 -50.27 43.07
CA ASN G 220 43.88 -50.45 43.85
C ASN G 220 43.79 -49.52 45.06
N TYR G 221 44.64 -48.50 45.13
CA TYR G 221 44.62 -47.55 46.25
C TYR G 221 44.77 -48.27 47.58
N LYS G 222 45.86 -49.03 47.72
CA LYS G 222 46.19 -49.72 48.95
C LYS G 222 47.66 -49.50 49.27
N LEU G 223 47.98 -49.47 50.55
CA LEU G 223 49.33 -49.19 51.01
C LEU G 223 50.10 -50.49 51.08
N HIS G 224 51.22 -50.57 50.35
CA HIS G 224 52.05 -51.76 50.34
C HIS G 224 53.20 -51.62 51.32
N ILE G 225 53.41 -52.66 52.12
CA ILE G 225 54.47 -52.68 53.12
C ILE G 225 55.32 -53.92 52.89
N TYR G 226 56.60 -53.83 53.23
CA TYR G 226 57.50 -54.96 53.07
C TYR G 226 58.80 -54.69 53.81
N ASN G 227 59.40 -55.77 54.30
CA ASN G 227 60.70 -55.73 54.96
C ASN G 227 61.67 -56.63 54.20
N SER G 228 62.90 -56.15 54.06
CA SER G 228 63.92 -56.89 53.32
C SER G 228 65.21 -56.89 54.11
N THR G 229 66.03 -57.90 53.87
CA THR G 229 67.30 -58.07 54.57
C THR G 229 68.50 -57.90 53.63
N ASP G 230 68.26 -57.52 52.38
CA ASP G 230 69.34 -57.38 51.41
C ASP G 230 70.35 -56.34 51.88
N VAL G 231 71.64 -56.68 51.76
CA VAL G 231 72.70 -55.79 52.21
C VAL G 231 72.94 -54.65 51.21
N ASP G 232 72.36 -54.75 50.02
CA ASP G 232 72.48 -53.65 49.07
C ASP G 232 71.82 -52.39 49.59
N ALA G 233 70.97 -52.49 50.61
CA ALA G 233 70.50 -51.29 51.29
C ALA G 233 71.66 -50.54 51.93
N TYR G 234 72.57 -51.26 52.60
CA TYR G 234 73.78 -50.65 53.13
C TYR G 234 74.77 -50.28 52.04
N ALA G 235 74.76 -51.01 50.92
CA ALA G 235 75.77 -50.82 49.90
C ALA G 235 75.97 -49.33 49.60
N PRO G 236 77.18 -48.93 49.20
CA PRO G 236 77.46 -47.51 49.04
C PRO G 236 76.57 -46.87 47.99
N GLU G 237 76.27 -45.58 48.21
CA GLU G 237 75.32 -44.86 47.38
C GLU G 237 75.78 -44.74 45.94
N ASN G 238 77.06 -44.97 45.67
CA ASN G 238 77.58 -44.75 44.31
C ASN G 238 76.75 -45.53 43.29
N SER G 239 76.33 -46.75 43.64
CA SER G 239 75.55 -47.56 42.72
C SER G 239 75.06 -48.79 43.46
N ALA G 240 73.90 -49.29 43.03
CA ALA G 240 73.33 -50.51 43.59
C ALA G 240 72.13 -50.91 42.75
N ALA G 241 71.71 -52.16 42.92
CA ALA G 241 70.62 -52.72 42.14
C ALA G 241 69.66 -53.48 43.08
N SER G 242 69.29 -52.84 44.19
CA SER G 242 68.40 -53.47 45.14
C SER G 242 66.94 -53.18 44.80
N VAL G 243 66.04 -53.92 45.44
CA VAL G 243 64.62 -53.72 45.23
C VAL G 243 64.22 -52.30 45.60
N PHE G 244 64.83 -51.76 46.65
CA PHE G 244 64.61 -50.36 46.98
C PHE G 244 64.92 -49.47 45.80
N ASP G 245 66.01 -49.75 45.10
CA ASP G 245 66.39 -48.92 43.96
C ASP G 245 65.45 -49.12 42.78
N THR G 246 64.99 -50.35 42.55
CA THR G 246 64.03 -50.57 41.47
C THR G 246 62.74 -49.80 41.72
N LEU G 247 62.24 -49.85 42.95
CA LEU G 247 61.04 -49.09 43.29
C LEU G 247 61.29 -47.59 43.21
N LYS G 248 62.48 -47.15 43.62
CA LYS G 248 62.84 -45.74 43.46
C LYS G 248 62.74 -45.33 42.00
N SER G 249 63.30 -46.13 41.11
CA SER G 249 63.26 -45.81 39.68
C SER G 249 61.83 -45.79 39.16
N LEU G 250 61.02 -46.77 39.54
CA LEU G 250 59.64 -46.82 39.06
C LEU G 250 58.74 -45.76 39.70
N SER G 251 59.17 -45.14 40.80
CA SER G 251 58.42 -44.05 41.43
C SER G 251 57.07 -44.53 41.96
N TYR G 252 57.09 -45.57 42.77
CA TYR G 252 55.90 -46.02 43.46
C TYR G 252 55.85 -45.45 44.87
N ASP G 253 54.81 -45.83 45.61
CA ASP G 253 54.57 -45.35 46.95
C ASP G 253 54.72 -46.44 48.02
N SER G 254 55.29 -47.59 47.68
CA SER G 254 55.43 -48.65 48.65
C SER G 254 56.36 -48.23 49.77
N LEU G 255 55.99 -48.58 51.01
CA LEU G 255 56.76 -48.22 52.19
C LEU G 255 57.70 -49.38 52.53
N GLY G 256 59.00 -49.16 52.34
CA GLY G 256 60.00 -50.19 52.54
C GLY G 256 60.86 -49.90 53.76
N THR G 257 61.38 -50.97 54.36
CA THR G 257 62.26 -50.85 55.51
C THR G 257 63.24 -52.01 55.49
N SER G 258 64.45 -51.75 55.98
CA SER G 258 65.51 -52.75 56.00
C SER G 258 65.69 -53.25 57.42
N ASP G 259 65.52 -54.56 57.62
CA ASP G 259 65.66 -55.16 58.93
C ASP G 259 66.46 -56.44 58.79
N ALA G 260 67.21 -56.76 59.85
CA ALA G 260 68.00 -57.99 59.83
C ALA G 260 67.13 -59.23 60.01
N GLY G 261 66.17 -59.18 60.94
CA GLY G 261 65.36 -60.34 61.26
C GLY G 261 64.08 -60.47 60.47
N ALA G 262 63.92 -59.67 59.42
CA ALA G 262 62.66 -59.70 58.67
C ALA G 262 62.38 -61.09 58.10
N ASP G 263 63.38 -61.72 57.51
CA ASP G 263 63.16 -62.97 56.80
C ASP G 263 62.69 -64.09 57.71
N VAL G 264 62.85 -63.97 59.03
CA VAL G 264 62.40 -64.99 59.96
C VAL G 264 61.32 -64.52 60.92
N ASP G 265 61.04 -63.21 61.01
CA ASP G 265 60.05 -62.71 61.95
C ASP G 265 58.90 -61.96 61.30
N PHE G 266 59.00 -61.61 60.02
CA PHE G 266 57.92 -60.93 59.32
C PHE G 266 57.45 -59.71 60.09
N THR G 267 58.36 -58.75 60.24
CA THR G 267 58.13 -57.60 61.10
C THR G 267 57.20 -56.56 60.48
N GLU G 268 56.70 -56.82 59.27
CA GLU G 268 55.66 -55.96 58.72
C GLU G 268 54.50 -55.86 59.69
N GLY G 269 54.23 -56.92 60.43
CA GLY G 269 53.21 -56.86 61.46
C GLY G 269 53.52 -55.83 62.52
N SER G 270 54.76 -55.79 62.99
CA SER G 270 55.13 -54.77 63.97
C SER G 270 55.04 -53.37 63.40
N VAL G 271 55.44 -53.18 62.14
CA VAL G 271 55.32 -51.86 61.54
C VAL G 271 53.86 -51.44 61.48
N ILE G 272 52.97 -52.34 61.07
CA ILE G 272 51.56 -52.01 60.96
C ILE G 272 50.98 -51.73 62.34
N GLY G 273 51.43 -52.47 63.36
CA GLY G 273 50.89 -52.31 64.68
C GLY G 273 51.12 -50.94 65.30
N ALA G 274 52.03 -50.16 64.74
CA ALA G 274 52.33 -48.83 65.26
C ALA G 274 51.63 -47.72 64.50
N MET G 275 50.87 -48.05 63.46
CA MET G 275 50.18 -47.02 62.69
C MET G 275 48.78 -47.40 62.26
N ALA G 276 48.24 -48.54 62.70
CA ALA G 276 46.97 -49.00 62.17
C ALA G 276 45.80 -48.25 62.78
N ALA G 277 45.91 -47.84 64.05
CA ALA G 277 44.75 -47.35 64.79
C ALA G 277 44.64 -45.83 64.82
N ASN G 278 45.74 -45.09 64.73
CA ASN G 278 45.68 -43.64 64.83
C ASN G 278 45.17 -43.04 63.53
N ASP G 279 44.12 -42.24 63.61
CA ASP G 279 43.50 -41.70 62.41
C ASP G 279 44.32 -40.53 61.85
N PRO G 280 44.34 -40.36 60.53
CA PRO G 280 45.16 -39.28 59.95
C PRO G 280 44.66 -37.89 60.27
N SER G 281 43.50 -37.74 60.91
CA SER G 281 42.98 -36.42 61.18
C SER G 281 43.93 -35.61 62.06
N TYR G 282 44.80 -36.27 62.81
CA TYR G 282 45.76 -35.57 63.66
C TYR G 282 47.02 -35.13 62.91
N GLY G 283 47.19 -35.54 61.66
CA GLY G 283 48.40 -35.22 60.94
C GLY G 283 49.65 -35.83 61.54
N ASP G 284 49.49 -36.82 62.43
CA ASP G 284 50.63 -37.40 63.10
C ASP G 284 51.48 -38.21 62.13
N SER G 285 52.79 -38.17 62.32
CA SER G 285 53.73 -38.86 61.47
C SER G 285 54.24 -40.12 62.18
N LEU G 286 55.20 -40.79 61.53
CA LEU G 286 55.73 -42.06 61.99
C LEU G 286 57.16 -41.95 62.49
N HIS G 287 57.63 -40.75 62.84
CA HIS G 287 59.06 -40.52 62.93
C HIS G 287 59.71 -41.29 64.07
N LEU G 288 59.13 -41.25 65.27
CA LEU G 288 59.82 -41.76 66.44
C LEU G 288 59.05 -42.85 67.18
N LYS G 289 58.03 -43.42 66.57
CA LYS G 289 57.18 -44.35 67.30
C LYS G 289 57.92 -45.65 67.57
N THR G 290 57.83 -46.13 68.80
CA THR G 290 58.44 -47.40 69.17
C THR G 290 57.62 -48.55 68.61
N MET G 291 58.32 -49.56 68.10
CA MET G 291 57.69 -50.74 67.49
C MET G 291 58.25 -51.98 68.17
N PRO G 292 57.53 -52.53 69.15
CA PRO G 292 57.99 -53.77 69.78
C PRO G 292 58.13 -54.89 68.77
N GLY G 293 59.18 -55.69 68.92
CA GLY G 293 59.48 -56.81 68.05
C GLY G 293 60.61 -56.54 67.07
N MET G 294 60.85 -55.27 66.75
CA MET G 294 61.93 -54.94 65.83
C MET G 294 63.28 -54.98 66.55
N VAL G 295 64.33 -55.16 65.77
CA VAL G 295 65.69 -55.29 66.28
C VAL G 295 66.49 -54.07 65.86
N PRO G 296 67.22 -53.41 66.76
CA PRO G 296 67.88 -52.16 66.39
C PRO G 296 68.85 -52.34 65.23
N PHE G 297 68.93 -51.32 64.39
CA PHE G 297 69.89 -51.32 63.29
C PHE G 297 71.30 -51.37 63.84
N ALA G 298 72.19 -52.06 63.13
CA ALA G 298 73.53 -52.34 63.63
C ALA G 298 74.65 -51.65 62.86
N GLY G 299 74.41 -51.28 61.60
CA GLY G 299 75.45 -50.69 60.79
C GLY G 299 76.01 -49.41 61.39
N SER G 300 76.95 -48.82 60.65
CA SER G 300 77.61 -47.60 61.08
C SER G 300 76.94 -46.38 60.45
N ASP G 301 77.46 -45.20 60.81
CA ASP G 301 76.85 -43.96 60.34
C ASP G 301 76.95 -43.82 58.83
N THR G 302 78.04 -44.28 58.23
CA THR G 302 78.14 -44.27 56.77
C THR G 302 77.06 -45.13 56.15
N GLN G 303 76.81 -46.31 56.73
CA GLN G 303 75.74 -47.17 56.22
C GLN G 303 74.38 -46.51 56.39
N ARG G 304 74.17 -45.81 57.52
CA ARG G 304 72.91 -45.10 57.69
C ARG G 304 72.73 -44.04 56.60
N SER G 305 73.79 -43.29 56.32
CA SER G 305 73.70 -42.29 55.26
C SER G 305 73.40 -42.96 53.92
N ASN G 306 74.04 -44.09 53.66
CA ASN G 306 73.77 -44.82 52.42
C ASN G 306 72.30 -45.20 52.33
N ALA G 307 71.77 -45.80 53.40
CA ALA G 307 70.39 -46.27 53.39
C ALA G 307 69.42 -45.11 53.19
N TRP G 308 69.67 -43.99 53.86
CA TRP G 308 68.75 -42.86 53.75
C TRP G 308 68.60 -42.41 52.31
N SER G 309 69.60 -42.65 51.47
CA SER G 309 69.50 -42.27 50.07
C SER G 309 68.53 -43.13 49.29
N ARG G 310 68.42 -44.41 49.63
CA ARG G 310 67.53 -45.33 48.92
C ARG G 310 66.12 -45.35 49.49
N ASN G 311 65.83 -44.54 50.50
CA ASN G 311 64.55 -44.59 51.19
C ASN G 311 64.31 -45.95 51.83
N ALA G 312 65.33 -46.49 52.49
CA ALA G 312 65.23 -47.74 53.24
C ALA G 312 65.26 -47.38 54.71
N ASN G 313 64.08 -47.14 55.29
CA ASN G 313 64.00 -46.70 56.67
C ASN G 313 64.55 -47.75 57.60
N ILE G 314 65.17 -47.29 58.70
CA ILE G 314 65.82 -48.16 59.66
C ILE G 314 65.26 -47.88 61.05
N TYR G 315 65.48 -48.83 61.95
CA TYR G 315 64.99 -48.77 63.32
C TYR G 315 66.20 -48.60 64.24
N ARG G 316 66.63 -47.36 64.43
CA ARG G 316 67.81 -47.10 65.24
C ARG G 316 67.48 -47.21 66.72
N GLY G 317 68.43 -47.77 67.47
CA GLY G 317 68.32 -47.83 68.91
C GLY G 317 69.07 -46.69 69.58
N LEU G 318 68.34 -45.80 70.25
CA LEU G 318 68.92 -44.59 70.82
C LEU G 318 68.55 -44.48 72.28
N TYR G 319 69.50 -43.98 73.08
CA TYR G 319 69.25 -43.66 74.48
C TYR G 319 68.54 -44.80 75.19
N GLY G 320 68.98 -46.03 74.93
CA GLY G 320 68.40 -47.18 75.58
C GLY G 320 67.06 -47.62 75.06
N GLY G 321 66.59 -47.07 73.94
CA GLY G 321 65.33 -47.45 73.36
C GLY G 321 65.41 -47.52 71.85
N GLY G 322 64.33 -48.01 71.26
CA GLY G 322 64.21 -48.15 69.81
C GLY G 322 63.28 -47.08 69.26
N SER G 323 63.61 -46.61 68.06
CA SER G 323 62.87 -45.53 67.42
C SER G 323 62.95 -45.66 65.91
N TYR G 324 61.78 -45.62 65.26
CA TYR G 324 61.74 -45.60 63.81
C TYR G 324 62.40 -44.32 63.30
N ILE G 325 62.56 -44.22 61.99
CA ILE G 325 63.26 -43.08 61.39
C ILE G 325 62.54 -42.62 60.14
N GLU G 326 61.72 -41.58 60.28
CA GLU G 326 61.35 -40.68 59.19
C GLU G 326 60.36 -41.26 58.18
N GLY G 327 60.07 -42.55 58.26
CA GLY G 327 58.98 -43.12 57.49
C GLY G 327 58.76 -42.56 56.10
N LYS G 328 59.77 -42.61 55.24
CA LYS G 328 59.64 -42.13 53.86
C LYS G 328 59.26 -43.27 52.93
N THR G 329 58.48 -42.94 51.90
CA THR G 329 58.09 -43.91 50.90
C THR G 329 59.15 -44.03 49.81
N SER G 330 58.80 -44.80 48.77
CA SER G 330 59.77 -45.08 47.72
C SER G 330 60.11 -43.85 46.89
N SER G 331 59.11 -43.03 46.56
CA SER G 331 59.31 -41.89 45.69
C SER G 331 59.74 -40.63 46.43
N GLY G 332 60.17 -40.75 47.69
CA GLY G 332 60.62 -39.62 48.46
C GLY G 332 59.54 -38.96 49.30
N GLN G 333 58.27 -39.19 48.98
CA GLN G 333 57.18 -38.59 49.72
C GLN G 333 57.06 -39.22 51.11
N TYR G 334 56.50 -38.47 52.04
CA TYR G 334 56.25 -38.99 53.37
C TYR G 334 55.02 -39.90 53.35
N VAL G 335 55.00 -40.84 54.29
CA VAL G 335 53.89 -41.79 54.34
C VAL G 335 52.61 -41.11 54.79
N ASP G 336 52.71 -40.19 55.76
CA ASP G 336 51.50 -39.66 56.38
C ASP G 336 50.69 -38.82 55.42
N VAL G 337 51.32 -38.12 54.48
CA VAL G 337 50.55 -37.35 53.51
C VAL G 337 49.73 -38.28 52.62
N ILE G 338 50.35 -39.35 52.14
CA ILE G 338 49.63 -40.33 51.32
C ILE G 338 48.45 -40.89 52.10
N ARG G 339 48.71 -41.29 53.35
CA ARG G 339 47.65 -41.90 54.15
C ARG G 339 46.53 -40.90 54.41
N PHE G 340 46.87 -39.63 54.64
CA PHE G 340 45.85 -38.62 54.87
C PHE G 340 44.99 -38.44 53.63
N SER G 341 45.60 -38.39 52.46
CA SER G 341 44.82 -38.25 51.23
C SER G 341 43.86 -39.42 51.06
N HIS G 342 44.35 -40.64 51.31
CA HIS G 342 43.47 -41.79 51.18
C HIS G 342 42.32 -41.74 52.19
N TRP G 343 42.62 -41.32 53.42
CA TRP G 343 41.58 -41.22 54.43
C TRP G 343 40.51 -40.23 54.00
N VAL G 344 40.92 -39.08 53.47
CA VAL G 344 39.95 -38.10 52.99
C VAL G 344 39.10 -38.71 51.89
N LYS G 345 39.71 -39.41 50.94
CA LYS G 345 38.96 -40.03 49.86
C LYS G 345 37.88 -40.94 50.42
N PHE G 346 38.27 -41.87 51.29
CA PHE G 346 37.32 -42.86 51.79
C PHE G 346 36.23 -42.21 52.62
N ARG G 347 36.59 -41.23 53.46
CA ARG G 347 35.58 -40.58 54.30
C ARG G 347 34.56 -39.83 53.45
N MET G 348 35.02 -39.11 52.43
CA MET G 348 34.07 -38.40 51.58
C MET G 348 33.16 -39.38 50.85
N GLU G 349 33.72 -40.48 50.34
CA GLU G 349 32.87 -41.49 49.69
C GLU G 349 31.79 -41.97 50.65
N GLU G 350 32.19 -42.35 51.86
CA GLU G 350 31.24 -42.89 52.82
C GLU G 350 30.17 -41.87 53.19
N SER G 351 30.56 -40.63 53.44
CA SER G 351 29.61 -39.60 53.85
C SER G 351 28.60 -39.34 52.74
N VAL G 352 29.07 -39.19 51.51
CA VAL G 352 28.15 -38.92 50.42
C VAL G 352 27.19 -40.09 50.23
N PHE G 353 27.70 -41.32 50.29
CA PHE G 353 26.81 -42.46 50.14
C PHE G 353 25.75 -42.48 51.24
N ALA G 354 26.16 -42.24 52.48
CA ALA G 354 25.21 -42.28 53.58
C ALA G 354 24.12 -41.24 53.40
N TYR G 355 24.50 -40.00 53.09
CA TYR G 355 23.49 -38.96 52.93
C TYR G 355 22.57 -39.26 51.74
N MET G 356 23.15 -39.70 50.62
CA MET G 356 22.33 -39.98 49.44
C MET G 356 21.41 -41.17 49.67
N LYS G 357 21.80 -42.11 50.51
CA LYS G 357 20.94 -43.25 50.81
C LYS G 357 19.81 -42.84 51.76
N ARG G 358 20.12 -42.01 52.75
CA ARG G 358 19.06 -41.53 53.64
C ARG G 358 18.05 -40.71 52.88
N ARG G 359 18.51 -39.85 51.97
CA ARG G 359 17.60 -39.06 51.16
C ARG G 359 16.68 -39.92 50.31
N SER G 360 17.16 -41.06 49.83
CA SER G 360 16.37 -41.93 48.96
C SER G 360 15.51 -42.92 49.73
N ASP G 361 15.82 -43.20 51.00
CA ASP G 361 14.92 -44.03 51.80
C ASP G 361 13.54 -43.42 51.84
N MET G 362 13.45 -42.12 52.11
CA MET G 362 12.23 -41.39 51.85
C MET G 362 12.04 -41.24 50.35
N GLY G 363 10.83 -40.88 49.93
CA GLY G 363 10.57 -40.68 48.52
C GLY G 363 11.06 -39.32 48.04
N LEU G 364 12.19 -38.88 48.58
CA LEU G 364 12.69 -37.53 48.42
C LEU G 364 14.08 -37.52 47.80
N SER G 365 14.27 -38.31 46.75
CA SER G 365 15.58 -38.48 46.15
C SER G 365 16.13 -37.16 45.65
N MET G 366 17.45 -36.99 45.74
CA MET G 366 18.10 -35.77 45.32
C MET G 366 17.97 -35.60 43.82
N LYS G 367 17.39 -34.49 43.40
CA LYS G 367 17.26 -34.19 41.98
C LYS G 367 18.42 -33.33 41.49
N MET G 368 18.51 -33.19 40.17
CA MET G 368 19.57 -32.41 39.54
C MET G 368 19.04 -31.01 39.19
N SER G 369 18.93 -30.18 40.23
CA SER G 369 18.44 -28.82 40.07
C SER G 369 19.20 -27.90 41.01
N ASP G 370 19.16 -26.60 40.71
CA ASP G 370 19.90 -25.61 41.48
C ASP G 370 19.33 -25.41 42.88
N GLU G 371 18.14 -25.94 43.16
CA GLU G 371 17.56 -25.82 44.50
C GLU G 371 18.03 -26.91 45.45
N ASP G 372 18.80 -27.88 44.97
CA ASP G 372 19.25 -29.01 45.77
C ASP G 372 20.76 -29.18 45.80
N LEU G 373 21.44 -28.82 44.72
CA LEU G 373 22.87 -29.08 44.62
C LEU G 373 23.68 -28.51 45.77
N PRO G 374 23.42 -27.30 46.27
CA PRO G 374 24.33 -26.71 47.27
C PRO G 374 24.51 -27.55 48.52
N VAL G 375 23.53 -28.35 48.92
CA VAL G 375 23.60 -29.03 50.21
C VAL G 375 24.85 -29.88 50.34
N LEU G 376 25.46 -30.27 49.22
CA LEU G 376 26.72 -31.00 49.30
C LEU G 376 27.76 -30.24 50.10
N LYS G 377 27.70 -28.92 50.09
CA LYS G 377 28.66 -28.13 50.87
C LYS G 377 28.62 -28.53 52.33
N SER G 378 27.44 -28.48 52.95
CA SER G 378 27.33 -28.85 54.35
C SER G 378 27.57 -30.34 54.55
N VAL G 379 27.09 -31.17 53.63
CA VAL G 379 27.25 -32.62 53.78
C VAL G 379 28.74 -32.97 53.86
N LEU G 380 29.54 -32.36 52.99
CA LEU G 380 30.97 -32.64 52.99
C LEU G 380 31.68 -31.94 54.13
N MET G 381 31.23 -30.74 54.50
CA MET G 381 31.88 -30.04 55.60
C MET G 381 31.74 -30.81 56.90
N ASN G 382 30.58 -31.44 57.11
CA ASN G 382 30.33 -32.08 58.39
C ASN G 382 31.30 -33.23 58.64
N ASN G 383 31.17 -34.33 57.91
CA ASN G 383 31.83 -35.56 58.32
C ASN G 383 33.33 -35.56 58.02
N PRO G 384 33.77 -35.41 56.77
CA PRO G 384 35.20 -35.59 56.50
C PRO G 384 36.09 -34.42 56.94
N ILE G 385 35.66 -33.18 56.72
CA ILE G 385 36.58 -32.04 56.78
C ILE G 385 36.63 -31.43 58.17
N ASN G 386 35.47 -31.22 58.79
CA ASN G 386 35.44 -30.53 60.07
C ASN G 386 36.19 -31.30 61.15
N ILE G 387 36.18 -32.63 61.09
CA ILE G 387 36.93 -33.41 62.06
C ILE G 387 38.41 -33.14 61.92
N GLY G 388 38.90 -33.07 60.68
CA GLY G 388 40.31 -32.75 60.48
C GLY G 388 40.65 -31.37 60.99
N ILE G 389 39.82 -30.38 60.69
CA ILE G 389 40.09 -29.02 61.17
C ILE G 389 40.09 -28.99 62.70
N ARG G 390 39.20 -29.75 63.32
CA ARG G 390 39.16 -29.78 64.79
C ARG G 390 40.42 -30.40 65.35
N ASN G 391 40.79 -31.58 64.87
CA ASN G 391 41.89 -32.33 65.46
C ASN G 391 43.26 -31.77 65.10
N GLY G 392 43.35 -30.95 64.06
CA GLY G 392 44.58 -30.27 63.73
C GLY G 392 45.30 -30.81 62.51
N GLY G 393 44.74 -31.75 61.76
CA GLY G 393 45.40 -32.26 60.58
C GLY G 393 45.37 -31.30 59.41
N ILE G 394 44.40 -30.41 59.36
CA ILE G 394 44.23 -29.46 58.26
C ILE G 394 44.62 -28.08 58.76
N LEU G 395 45.46 -27.40 57.98
CA LEU G 395 45.89 -26.05 58.34
C LEU G 395 44.83 -25.04 57.95
N THR G 396 44.63 -24.05 58.82
CA THR G 396 43.67 -22.98 58.56
C THR G 396 44.28 -21.66 59.01
N GLY G 397 43.75 -20.57 58.45
CA GLY G 397 44.24 -19.25 58.78
C GLY G 397 44.57 -18.44 57.54
N TYR G 398 45.49 -17.49 57.69
CA TYR G 398 45.86 -16.56 56.63
C TYR G 398 47.36 -16.58 56.47
N ASP G 399 47.82 -16.43 55.24
CA ASP G 399 49.26 -16.47 54.95
C ASP G 399 49.91 -15.13 55.27
N ASN G 402 52.13 -12.68 52.40
CA ASN G 402 51.40 -13.13 51.22
C ASN G 402 49.93 -12.78 51.36
N LYS G 403 49.14 -13.07 50.32
CA LYS G 403 47.75 -12.64 50.24
C LYS G 403 46.83 -13.84 49.98
N VAL G 404 47.03 -14.92 50.71
CA VAL G 404 46.25 -16.14 50.51
C VAL G 404 45.85 -16.70 51.87
N SER G 405 44.75 -17.45 51.88
CA SER G 405 44.24 -18.10 53.08
C SER G 405 44.21 -19.61 52.87
N TYR G 406 44.35 -20.35 53.98
CA TYR G 406 44.44 -21.80 53.93
C TYR G 406 43.11 -22.50 54.18
N ASP G 407 42.02 -21.76 54.32
CA ASP G 407 40.75 -22.39 54.65
C ASP G 407 40.34 -23.35 53.54
N PRO G 408 39.85 -24.54 53.87
CA PRO G 408 39.36 -25.45 52.82
C PRO G 408 38.19 -24.84 52.08
N THR G 409 38.10 -25.16 50.79
CA THR G 409 37.10 -24.57 49.91
C THR G 409 36.40 -25.67 49.14
N ILE G 410 35.10 -25.48 48.89
CA ILE G 410 34.29 -26.41 48.13
C ILE G 410 33.58 -25.63 47.03
N ILE G 411 33.68 -26.13 45.80
CA ILE G 411 33.10 -25.46 44.63
C ILE G 411 32.19 -26.46 43.94
N ILE G 412 30.98 -26.01 43.60
CA ILE G 412 29.98 -26.88 43.00
C ILE G 412 29.43 -26.21 41.74
N PRO G 413 29.20 -26.94 40.65
CA PRO G 413 28.67 -26.32 39.45
C PRO G 413 27.17 -26.07 39.53
N LYS G 414 26.68 -25.30 38.57
CA LYS G 414 25.26 -25.00 38.45
C LYS G 414 24.65 -25.80 37.31
N ARG G 415 23.33 -25.90 37.32
CA ARG G 415 22.65 -26.72 36.31
C ARG G 415 22.92 -26.20 34.91
N ALA G 416 23.13 -24.90 34.74
CA ALA G 416 23.40 -24.36 33.41
C ALA G 416 24.73 -24.83 32.86
N ASN G 417 25.69 -25.15 33.72
CA ASN G 417 27.02 -25.55 33.28
C ASN G 417 27.15 -27.04 33.03
N ILE G 418 26.15 -27.84 33.39
CA ILE G 418 26.26 -29.29 33.25
C ILE G 418 26.02 -29.67 31.78
N PRO G 419 26.93 -30.43 31.15
CA PRO G 419 26.70 -30.82 29.76
C PRO G 419 25.45 -31.67 29.61
N THR G 420 24.82 -31.56 28.43
CA THR G 420 23.61 -32.33 28.16
C THR G 420 23.89 -33.83 28.19
N ASN G 421 25.06 -34.25 27.74
CA ASN G 421 25.40 -35.67 27.83
C ASN G 421 25.46 -36.15 29.27
N ASP G 422 26.04 -35.33 30.17
CA ASP G 422 26.04 -35.66 31.58
C ASP G 422 24.63 -35.68 32.15
N LEU G 423 23.76 -34.76 31.72
CA LEU G 423 22.37 -34.83 32.14
C LEU G 423 21.74 -36.15 31.73
N ALA G 424 21.95 -36.55 30.47
CA ALA G 424 21.37 -37.79 29.99
C ALA G 424 21.89 -38.98 30.78
N ALA G 425 23.19 -39.02 31.05
CA ALA G 425 23.80 -40.11 31.80
C ALA G 425 23.50 -40.05 33.28
N ARG G 426 22.97 -38.93 33.78
CA ARG G 426 22.68 -38.76 35.20
C ARG G 426 23.95 -38.86 36.03
N ILE G 427 24.93 -38.01 35.69
CA ILE G 427 26.23 -37.99 36.35
C ILE G 427 26.65 -36.55 36.59
N LEU G 428 27.25 -36.29 37.75
CA LEU G 428 27.71 -34.97 38.14
C LEU G 428 29.23 -34.98 38.17
N ARG G 429 29.84 -34.02 37.48
CA ARG G 429 31.29 -33.94 37.37
C ARG G 429 31.82 -32.62 37.92
N ASP G 430 33.14 -32.57 38.06
CA ASP G 430 33.86 -31.35 38.43
C ASP G 430 33.39 -30.76 39.75
N VAL G 431 33.16 -31.61 40.74
CA VAL G 431 33.09 -31.14 42.12
C VAL G 431 34.51 -31.15 42.69
N LYS G 432 34.96 -30.00 43.17
CA LYS G 432 36.36 -29.81 43.53
C LYS G 432 36.48 -29.44 44.99
N VAL G 433 37.57 -29.89 45.62
CA VAL G 433 37.89 -29.58 47.01
C VAL G 433 39.36 -29.21 47.09
N GLU G 434 39.72 -28.45 48.10
CA GLU G 434 41.11 -28.03 48.31
C GLU G 434 41.39 -27.93 49.80
N LEU G 435 42.58 -28.35 50.20
CA LEU G 435 42.98 -28.35 51.60
C LEU G 435 44.46 -28.04 51.71
N VAL G 436 44.93 -27.92 52.95
CA VAL G 436 46.35 -27.79 53.25
C VAL G 436 46.66 -28.72 54.43
N TYR G 437 47.78 -29.43 54.32
CA TYR G 437 48.19 -30.41 55.33
C TYR G 437 49.13 -29.74 56.31
N ASN G 438 49.02 -30.11 57.59
CA ASN G 438 49.78 -29.49 58.67
C ASN G 438 50.79 -30.50 59.20
N ASN G 439 51.97 -30.51 58.59
CA ASN G 439 52.99 -31.51 58.87
C ASN G 439 53.61 -31.30 60.26
N SER G 440 54.37 -32.29 60.69
CA SER G 440 54.99 -32.30 62.01
C SER G 440 56.49 -32.04 61.92
N LEU G 441 57.12 -31.96 63.08
CA LEU G 441 58.54 -31.63 63.18
C LEU G 441 59.38 -32.89 63.36
N HIS G 442 60.57 -32.89 62.78
CA HIS G 442 61.48 -34.04 62.85
C HIS G 442 62.83 -33.74 63.45
N TYR G 443 63.47 -32.63 63.07
CA TYR G 443 64.85 -32.36 63.48
C TYR G 443 64.96 -30.97 64.09
N VAL G 444 65.96 -30.80 64.95
CA VAL G 444 66.23 -29.55 65.64
C VAL G 444 67.74 -29.36 65.74
N LYS G 445 68.20 -28.12 65.57
CA LYS G 445 69.60 -27.78 65.65
C LYS G 445 69.79 -26.54 66.53
N ILE G 446 70.89 -26.50 67.27
CA ILE G 446 71.14 -25.47 68.27
C ILE G 446 72.54 -24.91 68.06
N ARG G 447 72.77 -23.69 68.54
CA ARG G 447 74.06 -23.02 68.37
C ARG G 447 74.61 -22.51 69.70
N ALA G 448 74.64 -23.38 70.72
CA ALA G 448 75.09 -22.98 72.04
C ALA G 448 76.45 -22.32 71.98
N SER G 449 76.76 -21.53 73.00
CA SER G 449 78.05 -20.86 73.11
C SER G 449 78.36 -20.63 74.58
N VAL G 450 79.62 -20.83 74.93
CA VAL G 450 80.11 -20.65 76.30
C VAL G 450 81.17 -19.55 76.27
N VAL G 451 81.05 -18.59 77.19
CA VAL G 451 81.93 -17.43 77.22
C VAL G 451 82.35 -17.15 78.65
N LEU G 452 83.47 -16.45 78.78
CA LEU G 452 83.93 -15.96 80.07
C LEU G 452 83.34 -14.60 80.43
N ASP G 453 82.67 -13.94 79.49
CA ASP G 453 82.05 -12.64 79.74
C ASP G 453 81.22 -12.27 78.53
N ARG G 454 80.62 -11.08 78.60
CA ARG G 454 79.82 -10.54 77.52
C ARG G 454 80.34 -9.17 77.10
N PRO G 455 80.10 -8.75 75.86
CA PRO G 455 80.59 -7.44 75.41
C PRO G 455 79.96 -6.29 76.18
N SER G 459 75.40 -1.31 68.51
CA SER G 459 75.09 0.11 68.46
C SER G 459 73.76 0.40 69.16
N THR G 460 73.71 1.55 69.84
CA THR G 460 72.50 1.96 70.55
C THR G 460 71.73 2.94 69.67
N ASN G 461 70.80 2.39 68.90
CA ASN G 461 69.97 3.21 68.03
C ASN G 461 68.70 3.64 68.74
N ALA G 462 67.99 2.71 69.37
CA ALA G 462 66.82 3.01 70.18
C ALA G 462 65.82 3.87 69.39
N GLN G 463 65.64 3.54 68.13
CA GLN G 463 64.71 4.23 67.26
C GLN G 463 63.83 3.19 66.56
N THR G 464 62.53 3.43 66.59
CA THR G 464 61.58 2.44 66.08
C THR G 464 61.81 2.22 64.59
N PRO G 465 61.97 0.97 64.13
CA PRO G 465 62.15 0.74 62.69
C PRO G 465 60.87 0.95 61.90
N GLU H 3 65.57 -73.56 95.96
CA GLU H 3 65.36 -72.26 96.58
C GLU H 3 65.06 -72.40 98.07
N TYR H 4 65.13 -73.63 98.57
CA TYR H 4 64.92 -73.87 99.99
C TYR H 4 65.99 -73.15 100.81
N GLN H 5 65.57 -72.52 101.90
CA GLN H 5 66.47 -71.78 102.77
C GLN H 5 66.36 -72.39 104.17
N ASP H 6 67.37 -73.16 104.56
CA ASP H 6 67.31 -73.93 105.79
C ASP H 6 67.34 -73.06 107.04
N LYS H 7 67.68 -71.78 106.92
CA LYS H 7 67.87 -70.93 108.09
C LYS H 7 67.01 -69.70 107.97
N VAL H 8 66.25 -69.39 109.04
CA VAL H 8 65.42 -68.21 109.04
C VAL H 8 66.26 -66.93 109.05
N VAL H 9 67.37 -66.93 109.80
CA VAL H 9 68.29 -65.80 109.83
C VAL H 9 69.70 -66.35 109.73
N ASP H 10 70.50 -65.77 108.84
CA ASP H 10 71.87 -66.21 108.62
C ASP H 10 72.78 -65.00 108.54
N VAL H 11 74.02 -65.19 109.00
CA VAL H 11 75.00 -64.12 109.08
C VAL H 11 76.31 -64.63 108.49
N GLU H 12 77.02 -63.75 107.80
CA GLU H 12 78.29 -64.14 107.17
C GLU H 12 79.49 -63.90 108.06
N VAL H 13 79.53 -62.78 108.78
CA VAL H 13 80.65 -62.46 109.67
C VAL H 13 81.94 -62.51 108.85
N SER H 14 81.89 -62.00 107.63
CA SER H 14 83.03 -62.01 106.74
C SER H 14 84.11 -61.05 107.22
N LEU H 15 85.20 -61.59 107.78
CA LEU H 15 86.30 -60.76 108.28
C LEU H 15 86.81 -59.82 107.20
N PHE H 25 78.67 -42.25 86.68
CA PHE H 25 80.07 -41.95 86.47
C PHE H 25 80.48 -42.35 85.05
N GLU H 26 81.46 -41.65 84.49
CA GLU H 26 81.95 -42.01 83.17
C GLU H 26 82.98 -43.14 83.27
N THR H 27 83.06 -43.93 82.21
CA THR H 27 83.94 -45.08 82.20
C THR H 27 85.05 -44.90 81.17
N PRO H 28 86.31 -45.16 81.53
CA PRO H 28 87.39 -45.10 80.54
C PRO H 28 87.50 -46.37 79.73
N MET H 29 88.31 -46.30 78.69
CA MET H 29 88.58 -47.45 77.82
C MET H 29 90.06 -47.47 77.49
N PHE H 30 90.71 -48.60 77.75
CA PHE H 30 92.14 -48.76 77.52
C PHE H 30 92.33 -49.76 76.38
N LEU H 31 93.07 -49.36 75.35
CA LEU H 31 93.24 -50.19 74.16
C LEU H 31 94.50 -51.02 74.32
N ALA H 32 94.41 -52.08 75.10
CA ALA H 32 95.54 -52.99 75.29
C ALA H 32 95.68 -53.92 74.09
N MET H 33 96.83 -54.59 74.03
CA MET H 33 97.11 -55.59 73.00
C MET H 33 97.32 -56.93 73.69
N HIS H 34 96.49 -57.90 73.34
CA HIS H 34 96.46 -59.18 74.03
C HIS H 34 95.57 -60.13 73.24
N GLY H 35 95.39 -61.33 73.78
CA GLY H 35 94.50 -62.31 73.18
C GLY H 35 93.71 -63.09 74.21
N ASN H 36 93.41 -62.45 75.35
CA ASN H 36 92.79 -63.13 76.47
C ASN H 36 91.29 -63.35 76.29
N PHE H 37 90.65 -62.67 75.33
CA PHE H 37 89.24 -62.89 75.07
C PHE H 37 88.95 -62.48 73.64
N PRO H 38 87.89 -63.00 73.03
CA PRO H 38 87.63 -62.72 71.61
C PRO H 38 87.00 -61.36 71.34
N GLU H 39 86.16 -60.89 72.25
CA GLU H 39 85.44 -59.64 72.01
C GLU H 39 86.41 -58.48 71.87
N ARG H 40 85.98 -57.48 71.10
CA ARG H 40 86.80 -56.28 70.93
C ARG H 40 86.78 -55.38 72.16
N ILE H 41 85.95 -55.69 73.16
CA ILE H 41 85.86 -54.89 74.37
C ILE H 41 85.20 -55.71 75.47
N ARG H 42 85.57 -55.42 76.71
CA ARG H 42 84.96 -56.04 77.88
C ARG H 42 84.98 -55.05 79.03
N PHE H 43 84.12 -55.31 80.01
CA PHE H 43 83.98 -54.43 81.17
C PHE H 43 84.25 -55.21 82.45
N TYR H 44 85.18 -54.70 83.26
CA TYR H 44 85.55 -55.30 84.53
C TYR H 44 85.25 -54.33 85.66
N VAL H 45 84.94 -54.89 86.83
CA VAL H 45 84.69 -54.08 88.02
C VAL H 45 85.87 -54.07 88.98
N SER H 46 86.94 -54.80 88.69
CA SER H 46 88.14 -54.81 89.52
C SER H 46 89.18 -55.68 88.83
N THR H 47 90.41 -55.62 89.34
CA THR H 47 91.48 -56.46 88.81
C THR H 47 91.29 -57.92 89.17
N ALA H 48 90.46 -58.22 90.17
CA ALA H 48 90.15 -59.61 90.48
C ALA H 48 89.42 -60.26 89.31
N GLY H 49 88.51 -59.53 88.67
CA GLY H 49 87.90 -60.02 87.47
C GLY H 49 88.86 -60.18 86.31
N MET H 50 89.86 -59.30 86.23
CA MET H 50 90.85 -59.38 85.16
C MET H 50 91.72 -60.62 85.30
N VAL H 51 92.24 -60.87 86.51
CA VAL H 51 93.13 -62.01 86.70
C VAL H 51 92.40 -63.31 86.36
N ALA H 52 91.11 -63.41 86.68
CA ALA H 52 90.36 -64.60 86.33
C ALA H 52 90.35 -64.84 84.83
N ASP H 53 90.59 -63.81 84.03
CA ASP H 53 90.69 -63.96 82.59
C ASP H 53 92.12 -64.25 82.13
N GLY H 54 93.04 -64.41 83.08
CA GLY H 54 94.41 -64.74 82.75
C GLY H 54 95.35 -63.55 82.60
N PHE H 55 94.96 -62.37 83.05
CA PHE H 55 95.82 -61.21 82.92
C PHE H 55 96.99 -61.31 83.88
N ALA H 56 98.20 -61.34 83.33
CA ALA H 56 99.40 -61.44 84.16
C ALA H 56 99.55 -60.19 85.00
N VAL H 57 99.79 -60.39 86.30
CA VAL H 57 99.96 -59.25 87.21
C VAL H 57 101.13 -58.41 86.72
N GLY H 58 100.94 -57.09 86.73
CA GLY H 58 101.94 -56.19 86.22
C GLY H 58 101.88 -55.94 84.73
N SER H 59 100.97 -56.59 84.02
CA SER H 59 100.78 -56.32 82.61
C SER H 59 100.14 -54.94 82.43
N PRO H 60 100.39 -54.28 81.30
CA PRO H 60 99.92 -52.89 81.15
C PRO H 60 98.45 -52.68 81.49
N ALA H 61 97.58 -53.55 81.00
CA ALA H 61 96.16 -53.40 81.29
C ALA H 61 95.87 -53.56 82.77
N TYR H 62 96.51 -54.52 83.44
CA TYR H 62 96.31 -54.67 84.87
C TYR H 62 96.80 -53.43 85.62
N GLN H 63 97.95 -52.89 85.22
CA GLN H 63 98.48 -51.70 85.88
C GLN H 63 97.52 -50.52 85.72
N PHE H 64 96.99 -50.34 84.50
CA PHE H 64 96.07 -49.22 84.29
C PHE H 64 94.83 -49.36 85.15
N ALA H 65 94.26 -50.56 85.21
CA ALA H 65 93.05 -50.76 86.01
C ALA H 65 93.32 -50.50 87.49
N THR H 66 94.43 -51.05 88.01
CA THR H 66 94.69 -50.89 89.43
C THR H 66 95.00 -49.44 89.77
N ASN H 67 95.66 -48.70 88.87
CA ASN H 67 95.86 -47.28 89.11
C ASN H 67 94.52 -46.54 89.10
N ALA H 68 93.65 -46.86 88.14
CA ALA H 68 92.38 -46.15 88.04
C ALA H 68 91.51 -46.36 89.26
N PHE H 69 91.43 -47.60 89.75
CA PHE H 69 90.47 -47.92 90.79
C PHE H 69 90.81 -47.30 92.15
N ALA H 70 92.02 -46.82 92.35
CA ALA H 70 92.44 -46.30 93.64
C ALA H 70 92.25 -44.79 93.79
N GLY H 71 91.81 -44.09 92.74
CA GLY H 71 91.67 -42.66 92.83
C GLY H 71 90.54 -42.24 93.73
N ASN H 72 90.56 -40.96 94.13
CA ASN H 72 89.50 -40.40 94.95
C ASN H 72 88.19 -40.27 94.20
N PHE H 73 88.23 -40.18 92.87
CA PHE H 73 87.03 -40.11 92.04
C PHE H 73 86.98 -41.30 91.09
N ALA H 74 87.44 -42.46 91.55
CA ALA H 74 87.62 -43.60 90.66
C ALA H 74 86.27 -44.07 90.13
N PRO H 75 86.22 -44.61 88.91
CA PRO H 75 84.99 -45.25 88.44
C PRO H 75 84.92 -46.68 88.94
N GLN H 76 83.79 -47.34 88.62
CA GLN H 76 83.58 -48.72 88.98
C GLN H 76 83.38 -49.64 87.78
N ARG H 77 83.73 -49.18 86.57
CA ARG H 77 83.78 -50.04 85.40
C ARG H 77 84.88 -49.54 84.48
N VAL H 78 85.79 -50.46 84.12
CA VAL H 78 86.93 -50.16 83.26
C VAL H 78 86.79 -51.00 82.00
N ALA H 79 86.90 -50.35 80.85
CA ALA H 79 86.78 -51.04 79.57
C ALA H 79 88.15 -51.32 79.00
N ILE H 80 88.35 -52.55 78.54
CA ILE H 80 89.61 -53.00 77.97
C ILE H 80 89.38 -53.29 76.49
N GLY H 81 90.16 -52.63 75.63
CA GLY H 81 90.16 -52.94 74.21
C GLY H 81 90.99 -54.17 73.92
N ARG H 82 91.15 -54.46 72.63
CA ARG H 82 91.93 -55.63 72.23
C ARG H 82 92.45 -55.41 70.81
N MET H 83 93.75 -55.26 70.68
CA MET H 83 94.42 -55.45 69.40
C MET H 83 95.26 -56.71 69.47
N SER H 84 95.05 -57.62 68.52
CA SER H 84 95.64 -58.95 68.60
C SER H 84 97.15 -58.83 68.84
N ILE H 85 97.62 -59.49 69.90
CA ILE H 85 99.03 -59.40 70.26
C ILE H 85 99.86 -60.24 69.29
N ASP H 86 101.01 -59.70 68.90
CA ASP H 86 101.94 -60.41 68.03
C ASP H 86 103.05 -61.06 68.84
N SER H 87 103.76 -60.28 69.65
CA SER H 87 104.84 -60.79 70.48
C SER H 87 105.05 -59.82 71.64
N SER H 88 106.01 -60.14 72.49
CA SER H 88 106.34 -59.30 73.63
C SER H 88 107.85 -59.28 73.82
N LYS H 89 108.33 -58.23 74.46
CA LYS H 89 109.76 -58.05 74.70
C LYS H 89 109.97 -57.64 76.15
N VAL H 90 111.17 -57.92 76.65
CA VAL H 90 111.59 -57.53 77.99
C VAL H 90 113.03 -57.03 77.89
N ASP H 91 113.21 -55.72 77.98
CA ASP H 91 114.51 -55.09 77.78
C ASP H 91 115.13 -54.70 79.11
N PHE H 92 116.45 -54.84 79.21
CA PHE H 92 117.20 -54.50 80.42
C PHE H 92 118.26 -53.45 80.14
N THR H 93 117.98 -52.50 79.25
CA THR H 93 118.93 -51.42 79.00
C THR H 93 119.28 -50.69 80.29
N GLY H 94 118.34 -50.60 81.22
CA GLY H 94 118.64 -50.05 82.53
C GLY H 94 119.23 -51.13 83.42
N THR H 95 120.32 -50.81 84.11
CA THR H 95 120.99 -51.78 84.95
C THR H 95 120.14 -52.10 86.18
N THR H 96 120.56 -53.11 86.92
CA THR H 96 119.82 -53.57 88.08
C THR H 96 120.73 -54.25 89.09
N GLU H 99 120.08 -56.13 92.98
CA GLU H 99 120.51 -56.98 91.88
C GLU H 99 119.43 -57.99 91.51
N GLN H 100 118.50 -58.23 92.43
CA GLN H 100 117.47 -59.22 92.20
C GLN H 100 116.53 -58.79 91.08
N VAL H 101 116.10 -59.75 90.27
CA VAL H 101 115.15 -59.53 89.19
C VAL H 101 114.10 -60.62 89.22
N VAL H 102 112.85 -60.24 88.98
CA VAL H 102 111.73 -61.18 88.94
C VAL H 102 110.82 -60.78 87.80
N VAL H 103 110.16 -61.76 87.19
CA VAL H 103 109.22 -61.53 86.10
C VAL H 103 108.01 -62.41 86.31
N ASN H 104 106.82 -61.86 86.11
CA ASN H 104 105.58 -62.61 86.16
C ASN H 104 105.14 -62.94 84.74
N ILE H 105 105.10 -64.23 84.43
CA ILE H 105 104.74 -64.71 83.10
C ILE H 105 103.65 -65.76 83.26
N THR H 106 102.61 -65.66 82.42
CA THR H 106 101.44 -66.51 82.52
C THR H 106 101.24 -67.26 81.22
N LEU H 107 101.29 -68.58 81.29
CA LEU H 107 100.90 -69.44 80.19
C LEU H 107 99.40 -69.66 80.24
N ASN H 108 98.88 -70.50 79.34
CA ASN H 108 97.45 -70.75 79.33
C ASN H 108 96.98 -71.22 80.69
N LYS H 109 96.20 -70.39 81.37
CA LYS H 109 95.61 -70.74 82.66
C LYS H 109 96.65 -71.02 83.74
N VAL H 110 97.93 -70.77 83.45
CA VAL H 110 99.03 -71.05 84.37
C VAL H 110 99.85 -69.80 84.52
N VAL H 111 100.00 -69.33 85.77
CA VAL H 111 100.82 -68.17 86.09
C VAL H 111 102.04 -68.64 86.87
N LYS H 112 103.21 -68.14 86.47
CA LYS H 112 104.46 -68.54 87.10
C LYS H 112 105.41 -67.35 87.11
N ALA H 113 106.52 -67.52 87.83
CA ALA H 113 107.52 -66.47 87.97
C ALA H 113 108.90 -67.10 87.85
N VAL H 114 109.88 -66.25 87.49
CA VAL H 114 111.26 -66.70 87.34
C VAL H 114 112.16 -65.79 88.18
N LYS H 115 113.47 -66.02 88.11
CA LYS H 115 114.42 -65.26 88.91
C LYS H 115 115.70 -65.08 88.10
N ILE H 116 116.62 -64.31 88.67
CA ILE H 116 117.89 -64.04 88.02
C ILE H 116 118.84 -63.37 89.02
N THR H 123 125.96 -57.71 83.72
CA THR H 123 125.73 -56.96 82.49
C THR H 123 124.40 -57.37 81.86
N PRO H 124 123.66 -56.40 81.31
CA PRO H 124 122.29 -56.69 80.87
C PRO H 124 122.18 -57.82 79.86
N ALA H 125 123.13 -57.95 78.94
CA ALA H 125 123.03 -59.01 77.93
C ALA H 125 123.07 -60.39 78.58
N GLN H 126 123.97 -60.59 79.54
CA GLN H 126 124.02 -61.87 80.24
C GLN H 126 122.74 -62.09 81.02
N ILE H 127 122.16 -61.03 81.59
CA ILE H 127 120.89 -61.17 82.28
C ILE H 127 119.81 -61.65 81.32
N ALA H 128 119.77 -61.08 80.11
CA ALA H 128 118.79 -61.50 79.12
C ALA H 128 118.99 -62.97 78.74
N THR H 129 120.24 -63.38 78.52
CA THR H 129 120.50 -64.77 78.18
C THR H 129 120.03 -65.70 79.30
N ALA H 130 120.37 -65.36 80.55
CA ALA H 130 119.95 -66.17 81.68
C ALA H 130 118.44 -66.23 81.78
N LEU H 131 117.76 -65.11 81.56
CA LEU H 131 116.30 -65.10 81.62
C LEU H 131 115.70 -65.99 80.54
N ALA H 132 116.26 -65.93 79.33
CA ALA H 132 115.75 -66.79 78.26
C ALA H 132 115.96 -68.26 78.59
N ASP H 133 117.12 -68.60 79.12
CA ASP H 133 117.38 -70.00 79.50
C ASP H 133 116.42 -70.44 80.59
N ALA H 134 116.19 -69.59 81.59
CA ALA H 134 115.24 -69.92 82.64
C ALA H 134 113.83 -70.08 82.11
N VAL H 135 113.43 -69.26 81.14
CA VAL H 135 112.12 -69.43 80.52
C VAL H 135 112.03 -70.78 79.84
N THR H 136 113.05 -71.13 79.05
CA THR H 136 113.05 -72.44 78.41
C THR H 136 113.08 -73.59 79.41
N ALA H 137 113.59 -73.35 80.61
CA ALA H 137 113.62 -74.38 81.64
C ALA H 137 112.22 -74.91 81.92
N ALA H 145 105.53 -71.89 75.32
CA ALA H 145 106.31 -70.66 75.45
C ALA H 145 107.58 -70.72 74.61
N THR H 146 108.16 -69.55 74.35
CA THR H 146 109.37 -69.46 73.55
C THR H 146 110.04 -68.12 73.84
N ALA H 147 111.31 -68.14 74.18
CA ALA H 147 112.06 -66.93 74.49
C ALA H 147 113.49 -67.07 73.98
N VAL H 148 113.98 -66.00 73.36
CA VAL H 148 115.33 -65.97 72.82
C VAL H 148 115.97 -64.64 73.20
N ALA H 149 117.24 -64.71 73.60
CA ALA H 149 117.97 -63.51 73.97
C ALA H 149 118.54 -62.83 72.74
N THR H 150 118.60 -61.50 72.80
CA THR H 150 119.17 -60.70 71.72
C THR H 150 119.45 -59.31 72.27
N GLY H 151 120.68 -58.84 72.08
CA GLY H 151 121.04 -57.56 72.68
C GLY H 151 120.85 -57.61 74.18
N THR H 152 120.20 -56.58 74.71
CA THR H 152 119.90 -56.51 76.13
C THR H 152 118.48 -56.95 76.47
N TYR H 153 117.73 -57.45 75.50
CA TYR H 153 116.30 -57.72 75.69
C TYR H 153 115.99 -59.16 75.30
N VAL H 154 114.90 -59.66 75.86
CA VAL H 154 114.39 -61.00 75.57
C VAL H 154 113.09 -60.84 74.80
N THR H 155 112.96 -61.55 73.68
CA THR H 155 111.74 -61.54 72.88
C THR H 155 110.98 -62.84 73.13
N VAL H 156 109.70 -62.71 73.47
CA VAL H 156 108.87 -63.82 73.91
C VAL H 156 107.70 -63.98 72.95
N THR H 157 107.37 -65.24 72.65
CA THR H 157 106.23 -65.57 71.80
C THR H 157 105.48 -66.73 72.44
N ALA H 158 104.18 -66.81 72.12
CA ALA H 158 103.31 -67.80 72.73
C ALA H 158 103.18 -69.03 71.84
N VAL H 159 103.33 -70.21 72.45
CA VAL H 159 103.18 -71.47 71.73
C VAL H 159 101.69 -71.77 71.64
N SER H 160 101.13 -71.67 70.44
CA SER H 160 99.71 -71.90 70.23
C SER H 160 99.33 -73.33 70.63
N VAL H 164 100.03 -66.06 75.90
CA VAL H 164 101.03 -65.88 76.95
C VAL H 164 101.21 -64.40 77.23
N SER H 165 101.08 -64.02 78.51
CA SER H 165 101.21 -62.64 78.94
C SER H 165 102.33 -62.53 79.94
N VAL H 166 103.04 -61.40 79.91
CA VAL H 166 104.17 -61.13 80.79
C VAL H 166 103.94 -59.82 81.49
N GLY H 167 104.24 -59.77 82.80
CA GLY H 167 103.99 -58.59 83.59
C GLY H 167 105.19 -58.25 84.45
N LYS H 168 105.08 -57.09 85.11
CA LYS H 168 106.17 -56.60 85.94
C LYS H 168 106.35 -57.46 87.17
N GLY H 169 107.61 -57.72 87.50
CA GLY H 169 107.99 -58.33 88.76
C GLY H 169 108.77 -57.35 89.61
N ALA H 170 110.09 -57.47 89.62
CA ALA H 170 110.96 -56.49 90.24
C ALA H 170 112.18 -56.27 89.36
N GLY H 171 112.56 -55.02 89.19
CA GLY H 171 113.68 -54.66 88.35
C GLY H 171 113.39 -53.44 87.50
N VAL H 172 114.43 -52.97 86.82
CA VAL H 172 114.32 -51.75 86.02
C VAL H 172 113.82 -52.07 84.62
N TYR H 173 113.72 -53.36 84.27
CA TYR H 173 113.37 -53.76 82.92
C TYR H 173 112.00 -53.25 82.48
N LYS H 174 111.90 -52.81 81.23
CA LYS H 174 110.62 -52.49 80.64
C LYS H 174 109.91 -53.75 80.17
N ILE H 175 108.66 -53.57 79.73
CA ILE H 175 107.92 -54.59 78.98
C ILE H 175 107.26 -53.90 77.80
N VAL H 176 107.57 -54.37 76.59
CA VAL H 176 107.07 -53.76 75.36
C VAL H 176 106.38 -54.85 74.55
N ASN H 177 105.08 -54.72 74.36
CA ASN H 177 104.33 -55.66 73.55
C ASN H 177 104.23 -55.17 72.11
N GLU H 178 103.98 -56.11 71.19
CA GLU H 178 103.88 -55.82 69.78
C GLU H 178 102.63 -56.47 69.20
N SER H 179 102.08 -55.82 68.17
CA SER H 179 100.93 -56.34 67.47
C SER H 179 100.98 -55.87 66.02
N SER H 180 100.31 -56.62 65.15
CA SER H 180 100.28 -56.31 63.73
C SER H 180 99.07 -55.47 63.34
N GLU H 181 98.22 -55.09 64.28
CA GLU H 181 97.04 -54.29 64.00
C GLU H 181 97.32 -52.84 64.35
N THR H 182 96.98 -51.93 63.45
CA THR H 182 97.20 -50.51 63.70
C THR H 182 96.01 -49.90 64.42
N VAL H 183 96.30 -49.01 65.38
CA VAL H 183 95.24 -48.42 66.19
C VAL H 183 94.25 -47.66 65.32
N ALA H 184 94.76 -46.92 64.34
CA ALA H 184 93.89 -46.06 63.53
C ALA H 184 92.77 -46.84 62.88
N THR H 185 92.99 -48.12 62.58
CA THR H 185 91.96 -48.96 61.99
C THR H 185 91.29 -49.88 63.00
N VAL H 186 91.95 -50.20 64.11
CA VAL H 186 91.31 -51.06 65.12
C VAL H 186 90.21 -50.30 65.83
N LEU H 187 90.43 -49.01 66.12
CA LEU H 187 89.47 -48.26 66.93
C LEU H 187 88.05 -48.28 66.38
N PRO H 188 87.82 -48.10 65.07
CA PRO H 188 86.43 -48.13 64.57
C PRO H 188 85.67 -49.38 64.92
N SER H 189 86.31 -50.55 64.92
CA SER H 189 85.61 -51.77 65.31
C SER H 189 85.19 -51.73 66.77
N VAL H 190 86.07 -51.24 67.65
CA VAL H 190 85.74 -51.17 69.07
C VAL H 190 84.58 -50.21 69.31
N ILE H 191 84.62 -49.03 68.70
CA ILE H 191 83.53 -48.08 68.91
C ILE H 191 82.23 -48.66 68.38
N ALA H 192 82.28 -49.37 67.25
CA ALA H 192 81.07 -50.00 66.74
C ALA H 192 80.54 -51.05 67.69
N GLU H 193 81.42 -51.87 68.27
CA GLU H 193 80.98 -52.89 69.21
C GLU H 193 80.32 -52.26 70.43
N ASN H 194 80.92 -51.20 70.96
CA ASN H 194 80.36 -50.53 72.13
C ASN H 194 80.82 -49.07 72.16
N HIS H 195 79.87 -48.17 72.36
CA HIS H 195 80.14 -46.74 72.39
C HIS H 195 79.96 -46.12 73.76
N ASN H 196 79.74 -46.93 74.80
CA ASN H 196 79.45 -46.42 76.13
C ASN H 196 80.73 -46.26 76.94
N TRP H 197 81.54 -45.30 76.51
CA TRP H 197 82.74 -44.93 77.24
C TRP H 197 83.12 -43.52 76.84
N TYR H 198 83.90 -42.85 77.70
CA TYR H 198 84.25 -41.45 77.49
C TYR H 198 85.74 -41.24 77.30
N PHE H 199 86.57 -41.73 78.21
CA PHE H 199 88.01 -41.52 78.11
C PHE H 199 88.64 -42.54 77.17
N LEU H 200 89.85 -42.24 76.71
CA LEU H 200 90.55 -43.06 75.72
C LEU H 200 92.04 -43.06 76.04
N ALA H 201 92.58 -44.25 76.32
CA ALA H 201 94.00 -44.42 76.57
C ALA H 201 94.53 -45.59 75.74
N THR H 202 95.75 -45.45 75.25
CA THR H 202 96.33 -46.40 74.32
C THR H 202 97.68 -46.87 74.84
N GLU H 203 97.95 -48.18 74.67
CA GLU H 203 99.25 -48.72 75.07
C GLU H 203 100.33 -48.34 74.08
N ALA H 204 100.04 -48.41 72.77
CA ALA H 204 101.03 -48.13 71.73
C ALA H 204 101.41 -46.66 71.82
N ARG H 205 102.65 -46.42 72.21
CA ARG H 205 103.11 -45.05 72.45
C ARG H 205 103.92 -44.49 71.29
N SER H 206 103.70 -45.02 70.09
CA SER H 206 104.28 -44.42 68.90
C SER H 206 103.61 -43.08 68.61
N ASP H 207 104.37 -42.14 68.06
CA ASP H 207 103.82 -40.81 67.78
C ASP H 207 102.66 -40.90 66.79
N ALA H 208 102.79 -41.73 65.76
CA ALA H 208 101.70 -41.88 64.80
C ALA H 208 100.45 -42.43 65.47
N ASP H 209 100.61 -43.42 66.34
CA ASP H 209 99.46 -43.96 67.06
C ASP H 209 98.81 -42.89 67.94
N ILE H 210 99.61 -42.10 68.64
CA ILE H 210 99.06 -41.06 69.50
C ILE H 210 98.28 -40.05 68.67
N VAL H 211 98.84 -39.63 67.54
CA VAL H 211 98.16 -38.65 66.70
C VAL H 211 96.87 -39.22 66.14
N ALA H 212 96.90 -40.48 65.71
CA ALA H 212 95.69 -41.11 65.19
C ALA H 212 94.61 -41.19 66.28
N ALA H 213 95.00 -41.56 67.50
CA ALA H 213 94.03 -41.62 68.59
C ALA H 213 93.44 -40.26 68.87
N ALA H 214 94.27 -39.22 68.88
CA ALA H 214 93.77 -37.87 69.11
C ALA H 214 92.77 -37.48 68.03
N GLU H 215 93.10 -37.75 66.76
CA GLU H 215 92.19 -37.41 65.67
C GLU H 215 90.87 -38.16 65.80
N PHE H 216 90.93 -39.44 66.13
CA PHE H 216 89.72 -40.24 66.28
C PHE H 216 88.85 -39.72 67.42
N ALA H 217 89.47 -39.39 68.55
CA ALA H 217 88.70 -38.86 69.68
C ALA H 217 88.06 -37.53 69.34
N LYS H 218 88.81 -36.64 68.67
CA LYS H 218 88.25 -35.34 68.31
C LYS H 218 87.05 -35.46 67.39
N ALA H 219 86.95 -36.54 66.63
CA ALA H 219 85.84 -36.70 65.70
C ALA H 219 84.67 -37.44 66.32
N ASN H 220 84.94 -38.36 67.26
CA ASN H 220 83.87 -39.10 67.91
C ASN H 220 83.55 -38.59 69.31
N TYR H 221 84.00 -37.39 69.67
CA TYR H 221 83.60 -36.75 70.92
C TYR H 221 83.97 -37.61 72.13
N LYS H 222 85.16 -38.19 72.09
CA LYS H 222 85.78 -38.79 73.26
C LYS H 222 86.87 -37.86 73.79
N LEU H 223 87.44 -38.23 74.93
CA LEU H 223 88.50 -37.44 75.55
C LEU H 223 89.78 -38.27 75.52
N HIS H 224 90.82 -37.70 74.92
CA HIS H 224 92.07 -38.43 74.71
C HIS H 224 93.07 -38.06 75.81
N ILE H 225 93.67 -39.09 76.42
CA ILE H 225 94.60 -38.93 77.53
C ILE H 225 95.82 -39.78 77.25
N TYR H 226 97.00 -39.28 77.62
CA TYR H 226 98.23 -40.01 77.39
C TYR H 226 99.33 -39.46 78.29
N ASN H 227 100.06 -40.37 78.92
CA ASN H 227 101.31 -40.02 79.58
C ASN H 227 102.47 -40.17 78.61
N SER H 228 103.60 -39.55 78.95
CA SER H 228 104.76 -39.58 78.07
C SER H 228 106.01 -39.60 78.93
N THR H 229 106.97 -40.45 78.57
CA THR H 229 108.28 -40.47 79.21
C THR H 229 109.35 -39.85 78.32
N ASP H 230 108.95 -39.06 77.33
CA ASP H 230 109.91 -38.42 76.46
C ASP H 230 110.71 -37.37 77.21
N VAL H 231 111.90 -37.07 76.69
CA VAL H 231 112.78 -36.08 77.30
C VAL H 231 112.82 -34.78 76.51
N ASP H 232 112.37 -34.74 75.27
CA ASP H 232 112.34 -33.47 74.53
C ASP H 232 111.40 -32.47 75.16
N ALA H 233 110.52 -32.92 76.06
CA ALA H 233 109.56 -32.01 76.68
C ALA H 233 110.26 -30.89 77.44
N TYR H 234 111.29 -31.23 78.22
CA TYR H 234 112.00 -30.22 78.99
C TYR H 234 112.92 -29.36 78.13
N ALA H 235 113.09 -29.70 76.87
CA ALA H 235 114.05 -29.02 76.02
C ALA H 235 113.69 -27.55 75.87
N PRO H 236 114.65 -26.71 75.48
CA PRO H 236 114.39 -25.28 75.38
C PRO H 236 113.10 -24.96 74.64
N GLU H 237 112.60 -23.75 74.83
CA GLU H 237 111.29 -23.36 74.35
C GLU H 237 111.23 -23.20 72.84
N ASN H 238 112.32 -23.52 72.13
CA ASN H 238 112.35 -23.41 70.68
C ASN H 238 112.46 -24.75 69.96
N SER H 239 112.76 -25.84 70.67
CA SER H 239 112.93 -27.15 70.06
C SER H 239 111.56 -27.82 69.98
N ALA H 240 111.06 -27.94 68.75
CA ALA H 240 109.73 -28.49 68.51
C ALA H 240 109.78 -29.97 68.12
N ALA H 241 110.78 -30.69 68.64
CA ALA H 241 110.93 -32.10 68.32
C ALA H 241 110.21 -33.01 69.32
N SER H 242 108.89 -32.88 69.46
CA SER H 242 108.17 -33.68 70.43
C SER H 242 106.72 -33.83 69.98
N VAL H 243 106.09 -34.92 70.46
CA VAL H 243 104.69 -35.16 70.15
C VAL H 243 103.82 -34.06 70.74
N PHE H 244 104.25 -33.46 71.85
CA PHE H 244 103.50 -32.36 72.43
C PHE H 244 103.37 -31.21 71.43
N ASP H 245 104.49 -30.77 70.86
CA ASP H 245 104.45 -29.73 69.85
C ASP H 245 103.75 -30.19 68.59
N THR H 246 103.91 -31.47 68.24
CA THR H 246 103.19 -32.00 67.08
C THR H 246 101.69 -31.79 67.22
N LEU H 247 101.15 -32.15 68.39
CA LEU H 247 99.72 -31.98 68.62
C LEU H 247 99.34 -30.51 68.73
N LYS H 248 100.18 -29.70 69.39
CA LYS H 248 99.88 -28.28 69.54
C LYS H 248 99.76 -27.61 68.19
N SER H 249 100.64 -27.97 67.25
CA SER H 249 100.61 -27.34 65.93
C SER H 249 99.27 -27.55 65.24
N LEU H 250 98.73 -28.76 65.29
CA LEU H 250 97.43 -29.06 64.70
C LEU H 250 96.27 -28.65 65.59
N SER H 251 96.55 -28.22 66.82
CA SER H 251 95.53 -27.68 67.72
C SER H 251 94.47 -28.73 68.04
N TYR H 252 94.92 -29.96 68.26
CA TYR H 252 94.04 -30.98 68.80
C TYR H 252 93.87 -30.76 70.29
N ASP H 253 92.87 -31.44 70.86
CA ASP H 253 92.61 -31.39 72.29
C ASP H 253 92.97 -32.73 72.91
N SER H 254 93.86 -32.70 73.89
CA SER H 254 94.28 -33.91 74.57
C SER H 254 94.98 -33.52 75.86
N LEU H 255 94.79 -34.32 76.90
CA LEU H 255 95.39 -34.05 78.21
C LEU H 255 96.75 -34.73 78.23
N GLY H 256 97.77 -34.01 77.79
CA GLY H 256 99.12 -34.54 77.73
C GLY H 256 99.91 -34.21 78.98
N THR H 257 100.52 -35.24 79.56
CA THR H 257 101.35 -35.09 80.76
C THR H 257 102.64 -35.85 80.56
N SER H 258 103.71 -35.33 81.15
CA SER H 258 105.01 -35.98 81.12
C SER H 258 105.25 -36.67 82.46
N ASP H 259 105.67 -37.93 82.41
CA ASP H 259 105.82 -38.73 83.62
C ASP H 259 106.99 -39.68 83.44
N ALA H 260 107.59 -40.07 84.57
CA ALA H 260 108.72 -40.99 84.52
C ALA H 260 108.27 -42.43 84.28
N GLY H 261 107.33 -42.92 85.10
CA GLY H 261 106.81 -44.26 84.94
C GLY H 261 105.71 -44.40 83.92
N ALA H 262 105.76 -43.63 82.84
CA ALA H 262 104.68 -43.65 81.86
C ALA H 262 104.53 -45.02 81.22
N ASP H 263 105.65 -45.65 80.89
CA ASP H 263 105.64 -46.92 80.16
C ASP H 263 106.10 -48.08 81.03
N VAL H 264 106.01 -47.92 82.35
CA VAL H 264 106.24 -49.00 83.29
C VAL H 264 105.02 -49.23 84.19
N ASP H 265 104.18 -48.21 84.34
CA ASP H 265 102.94 -48.33 85.10
C ASP H 265 101.73 -47.75 84.38
N PHE H 266 101.93 -46.97 83.31
CA PHE H 266 100.83 -46.45 82.51
C PHE H 266 99.89 -45.61 83.39
N THR H 267 100.42 -44.50 83.89
CA THR H 267 99.74 -43.71 84.90
C THR H 267 98.53 -42.95 84.37
N GLU H 268 98.11 -43.20 83.13
CA GLU H 268 96.82 -42.67 82.69
C GLU H 268 95.72 -43.10 83.63
N GLY H 269 95.87 -44.28 84.25
CA GLY H 269 94.86 -44.75 85.17
C GLY H 269 94.64 -43.80 86.33
N SER H 270 95.73 -43.32 86.94
CA SER H 270 95.59 -42.41 88.07
C SER H 270 94.94 -41.10 87.64
N VAL H 271 95.38 -40.55 86.50
CA VAL H 271 94.81 -39.29 86.02
C VAL H 271 93.31 -39.43 85.82
N ILE H 272 92.88 -40.55 85.22
CA ILE H 272 91.45 -40.76 85.01
C ILE H 272 90.75 -40.98 86.35
N GLY H 273 91.39 -41.68 87.28
CA GLY H 273 90.76 -41.97 88.55
C GLY H 273 90.57 -40.75 89.42
N ALA H 274 91.36 -39.71 89.17
CA ALA H 274 91.19 -38.44 89.89
C ALA H 274 90.16 -37.54 89.22
N MET H 275 89.54 -37.98 88.13
CA MET H 275 88.64 -37.13 87.35
C MET H 275 87.36 -37.83 86.94
N ALA H 276 87.33 -39.16 87.06
CA ALA H 276 86.24 -39.92 86.45
C ALA H 276 84.89 -39.54 87.06
N ALA H 277 84.80 -39.51 88.39
CA ALA H 277 83.54 -39.27 89.07
C ALA H 277 83.28 -37.80 89.36
N ASN H 278 84.17 -36.91 88.93
CA ASN H 278 83.98 -35.48 89.14
C ASN H 278 82.81 -35.02 88.28
N ASP H 279 81.87 -34.31 88.89
CA ASP H 279 80.69 -33.83 88.17
C ASP H 279 81.03 -32.55 87.41
N PRO H 280 80.90 -32.52 86.08
CA PRO H 280 81.26 -31.29 85.35
C PRO H 280 80.45 -30.08 85.75
N SER H 281 79.23 -30.27 86.26
CA SER H 281 78.34 -29.14 86.51
C SER H 281 78.87 -28.22 87.61
N TYR H 282 79.74 -28.71 88.49
CA TYR H 282 80.33 -27.83 89.49
C TYR H 282 81.40 -26.92 88.91
N GLY H 283 81.90 -27.24 87.71
CA GLY H 283 82.99 -26.46 87.18
C GLY H 283 84.28 -26.58 87.97
N ASP H 284 84.44 -27.67 88.72
CA ASP H 284 85.62 -27.85 89.54
C ASP H 284 86.85 -28.08 88.66
N SER H 285 88.02 -27.77 89.20
CA SER H 285 89.26 -27.71 88.44
C SER H 285 90.14 -28.91 88.75
N LEU H 286 90.76 -29.45 87.70
CA LEU H 286 91.76 -30.51 87.85
C LEU H 286 93.05 -30.01 88.49
N HIS H 287 93.25 -28.70 88.53
CA HIS H 287 94.45 -28.13 89.12
C HIS H 287 94.60 -28.55 90.57
N LEU H 288 95.82 -28.93 90.95
CA LEU H 288 96.19 -29.04 92.35
C LEU H 288 95.62 -30.28 93.03
N LYS H 289 95.11 -31.24 92.24
CA LYS H 289 94.60 -32.47 92.83
C LYS H 289 95.72 -33.49 93.01
N THR H 290 95.52 -34.42 93.95
CA THR H 290 96.49 -35.47 94.22
C THR H 290 96.09 -36.75 93.48
N MET H 291 97.07 -37.38 92.86
CA MET H 291 96.83 -38.57 92.02
C MET H 291 97.77 -39.68 92.46
N PRO H 292 97.30 -40.63 93.26
CA PRO H 292 98.19 -41.70 93.73
C PRO H 292 98.76 -42.50 92.57
N GLY H 293 99.97 -43.01 92.78
CA GLY H 293 100.68 -43.80 91.78
C GLY H 293 101.78 -43.06 91.05
N MET H 294 101.56 -41.80 90.72
CA MET H 294 102.59 -41.01 90.05
C MET H 294 103.61 -40.53 91.06
N VAL H 295 104.72 -39.98 90.55
CA VAL H 295 105.85 -39.59 91.38
C VAL H 295 106.21 -38.14 91.06
N PRO H 296 106.70 -37.35 92.03
CA PRO H 296 107.02 -35.95 91.76
C PRO H 296 108.02 -35.75 90.62
N PHE H 297 107.81 -34.70 89.85
CA PHE H 297 108.68 -34.39 88.72
C PHE H 297 109.99 -33.78 89.23
N ALA H 298 111.11 -34.23 88.68
CA ALA H 298 112.43 -33.90 89.20
C ALA H 298 113.20 -32.88 88.37
N GLY H 299 112.55 -32.22 87.41
CA GLY H 299 113.24 -31.22 86.63
C GLY H 299 113.49 -29.95 87.42
N SER H 300 114.33 -29.07 86.86
CA SER H 300 114.63 -27.80 87.48
C SER H 300 113.61 -26.74 87.05
N ASP H 301 113.82 -25.50 87.52
CA ASP H 301 112.87 -24.44 87.24
C ASP H 301 112.76 -24.15 85.75
N THR H 302 113.88 -24.09 85.04
CA THR H 302 113.82 -23.84 83.61
C THR H 302 113.16 -25.00 82.86
N GLN H 303 113.41 -26.23 83.31
CA GLN H 303 112.72 -27.38 82.71
C GLN H 303 111.23 -27.28 82.91
N ARG H 304 110.79 -26.88 84.11
CA ARG H 304 109.37 -26.68 84.35
C ARG H 304 108.82 -25.60 83.42
N SER H 305 109.55 -24.50 83.27
CA SER H 305 109.07 -23.43 82.40
C SER H 305 108.93 -23.91 80.96
N ASN H 306 109.90 -24.70 80.48
CA ASN H 306 109.81 -25.23 79.13
C ASN H 306 108.60 -26.15 78.98
N ALA H 307 108.46 -27.11 79.91
CA ALA H 307 107.32 -28.02 79.85
C ALA H 307 106.01 -27.25 79.82
N TRP H 308 105.92 -26.20 80.64
CA TRP H 308 104.74 -25.34 80.61
C TRP H 308 104.56 -24.68 79.25
N SER H 309 105.65 -24.23 78.64
CA SER H 309 105.56 -23.63 77.32
C SER H 309 105.03 -24.63 76.29
N ARG H 310 105.24 -25.93 76.53
CA ARG H 310 104.73 -26.96 75.62
C ARG H 310 103.35 -27.46 76.00
N ASN H 311 102.76 -26.97 77.09
CA ASN H 311 101.50 -27.50 77.60
C ASN H 311 101.62 -28.98 77.96
N ALA H 312 102.79 -29.39 78.45
CA ALA H 312 102.98 -30.75 78.95
C ALA H 312 102.85 -30.72 80.46
N ASN H 313 101.65 -31.03 80.94
CA ASN H 313 101.38 -30.94 82.37
C ASN H 313 102.31 -31.86 83.15
N ILE H 314 102.71 -31.41 84.34
CA ILE H 314 103.63 -32.15 85.19
C ILE H 314 102.94 -32.44 86.52
N TYR H 315 103.67 -33.12 87.40
CA TYR H 315 103.17 -33.52 88.70
C TYR H 315 104.20 -33.12 89.75
N ARG H 316 104.03 -31.94 90.34
CA ARG H 316 104.97 -31.40 91.30
C ARG H 316 104.78 -32.03 92.67
N GLY H 317 105.77 -31.83 93.52
CA GLY H 317 105.67 -32.22 94.92
C GLY H 317 106.02 -31.04 95.81
N LEU H 318 105.06 -30.62 96.63
CA LEU H 318 105.21 -29.43 97.44
C LEU H 318 104.71 -29.68 98.85
N TYR H 319 105.39 -29.06 99.80
CA TYR H 319 104.93 -29.02 101.20
C TYR H 319 104.57 -30.40 101.73
N GLY H 320 105.23 -31.44 101.23
CA GLY H 320 105.02 -32.79 101.75
C GLY H 320 104.06 -33.65 100.96
N GLY H 321 103.57 -33.18 99.82
CA GLY H 321 102.65 -33.95 99.01
C GLY H 321 102.91 -33.85 97.53
N GLY H 322 101.87 -34.04 96.73
CA GLY H 322 101.98 -33.93 95.29
C GLY H 322 100.79 -33.17 94.75
N SER H 323 100.91 -32.71 93.51
CA SER H 323 99.85 -31.88 92.94
C SER H 323 100.01 -31.79 91.43
N TYR H 324 98.93 -32.12 90.72
CA TYR H 324 98.83 -31.81 89.31
C TYR H 324 98.77 -30.30 89.13
N ILE H 325 99.08 -29.82 87.92
CA ILE H 325 99.23 -28.39 87.68
C ILE H 325 98.51 -28.00 86.39
N GLU H 326 97.38 -27.32 86.54
CA GLU H 326 96.75 -26.50 85.52
C GLU H 326 96.07 -27.27 84.40
N GLY H 327 96.24 -28.59 84.36
CA GLY H 327 95.48 -29.41 83.45
C GLY H 327 95.21 -28.82 82.09
N LYS H 328 96.14 -28.05 81.52
CA LYS H 328 95.91 -27.47 80.20
C LYS H 328 95.89 -28.56 79.14
N THR H 329 95.03 -28.38 78.13
CA THR H 329 94.99 -29.30 77.02
C THR H 329 96.08 -28.96 76.01
N SER H 330 96.13 -29.75 74.93
CA SER H 330 97.15 -29.54 73.91
C SER H 330 97.00 -28.19 73.23
N SER H 331 95.77 -27.79 72.94
CA SER H 331 95.52 -26.52 72.26
C SER H 331 95.58 -25.32 73.19
N GLY H 332 95.90 -25.50 74.47
CA GLY H 332 96.02 -24.41 75.40
C GLY H 332 94.78 -24.14 76.23
N GLN H 333 93.62 -24.62 75.78
CA GLN H 333 92.39 -24.41 76.53
C GLN H 333 92.37 -25.28 77.78
N TYR H 334 91.76 -24.75 78.83
CA TYR H 334 91.66 -25.49 80.08
C TYR H 334 90.74 -26.69 79.91
N VAL H 335 91.10 -27.80 80.55
CA VAL H 335 90.33 -29.04 80.39
C VAL H 335 88.93 -28.88 80.98
N ASP H 336 88.78 -28.01 81.98
CA ASP H 336 87.48 -27.83 82.61
C ASP H 336 86.45 -27.30 81.63
N VAL H 337 86.84 -26.31 80.82
CA VAL H 337 85.92 -25.75 79.84
C VAL H 337 85.53 -26.81 78.83
N ILE H 338 86.48 -27.65 78.41
CA ILE H 338 86.18 -28.70 77.45
C ILE H 338 85.16 -29.67 78.03
N ARG H 339 85.40 -30.13 79.26
CA ARG H 339 84.48 -31.07 79.87
C ARG H 339 83.10 -30.45 80.06
N PHE H 340 83.05 -29.19 80.48
CA PHE H 340 81.77 -28.52 80.67
C PHE H 340 81.01 -28.43 79.35
N SER H 341 81.70 -28.05 78.27
CA SER H 341 81.04 -27.94 76.98
C SER H 341 80.51 -29.29 76.52
N HIS H 342 81.31 -30.35 76.67
CA HIS H 342 80.84 -31.67 76.27
C HIS H 342 79.62 -32.08 77.07
N TRP H 343 79.64 -31.85 78.39
CA TRP H 343 78.52 -32.21 79.23
C TRP H 343 77.25 -31.46 78.83
N VAL H 344 77.38 -30.16 78.59
CA VAL H 344 76.22 -29.36 78.19
C VAL H 344 75.67 -29.88 76.87
N LYS H 345 76.54 -30.13 75.90
CA LYS H 345 76.09 -30.60 74.60
C LYS H 345 75.32 -31.91 74.73
N PHE H 346 75.94 -32.90 75.40
CA PHE H 346 75.29 -34.20 75.53
C PHE H 346 73.94 -34.08 76.21
N ARG H 347 73.88 -33.35 77.34
CA ARG H 347 72.63 -33.30 78.08
C ARG H 347 71.56 -32.50 77.37
N MET H 348 71.92 -31.45 76.62
CA MET H 348 70.90 -30.77 75.83
C MET H 348 70.32 -31.68 74.76
N GLU H 349 71.17 -32.41 74.04
CA GLU H 349 70.64 -33.34 73.05
C GLU H 349 69.74 -34.37 73.70
N GLU H 350 70.18 -34.94 74.82
CA GLU H 350 69.40 -35.95 75.52
C GLU H 350 68.04 -35.38 75.93
N SER H 351 68.04 -34.21 76.56
CA SER H 351 66.81 -33.63 77.06
C SER H 351 65.82 -33.30 75.95
N VAL H 352 66.30 -32.78 74.82
CA VAL H 352 65.37 -32.49 73.73
C VAL H 352 64.81 -33.77 73.15
N PHE H 353 65.67 -34.77 72.89
CA PHE H 353 65.19 -36.00 72.26
C PHE H 353 64.17 -36.71 73.15
N ALA H 354 64.44 -36.77 74.45
CA ALA H 354 63.55 -37.48 75.35
C ALA H 354 62.16 -36.87 75.37
N TYR H 355 62.06 -35.54 75.42
CA TYR H 355 60.75 -34.91 75.38
C TYR H 355 60.07 -35.14 74.05
N MET H 356 60.81 -35.00 72.94
CA MET H 356 60.18 -35.11 71.63
C MET H 356 59.62 -36.51 71.41
N LYS H 357 60.38 -37.55 71.75
CA LYS H 357 59.90 -38.91 71.55
C LYS H 357 58.68 -39.19 72.41
N ARG H 358 58.76 -38.86 73.69
CA ARG H 358 57.64 -39.10 74.60
C ARG H 358 56.40 -38.35 74.13
N ARG H 359 56.57 -37.17 73.55
CA ARG H 359 55.45 -36.40 73.02
C ARG H 359 54.92 -36.98 71.72
N SER H 360 55.75 -37.70 70.96
CA SER H 360 55.30 -38.36 69.73
C SER H 360 54.77 -39.77 69.95
N ASP H 361 54.94 -40.35 71.14
CA ASP H 361 54.46 -41.71 71.37
C ASP H 361 52.98 -41.78 71.74
N MET H 362 52.38 -40.65 72.07
CA MET H 362 50.95 -40.60 72.38
C MET H 362 50.14 -40.06 71.21
N GLY H 363 50.61 -40.25 69.99
CA GLY H 363 50.14 -39.39 68.92
C GLY H 363 50.57 -37.98 69.24
N LEU H 364 49.80 -37.00 68.77
CA LEU H 364 50.00 -35.62 69.17
C LEU H 364 51.46 -35.20 69.02
N SER H 365 52.09 -35.58 67.92
CA SER H 365 53.49 -35.27 67.70
C SER H 365 53.69 -33.76 67.60
N MET H 366 54.88 -33.28 67.96
CA MET H 366 55.15 -31.85 67.89
C MET H 366 54.92 -31.36 66.47
N LYS H 367 54.62 -30.06 66.36
CA LYS H 367 54.34 -29.44 65.07
C LYS H 367 54.98 -28.07 65.01
N MET H 368 55.34 -27.66 63.79
CA MET H 368 56.02 -26.40 63.57
C MET H 368 54.98 -25.29 63.50
N SER H 369 54.70 -24.68 64.65
CA SER H 369 53.76 -23.58 64.74
C SER H 369 54.19 -22.66 65.87
N ASP H 370 53.73 -21.40 65.80
CA ASP H 370 54.07 -20.43 66.83
C ASP H 370 53.47 -20.82 68.19
N GLU H 371 52.44 -21.65 68.19
CA GLU H 371 51.78 -22.02 69.44
C GLU H 371 52.38 -23.25 70.11
N ASP H 372 53.33 -23.92 69.46
CA ASP H 372 53.90 -25.15 69.99
C ASP H 372 55.39 -25.09 70.24
N LEU H 373 56.11 -24.19 69.58
CA LEU H 373 57.57 -24.14 69.66
C LEU H 373 58.08 -23.56 70.97
N PRO H 374 57.39 -22.58 71.57
CA PRO H 374 57.95 -21.94 72.78
C PRO H 374 58.27 -22.92 73.90
N VAL H 375 57.59 -24.07 73.97
CA VAL H 375 57.81 -24.99 75.07
C VAL H 375 59.25 -25.47 75.15
N LEU H 376 59.99 -25.37 74.04
CA LEU H 376 61.41 -25.71 74.09
C LEU H 376 62.14 -24.85 75.11
N LYS H 377 61.65 -23.64 75.36
CA LYS H 377 62.26 -22.82 76.40
C LYS H 377 62.26 -23.55 77.74
N SER H 378 61.11 -24.06 78.18
CA SER H 378 61.06 -24.83 79.40
C SER H 378 61.85 -26.13 79.30
N VAL H 379 61.77 -26.81 78.16
CA VAL H 379 62.48 -28.07 78.01
C VAL H 379 63.97 -27.88 78.26
N LEU H 380 64.55 -26.85 77.65
CA LEU H 380 65.99 -26.60 77.84
C LEU H 380 66.27 -26.04 79.22
N MET H 381 65.47 -25.09 79.68
CA MET H 381 65.71 -24.46 80.98
C MET H 381 65.63 -25.48 82.11
N ASN H 382 64.99 -26.63 81.87
CA ASN H 382 64.76 -27.57 82.95
C ASN H 382 65.99 -28.44 83.20
N ASN H 383 66.36 -29.28 82.24
CA ASN H 383 67.31 -30.35 82.51
C ASN H 383 68.73 -29.83 82.75
N PRO H 384 69.43 -29.25 81.75
CA PRO H 384 70.82 -28.83 82.01
C PRO H 384 70.97 -27.56 82.84
N ILE H 385 70.22 -26.51 82.48
CA ILE H 385 70.54 -25.17 82.96
C ILE H 385 70.24 -25.05 84.46
N ASN H 386 69.09 -25.55 84.88
CA ASN H 386 68.68 -25.39 86.27
C ASN H 386 69.48 -26.28 87.21
N ILE H 387 70.18 -27.29 86.70
CA ILE H 387 71.13 -28.04 87.51
C ILE H 387 72.49 -27.35 87.53
N GLY H 388 72.91 -26.81 86.40
CA GLY H 388 74.17 -26.07 86.36
C GLY H 388 74.16 -24.88 87.29
N ILE H 389 73.05 -24.14 87.32
CA ILE H 389 72.96 -22.98 88.21
C ILE H 389 73.04 -23.42 89.66
N ARG H 390 72.27 -24.45 90.03
CA ARG H 390 72.26 -24.90 91.41
C ARG H 390 73.64 -25.38 91.86
N ASN H 391 74.31 -26.17 91.02
CA ASN H 391 75.63 -26.65 91.40
C ASN H 391 76.70 -25.56 91.35
N GLY H 392 76.45 -24.48 90.62
CA GLY H 392 77.35 -23.35 90.59
C GLY H 392 78.28 -23.27 89.40
N GLY H 393 78.16 -24.19 88.44
CA GLY H 393 78.99 -24.11 87.25
C GLY H 393 78.68 -22.91 86.38
N ILE H 394 77.40 -22.59 86.22
CA ILE H 394 76.95 -21.50 85.37
C ILE H 394 76.80 -20.25 86.24
N LEU H 395 77.30 -19.13 85.73
CA LEU H 395 77.29 -17.88 86.49
C LEU H 395 75.99 -17.13 86.26
N THR H 396 75.65 -16.28 87.21
CA THR H 396 74.43 -15.47 87.14
C THR H 396 74.64 -14.17 87.92
N GLY H 397 73.75 -13.22 87.67
CA GLY H 397 73.77 -11.94 88.36
C GLY H 397 73.78 -10.78 87.37
N TYR H 398 74.44 -9.70 87.77
CA TYR H 398 74.53 -8.49 86.96
C TYR H 398 75.96 -7.99 87.01
N ASP H 399 76.39 -7.35 85.92
CA ASP H 399 77.77 -6.95 85.74
C ASP H 399 77.87 -5.43 85.72
N THR H 400 78.80 -4.89 86.51
CA THR H 400 79.06 -3.46 86.54
C THR H 400 77.77 -2.67 86.74
N ASN H 402 80.33 -3.92 82.27
CA ASN H 402 79.68 -4.04 80.98
C ASN H 402 78.22 -3.62 81.06
N LYS H 403 77.66 -3.63 82.28
CA LYS H 403 76.28 -3.21 82.51
C LYS H 403 75.30 -4.11 81.77
N VAL H 404 75.47 -5.43 81.91
CA VAL H 404 74.61 -6.41 81.29
C VAL H 404 74.50 -7.62 82.20
N SER H 405 73.33 -8.26 82.18
CA SER H 405 73.08 -9.40 83.05
C SER H 405 73.84 -10.63 82.57
N TYR H 406 74.20 -11.48 83.52
CA TYR H 406 74.85 -12.75 83.23
C TYR H 406 73.88 -13.89 83.02
N ASP H 407 72.58 -13.64 83.12
CA ASP H 407 71.61 -14.72 83.13
C ASP H 407 71.60 -15.45 81.78
N PRO H 408 71.31 -16.75 81.78
CA PRO H 408 71.22 -17.48 80.50
C PRO H 408 70.12 -16.91 79.62
N THR H 409 70.32 -17.03 78.31
CA THR H 409 69.37 -16.53 77.32
C THR H 409 69.02 -17.64 76.35
N ILE H 410 67.74 -17.73 75.99
CA ILE H 410 67.23 -18.72 75.04
C ILE H 410 66.37 -17.97 74.04
N ILE H 411 66.61 -18.20 72.75
CA ILE H 411 65.89 -17.54 71.67
C ILE H 411 65.42 -18.60 70.68
N ILE H 412 64.15 -18.52 70.30
CA ILE H 412 63.56 -19.49 69.37
C ILE H 412 62.90 -18.71 68.23
N PRO H 413 63.13 -19.08 66.97
CA PRO H 413 62.52 -18.35 65.86
C PRO H 413 61.04 -18.66 65.72
N LYS H 414 60.34 -17.72 65.09
CA LYS H 414 58.94 -17.92 64.77
C LYS H 414 58.79 -18.67 63.45
N ARG H 415 57.55 -19.04 63.12
CA ARG H 415 57.32 -19.77 61.88
C ARG H 415 57.60 -18.92 60.66
N ALA H 416 57.33 -17.61 60.74
CA ALA H 416 57.50 -16.75 59.58
C ALA H 416 58.93 -16.74 59.07
N ASN H 417 59.90 -17.12 59.90
CA ASN H 417 61.31 -17.02 59.56
C ASN H 417 61.90 -18.36 59.12
N ILE H 418 61.09 -19.35 58.85
CA ILE H 418 61.56 -20.70 58.51
C ILE H 418 61.50 -20.86 57.00
N PRO H 419 62.60 -21.21 56.32
CA PRO H 419 62.57 -21.31 54.87
C PRO H 419 61.76 -22.48 54.36
N THR H 420 61.44 -22.43 53.06
CA THR H 420 60.62 -23.46 52.45
C THR H 420 61.30 -24.82 52.49
N ASN H 421 62.62 -24.85 52.21
CA ASN H 421 63.34 -26.10 52.27
C ASN H 421 63.35 -26.68 53.68
N ASP H 422 63.50 -25.84 54.70
CA ASP H 422 63.41 -26.31 56.08
C ASP H 422 62.03 -26.86 56.40
N LEU H 423 60.96 -26.20 55.94
CA LEU H 423 59.64 -26.78 56.12
C LEU H 423 59.52 -28.13 55.42
N ALA H 424 60.05 -28.24 54.20
CA ALA H 424 59.95 -29.50 53.46
C ALA H 424 60.69 -30.61 54.20
N ALA H 425 61.87 -30.32 54.73
CA ALA H 425 62.64 -31.32 55.46
C ALA H 425 62.17 -31.50 56.89
N ARG H 426 61.24 -30.67 57.37
CA ARG H 426 60.68 -30.80 58.71
C ARG H 426 61.78 -30.83 59.77
N ILE H 427 62.70 -29.88 59.70
CA ILE H 427 63.73 -29.70 60.71
C ILE H 427 63.86 -28.22 61.02
N LEU H 428 64.03 -27.89 62.30
CA LEU H 428 64.11 -26.52 62.78
C LEU H 428 65.57 -26.16 63.01
N ARG H 429 65.98 -24.99 62.53
CA ARG H 429 67.35 -24.52 62.68
C ARG H 429 67.39 -23.23 63.49
N ASP H 430 68.59 -22.86 63.92
CA ASP H 430 68.93 -21.54 64.44
C ASP H 430 68.40 -21.27 65.84
N VAL H 431 68.16 -22.30 66.67
CA VAL H 431 67.91 -22.04 68.08
C VAL H 431 69.23 -21.68 68.74
N LYS H 432 69.24 -20.54 69.44
CA LYS H 432 70.47 -19.96 69.96
C LYS H 432 70.43 -19.91 71.47
N VAL H 433 71.54 -20.28 72.10
CA VAL H 433 71.69 -20.27 73.55
C VAL H 433 72.95 -19.51 73.89
N GLU H 434 73.03 -19.03 75.13
CA GLU H 434 74.14 -18.19 75.56
C GLU H 434 74.33 -18.38 77.05
N LEU H 435 75.59 -18.60 77.48
CA LEU H 435 75.88 -18.90 78.87
C LEU H 435 77.14 -18.18 79.29
N VAL H 436 77.36 -18.15 80.60
CA VAL H 436 78.58 -17.62 81.19
C VAL H 436 79.12 -18.70 82.13
N TYR H 437 80.42 -18.65 82.40
CA TYR H 437 81.09 -19.71 83.13
C TYR H 437 81.92 -19.13 84.28
N ASN H 438 82.02 -19.91 85.35
CA ASN H 438 82.83 -19.52 86.50
C ASN H 438 84.30 -19.81 86.24
N ASN H 439 85.13 -19.47 87.22
CA ASN H 439 86.58 -19.60 87.07
C ASN H 439 87.17 -20.04 88.40
N SER H 440 87.68 -21.27 88.46
CA SER H 440 88.40 -21.71 89.64
C SER H 440 89.68 -20.89 89.79
N LEU H 441 90.14 -20.75 91.03
CA LEU H 441 91.30 -19.91 91.34
C LEU H 441 92.56 -20.77 91.30
N HIS H 442 93.57 -20.31 90.56
CA HIS H 442 94.82 -21.06 90.45
C HIS H 442 95.94 -20.41 91.26
N TYR H 443 96.23 -19.13 91.01
CA TYR H 443 97.39 -18.47 91.59
C TYR H 443 96.96 -17.29 92.42
N VAL H 444 97.76 -16.97 93.43
CA VAL H 444 97.49 -15.85 94.32
C VAL H 444 98.82 -15.24 94.74
N LYS H 445 98.85 -13.92 94.88
CA LYS H 445 100.06 -13.20 95.25
C LYS H 445 99.75 -12.26 96.40
N ILE H 446 100.75 -12.04 97.26
CA ILE H 446 100.59 -11.25 98.47
C ILE H 446 101.71 -10.22 98.55
N ARG H 447 101.47 -9.14 99.27
CA ARG H 447 102.43 -8.05 99.47
C ARG H 447 102.46 -7.68 100.95
N ALA H 448 103.35 -8.33 101.70
CA ALA H 448 103.48 -8.02 103.11
C ALA H 448 104.37 -6.79 103.31
N SER H 449 104.29 -6.22 104.52
CA SER H 449 105.10 -5.07 104.87
C SER H 449 105.33 -5.09 106.38
N VAL H 450 106.58 -4.88 106.78
CA VAL H 450 106.98 -4.95 108.18
C VAL H 450 107.54 -3.60 108.59
N VAL H 451 107.22 -3.19 109.81
CA VAL H 451 107.67 -1.91 110.35
C VAL H 451 108.38 -2.17 111.68
N LEU H 452 109.54 -1.55 111.86
CA LEU H 452 110.35 -1.73 113.05
C LEU H 452 110.20 -0.58 114.04
N ASP H 453 110.15 0.66 113.57
CA ASP H 453 110.03 1.82 114.44
C ASP H 453 108.55 2.17 114.62
N ARG H 454 108.28 3.33 115.21
CA ARG H 454 106.91 3.78 115.38
C ARG H 454 106.37 4.28 114.05
N PRO H 455 105.28 3.71 113.53
CA PRO H 455 104.68 4.30 112.33
C PRO H 455 104.16 5.70 112.61
N ALA H 456 104.20 6.55 111.59
CA ALA H 456 103.84 7.95 111.74
C ALA H 456 102.33 8.13 111.64
N GLY H 457 101.86 9.30 112.07
CA GLY H 457 100.44 9.57 112.05
C GLY H 457 99.90 9.56 110.63
N GLN H 458 98.65 9.10 110.50
CA GLN H 458 98.01 9.02 109.19
C GLN H 458 97.39 10.37 108.82
N SER H 459 96.89 10.45 107.60
CA SER H 459 96.17 11.64 107.17
C SER H 459 94.87 11.77 107.95
N THR H 460 94.56 12.98 108.38
CA THR H 460 93.41 13.25 109.23
C THR H 460 92.24 13.86 108.47
N ASN H 461 92.26 13.84 107.14
CA ASN H 461 91.21 14.45 106.33
C ASN H 461 89.96 13.56 106.39
N ALA H 462 89.18 13.77 107.46
CA ALA H 462 88.01 12.93 107.71
C ALA H 462 86.81 13.41 106.89
N GLN H 463 87.00 13.54 105.59
CA GLN H 463 85.90 13.85 104.69
C GLN H 463 85.33 12.55 104.11
N THR H 464 84.35 12.71 103.23
CA THR H 464 83.91 11.58 102.41
C THR H 464 84.69 11.59 101.10
N PRO H 465 85.49 10.57 100.82
CA PRO H 465 86.37 10.64 99.64
C PRO H 465 85.57 10.76 98.35
N MET H 466 85.90 11.78 97.57
CA MET H 466 85.22 12.02 96.28
C MET H 466 85.75 11.06 95.23
N ARG I 27 -85.76 109.47 -96.04
CA ARG I 27 -85.29 109.81 -97.38
C ARG I 27 -84.72 108.58 -98.07
N MET I 28 -84.05 108.81 -99.22
CA MET I 28 -83.49 107.72 -100.02
C MET I 28 -82.00 107.59 -99.68
N SER I 29 -81.74 107.01 -98.51
CA SER I 29 -80.38 106.81 -98.04
C SER I 29 -80.38 105.81 -96.89
N GLU I 30 -79.51 104.81 -96.99
CA GLU I 30 -79.34 103.86 -95.89
C GLU I 30 -78.68 104.55 -94.70
N GLN I 31 -79.07 104.15 -93.49
CA GLN I 31 -78.53 104.70 -92.26
C GLN I 31 -78.12 103.58 -91.31
N GLY I 32 -77.43 102.58 -91.84
CA GLY I 32 -77.00 101.47 -91.02
C GLY I 32 -76.34 100.42 -91.87
N THR I 33 -75.94 99.33 -91.21
CA THR I 33 -75.32 98.20 -91.88
C THR I 33 -75.94 96.91 -91.38
N PHE I 34 -75.88 95.88 -92.23
CA PHE I 34 -76.35 94.56 -91.83
C PHE I 34 -75.48 93.94 -90.75
N ALA I 35 -74.23 94.38 -90.62
CA ALA I 35 -73.29 93.88 -89.62
C ALA I 35 -73.07 92.37 -89.79
N LEU I 36 -72.75 91.97 -91.02
CA LEU I 36 -72.45 90.56 -91.29
C LEU I 36 -71.19 90.11 -90.55
N ALA I 37 -70.18 90.98 -90.52
CA ALA I 37 -68.88 90.72 -89.95
C ALA I 37 -68.86 90.71 -88.42
N LYS I 38 -69.91 91.22 -87.77
CA LYS I 38 -70.03 91.15 -86.32
C LYS I 38 -70.93 90.00 -85.89
N VAL I 39 -72.08 89.83 -86.55
CA VAL I 39 -73.01 88.76 -86.20
C VAL I 39 -72.34 87.39 -86.23
N GLN I 40 -71.42 87.17 -87.18
CA GLN I 40 -70.57 85.98 -87.20
C GLN I 40 -69.68 85.86 -85.96
N VAL I 41 -68.90 86.90 -85.66
CA VAL I 41 -67.85 86.88 -84.64
C VAL I 41 -68.40 86.73 -83.23
N ASP I 42 -69.62 87.15 -82.96
CA ASP I 42 -70.30 86.76 -81.72
C ASP I 42 -70.68 85.28 -81.73
N SER I 43 -71.26 84.80 -82.83
CA SER I 43 -71.71 83.41 -82.97
C SER I 43 -70.59 82.36 -82.92
N GLU I 44 -69.37 82.65 -83.35
CA GLU I 44 -68.27 81.69 -83.22
C GLU I 44 -67.83 81.52 -81.77
N ARG I 45 -67.89 82.56 -80.93
CA ARG I 45 -67.54 82.44 -79.50
C ARG I 45 -68.55 81.61 -78.75
N MET I 46 -69.84 81.87 -78.98
CA MET I 46 -70.94 81.21 -78.28
C MET I 46 -71.16 79.75 -78.72
N LYS I 47 -70.13 79.09 -79.24
CA LYS I 47 -70.15 77.67 -79.61
C LYS I 47 -68.98 76.94 -78.97
N ALA I 48 -69.24 75.71 -78.54
CA ALA I 48 -68.23 74.77 -78.11
C ALA I 48 -67.21 74.53 -79.22
N GLU I 49 -65.95 74.36 -78.87
CA GLU I 49 -64.91 74.75 -79.84
C GLU I 49 -64.76 73.73 -80.97
N GLU I 50 -65.24 72.51 -80.73
CA GLU I 50 -65.34 71.38 -81.66
C GLU I 50 -66.37 71.60 -82.78
N ILE I 51 -67.14 72.70 -82.76
CA ILE I 51 -68.16 73.03 -83.78
C ILE I 51 -68.08 74.49 -84.29
N ARG I 52 -66.89 75.08 -84.29
CA ARG I 52 -66.56 76.33 -85.00
C ARG I 52 -66.07 76.06 -86.42
N TRP I 53 -66.13 77.04 -87.33
CA TRP I 53 -65.99 76.78 -88.78
C TRP I 53 -64.90 75.81 -89.21
N PRO I 54 -63.61 76.05 -88.92
CA PRO I 54 -62.56 75.21 -89.49
C PRO I 54 -62.59 73.79 -88.98
N HIS I 55 -63.29 73.53 -87.88
CA HIS I 55 -63.42 72.21 -87.27
C HIS I 55 -64.72 71.51 -87.64
N LEU I 56 -65.81 72.23 -87.84
CA LEU I 56 -67.11 71.61 -88.08
C LEU I 56 -67.09 70.65 -89.28
N ILE I 57 -66.25 70.94 -90.29
CA ILE I 57 -66.05 70.08 -91.46
C ILE I 57 -65.59 68.67 -91.06
N GLY I 58 -64.75 68.55 -90.04
CA GLY I 58 -64.32 67.25 -89.52
C GLY I 58 -65.36 66.65 -88.60
N THR I 59 -65.94 67.44 -87.70
CA THR I 59 -66.94 66.94 -86.76
C THR I 59 -68.21 66.44 -87.47
N ALA I 60 -68.58 66.97 -88.63
CA ALA I 60 -69.67 66.43 -89.42
C ALA I 60 -69.38 65.01 -89.91
N GLU I 61 -68.19 64.75 -90.44
CA GLU I 61 -67.90 63.42 -91.02
C GLU I 61 -67.50 62.41 -89.96
N SER I 62 -67.13 62.88 -88.76
CA SER I 62 -66.96 62.03 -87.59
C SER I 62 -68.26 61.80 -86.84
N MET I 63 -69.27 62.66 -87.03
CA MET I 63 -70.67 62.24 -86.89
C MET I 63 -70.99 61.47 -88.18
N LYS I 64 -72.25 61.36 -88.63
CA LYS I 64 -72.70 60.48 -89.73
C LYS I 64 -72.45 58.99 -89.54
N GLN I 65 -71.29 58.55 -89.11
CA GLN I 65 -71.00 57.16 -88.82
C GLN I 65 -71.80 56.60 -87.62
N ASP I 66 -72.56 57.44 -86.92
CA ASP I 66 -73.63 57.00 -86.03
C ASP I 66 -74.85 56.55 -86.85
N ALA I 67 -75.31 55.33 -86.62
CA ALA I 67 -76.39 54.71 -87.37
C ALA I 67 -77.77 55.39 -87.21
N THR I 68 -77.96 56.29 -86.26
CA THR I 68 -79.16 57.13 -86.17
C THR I 68 -78.98 58.46 -86.90
N VAL I 69 -77.76 59.01 -86.93
CA VAL I 69 -77.47 60.25 -87.66
C VAL I 69 -77.45 60.04 -89.14
N ALA I 70 -76.81 58.97 -89.65
CA ALA I 70 -76.84 58.67 -91.09
C ALA I 70 -78.28 58.51 -91.57
N THR I 71 -79.03 57.65 -90.90
CA THR I 71 -80.41 57.35 -91.25
C THR I 71 -81.27 58.60 -91.33
N GLY I 72 -81.12 59.58 -90.43
CA GLY I 72 -81.91 60.79 -90.54
C GLY I 72 -81.61 61.57 -91.80
N LEU I 73 -80.34 61.71 -92.16
CA LEU I 73 -79.93 62.43 -93.36
C LEU I 73 -80.35 61.67 -94.62
N ASP I 74 -80.24 60.34 -94.62
CA ASP I 74 -80.57 59.56 -95.80
C ASP I 74 -82.05 59.69 -96.16
N MET I 75 -82.93 59.65 -95.16
CA MET I 75 -84.35 59.78 -95.43
C MET I 75 -84.70 61.17 -95.94
N LEU I 76 -83.99 62.20 -95.46
CA LEU I 76 -84.23 63.55 -95.97
C LEU I 76 -83.87 63.67 -97.44
N TYR I 77 -82.72 63.11 -97.84
CA TYR I 77 -82.32 63.17 -99.24
C TYR I 77 -83.21 62.31 -100.11
N THR I 78 -83.86 61.31 -99.55
CA THR I 78 -84.72 60.44 -100.34
C THR I 78 -85.85 61.22 -101.00
N PHE I 79 -86.48 62.13 -100.26
CA PHE I 79 -87.63 62.85 -100.79
C PHE I 79 -87.21 64.10 -101.54
N VAL I 80 -86.05 64.68 -101.21
CA VAL I 80 -85.55 65.83 -101.95
C VAL I 80 -85.25 65.44 -103.40
N GLU I 81 -84.61 64.28 -103.58
CA GLU I 81 -84.34 63.79 -104.93
C GLU I 81 -85.64 63.50 -105.68
N LYS I 82 -86.64 62.94 -104.98
CA LYS I 82 -87.91 62.63 -105.61
C LYS I 82 -88.60 63.90 -106.10
N ALA I 83 -88.56 64.97 -105.31
CA ALA I 83 -89.26 66.20 -105.67
C ALA I 83 -88.67 66.83 -106.93
N PHE I 84 -87.34 66.88 -107.01
CA PHE I 84 -86.65 67.52 -108.13
C PHE I 84 -86.39 66.57 -109.29
N LYS I 85 -87.13 65.46 -109.37
CA LYS I 85 -87.02 64.54 -110.50
C LYS I 85 -88.02 64.89 -111.59
N ASP I 86 -89.31 64.95 -111.25
CA ASP I 86 -90.36 65.32 -112.19
C ASP I 86 -90.73 66.79 -112.04
N PHE I 87 -89.75 67.65 -112.33
CA PHE I 87 -89.98 69.09 -112.23
C PHE I 87 -90.73 69.60 -113.45
N LYS I 88 -91.29 70.79 -113.31
CA LYS I 88 -92.06 71.42 -114.39
C LYS I 88 -91.78 72.91 -114.40
N VAL I 89 -91.87 73.50 -115.59
CA VAL I 89 -91.75 74.95 -115.78
C VAL I 89 -93.12 75.49 -116.16
N ILE I 90 -93.61 76.45 -115.38
CA ILE I 90 -94.94 77.01 -115.56
C ILE I 90 -94.80 78.32 -116.34
N PRO I 91 -95.32 78.42 -117.56
CA PRO I 91 -95.20 79.67 -118.32
C PRO I 91 -96.28 80.66 -117.96
N GLY I 92 -96.21 81.87 -118.53
CA GLY I 92 -97.21 82.89 -118.34
C GLY I 92 -98.35 82.77 -119.33
N GLU I 93 -99.02 83.90 -119.57
CA GLU I 93 -100.15 83.93 -120.48
C GLU I 93 -99.77 84.33 -121.90
N SER I 94 -98.84 85.28 -122.05
CA SER I 94 -98.49 85.78 -123.37
C SER I 94 -97.75 84.72 -124.18
N GLU I 95 -97.73 84.91 -125.49
CA GLU I 95 -97.05 83.98 -126.38
C GLU I 95 -95.54 84.00 -126.18
N GLU I 96 -94.99 85.15 -125.77
CA GLU I 96 -93.54 85.25 -125.55
C GLU I 96 -93.10 84.33 -124.41
N SER I 97 -93.88 84.28 -123.33
CA SER I 97 -93.50 83.48 -122.17
C SER I 97 -93.45 81.99 -122.51
N LYS I 98 -94.38 81.52 -123.35
CA LYS I 98 -94.42 80.11 -123.68
C LYS I 98 -93.15 79.68 -124.42
N LYS I 99 -92.66 80.51 -125.33
CA LYS I 99 -91.40 80.21 -126.00
C LYS I 99 -90.24 80.22 -125.02
N ALA I 100 -90.22 81.16 -124.09
CA ALA I 100 -89.16 81.21 -123.08
C ALA I 100 -89.20 79.99 -122.17
N ALA I 101 -90.39 79.51 -121.81
CA ALA I 101 -90.49 78.36 -120.93
C ALA I 101 -89.90 77.12 -121.59
N LYS I 102 -90.15 76.94 -122.90
CA LYS I 102 -89.61 75.78 -123.60
C LYS I 102 -88.08 75.82 -123.62
N PHE I 103 -87.50 77.00 -123.83
CA PHE I 103 -86.05 77.11 -123.85
C PHE I 103 -85.46 76.85 -122.47
N ILE I 104 -86.15 77.29 -121.42
CA ILE I 104 -85.68 77.03 -120.06
C ILE I 104 -85.66 75.54 -119.77
N GLU I 105 -86.71 74.82 -120.19
CA GLU I 105 -86.77 73.39 -119.95
C GLU I 105 -85.65 72.66 -120.67
N TYR I 106 -85.33 73.09 -121.90
CA TYR I 106 -84.23 72.48 -122.64
C TYR I 106 -82.91 72.68 -121.93
N CYS I 107 -82.66 73.91 -121.44
CA CYS I 107 -81.39 74.21 -120.79
C CYS I 107 -81.22 73.42 -119.50
N LEU I 108 -82.30 73.31 -118.72
CA LEU I 108 -82.22 72.63 -117.43
C LEU I 108 -82.12 71.11 -117.57
N LYS I 109 -82.52 70.56 -118.71
CA LYS I 109 -82.50 69.13 -118.94
C LYS I 109 -81.38 68.69 -119.86
N ASN I 110 -80.43 69.58 -120.18
CA ASN I 110 -79.37 69.24 -121.12
C ASN I 110 -78.00 69.72 -120.63
N MET I 111 -77.81 69.80 -119.32
CA MET I 111 -76.48 70.09 -118.81
C MET I 111 -75.54 68.93 -119.10
N GLU I 112 -74.33 69.25 -119.56
CA GLU I 112 -73.38 68.23 -119.97
C GLU I 112 -72.85 67.52 -118.72
N GLY I 113 -73.35 66.32 -118.49
CA GLY I 113 -72.92 65.51 -117.37
C GLY I 113 -73.59 65.81 -116.04
N GLN I 114 -74.66 66.60 -116.03
CA GLN I 114 -75.33 66.96 -114.79
C GLN I 114 -76.84 66.86 -114.96
N THR I 115 -77.52 66.55 -113.86
CA THR I 115 -78.97 66.52 -113.80
C THR I 115 -79.42 67.24 -112.53
N LEU I 116 -80.67 67.68 -112.53
CA LEU I 116 -81.19 68.39 -111.37
C LEU I 116 -81.25 67.51 -110.13
N ARG I 117 -81.41 66.20 -110.29
CA ARG I 117 -81.37 65.30 -109.14
C ARG I 117 -79.99 65.34 -108.48
N GLN I 118 -78.94 65.32 -109.28
CA GLN I 118 -77.59 65.44 -108.73
C GLN I 118 -77.38 66.83 -108.13
N PHE I 119 -77.90 67.87 -108.79
CA PHE I 119 -77.79 69.22 -108.22
C PHE I 119 -78.58 69.34 -106.93
N ALA I 120 -79.78 68.75 -106.87
CA ALA I 120 -80.60 68.85 -105.67
C ALA I 120 -79.93 68.16 -104.49
N ARG I 121 -79.29 67.01 -104.73
CA ARG I 121 -78.63 66.27 -103.67
C ARG I 121 -77.26 66.82 -103.30
N ASP I 122 -76.68 67.67 -104.13
CA ASP I 122 -75.53 68.49 -103.77
C ASP I 122 -75.95 69.77 -103.07
N ALA I 123 -77.04 70.39 -103.52
CA ALA I 123 -77.49 71.62 -102.90
C ALA I 123 -77.95 71.40 -101.47
N ALA I 124 -78.59 70.26 -101.21
CA ALA I 124 -79.16 69.98 -99.89
C ALA I 124 -78.11 69.67 -98.83
N THR I 125 -76.82 69.85 -99.13
CA THR I 125 -75.78 69.58 -98.15
C THR I 125 -75.70 70.64 -97.05
N PHE I 126 -76.45 71.74 -97.17
CA PHE I 126 -76.46 72.73 -96.10
C PHE I 126 -77.14 72.23 -94.85
N ASN I 127 -77.82 71.09 -94.91
CA ASN I 127 -78.36 70.46 -93.70
C ASN I 127 -77.26 69.82 -92.86
N GLU I 128 -76.05 69.68 -93.39
CA GLU I 128 -74.89 69.13 -92.70
C GLU I 128 -73.92 70.25 -92.28
N TYR I 129 -73.71 71.27 -93.11
CA TYR I 129 -72.72 72.35 -92.87
C TYR I 129 -73.29 73.78 -92.84
N GLY I 130 -74.61 73.97 -92.82
CA GLY I 130 -75.22 75.31 -92.83
C GLY I 130 -75.07 76.12 -94.12
N LEU I 131 -74.35 75.62 -95.13
CA LEU I 131 -73.89 76.39 -96.29
C LEU I 131 -73.73 75.51 -97.55
N SER I 132 -73.82 76.09 -98.75
CA SER I 132 -73.72 75.39 -100.02
C SER I 132 -73.35 76.41 -101.09
N VAL I 133 -72.37 76.06 -101.93
CA VAL I 133 -71.85 76.96 -102.94
C VAL I 133 -71.95 76.28 -104.30
N VAL I 134 -72.59 76.95 -105.25
CA VAL I 134 -72.73 76.47 -106.62
C VAL I 134 -72.35 77.60 -107.57
N GLU I 135 -71.52 77.29 -108.55
CA GLU I 135 -71.05 78.26 -109.53
C GLU I 135 -71.69 78.00 -110.88
N LYS I 136 -72.14 79.07 -111.54
CA LYS I 136 -72.85 78.97 -112.81
C LYS I 136 -71.89 79.24 -113.96
N VAL I 137 -71.82 78.30 -114.91
CA VAL I 137 -70.98 78.41 -116.08
C VAL I 137 -71.86 78.31 -117.32
N TYR I 138 -71.70 79.26 -118.24
CA TYR I 138 -72.50 79.31 -119.46
C TYR I 138 -71.63 79.04 -120.67
N THR I 139 -72.22 78.38 -121.66
CA THR I 139 -71.52 78.04 -122.90
C THR I 139 -72.45 78.26 -124.08
N GLN I 140 -71.86 78.45 -125.25
CA GLN I 140 -72.60 78.68 -126.48
C GLN I 140 -72.93 77.35 -127.17
N ILE I 141 -74.01 77.35 -127.93
CA ILE I 141 -74.46 76.16 -128.63
C ILE I 141 -73.82 76.12 -130.01
N ALA I 142 -73.31 74.96 -130.40
CA ALA I 142 -72.71 74.81 -131.72
C ALA I 142 -73.75 74.36 -132.75
N VAL I 143 -74.38 73.20 -132.52
CA VAL I 143 -75.43 72.69 -133.39
C VAL I 143 -76.57 72.19 -132.53
N GLY I 144 -77.80 72.58 -132.88
CA GLY I 144 -78.96 72.15 -132.16
C GLY I 144 -80.17 72.99 -132.53
N GLU I 145 -81.22 72.86 -131.72
CA GLU I 145 -82.46 73.57 -131.98
C GLU I 145 -82.32 75.06 -131.74
N TYR I 146 -81.46 75.45 -130.80
CA TYR I 146 -81.31 76.84 -130.41
C TYR I 146 -79.90 77.34 -130.69
N VAL I 147 -79.38 77.05 -131.88
CA VAL I 147 -78.02 77.45 -132.23
C VAL I 147 -77.87 78.96 -132.09
N GLY I 148 -76.77 79.38 -131.46
CA GLY I 148 -76.47 80.76 -131.20
C GLY I 148 -76.77 81.23 -129.78
N LYS I 149 -77.59 80.48 -129.05
CA LYS I 149 -77.94 80.85 -127.69
C LYS I 149 -76.94 80.26 -126.70
N TYR I 150 -77.17 80.55 -125.42
CA TYR I 150 -76.28 80.12 -124.35
C TYR I 150 -77.02 79.16 -123.42
N LYS I 151 -76.45 77.98 -123.21
CA LYS I 151 -76.94 77.05 -122.21
C LYS I 151 -76.25 77.32 -120.88
N VAL I 152 -76.45 76.43 -119.93
CA VAL I 152 -75.62 76.33 -118.72
C VAL I 152 -74.87 75.02 -118.82
N LYS I 153 -73.54 75.09 -118.76
CA LYS I 153 -72.73 73.88 -118.93
C LYS I 153 -72.83 72.99 -117.69
N ASN I 154 -72.45 73.54 -116.53
CA ASN I 154 -72.51 72.78 -115.29
C ASN I 154 -72.82 73.73 -114.14
N LEU I 155 -73.68 73.28 -113.23
CA LEU I 155 -73.88 73.93 -111.95
C LEU I 155 -72.84 73.36 -111.00
N ALA I 156 -71.61 73.87 -111.13
CA ALA I 156 -70.44 73.26 -110.50
C ALA I 156 -70.54 73.38 -108.99
N PHE I 157 -70.64 72.22 -108.32
CA PHE I 157 -70.66 72.18 -106.87
C PHE I 157 -69.26 72.37 -106.32
N ARG I 158 -69.10 73.29 -105.37
CA ARG I 158 -67.85 73.49 -104.67
C ARG I 158 -67.94 72.88 -103.28
N PRO I 159 -67.26 71.77 -103.01
CA PRO I 159 -67.38 71.12 -101.70
C PRO I 159 -66.93 72.05 -100.58
N GLN I 160 -67.61 71.96 -99.46
CA GLN I 160 -67.34 72.78 -98.28
C GLN I 160 -65.95 72.43 -97.75
N ALA I 161 -65.55 71.16 -97.80
CA ALA I 161 -64.23 70.75 -97.39
C ALA I 161 -63.09 71.38 -98.20
N SER I 162 -63.25 71.56 -99.52
CA SER I 162 -62.22 72.22 -100.33
C SER I 162 -62.22 73.73 -100.17
N LEU I 163 -63.14 74.39 -99.45
CA LEU I 163 -63.11 75.87 -99.26
C LEU I 163 -61.96 76.36 -98.36
N SER I 164 -61.80 77.67 -98.24
CA SER I 164 -60.78 78.27 -97.36
C SER I 164 -61.10 78.03 -95.89
N ARG I 165 -60.17 77.42 -95.14
CA ARG I 165 -60.35 77.17 -93.71
C ARG I 165 -60.22 78.42 -92.84
N THR I 166 -59.66 79.52 -93.33
CA THR I 166 -59.42 80.71 -92.50
C THR I 166 -60.59 81.68 -92.60
N ASN I 167 -60.68 82.47 -93.67
CA ASN I 167 -61.92 83.15 -94.05
C ASN I 167 -62.50 82.51 -95.31
N PRO I 168 -63.65 81.83 -95.23
CA PRO I 168 -64.31 81.30 -96.40
C PRO I 168 -65.01 82.41 -97.16
N ILE I 169 -65.61 83.38 -96.47
CA ILE I 169 -66.43 84.40 -97.11
C ILE I 169 -65.83 85.76 -96.81
N VAL I 170 -65.67 86.58 -97.84
CA VAL I 170 -65.02 87.87 -97.73
C VAL I 170 -66.07 88.97 -97.93
N TYR I 171 -65.99 90.01 -97.11
CA TYR I 171 -66.95 91.10 -97.09
C TYR I 171 -66.33 92.38 -97.62
N ASN I 172 -67.08 93.48 -97.50
CA ASN I 172 -66.60 94.79 -97.88
C ASN I 172 -65.52 95.24 -96.88
N SER I 173 -65.04 96.47 -97.05
CA SER I 173 -64.23 97.09 -96.00
C SER I 173 -65.02 97.17 -94.70
N ASP I 174 -66.33 97.34 -94.80
CA ASP I 174 -67.24 97.21 -93.68
C ASP I 174 -67.91 95.84 -93.70
N GLY I 175 -68.61 95.51 -92.62
CA GLY I 175 -69.34 94.26 -92.54
C GLY I 175 -70.74 94.36 -93.12
N SER I 176 -70.88 95.04 -94.25
CA SER I 176 -72.21 95.30 -94.80
C SER I 176 -72.67 94.21 -95.76
N ALA I 177 -71.85 93.87 -96.75
CA ALA I 177 -72.27 92.95 -97.80
C ALA I 177 -71.14 91.99 -98.10
N ILE I 178 -71.38 91.12 -99.09
CA ILE I 178 -70.43 90.06 -99.49
C ILE I 178 -69.93 90.37 -100.89
N VAL I 179 -68.63 90.21 -101.10
CA VAL I 179 -68.03 90.51 -102.40
C VAL I 179 -67.69 89.21 -103.13
N GLY I 180 -67.50 88.13 -102.39
CA GLY I 180 -67.14 86.88 -103.03
C GLY I 180 -66.90 85.79 -102.00
N ILE I 181 -66.47 84.63 -102.50
CA ILE I 181 -66.18 83.46 -101.70
C ILE I 181 -64.80 82.94 -102.09
N LYS I 182 -64.00 82.59 -101.08
CA LYS I 182 -62.62 82.17 -101.29
C LYS I 182 -62.52 80.65 -101.26
N GLN I 183 -61.73 80.10 -102.18
CA GLN I 183 -61.43 78.68 -102.21
C GLN I 183 -59.95 78.46 -101.97
N SER I 184 -59.62 77.41 -101.22
CA SER I 184 -58.24 77.16 -100.84
C SER I 184 -57.40 76.79 -102.06
N LEU I 185 -56.10 77.09 -101.98
CA LEU I 185 -55.18 76.76 -103.07
C LEU I 185 -54.80 75.29 -103.07
N SER I 186 -55.10 74.56 -101.99
CA SER I 186 -54.76 73.14 -101.92
C SER I 186 -55.74 72.25 -102.66
N ALA I 187 -56.86 72.80 -103.13
CA ALA I 187 -57.82 72.02 -103.90
C ALA I 187 -57.42 71.86 -105.36
N PHE I 188 -56.37 72.53 -105.81
CA PHE I 188 -55.92 72.47 -107.19
C PHE I 188 -54.75 71.50 -107.36
N GLN I 189 -54.71 70.44 -106.55
CA GLN I 189 -53.61 69.49 -106.57
C GLN I 189 -54.16 68.07 -106.62
N ASN I 190 -53.35 67.15 -107.14
CA ASN I 190 -53.71 65.75 -107.25
C ASN I 190 -52.73 64.90 -106.45
N TYR I 191 -53.21 63.75 -105.99
CA TYR I 191 -52.39 62.84 -105.20
C TYR I 191 -52.28 61.48 -105.87
N VAL I 208 -57.77 81.53 -104.29
CA VAL I 208 -58.57 82.18 -105.33
C VAL I 208 -59.89 82.66 -104.74
N ILE I 209 -60.43 83.74 -105.30
CA ILE I 209 -61.68 84.32 -104.85
C ILE I 209 -62.64 84.35 -106.03
N ILE I 210 -63.78 83.69 -105.87
CA ILE I 210 -64.82 83.65 -106.90
C ILE I 210 -65.78 84.81 -106.64
N PRO I 211 -66.06 85.66 -107.62
CA PRO I 211 -66.98 86.79 -107.39
C PRO I 211 -68.36 86.30 -107.01
N ILE I 212 -69.05 87.11 -106.20
CA ILE I 212 -70.35 86.73 -105.67
C ILE I 212 -71.39 86.64 -106.78
N SER I 213 -71.23 87.41 -107.86
CA SER I 213 -72.22 87.41 -108.93
C SER I 213 -72.28 86.07 -109.63
N ARG I 214 -71.22 85.27 -109.56
CA ARG I 214 -71.17 83.97 -110.21
C ARG I 214 -71.63 82.83 -109.31
N VAL I 215 -71.94 83.10 -108.05
CA VAL I 215 -72.16 82.06 -107.06
C VAL I 215 -73.60 82.12 -106.57
N MET I 216 -74.18 80.93 -106.38
CA MET I 216 -75.52 80.78 -105.79
C MET I 216 -75.35 80.25 -104.38
N LEU I 217 -75.70 81.05 -103.38
CA LEU I 217 -75.53 80.69 -101.98
C LEU I 217 -76.85 80.21 -101.38
N MET I 218 -76.80 79.07 -100.70
CA MET I 218 -77.93 78.57 -99.93
C MET I 218 -77.48 78.30 -98.51
N ASN I 219 -78.30 78.74 -97.54
CA ASN I 219 -78.00 78.51 -96.14
C ASN I 219 -79.31 78.38 -95.37
N THR I 220 -79.23 77.78 -94.18
CA THR I 220 -80.40 77.52 -93.38
C THR I 220 -80.05 77.66 -91.90
N GLY I 221 -81.10 77.79 -91.08
CA GLY I 221 -80.94 77.85 -89.65
C GLY I 221 -80.62 79.21 -89.07
N GLY I 222 -80.42 80.23 -89.92
CA GLY I 222 -80.08 81.55 -89.45
C GLY I 222 -80.82 82.61 -90.24
N SER I 223 -80.70 83.85 -89.77
CA SER I 223 -81.29 84.99 -90.44
C SER I 223 -80.45 85.37 -91.65
N SER I 224 -80.84 86.47 -92.31
CA SER I 224 -80.12 86.91 -93.49
C SER I 224 -78.74 87.46 -93.14
N SER I 225 -78.50 87.77 -91.86
CA SER I 225 -77.23 88.34 -91.43
C SER I 225 -76.22 87.27 -91.02
N GLN I 226 -76.52 85.98 -91.12
CA GLN I 226 -75.60 84.88 -90.78
C GLN I 226 -75.17 84.19 -92.08
N ALA I 227 -74.05 84.62 -92.68
CA ALA I 227 -73.53 84.01 -93.91
C ALA I 227 -73.27 82.53 -93.71
N LEU I 228 -72.56 82.15 -92.64
CA LEU I 228 -72.36 80.76 -92.27
C LEU I 228 -73.56 80.29 -91.47
N GLY I 229 -74.50 79.62 -92.13
CA GLY I 229 -75.72 79.19 -91.51
C GLY I 229 -75.51 78.23 -90.36
N VAL I 230 -76.51 78.03 -89.51
CA VAL I 230 -76.42 77.10 -88.38
C VAL I 230 -76.75 75.69 -88.83
N SER I 231 -75.77 74.79 -88.86
CA SER I 231 -76.03 73.40 -89.19
C SER I 231 -77.04 72.76 -88.24
N PRO I 232 -78.06 72.02 -88.70
CA PRO I 232 -78.98 71.28 -87.82
C PRO I 232 -78.27 70.38 -86.83
N LEU I 233 -77.04 69.94 -87.06
CA LEU I 233 -76.25 69.15 -86.09
C LEU I 233 -75.80 69.96 -84.86
N VAL I 234 -75.78 71.29 -84.93
CA VAL I 234 -75.61 72.15 -83.76
C VAL I 234 -76.87 72.11 -82.90
N GLY I 235 -76.70 71.84 -81.61
CA GLY I 235 -77.78 71.39 -80.74
C GLY I 235 -77.68 69.88 -80.52
N CYS I 236 -77.76 69.07 -81.58
CA CYS I 236 -77.60 67.62 -81.46
C CYS I 236 -76.28 67.22 -80.80
N TYR I 237 -75.22 67.97 -81.06
CA TYR I 237 -73.87 67.62 -80.69
C TYR I 237 -73.69 67.14 -79.24
N ARG I 238 -74.17 67.89 -78.25
CA ARG I 238 -74.08 67.51 -76.85
C ARG I 238 -74.81 66.20 -76.58
N ALA I 239 -75.98 66.02 -77.20
CA ALA I 239 -76.72 64.77 -77.04
C ALA I 239 -75.98 63.61 -77.70
N TRP I 240 -75.35 63.82 -78.85
CA TRP I 240 -74.62 62.77 -79.52
C TRP I 240 -73.41 62.32 -78.69
N ARG I 241 -72.68 63.25 -78.07
CA ARG I 241 -71.56 62.96 -77.15
C ARG I 241 -71.97 62.05 -76.00
N GLU I 242 -73.12 62.27 -75.39
CA GLU I 242 -73.64 61.45 -74.30
C GLU I 242 -74.09 60.08 -74.80
N LYS I 243 -74.80 60.05 -75.93
CA LYS I 243 -75.40 58.84 -76.48
C LYS I 243 -74.32 57.81 -76.71
N ILE I 244 -73.22 58.24 -77.32
CA ILE I 244 -72.05 57.40 -77.61
C ILE I 244 -71.47 56.85 -76.31
N LEU I 245 -71.14 57.69 -75.35
CA LEU I 245 -70.51 57.26 -74.10
C LEU I 245 -71.32 56.18 -73.40
N ILE I 246 -72.65 56.33 -73.37
CA ILE I 246 -73.49 55.36 -72.67
C ILE I 246 -73.42 54.00 -73.36
N GLU I 247 -73.45 53.99 -74.70
CA GLU I 247 -73.37 52.73 -75.43
C GLU I 247 -72.06 52.01 -75.13
N ASN I 248 -70.97 52.76 -74.94
CA ASN I 248 -69.69 52.15 -74.60
C ASN I 248 -69.74 51.48 -73.24
N LEU I 249 -70.44 52.10 -72.28
CA LEU I 249 -70.53 51.52 -70.95
C LEU I 249 -71.32 50.22 -70.95
N GLU I 250 -72.33 50.11 -71.81
CA GLU I 250 -73.16 48.91 -71.86
C GLU I 250 -72.34 47.71 -72.33
N VAL I 251 -71.48 47.90 -73.33
CA VAL I 251 -70.71 46.79 -73.86
C VAL I 251 -69.71 46.28 -72.82
N VAL I 252 -68.96 47.18 -72.19
CA VAL I 252 -67.98 46.77 -71.19
C VAL I 252 -68.70 46.24 -69.95
N GLY I 253 -69.87 46.80 -69.63
CA GLY I 253 -70.60 46.33 -68.47
C GLY I 253 -71.10 44.91 -68.62
N ALA I 254 -71.58 44.56 -69.82
CA ALA I 254 -72.09 43.20 -70.04
C ALA I 254 -70.96 42.18 -70.06
N THR I 255 -69.79 42.58 -70.56
CA THR I 255 -68.64 41.69 -70.59
C THR I 255 -68.09 41.41 -69.19
N LYS I 256 -68.20 42.37 -68.27
CA LYS I 256 -67.57 42.26 -66.96
C LYS I 256 -68.52 41.81 -65.86
N ASP I 257 -69.71 41.32 -66.20
CA ASP I 257 -70.68 40.88 -65.20
C ASP I 257 -70.45 39.42 -64.78
N MET I 258 -69.28 39.14 -64.21
CA MET I 258 -68.90 37.77 -63.85
C MET I 258 -69.72 37.27 -62.66
N GLY I 259 -71.00 37.03 -62.92
CA GLY I 259 -71.87 36.40 -61.94
C GLY I 259 -71.86 34.89 -62.12
N GLY I 260 -71.70 34.19 -61.00
CA GLY I 260 -71.64 32.74 -61.03
C GLY I 260 -70.30 32.16 -61.41
N VAL I 261 -69.23 32.96 -61.38
CA VAL I 261 -67.92 32.44 -61.71
C VAL I 261 -67.45 31.46 -60.63
N ILE I 262 -66.64 30.50 -61.05
CA ILE I 262 -66.18 29.42 -60.17
C ILE I 262 -64.94 29.87 -59.42
N GLU I 263 -64.95 29.69 -58.11
CA GLU I 263 -63.79 29.98 -57.27
C GLU I 263 -63.41 28.72 -56.50
N LEU I 264 -62.10 28.45 -56.46
CA LEU I 264 -61.57 27.28 -55.77
C LEU I 264 -60.58 27.73 -54.71
N LYS I 265 -60.64 27.07 -53.55
CA LYS I 265 -59.72 27.34 -52.45
C LYS I 265 -58.92 26.08 -52.16
N ILE I 266 -57.60 26.22 -52.12
CA ILE I 266 -56.68 25.10 -51.91
C ILE I 266 -55.67 25.53 -50.87
N PRO I 267 -55.26 24.65 -49.95
CA PRO I 267 -54.21 25.03 -48.99
C PRO I 267 -52.93 25.45 -49.70
N SER I 268 -52.27 26.48 -49.15
CA SER I 268 -51.11 27.05 -49.81
C SER I 268 -49.90 26.12 -49.78
N GLN I 269 -49.94 25.07 -48.96
CA GLN I 269 -48.84 24.11 -48.94
C GLN I 269 -48.71 23.41 -50.29
N ILE I 270 -49.84 23.06 -50.90
CA ILE I 270 -49.81 22.41 -52.21
C ILE I 270 -49.38 23.39 -53.29
N LEU I 271 -49.89 24.62 -53.23
CA LEU I 271 -49.55 25.62 -54.24
C LEU I 271 -48.07 25.96 -54.19
N ASN I 272 -47.52 26.09 -52.98
CA ASN I 272 -46.11 26.48 -52.85
C ASN I 272 -45.18 25.33 -53.24
N LYS I 273 -45.56 24.09 -52.90
CA LYS I 273 -44.73 22.95 -53.24
C LYS I 273 -44.62 22.77 -54.75
N ALA I 274 -45.73 22.98 -55.46
CA ALA I 274 -45.71 22.86 -56.92
C ALA I 274 -44.78 23.89 -57.56
N ALA I 275 -44.78 25.12 -57.03
CA ALA I 275 -43.98 26.18 -57.62
C ALA I 275 -42.47 25.91 -57.50
N MET I 276 -42.04 25.19 -56.46
CA MET I 276 -40.62 24.93 -56.25
C MET I 276 -40.21 23.51 -56.61
N ASP I 277 -41.16 22.60 -56.82
CA ASP I 277 -40.88 21.22 -57.19
C ASP I 277 -41.71 20.86 -58.42
N PRO I 278 -41.25 21.23 -59.62
CA PRO I 278 -42.02 20.93 -60.83
C PRO I 278 -42.22 19.46 -61.10
N SER I 279 -41.40 18.59 -60.52
CA SER I 279 -41.47 17.15 -60.74
C SER I 279 -41.95 16.42 -59.49
N SER I 280 -42.91 17.00 -58.78
CA SER I 280 -43.49 16.41 -57.58
C SER I 280 -44.97 16.14 -57.80
N PRO I 281 -45.57 15.21 -57.05
CA PRO I 281 -46.99 14.92 -57.26
C PRO I 281 -47.90 16.13 -57.10
N GLU I 282 -47.52 17.09 -56.25
CA GLU I 282 -48.29 18.32 -56.14
C GLU I 282 -48.31 19.09 -57.45
N ALA I 283 -47.19 19.12 -58.17
CA ALA I 283 -47.12 19.85 -59.43
C ALA I 283 -48.07 19.26 -60.46
N ASP I 284 -48.15 17.92 -60.53
CA ASP I 284 -49.02 17.28 -61.50
C ASP I 284 -50.49 17.62 -61.25
N MET I 285 -50.92 17.59 -59.98
CA MET I 285 -52.31 17.86 -59.67
C MET I 285 -52.66 19.32 -59.92
N VAL I 286 -51.73 20.23 -59.64
CA VAL I 286 -51.97 21.64 -59.91
C VAL I 286 -52.14 21.89 -61.40
N ARG I 287 -51.27 21.29 -62.22
CA ARG I 287 -51.41 21.43 -63.67
C ARG I 287 -52.72 20.83 -64.17
N GLY I 288 -53.19 19.76 -63.55
CA GLY I 288 -54.48 19.19 -63.93
C GLY I 288 -55.63 20.13 -63.61
N LEU I 289 -55.57 20.80 -62.46
CA LEU I 289 -56.64 21.72 -62.09
C LEU I 289 -56.73 22.90 -63.04
N MET I 290 -55.57 23.42 -63.47
CA MET I 290 -55.58 24.60 -64.34
C MET I 290 -56.25 24.33 -65.67
N SER I 291 -56.26 23.06 -66.12
CA SER I 291 -56.92 22.72 -67.36
C SER I 291 -58.34 22.20 -67.14
N ASP I 292 -58.56 21.43 -66.07
CA ASP I 292 -59.89 20.89 -65.79
C ASP I 292 -60.87 22.01 -65.45
N ALA I 293 -60.42 22.99 -64.67
CA ALA I 293 -61.31 24.07 -64.25
C ALA I 293 -61.71 24.95 -65.43
N ALA I 294 -60.80 25.15 -66.39
CA ALA I 294 -61.13 25.93 -67.57
C ALA I 294 -62.24 25.27 -68.38
N ASN I 295 -62.23 23.95 -68.46
CA ASN I 295 -63.20 23.20 -69.26
C ASN I 295 -64.47 22.86 -68.48
N ALA I 296 -64.62 23.35 -67.25
CA ALA I 296 -65.75 22.96 -66.43
C ALA I 296 -67.05 23.59 -66.93
N HIS I 297 -67.76 22.88 -67.78
CA HIS I 297 -69.06 23.28 -68.29
C HIS I 297 -70.16 22.46 -67.61
N SER I 298 -71.39 22.62 -68.07
CA SER I 298 -72.52 21.82 -67.60
C SER I 298 -72.90 20.82 -68.68
N GLY I 299 -72.97 19.55 -68.32
CA GLY I 299 -73.26 18.50 -69.26
C GLY I 299 -73.82 17.26 -68.60
N GLU I 300 -73.57 16.12 -69.24
CA GLU I 300 -74.11 14.84 -68.78
C GLU I 300 -73.28 14.22 -67.66
N GLN I 301 -72.06 14.72 -67.41
CA GLN I 301 -71.19 14.12 -66.42
C GLN I 301 -70.52 15.14 -65.52
N SER I 302 -71.12 16.32 -65.35
CA SER I 302 -70.51 17.37 -64.55
C SER I 302 -70.78 17.15 -63.07
N PHE I 303 -69.73 17.16 -62.27
CA PHE I 303 -69.82 17.06 -60.81
C PHE I 303 -68.50 17.52 -60.23
N PHE I 304 -68.47 17.62 -58.90
CA PHE I 304 -67.27 18.02 -58.18
C PHE I 304 -67.06 17.10 -56.99
N MET I 305 -65.79 16.78 -56.73
CA MET I 305 -65.41 15.94 -55.60
C MET I 305 -64.19 16.55 -54.94
N LEU I 306 -64.34 16.97 -53.69
CA LEU I 306 -63.31 17.68 -52.95
C LEU I 306 -63.06 17.00 -51.61
N PRO I 307 -61.85 17.08 -51.09
CA PRO I 307 -61.60 16.60 -49.72
C PRO I 307 -62.38 17.43 -48.71
N SER I 308 -62.76 16.77 -47.61
CA SER I 308 -63.56 17.39 -46.57
C SER I 308 -62.78 17.66 -45.30
N ASP I 309 -61.47 17.84 -45.39
CA ASP I 309 -60.68 18.13 -44.21
C ASP I 309 -61.03 19.50 -43.63
N THR I 310 -60.76 19.67 -42.35
CA THR I 310 -61.06 20.91 -41.65
C THR I 310 -59.97 21.21 -40.65
N LYS I 311 -59.46 22.44 -40.68
CA LYS I 311 -58.41 22.89 -39.77
C LYS I 311 -58.88 23.92 -38.75
N ASP I 312 -59.87 24.74 -39.09
CA ASP I 312 -60.36 25.80 -38.22
C ASP I 312 -61.85 25.96 -38.48
N ASN I 313 -62.41 27.10 -38.08
CA ASN I 313 -63.84 27.35 -38.32
C ASN I 313 -64.17 27.26 -39.81
N ALA I 314 -63.19 27.55 -40.69
CA ALA I 314 -63.29 27.46 -42.13
C ALA I 314 -62.70 26.15 -42.64
N PRO I 315 -63.24 25.58 -43.72
CA PRO I 315 -62.71 24.32 -44.24
C PRO I 315 -61.48 24.54 -45.11
N GLN I 316 -60.72 23.45 -45.25
CA GLN I 316 -59.49 23.51 -46.04
C GLN I 316 -59.80 23.66 -47.53
N TYR I 317 -60.72 22.84 -48.05
CA TYR I 317 -61.09 22.86 -49.45
C TYR I 317 -62.54 23.28 -49.59
N SER I 318 -62.83 24.08 -50.61
CA SER I 318 -64.19 24.55 -50.84
C SER I 318 -64.36 24.92 -52.30
N MET I 319 -65.61 24.98 -52.72
CA MET I 319 -65.98 25.42 -54.08
C MET I 319 -67.31 26.13 -54.01
N THR I 320 -67.33 27.41 -54.34
CA THR I 320 -68.55 28.19 -54.34
C THR I 320 -68.65 28.99 -55.63
N LEU I 321 -69.87 29.34 -56.00
CA LEU I 321 -70.14 30.18 -57.15
C LEU I 321 -70.43 31.61 -56.66
N LYS I 322 -69.65 32.56 -57.15
CA LYS I 322 -69.76 33.94 -56.68
C LYS I 322 -71.04 34.60 -57.18
N GLY I 323 -71.44 35.63 -56.45
CA GLY I 323 -72.56 36.47 -56.82
C GLY I 323 -72.38 37.83 -56.20
N ILE I 324 -73.10 38.82 -56.74
CA ILE I 324 -72.98 40.19 -56.26
C ILE I 324 -73.53 40.26 -54.84
N ASP I 325 -72.67 40.62 -53.89
CA ASP I 325 -73.05 40.69 -52.48
C ASP I 325 -73.64 42.07 -52.20
N GLY I 326 -74.90 42.24 -52.59
CA GLY I 326 -75.59 43.49 -52.39
C GLY I 326 -76.64 43.76 -53.44
N MET I 327 -76.56 44.93 -54.08
CA MET I 327 -77.50 45.33 -55.11
C MET I 327 -76.76 45.67 -56.39
N GLY I 328 -77.40 45.39 -57.53
CA GLY I 328 -76.81 45.64 -58.82
C GLY I 328 -76.96 47.08 -59.26
N LYS I 329 -76.78 47.30 -60.56
CA LYS I 329 -76.88 48.63 -61.12
C LYS I 329 -78.33 49.12 -61.10
N GLN I 330 -78.50 50.44 -61.09
CA GLN I 330 -79.80 51.06 -60.90
C GLN I 330 -80.23 51.97 -62.04
N TYR I 331 -79.30 52.53 -62.82
CA TYR I 331 -79.63 53.63 -63.71
C TYR I 331 -80.37 53.19 -64.98
N SER I 332 -80.34 51.90 -65.32
CA SER I 332 -81.06 51.37 -66.48
C SER I 332 -80.70 52.15 -67.75
N THR I 333 -79.42 52.01 -68.13
CA THR I 333 -78.85 52.76 -69.25
C THR I 333 -79.63 52.61 -70.55
N ALA I 334 -80.59 51.66 -70.61
CA ALA I 334 -81.36 51.48 -71.83
C ALA I 334 -82.20 52.70 -72.15
N GLN I 335 -82.91 53.23 -71.15
CA GLN I 335 -83.82 54.34 -71.41
C GLN I 335 -83.05 55.66 -71.56
N LEU I 336 -81.82 55.72 -71.06
CA LEU I 336 -80.99 56.88 -71.31
C LEU I 336 -80.71 57.05 -72.79
N ILE I 337 -80.41 55.94 -73.49
CA ILE I 337 -80.07 56.01 -74.90
C ILE I 337 -81.30 56.37 -75.73
N SER I 338 -82.46 55.80 -75.38
CA SER I 338 -83.68 56.05 -76.15
C SER I 338 -84.06 57.53 -76.12
N ASP I 339 -83.88 58.17 -74.96
CA ASP I 339 -84.19 59.60 -74.85
C ASP I 339 -83.27 60.43 -75.74
N ARG I 340 -81.99 60.05 -75.82
CA ARG I 340 -81.03 60.80 -76.61
C ARG I 340 -81.22 60.56 -78.11
N LYS I 341 -81.66 59.36 -78.49
CA LYS I 341 -81.93 59.10 -79.90
C LYS I 341 -83.09 59.94 -80.40
N LYS I 342 -84.19 59.99 -79.63
CA LYS I 342 -85.30 60.86 -80.01
C LYS I 342 -84.90 62.33 -79.97
N SER I 343 -83.91 62.65 -79.12
CA SER I 343 -83.40 64.02 -79.07
C SER I 343 -82.71 64.40 -80.36
N ILE I 344 -81.96 63.48 -80.96
CA ILE I 344 -81.22 63.73 -82.20
C ILE I 344 -82.16 63.77 -83.39
N LEU I 345 -83.05 62.78 -83.56
CA LEU I 345 -83.89 62.68 -84.75
C LEU I 345 -84.92 63.81 -84.82
N ASP I 346 -85.28 64.40 -83.68
CA ASP I 346 -86.29 65.46 -83.69
C ASP I 346 -85.80 66.68 -84.46
N ARG I 347 -84.50 66.97 -84.39
CA ARG I 347 -83.96 68.11 -85.13
C ARG I 347 -84.03 67.92 -86.64
N LEU I 348 -84.10 66.68 -87.11
CA LEU I 348 -84.21 66.39 -88.53
C LEU I 348 -85.64 66.04 -88.95
N GLY I 349 -86.59 66.10 -88.02
CA GLY I 349 -87.97 65.76 -88.33
C GLY I 349 -88.23 64.29 -88.59
N ALA I 350 -87.25 63.42 -88.34
CA ALA I 350 -87.38 61.99 -88.59
C ALA I 350 -87.53 61.19 -87.30
N GLY I 351 -88.12 61.78 -86.27
CA GLY I 351 -88.25 61.09 -84.99
C GLY I 351 -89.34 60.04 -84.95
N PHE I 352 -90.13 59.90 -86.01
CA PHE I 352 -91.24 58.94 -86.00
C PHE I 352 -90.77 57.50 -86.11
N ILE I 353 -89.50 57.27 -86.46
CA ILE I 353 -89.02 55.90 -86.62
C ILE I 353 -88.79 55.20 -85.29
N ASN I 354 -88.78 55.95 -84.19
CA ASN I 354 -88.59 55.34 -82.87
C ASN I 354 -89.80 54.54 -82.41
N VAL I 355 -90.96 54.76 -83.02
CA VAL I 355 -92.16 54.04 -82.65
C VAL I 355 -92.05 52.57 -83.03
N GLN I 370 -100.76 64.93 -94.04
CA GLN I 370 -99.56 65.74 -93.86
C GLN I 370 -98.94 65.49 -92.48
N THR I 371 -97.62 65.30 -92.46
CA THR I 371 -96.91 64.99 -91.22
C THR I 371 -95.77 65.99 -91.05
N ILE I 372 -95.09 65.87 -89.90
CA ILE I 372 -93.94 66.74 -89.64
C ILE I 372 -92.82 66.47 -90.63
N HIS I 373 -92.58 65.19 -90.96
CA HIS I 373 -91.51 64.86 -91.87
C HIS I 373 -91.76 65.43 -93.26
N THR I 374 -93.00 65.35 -93.74
CA THR I 374 -93.31 65.91 -95.06
C THR I 374 -93.16 67.43 -95.07
N GLN I 375 -93.57 68.11 -93.99
CA GLN I 375 -93.42 69.55 -93.93
C GLN I 375 -91.96 69.96 -93.84
N PHE I 376 -91.12 69.15 -93.21
CA PHE I 376 -89.69 69.46 -93.12
C PHE I 376 -89.02 69.40 -94.48
N VAL I 377 -89.42 68.45 -95.32
CA VAL I 377 -88.82 68.32 -96.64
C VAL I 377 -89.17 69.53 -97.50
N GLN I 378 -90.39 70.07 -97.34
CA GLN I 378 -90.80 71.22 -98.12
C GLN I 378 -89.92 72.43 -97.86
N ARG I 379 -89.40 72.58 -96.64
CA ARG I 379 -88.49 73.67 -96.33
C ARG I 379 -87.25 73.63 -97.21
N VAL I 380 -86.65 72.45 -97.35
CA VAL I 380 -85.43 72.33 -98.15
C VAL I 380 -85.74 72.59 -99.61
N ASN I 381 -86.89 72.14 -100.09
CA ASN I 381 -87.26 72.34 -101.49
C ASN I 381 -87.40 73.82 -101.81
N GLU I 382 -88.05 74.58 -100.93
CA GLU I 382 -88.31 75.98 -101.20
C GLU I 382 -87.03 76.80 -101.23
N ILE I 383 -86.06 76.47 -100.38
CA ILE I 383 -84.79 77.19 -100.37
C ILE I 383 -84.07 77.01 -101.69
N ILE I 384 -84.04 75.78 -102.21
CA ILE I 384 -83.37 75.52 -103.49
C ILE I 384 -84.09 76.23 -104.62
N LEU I 385 -85.44 76.22 -104.60
CA LEU I 385 -86.20 76.83 -105.68
C LEU I 385 -86.00 78.33 -105.73
N GLU I 386 -85.83 78.99 -104.58
CA GLU I 386 -85.60 80.43 -104.57
C GLU I 386 -84.31 80.77 -105.31
N ALA I 387 -83.24 80.03 -105.05
CA ALA I 387 -81.99 80.25 -105.76
C ALA I 387 -82.15 79.95 -107.24
N LEU I 388 -82.89 78.89 -107.57
CA LEU I 388 -83.06 78.50 -108.96
C LEU I 388 -83.94 79.48 -109.73
N ASN I 389 -85.02 79.95 -109.11
CA ASN I 389 -85.97 80.83 -109.77
C ASN I 389 -85.48 82.27 -109.87
N GLU I 390 -84.71 82.74 -108.89
CA GLU I 390 -84.39 84.15 -108.76
C GLU I 390 -82.95 84.50 -109.08
N ASN I 391 -82.06 83.52 -109.18
CA ASN I 391 -80.66 83.79 -109.46
C ASN I 391 -80.20 83.28 -110.81
N LEU I 392 -80.73 82.15 -111.27
CA LEU I 392 -80.31 81.57 -112.54
C LEU I 392 -81.22 81.98 -113.69
N LEU I 393 -82.53 81.83 -113.52
CA LEU I 393 -83.46 82.12 -114.62
C LEU I 393 -83.39 83.56 -115.10
N PRO I 394 -83.44 84.60 -114.23
CA PRO I 394 -83.32 85.96 -114.76
C PRO I 394 -82.01 86.21 -115.49
N GLN I 395 -80.91 85.66 -114.98
CA GLN I 395 -79.62 85.84 -115.64
C GLN I 395 -79.56 85.06 -116.96
N LEU I 396 -80.12 83.86 -116.97
CA LEU I 396 -80.09 83.03 -118.18
C LEU I 396 -80.86 83.70 -119.32
N LEU I 397 -81.99 84.34 -119.00
CA LEU I 397 -82.76 85.03 -120.02
C LEU I 397 -82.07 86.31 -120.47
N ALA I 398 -81.32 86.96 -119.57
CA ALA I 398 -80.63 88.19 -119.93
C ALA I 398 -79.56 87.93 -120.99
N LEU I 399 -78.83 86.81 -120.87
CA LEU I 399 -77.80 86.49 -121.85
C LEU I 399 -78.37 86.33 -123.25
N ASN I 400 -79.54 85.69 -123.37
CA ASN I 400 -80.22 85.54 -124.64
C ASN I 400 -81.27 86.63 -124.85
N ASP I 401 -81.03 87.82 -124.29
CA ASP I 401 -81.83 89.04 -124.40
C ASP I 401 -83.33 88.79 -124.51
N ILE I 402 -83.86 87.96 -123.63
CA ILE I 402 -85.30 87.75 -123.51
C ILE I 402 -85.75 88.57 -122.31
N ARG I 403 -86.23 89.78 -122.57
CA ARG I 403 -86.64 90.71 -121.53
C ARG I 403 -88.16 90.76 -121.51
N LEU I 404 -88.75 90.38 -120.39
CA LEU I 404 -90.18 90.25 -120.22
C LEU I 404 -90.67 91.04 -119.01
N PRO I 405 -91.96 91.37 -118.96
CA PRO I 405 -92.51 91.98 -117.73
C PRO I 405 -92.49 91.00 -116.57
N GLU I 406 -92.79 91.53 -115.38
CA GLU I 406 -92.77 90.71 -114.17
C GLU I 406 -93.81 89.60 -114.25
N THR I 407 -95.00 89.91 -114.74
CA THR I 407 -96.08 88.93 -114.76
C THR I 407 -95.88 87.83 -115.81
N GLU I 408 -94.89 87.98 -116.69
CA GLU I 408 -94.66 87.02 -117.76
C GLU I 408 -93.43 86.16 -117.55
N MET I 409 -92.77 86.28 -116.40
CA MET I 409 -91.62 85.43 -116.11
C MET I 409 -92.06 84.01 -115.81
N PRO I 410 -91.58 83.01 -116.56
CA PRO I 410 -91.86 81.62 -116.18
C PRO I 410 -91.07 81.23 -114.94
N TYR I 411 -91.58 80.21 -114.25
CA TYR I 411 -90.94 79.72 -113.04
C TYR I 411 -90.98 78.20 -113.04
N VAL I 412 -90.07 77.62 -112.27
CA VAL I 412 -89.92 76.17 -112.15
C VAL I 412 -90.66 75.70 -110.91
N LYS I 413 -91.46 74.64 -111.06
CA LYS I 413 -92.23 74.07 -109.97
C LYS I 413 -91.74 72.66 -109.68
N ALA I 414 -91.40 72.40 -108.43
CA ALA I 414 -90.92 71.08 -108.05
C ALA I 414 -92.05 70.06 -108.05
N GLY I 415 -91.68 68.79 -108.07
CA GLY I 415 -92.66 67.72 -108.07
C GLY I 415 -93.28 67.52 -106.71
N GLU I 416 -94.21 66.56 -106.65
CA GLU I 416 -94.93 66.25 -105.43
C GLU I 416 -94.26 65.08 -104.72
N ILE I 417 -94.03 65.24 -103.41
CA ILE I 417 -93.30 64.24 -102.65
C ILE I 417 -94.17 63.09 -102.16
N VAL I 418 -95.49 63.27 -102.10
CA VAL I 418 -96.41 62.23 -101.66
C VAL I 418 -97.20 61.74 -102.87
N ASP I 419 -97.27 60.43 -103.04
CA ASP I 419 -97.95 59.85 -104.19
C ASP I 419 -99.46 60.12 -104.11
N VAL I 420 -100.07 60.23 -105.30
CA VAL I 420 -101.50 60.48 -105.36
C VAL I 420 -102.27 59.22 -104.98
N ASP I 421 -103.37 59.40 -104.25
CA ASP I 421 -104.21 58.30 -103.84
C ASP I 421 -105.21 57.99 -104.96
N MET I 422 -105.11 56.79 -105.53
CA MET I 422 -106.01 56.42 -106.62
C MET I 422 -107.45 56.38 -106.16
N GLU I 423 -107.70 55.83 -104.97
CA GLU I 423 -109.05 55.77 -104.43
C GLU I 423 -109.61 57.16 -104.19
N GLY I 424 -108.83 58.02 -103.53
CA GLY I 424 -109.30 59.36 -103.23
C GLY I 424 -109.50 60.21 -104.47
N PHE I 425 -108.52 60.16 -105.38
CA PHE I 425 -108.58 61.03 -106.56
C PHE I 425 -109.73 60.66 -107.48
N SER I 426 -109.93 59.36 -107.70
CA SER I 426 -110.96 58.91 -108.65
C SER I 426 -112.35 59.36 -108.21
N LYS I 427 -112.65 59.22 -106.91
CA LYS I 427 -113.94 59.65 -106.41
C LYS I 427 -114.04 61.14 -106.19
N ALA I 428 -112.91 61.86 -106.18
CA ALA I 428 -112.96 63.31 -106.14
C ALA I 428 -113.34 63.89 -107.49
N ILE I 429 -112.88 63.27 -108.58
CA ILE I 429 -113.22 63.74 -109.91
C ILE I 429 -114.71 63.58 -110.17
N GLN I 430 -115.29 62.45 -109.77
CA GLN I 430 -116.72 62.22 -109.98
C GLN I 430 -117.55 63.30 -109.29
N ARG I 431 -117.23 63.59 -108.03
CA ARG I 431 -118.05 64.54 -107.27
C ARG I 431 -118.01 65.93 -107.88
N ILE I 432 -116.83 66.36 -108.35
CA ILE I 432 -116.74 67.62 -109.08
C ILE I 432 -117.36 67.46 -110.47
N GLY I 433 -117.09 66.33 -111.13
CA GLY I 433 -117.58 66.13 -112.49
C GLY I 433 -119.09 66.00 -112.58
N ALA I 434 -119.71 65.34 -111.60
CA ALA I 434 -121.16 65.12 -111.66
C ALA I 434 -121.94 66.43 -111.57
N VAL I 435 -121.32 67.51 -111.12
CA VAL I 435 -121.97 68.81 -111.04
C VAL I 435 -121.63 69.70 -112.24
N GLY I 436 -120.49 69.49 -112.88
CA GLY I 436 -120.09 70.27 -114.03
C GLY I 436 -119.11 71.39 -113.76
N TYR I 437 -118.38 71.34 -112.65
CA TYR I 437 -117.41 72.37 -112.30
C TYR I 437 -116.01 72.05 -112.82
N LEU I 438 -115.84 70.94 -113.54
CA LEU I 438 -114.53 70.54 -114.04
C LEU I 438 -114.44 70.85 -115.53
N PRO I 439 -113.54 71.73 -115.96
CA PRO I 439 -113.46 72.09 -117.38
C PRO I 439 -113.07 70.92 -118.25
N LYS I 440 -113.50 70.97 -119.51
CA LYS I 440 -113.15 69.98 -120.51
C LYS I 440 -111.91 70.45 -121.25
N THR I 441 -110.74 70.02 -120.78
CA THR I 441 -109.47 70.41 -121.38
C THR I 441 -108.56 69.19 -121.41
N PRO I 442 -107.60 69.16 -122.34
CA PRO I 442 -106.64 68.04 -122.35
C PRO I 442 -105.80 67.97 -121.09
N LYS I 443 -105.68 69.08 -120.35
CA LYS I 443 -104.93 69.05 -119.09
C LYS I 443 -105.58 68.10 -118.10
N VAL I 444 -106.90 68.11 -118.01
CA VAL I 444 -107.61 67.21 -117.10
C VAL I 444 -107.52 65.77 -117.61
N ILE I 445 -107.64 65.57 -118.92
CA ILE I 445 -107.62 64.22 -119.49
C ILE I 445 -106.28 63.56 -119.26
N ASN I 446 -105.18 64.31 -119.46
CA ASN I 446 -103.85 63.72 -119.34
C ASN I 446 -103.51 63.32 -117.92
N ARG I 447 -104.29 63.75 -116.93
CA ARG I 447 -104.02 63.41 -115.54
C ARG I 447 -104.23 61.93 -115.22
N VAL I 448 -104.92 61.20 -116.09
CA VAL I 448 -105.17 59.78 -115.85
C VAL I 448 -103.98 58.96 -116.34
N ARG J 27 -68.91 85.35 -116.86
CA ARG J 27 -68.58 85.07 -118.25
C ARG J 27 -68.61 83.57 -118.53
N MET J 28 -68.10 83.19 -119.71
CA MET J 28 -68.10 81.78 -120.12
C MET J 28 -66.73 81.18 -119.82
N SER J 29 -66.50 80.92 -118.53
CA SER J 29 -65.24 80.34 -118.09
C SER J 29 -65.41 79.80 -116.68
N GLU J 30 -64.99 78.55 -116.47
CA GLU J 30 -64.99 77.98 -115.14
C GLU J 30 -63.94 78.66 -114.27
N GLN J 31 -64.24 78.81 -112.99
CA GLN J 31 -63.35 79.44 -112.03
C GLN J 31 -63.21 78.57 -110.79
N GLY J 32 -63.02 77.28 -110.98
CA GLY J 32 -62.88 76.37 -109.85
C GLY J 32 -62.79 74.94 -110.34
N THR J 33 -62.71 74.04 -109.37
CA THR J 33 -62.64 72.60 -109.66
C THR J 33 -63.59 71.86 -108.73
N PHE J 34 -64.05 70.70 -109.20
CA PHE J 34 -64.88 69.84 -108.37
C PHE J 34 -64.13 69.27 -107.18
N ALA J 35 -62.80 69.20 -107.26
CA ALA J 35 -61.95 68.68 -106.19
C ALA J 35 -62.31 67.23 -105.86
N LEU J 36 -62.36 66.40 -106.90
CA LEU J 36 -62.64 64.98 -106.70
C LEU J 36 -61.52 64.31 -105.91
N ALA J 37 -60.28 64.67 -106.22
CA ALA J 37 -59.07 64.10 -105.64
C ALA J 37 -58.80 64.53 -104.20
N LYS J 38 -59.48 65.57 -103.71
CA LYS J 38 -59.38 65.97 -102.31
C LYS J 38 -60.55 65.46 -101.49
N VAL J 39 -61.77 65.55 -102.01
CA VAL J 39 -62.96 65.09 -101.28
C VAL J 39 -62.83 63.62 -100.90
N GLN J 40 -62.23 62.79 -101.75
CA GLN J 40 -61.87 61.42 -101.42
C GLN J 40 -60.88 61.32 -100.25
N VAL J 41 -59.76 62.01 -100.34
CA VAL J 41 -58.62 61.87 -99.42
C VAL J 41 -58.95 62.36 -98.02
N ASP J 42 -59.88 63.29 -97.85
CA ASP J 42 -60.43 63.56 -96.53
C ASP J 42 -61.31 62.42 -96.02
N SER J 43 -62.19 61.91 -96.88
CA SER J 43 -63.13 60.84 -96.53
C SER J 43 -62.47 59.49 -96.19
N GLU J 44 -61.32 59.14 -96.75
CA GLU J 44 -60.63 57.91 -96.35
C GLU J 44 -60.05 58.01 -94.94
N ARG J 45 -59.58 59.18 -94.49
CA ARG J 45 -59.07 59.35 -93.12
C ARG J 45 -60.18 59.23 -92.09
N MET J 46 -61.29 59.90 -92.34
CA MET J 46 -62.42 59.96 -91.41
C MET J 46 -63.22 58.64 -91.35
N LYS J 47 -62.61 57.51 -91.66
CA LYS J 47 -63.18 56.16 -91.54
C LYS J 47 -62.27 55.26 -90.74
N ALA J 48 -62.88 54.41 -89.92
CA ALA J 48 -62.21 53.31 -89.24
C ALA J 48 -61.55 52.40 -90.26
N GLU J 49 -60.38 51.85 -89.93
CA GLU J 49 -59.45 51.50 -91.02
C GLU J 49 -59.87 50.22 -91.75
N GLU J 50 -60.70 49.41 -91.10
CA GLU J 50 -61.35 48.20 -91.60
C GLU J 50 -62.41 48.47 -92.69
N ILE J 51 -62.72 49.73 -93.00
CA ILE J 51 -63.71 50.14 -94.02
C ILE J 51 -63.20 51.23 -94.99
N ARG J 52 -61.89 51.29 -95.24
CA ARG J 52 -61.26 52.05 -96.33
C ARG J 52 -61.15 51.20 -97.61
N TRP J 53 -61.00 51.83 -98.79
CA TRP J 53 -61.20 51.13 -100.08
C TRP J 53 -60.62 49.73 -100.20
N PRO J 54 -59.31 49.51 -100.07
CA PRO J 54 -58.73 48.21 -100.38
C PRO J 54 -59.19 47.11 -99.41
N HIS J 55 -59.73 47.48 -98.26
CA HIS J 55 -60.22 46.55 -97.24
C HIS J 55 -61.72 46.36 -97.31
N LEU J 56 -62.50 47.35 -97.69
CA LEU J 56 -63.96 47.23 -97.65
C LEU J 56 -64.48 46.06 -98.48
N ILE J 57 -63.78 45.69 -99.55
CA ILE J 57 -64.09 44.53 -100.38
C ILE J 57 -64.12 43.23 -99.57
N GLY J 58 -63.21 43.09 -98.60
CA GLY J 58 -63.19 41.94 -97.71
C GLY J 58 -64.21 42.08 -96.58
N THR J 59 -64.32 43.25 -95.97
CA THR J 59 -65.26 43.49 -94.88
C THR J 59 -66.71 43.34 -95.33
N ALA J 60 -67.06 43.61 -96.58
CA ALA J 60 -68.40 43.34 -97.10
C ALA J 60 -68.72 41.84 -97.12
N GLU J 61 -67.81 40.99 -97.58
CA GLU J 61 -68.09 39.55 -97.70
C GLU J 61 -67.91 38.82 -96.38
N SER J 62 -67.21 39.43 -95.43
CA SER J 62 -67.16 38.95 -94.04
C SER J 62 -68.32 39.48 -93.21
N MET J 63 -68.97 40.57 -93.62
CA MET J 63 -70.39 40.80 -93.30
C MET J 63 -71.17 39.88 -94.25
N LYS J 64 -72.44 40.14 -94.57
CA LYS J 64 -73.35 39.24 -95.31
C LYS J 64 -73.63 37.89 -94.65
N GLN J 65 -72.64 37.19 -94.14
CA GLN J 65 -72.82 35.92 -93.43
C GLN J 65 -73.55 36.10 -92.08
N ASP J 66 -73.85 37.33 -91.67
CA ASP J 66 -74.83 37.62 -90.64
C ASP J 66 -76.25 37.47 -91.21
N ALA J 67 -77.08 36.65 -90.56
CA ALA J 67 -78.42 36.32 -91.03
C ALA J 67 -79.41 37.49 -91.04
N THR J 68 -79.10 38.63 -90.43
CA THR J 68 -79.89 39.86 -90.58
C THR J 68 -79.37 40.73 -91.71
N VAL J 69 -78.07 40.75 -91.96
CA VAL J 69 -77.47 41.50 -93.07
C VAL J 69 -77.78 40.87 -94.42
N ALA J 70 -77.66 39.55 -94.57
CA ALA J 70 -78.04 38.89 -95.82
C ALA J 70 -79.48 39.17 -96.16
N THR J 71 -80.38 38.90 -95.22
CA THR J 71 -81.82 39.08 -95.38
C THR J 71 -82.17 40.49 -95.84
N GLY J 72 -81.53 41.54 -95.32
CA GLY J 72 -81.85 42.87 -95.79
C GLY J 72 -81.49 43.09 -97.25
N LEU J 73 -80.34 42.60 -97.69
CA LEU J 73 -79.91 42.72 -99.07
C LEU J 73 -80.77 41.85 -99.99
N ASP J 74 -81.14 40.65 -99.56
CA ASP J 74 -81.92 39.76 -100.40
C ASP J 74 -83.29 40.35 -100.72
N MET J 75 -83.95 40.95 -99.72
CA MET J 75 -85.26 41.54 -99.96
C MET J 75 -85.17 42.75 -100.88
N LEU J 76 -84.07 43.51 -100.81
CA LEU J 76 -83.89 44.63 -101.71
C LEU J 76 -83.75 44.16 -103.16
N TYR J 77 -82.97 43.12 -103.41
CA TYR J 77 -82.81 42.61 -104.75
C TYR J 77 -84.08 41.95 -105.26
N THR J 78 -84.95 41.51 -104.37
CA THR J 78 -86.18 40.85 -104.79
C THR J 78 -87.05 41.78 -105.64
N PHE J 79 -87.17 43.04 -105.19
CA PHE J 79 -88.06 43.97 -105.89
C PHE J 79 -87.35 44.68 -107.03
N VAL J 80 -86.02 44.82 -106.96
CA VAL J 80 -85.28 45.42 -108.06
C VAL J 80 -85.39 44.55 -109.30
N GLU J 81 -85.24 43.23 -109.12
CA GLU J 81 -85.39 42.31 -110.24
C GLU J 81 -86.81 42.34 -110.79
N LYS J 82 -87.81 42.45 -109.91
CA LYS J 82 -89.20 42.50 -110.36
C LYS J 82 -89.47 43.73 -111.21
N ALA J 83 -88.92 44.89 -110.82
CA ALA J 83 -89.19 46.12 -111.54
C ALA J 83 -88.61 46.08 -112.95
N PHE J 84 -87.39 45.59 -113.10
CA PHE J 84 -86.72 45.55 -114.39
C PHE J 84 -87.01 44.28 -115.19
N LYS J 85 -88.09 43.58 -114.87
CA LYS J 85 -88.51 42.42 -115.63
C LYS J 85 -89.49 42.80 -116.73
N ASP J 86 -90.59 43.45 -116.37
CA ASP J 86 -91.58 43.91 -117.35
C ASP J 86 -91.37 45.39 -117.67
N PHE J 87 -90.21 45.67 -118.27
CA PHE J 87 -89.89 47.05 -118.63
C PHE J 87 -90.60 47.43 -119.93
N LYS J 88 -90.67 48.74 -120.17
CA LYS J 88 -91.33 49.28 -121.36
C LYS J 88 -90.55 50.46 -121.87
N VAL J 89 -90.62 50.68 -123.18
CA VAL J 89 -90.02 51.84 -123.84
C VAL J 89 -91.14 52.73 -124.32
N ILE J 90 -91.13 53.99 -123.88
CA ILE J 90 -92.18 54.95 -124.19
C ILE J 90 -91.71 55.83 -125.34
N PRO J 91 -92.35 55.75 -126.52
CA PRO J 91 -91.92 56.58 -127.65
C PRO J 91 -92.51 57.98 -127.59
N GLY J 92 -92.11 58.84 -128.53
CA GLY J 92 -92.63 60.18 -128.64
C GLY J 92 -93.88 60.23 -129.49
N GLU J 93 -94.13 61.41 -130.06
CA GLU J 93 -95.31 61.62 -130.88
C GLU J 93 -95.06 61.42 -132.37
N SER J 94 -93.89 61.84 -132.86
CA SER J 94 -93.61 61.75 -134.28
C SER J 94 -93.44 60.31 -134.73
N GLU J 95 -93.56 60.09 -136.04
CA GLU J 95 -93.42 58.75 -136.59
C GLU J 95 -91.99 58.23 -136.47
N GLU J 96 -91.01 59.14 -136.49
CA GLU J 96 -89.62 58.73 -136.37
C GLU J 96 -89.34 58.08 -135.02
N SER J 97 -89.90 58.65 -133.95
CA SER J 97 -89.65 58.14 -132.61
C SER J 97 -90.19 56.73 -132.44
N LYS J 98 -91.35 56.44 -133.03
CA LYS J 98 -91.94 55.11 -132.88
C LYS J 98 -91.06 54.03 -133.49
N LYS J 99 -90.45 54.31 -134.65
CA LYS J 99 -89.51 53.36 -135.23
C LYS J 99 -88.28 53.18 -134.36
N ALA J 100 -87.78 54.29 -133.78
CA ALA J 100 -86.63 54.20 -132.91
C ALA J 100 -86.93 53.40 -131.65
N ALA J 101 -88.14 53.56 -131.09
CA ALA J 101 -88.49 52.83 -129.88
C ALA J 101 -88.52 51.33 -130.11
N LYS J 102 -89.01 50.90 -131.28
CA LYS J 102 -89.05 49.47 -131.59
C LYS J 102 -87.64 48.90 -131.68
N PHE J 103 -86.72 49.64 -132.31
CA PHE J 103 -85.34 49.17 -132.41
C PHE J 103 -84.67 49.11 -131.05
N ILE J 104 -84.97 50.07 -130.17
CA ILE J 104 -84.40 50.05 -128.82
C ILE J 104 -84.88 48.82 -128.06
N GLU J 105 -86.17 48.49 -128.18
CA GLU J 105 -86.69 47.33 -127.47
C GLU J 105 -86.04 46.04 -127.96
N TYR J 106 -85.80 45.94 -129.27
CA TYR J 106 -85.13 44.76 -129.81
C TYR J 106 -83.72 44.63 -129.27
N CYS J 107 -82.97 45.74 -129.23
CA CYS J 107 -81.59 45.69 -128.76
C CYS J 107 -81.51 45.31 -127.29
N LEU J 108 -82.40 45.86 -126.47
CA LEU J 108 -82.36 45.61 -125.04
C LEU J 108 -82.84 44.21 -124.67
N LYS J 109 -83.59 43.55 -125.55
CA LYS J 109 -84.12 42.22 -125.30
C LYS J 109 -83.40 41.13 -126.07
N ASN J 110 -82.27 41.45 -126.70
CA ASN J 110 -81.56 40.46 -127.52
C ASN J 110 -80.06 40.50 -127.28
N MET J 111 -79.62 40.86 -126.08
CA MET J 111 -78.21 40.75 -125.74
C MET J 111 -77.82 39.28 -125.67
N GLU J 112 -76.67 38.96 -126.26
CA GLU J 112 -76.22 37.57 -126.36
C GLU J 112 -75.79 37.10 -124.97
N GLY J 113 -76.64 36.31 -124.32
CA GLY J 113 -76.35 35.77 -123.02
C GLY J 113 -76.64 36.67 -121.84
N GLN J 114 -77.33 37.78 -122.05
CA GLN J 114 -77.61 38.72 -120.97
C GLN J 114 -79.07 39.16 -121.04
N THR J 115 -79.62 39.48 -119.87
CA THR J 115 -80.95 40.04 -119.73
C THR J 115 -80.90 41.20 -118.76
N LEU J 116 -81.89 42.09 -118.85
CA LEU J 116 -81.92 43.24 -117.96
C LEU J 116 -82.09 42.85 -116.51
N ARG J 117 -82.74 41.72 -116.22
CA ARG J 117 -82.82 41.25 -114.83
C ARG J 117 -81.43 40.94 -114.28
N GLN J 118 -80.60 40.27 -115.08
CA GLN J 118 -79.23 40.02 -114.66
C GLN J 118 -78.44 41.32 -114.55
N PHE J 119 -78.65 42.24 -115.49
CA PHE J 119 -77.99 43.54 -115.42
C PHE J 119 -78.45 44.33 -114.20
N ALA J 120 -79.75 44.30 -113.91
CA ALA J 120 -80.27 45.05 -112.77
C ALA J 120 -79.69 44.53 -111.46
N ARG J 121 -79.57 43.21 -111.33
CA ARG J 121 -79.05 42.60 -110.11
C ARG J 121 -77.53 42.65 -110.00
N ASP J 122 -76.84 42.93 -111.09
CA ASP J 122 -75.42 43.29 -111.07
C ASP J 122 -75.23 44.78 -110.81
N ALA J 123 -76.08 45.62 -111.40
CA ALA J 123 -75.96 47.06 -111.21
C ALA J 123 -76.22 47.44 -109.75
N ALA J 124 -77.19 46.79 -109.11
CA ALA J 124 -77.58 47.13 -107.75
C ALA J 124 -76.54 46.77 -106.69
N THR J 125 -75.35 46.32 -107.08
CA THR J 125 -74.33 45.97 -106.11
C THR J 125 -73.71 47.18 -105.44
N PHE J 126 -74.02 48.40 -105.88
CA PHE J 126 -73.49 49.57 -105.20
C PHE J 126 -74.08 49.77 -103.82
N ASN J 127 -75.13 49.02 -103.47
CA ASN J 127 -75.65 49.03 -102.11
C ASN J 127 -74.73 48.28 -101.15
N GLU J 128 -73.75 47.53 -101.66
CA GLU J 128 -72.76 46.79 -100.87
C GLU J 128 -71.41 47.51 -100.88
N TYR J 129 -70.98 48.08 -102.01
CA TYR J 129 -69.65 48.71 -102.19
C TYR J 129 -69.66 50.19 -102.61
N GLY J 130 -70.80 50.88 -102.59
CA GLY J 130 -70.89 52.28 -103.02
C GLY J 130 -70.67 52.57 -104.50
N LEU J 131 -70.36 51.56 -105.33
CA LEU J 131 -69.85 51.71 -106.69
C LEU J 131 -70.23 50.53 -107.59
N SER J 132 -70.30 50.72 -108.91
CA SER J 132 -70.67 49.70 -109.89
C SER J 132 -70.14 50.13 -111.24
N VAL J 133 -69.52 49.21 -111.96
CA VAL J 133 -68.87 49.50 -113.24
C VAL J 133 -69.44 48.55 -114.29
N VAL J 134 -69.94 49.12 -115.39
CA VAL J 134 -70.47 48.36 -116.51
C VAL J 134 -69.88 48.93 -117.79
N GLU J 135 -69.39 48.05 -118.66
CA GLU J 135 -68.77 48.44 -119.92
C GLU J 135 -69.68 48.06 -121.08
N LYS J 136 -69.83 48.98 -122.03
CA LYS J 136 -70.72 48.81 -123.17
C LYS J 136 -69.93 48.34 -124.38
N VAL J 137 -70.36 47.22 -124.97
CA VAL J 137 -69.73 46.65 -126.15
C VAL J 137 -70.79 46.55 -127.25
N TYR J 138 -70.45 47.04 -128.43
CA TYR J 138 -71.38 47.06 -129.56
C TYR J 138 -70.88 46.13 -130.66
N THR J 139 -71.82 45.49 -131.35
CA THR J 139 -71.50 44.57 -132.43
C THR J 139 -72.48 44.78 -133.57
N GLN J 140 -72.05 44.37 -134.77
CA GLN J 140 -72.86 44.52 -135.97
C GLN J 140 -73.74 43.30 -136.17
N ILE J 141 -74.87 43.50 -136.85
CA ILE J 141 -75.83 42.43 -137.10
C ILE J 141 -75.47 41.75 -138.41
N ALA J 142 -75.50 40.42 -138.41
CA ALA J 142 -75.23 39.67 -139.64
C ALA J 142 -76.51 39.39 -140.41
N VAL J 143 -77.46 38.69 -139.79
CA VAL J 143 -78.75 38.40 -140.41
C VAL J 143 -79.84 38.67 -139.37
N GLY J 144 -80.88 39.38 -139.79
CA GLY J 144 -81.98 39.68 -138.90
C GLY J 144 -82.85 40.77 -139.49
N GLU J 145 -83.74 41.29 -138.63
CA GLU J 145 -84.67 42.33 -139.06
C GLU J 145 -83.96 43.65 -139.34
N TYR J 146 -82.87 43.91 -138.61
CA TYR J 146 -82.17 45.19 -138.71
C TYR J 146 -80.74 45.00 -139.19
N VAL J 147 -80.57 44.20 -140.25
CA VAL J 147 -79.23 43.92 -140.76
C VAL J 147 -78.54 45.22 -141.13
N GLY J 148 -77.27 45.34 -140.72
CA GLY J 148 -76.46 46.50 -140.95
C GLY J 148 -76.34 47.43 -139.75
N LYS J 149 -77.24 47.30 -138.78
CA LYS J 149 -77.20 48.16 -137.61
C LYS J 149 -76.33 47.53 -136.53
N TYR J 150 -76.23 48.25 -135.40
CA TYR J 150 -75.38 47.83 -134.29
C TYR J 150 -76.24 47.55 -133.06
N LYS J 151 -76.10 46.35 -132.50
CA LYS J 151 -76.73 46.02 -131.22
C LYS J 151 -75.77 46.38 -130.09
N VAL J 152 -76.12 45.94 -128.89
CA VAL J 152 -75.20 45.88 -127.76
C VAL J 152 -74.99 44.41 -127.45
N LYS J 153 -73.73 43.97 -127.47
CA LYS J 153 -73.44 42.55 -127.27
C LYS J 153 -73.64 42.17 -125.80
N ASN J 154 -72.91 42.83 -124.90
CA ASN J 154 -73.04 42.55 -123.48
C ASN J 154 -72.78 43.83 -122.69
N LEU J 155 -73.59 44.03 -121.65
CA LEU J 155 -73.32 45.06 -120.65
C LEU J 155 -72.40 44.42 -119.61
N ALA J 156 -71.12 44.36 -119.95
CA ALA J 156 -70.16 43.55 -119.20
C ALA J 156 -69.96 44.11 -117.81
N PHE J 157 -70.36 43.33 -116.81
CA PHE J 157 -70.14 43.73 -115.41
C PHE J 157 -68.69 43.50 -115.02
N ARG J 158 -68.07 44.52 -114.43
CA ARG J 158 -66.72 44.40 -113.90
C ARG J 158 -66.80 44.31 -112.38
N PRO J 159 -66.52 43.15 -111.79
CA PRO J 159 -66.65 43.01 -110.33
C PRO J 159 -65.71 43.95 -109.60
N GLN J 160 -66.19 44.47 -108.48
CA GLN J 160 -65.46 45.42 -107.65
C GLN J 160 -64.21 44.73 -107.10
N ALA J 161 -64.30 43.45 -106.75
CA ALA J 161 -63.17 42.68 -106.27
C ALA J 161 -62.03 42.56 -107.30
N SER J 162 -62.33 42.41 -108.60
CA SER J 162 -61.29 42.35 -109.62
C SER J 162 -60.71 43.71 -109.96
N LEU J 163 -61.21 44.86 -109.47
CA LEU J 163 -60.62 46.18 -109.77
C LEU J 163 -59.25 46.42 -109.14
N SER J 164 -58.61 47.54 -109.47
CA SER J 164 -57.31 47.92 -108.89
C SER J 164 -57.45 48.25 -107.39
N ARG J 165 -56.68 47.57 -106.53
CA ARG J 165 -56.70 47.84 -105.08
C ARG J 165 -55.99 49.12 -104.68
N THR J 166 -55.16 49.73 -105.53
CA THR J 166 -54.37 50.92 -105.15
C THR J 166 -55.13 52.19 -105.51
N ASN J 167 -55.11 52.62 -106.79
CA ASN J 167 -56.05 53.59 -107.31
C ASN J 167 -57.03 52.89 -108.27
N PRO J 168 -58.32 52.77 -107.92
CA PRO J 168 -59.31 52.23 -108.81
C PRO J 168 -59.69 53.25 -109.87
N ILE J 169 -59.77 54.53 -109.51
CA ILE J 169 -60.28 55.56 -110.41
C ILE J 169 -59.18 56.60 -110.61
N VAL J 170 -58.92 56.96 -111.86
CA VAL J 170 -57.84 57.87 -112.22
C VAL J 170 -58.45 59.18 -112.71
N TYR J 171 -57.86 60.29 -112.29
CA TYR J 171 -58.36 61.62 -112.58
C TYR J 171 -57.41 62.35 -113.54
N ASN J 172 -57.69 63.64 -113.75
CA ASN J 172 -56.85 64.49 -114.56
C ASN J 172 -55.54 64.74 -113.81
N SER J 173 -54.67 65.58 -114.40
CA SER J 173 -53.54 66.10 -113.64
C SER J 173 -54.01 66.86 -112.41
N ASP J 174 -55.18 67.50 -112.51
CA ASP J 174 -55.87 68.06 -111.37
C ASP J 174 -56.98 67.11 -110.91
N GLY J 175 -57.56 67.43 -109.76
CA GLY J 175 -58.66 66.63 -109.24
C GLY J 175 -60.01 67.10 -109.75
N SER J 176 -60.09 67.43 -111.05
CA SER J 176 -61.31 68.01 -111.59
C SER J 176 -62.28 66.97 -112.12
N ALA J 177 -61.81 66.06 -112.97
CA ALA J 177 -62.70 65.12 -113.64
C ALA J 177 -62.06 63.74 -113.66
N ILE J 178 -62.74 62.79 -114.30
CA ILE J 178 -62.33 61.40 -114.35
C ILE J 178 -61.99 61.06 -115.80
N VAL J 179 -60.88 60.35 -116.01
CA VAL J 179 -60.44 60.00 -117.36
C VAL J 179 -60.71 58.52 -117.63
N GLY J 180 -60.80 57.72 -116.58
CA GLY J 180 -61.02 56.29 -116.78
C GLY J 180 -61.01 55.55 -115.47
N ILE J 181 -61.13 54.22 -115.58
CA ILE J 181 -61.14 53.32 -114.44
C ILE J 181 -60.13 52.21 -114.70
N LYS J 182 -59.34 51.88 -113.67
CA LYS J 182 -58.26 50.92 -113.79
C LYS J 182 -58.71 49.56 -113.27
N GLN J 183 -58.33 48.50 -113.97
CA GLN J 183 -58.57 47.13 -113.56
C GLN J 183 -57.24 46.43 -113.32
N SER J 184 -57.18 45.61 -112.28
CA SER J 184 -55.94 44.94 -111.89
C SER J 184 -55.50 43.94 -112.96
N LEU J 185 -54.20 43.72 -113.04
CA LEU J 185 -53.65 42.76 -113.99
C LEU J 185 -53.83 41.33 -113.52
N SER J 186 -54.18 41.12 -112.26
CA SER J 186 -54.36 39.77 -111.74
C SER J 186 -55.70 39.16 -112.10
N ALA J 187 -56.61 39.94 -112.69
CA ALA J 187 -57.91 39.42 -113.10
C ALA J 187 -57.85 38.69 -114.44
N PHE J 188 -56.71 38.75 -115.13
CA PHE J 188 -56.54 38.12 -116.44
C PHE J 188 -55.84 36.77 -116.33
N GLN J 189 -56.05 36.05 -115.23
CA GLN J 189 -55.39 34.78 -114.98
C GLN J 189 -56.40 33.74 -114.52
N ASN J 190 -56.08 32.48 -114.74
CA ASN J 190 -56.92 31.36 -114.38
C ASN J 190 -56.19 30.46 -113.38
N TYR J 191 -56.97 29.78 -112.54
CA TYR J 191 -56.41 28.89 -111.53
C TYR J 191 -56.91 27.47 -111.72
N VAL J 208 -54.53 47.59 -116.62
CA VAL J 208 -55.20 48.17 -117.77
C VAL J 208 -56.14 49.28 -117.32
N ILE J 209 -56.35 50.27 -118.17
CA ILE J 209 -57.22 51.40 -117.89
C ILE J 209 -58.29 51.47 -118.97
N ILE J 210 -59.55 51.38 -118.56
CA ILE J 210 -60.69 51.45 -119.48
C ILE J 210 -61.11 52.93 -119.56
N PRO J 211 -61.22 53.49 -120.77
CA PRO J 211 -61.63 54.90 -120.88
C PRO J 211 -63.01 55.13 -120.30
N ILE J 212 -63.22 56.34 -119.77
CA ILE J 212 -64.47 56.67 -119.09
C ILE J 212 -65.64 56.68 -120.07
N SER J 213 -65.39 56.99 -121.35
CA SER J 213 -66.48 57.06 -122.32
C SER J 213 -67.14 55.71 -122.54
N ARG J 214 -66.43 54.61 -122.25
CA ARG J 214 -66.96 53.27 -122.43
C ARG J 214 -67.63 52.71 -121.19
N VAL J 215 -67.61 53.43 -120.08
CA VAL J 215 -68.02 52.89 -118.79
C VAL J 215 -69.24 53.65 -118.29
N MET J 216 -70.17 52.90 -117.68
CA MET J 216 -71.35 53.46 -117.03
C MET J 216 -71.16 53.33 -115.52
N LEU J 217 -71.02 54.46 -114.84
CA LEU J 217 -70.76 54.48 -113.40
C LEU J 217 -72.05 54.75 -112.63
N MET J 218 -72.30 53.94 -111.61
CA MET J 218 -73.40 54.15 -110.67
C MET J 218 -72.84 54.16 -109.25
N ASN J 219 -73.28 55.13 -108.45
CA ASN J 219 -72.85 55.23 -107.07
C ASN J 219 -73.97 55.84 -106.25
N THR J 220 -73.91 55.63 -104.94
CA THR J 220 -74.96 56.10 -104.04
C THR J 220 -74.33 56.50 -102.71
N GLY J 221 -75.11 57.26 -101.93
CA GLY J 221 -74.72 57.66 -100.61
C GLY J 221 -73.84 58.89 -100.53
N GLY J 222 -73.43 59.45 -101.67
CA GLY J 222 -72.58 60.61 -101.68
C GLY J 222 -73.00 61.61 -102.74
N SER J 223 -72.37 62.78 -102.70
CA SER J 223 -72.62 63.81 -103.69
C SER J 223 -71.90 63.46 -105.00
N SER J 224 -71.99 64.39 -105.96
CA SER J 224 -71.36 64.16 -107.26
C SER J 224 -69.83 64.20 -107.17
N SER J 225 -69.29 64.74 -106.08
CA SER J 225 -67.85 64.86 -105.90
C SER J 225 -67.23 63.66 -105.21
N GLN J 226 -67.99 62.62 -104.86
CA GLN J 226 -67.48 61.39 -104.23
C GLN J 226 -67.54 60.25 -105.24
N ALA J 227 -66.46 60.01 -105.99
CA ALA J 227 -66.41 58.93 -106.97
C ALA J 227 -66.66 57.58 -106.30
N LEU J 228 -65.96 57.28 -105.21
CA LEU J 228 -66.21 56.09 -104.40
C LEU J 228 -67.36 56.39 -103.44
N GLY J 229 -68.56 55.97 -103.81
CA GLY J 229 -69.74 56.26 -103.02
C GLY J 229 -69.71 55.66 -101.63
N VAL J 230 -70.55 56.13 -100.72
CA VAL J 230 -70.61 55.61 -99.35
C VAL J 230 -71.49 54.37 -99.30
N SER J 231 -70.91 53.20 -99.06
CA SER J 231 -71.71 51.98 -98.92
C SER J 231 -72.71 52.10 -97.77
N PRO J 232 -73.98 51.70 -97.91
CA PRO J 232 -74.94 51.69 -96.80
C PRO J 232 -74.46 50.90 -95.60
N LEU J 233 -73.51 49.96 -95.73
CA LEU J 233 -72.92 49.25 -94.59
C LEU J 233 -72.01 50.13 -93.71
N VAL J 234 -71.53 51.27 -94.22
CA VAL J 234 -70.87 52.30 -93.40
C VAL J 234 -71.89 53.00 -92.53
N GLY J 235 -71.62 53.06 -91.23
CA GLY J 235 -72.63 53.34 -90.21
C GLY J 235 -73.04 52.05 -89.51
N CYS J 236 -73.58 51.07 -90.23
CA CYS J 236 -73.93 49.77 -89.66
C CYS J 236 -72.76 49.10 -88.96
N TYR J 237 -71.56 49.26 -89.50
CA TYR J 237 -70.37 48.54 -89.09
C TYR J 237 -70.14 48.46 -87.57
N ARG J 238 -70.15 49.60 -86.86
CA ARG J 238 -69.97 49.62 -85.42
C ARG J 238 -71.07 48.85 -84.71
N ALA J 239 -72.31 48.97 -85.18
CA ALA J 239 -73.40 48.21 -84.58
C ALA J 239 -73.25 46.71 -84.86
N TRP J 240 -72.79 46.32 -86.03
CA TRP J 240 -72.59 44.92 -86.35
C TRP J 240 -71.52 44.30 -85.47
N ARG J 241 -70.41 45.00 -85.22
CA ARG J 241 -69.34 44.58 -84.31
C ARG J 241 -69.85 44.27 -82.90
N GLU J 242 -70.72 45.09 -82.36
CA GLU J 242 -71.31 44.89 -81.04
C GLU J 242 -72.29 43.73 -81.03
N LYS J 243 -73.14 43.66 -82.06
CA LYS J 243 -74.22 42.67 -82.15
C LYS J 243 -73.63 41.29 -82.08
N ILE J 244 -72.56 41.05 -82.84
CA ILE J 244 -71.85 39.78 -82.89
C ILE J 244 -71.29 39.44 -81.51
N LEU J 245 -70.53 40.33 -80.89
CA LEU J 245 -69.90 40.06 -79.60
C LEU J 245 -70.91 39.64 -78.55
N ILE J 246 -72.06 40.30 -78.51
CA ILE J 246 -73.07 39.97 -77.50
C ILE J 246 -73.61 38.56 -77.71
N GLU J 247 -73.86 38.17 -78.96
CA GLU J 247 -74.36 36.83 -79.23
C GLU J 247 -73.36 35.78 -78.77
N ASN J 248 -72.06 36.07 -78.89
CA ASN J 248 -71.04 35.13 -78.43
C ASN J 248 -71.11 34.96 -76.91
N LEU J 249 -71.37 36.04 -76.18
CA LEU J 249 -71.44 35.96 -74.73
C LEU J 249 -72.63 35.13 -74.27
N GLU J 250 -73.74 35.19 -75.01
CA GLU J 250 -74.93 34.44 -74.63
C GLU J 250 -74.69 32.94 -74.70
N VAL J 251 -73.99 32.48 -75.75
CA VAL J 251 -73.77 31.05 -75.91
C VAL J 251 -72.87 30.52 -74.80
N VAL J 252 -71.75 31.19 -74.55
CA VAL J 252 -70.83 30.74 -73.50
C VAL J 252 -71.47 30.91 -72.13
N GLY J 253 -72.30 31.95 -71.97
CA GLY J 253 -72.95 32.17 -70.68
C GLY J 253 -73.95 31.08 -70.33
N ALA J 254 -74.71 30.61 -71.33
CA ALA J 254 -75.69 29.56 -71.07
C ALA J 254 -75.02 28.23 -70.80
N THR J 255 -73.88 27.97 -71.45
CA THR J 255 -73.15 26.73 -71.23
C THR J 255 -72.51 26.68 -69.85
N LYS J 256 -72.12 27.82 -69.29
CA LYS J 256 -71.36 27.86 -68.05
C LYS J 256 -72.21 28.17 -66.82
N ASP J 257 -73.54 28.10 -66.93
CA ASP J 257 -74.41 28.37 -65.80
C ASP J 257 -74.65 27.13 -64.94
N MET J 258 -73.59 26.59 -64.35
CA MET J 258 -73.67 25.35 -63.58
C MET J 258 -74.41 25.58 -62.25
N GLY J 259 -75.71 25.79 -62.37
CA GLY J 259 -76.57 25.86 -61.21
C GLY J 259 -77.13 24.49 -60.86
N GLY J 260 -77.05 24.13 -59.59
CA GLY J 260 -77.53 22.84 -59.15
C GLY J 260 -76.56 21.69 -59.36
N VAL J 261 -75.29 21.99 -59.65
CA VAL J 261 -74.32 20.92 -59.85
C VAL J 261 -74.06 20.20 -58.52
N ILE J 262 -73.72 18.92 -58.62
CA ILE J 262 -73.55 18.04 -57.47
C ILE J 262 -72.12 18.17 -56.97
N GLU J 263 -71.97 18.40 -55.67
CA GLU J 263 -70.67 18.43 -55.02
C GLU J 263 -70.63 17.41 -53.89
N LEU J 264 -69.52 16.67 -53.82
CA LEU J 264 -69.33 15.63 -52.81
C LEU J 264 -68.09 15.94 -52.00
N LYS J 265 -68.18 15.73 -50.69
CA LYS J 265 -67.07 15.91 -49.78
C LYS J 265 -66.74 14.58 -49.11
N ILE J 266 -65.46 14.21 -49.18
CA ILE J 266 -64.99 12.93 -48.66
C ILE J 266 -63.72 13.20 -47.86
N PRO J 267 -63.50 12.54 -46.72
CA PRO J 267 -62.24 12.75 -45.98
C PRO J 267 -61.04 12.40 -46.84
N SER J 268 -59.98 13.20 -46.70
CA SER J 268 -58.81 13.05 -47.55
C SER J 268 -58.03 11.78 -47.26
N GLN J 269 -58.30 11.11 -46.15
CA GLN J 269 -57.64 9.84 -45.86
C GLN J 269 -57.99 8.80 -46.91
N ILE J 270 -59.26 8.75 -47.32
CA ILE J 270 -59.67 7.80 -48.34
C ILE J 270 -59.11 8.18 -49.70
N LEU J 271 -59.13 9.48 -50.03
CA LEU J 271 -58.63 9.92 -51.33
C LEU J 271 -57.13 9.65 -51.45
N ASN J 272 -56.38 9.90 -50.39
CA ASN J 272 -54.94 9.72 -50.45
C ASN J 272 -54.55 8.25 -50.46
N LYS J 273 -55.28 7.41 -49.72
CA LYS J 273 -54.98 5.98 -49.71
C LYS J 273 -55.20 5.35 -51.08
N ALA J 274 -56.26 5.77 -51.77
CA ALA J 274 -56.53 5.23 -53.11
C ALA J 274 -55.42 5.59 -54.07
N ALA J 275 -54.89 6.81 -53.99
CA ALA J 275 -53.86 7.25 -54.93
C ALA J 275 -52.57 6.46 -54.79
N MET J 276 -52.25 5.97 -53.59
CA MET J 276 -51.01 5.24 -53.37
C MET J 276 -51.19 3.73 -53.26
N ASP J 277 -52.42 3.25 -53.12
CA ASP J 277 -52.72 1.83 -53.03
C ASP J 277 -53.81 1.49 -54.03
N PRO J 278 -53.45 1.29 -55.30
CA PRO J 278 -54.48 0.99 -56.32
C PRO J 278 -55.23 -0.30 -56.07
N SER J 279 -54.69 -1.22 -55.27
CA SER J 279 -55.31 -2.51 -55.00
C SER J 279 -55.80 -2.62 -53.57
N SER J 280 -56.35 -1.52 -53.04
CA SER J 280 -56.90 -1.47 -51.70
C SER J 280 -58.39 -1.18 -51.76
N PRO J 281 -59.15 -1.54 -50.72
CA PRO J 281 -60.60 -1.30 -50.76
C PRO J 281 -60.97 0.16 -50.97
N GLU J 282 -60.14 1.09 -50.50
CA GLU J 282 -60.39 2.50 -50.76
C GLU J 282 -60.35 2.81 -52.26
N ALA J 283 -59.43 2.18 -52.98
CA ALA J 283 -59.32 2.43 -54.42
C ALA J 283 -60.57 1.98 -55.17
N ASP J 284 -61.13 0.83 -54.78
CA ASP J 284 -62.33 0.34 -55.46
C ASP J 284 -63.51 1.28 -55.26
N MET J 285 -63.69 1.78 -54.03
CA MET J 285 -64.84 2.66 -53.77
C MET J 285 -64.68 4.00 -54.48
N VAL J 286 -63.45 4.50 -54.55
CA VAL J 286 -63.21 5.76 -55.26
C VAL J 286 -63.53 5.61 -56.74
N ARG J 287 -63.09 4.50 -57.35
CA ARG J 287 -63.40 4.28 -58.76
C ARG J 287 -64.90 4.11 -58.99
N GLY J 288 -65.61 3.53 -58.02
CA GLY J 288 -67.05 3.44 -58.14
C GLY J 288 -67.74 4.80 -58.10
N LEU J 289 -67.25 5.69 -57.23
CA LEU J 289 -67.85 7.02 -57.14
C LEU J 289 -67.66 7.81 -58.42
N MET J 290 -66.48 7.70 -59.05
CA MET J 290 -66.21 8.48 -60.26
C MET J 290 -67.15 8.12 -61.39
N SER J 291 -67.68 6.90 -61.40
CA SER J 291 -68.62 6.49 -62.43
C SER J 291 -70.07 6.65 -61.99
N ASP J 292 -70.37 6.37 -60.72
CA ASP J 292 -71.74 6.51 -60.22
C ASP J 292 -72.18 7.96 -60.23
N ALA J 293 -71.29 8.87 -59.83
CA ALA J 293 -71.65 10.28 -59.76
C ALA J 293 -71.89 10.87 -61.14
N ALA J 294 -71.16 10.41 -62.16
CA ALA J 294 -71.37 10.89 -63.51
C ALA J 294 -72.76 10.52 -64.02
N ASN J 295 -73.24 9.33 -63.66
CA ASN J 295 -74.53 8.83 -64.11
C ASN J 295 -75.69 9.24 -63.22
N ALA J 296 -75.45 10.08 -62.21
CA ALA J 296 -76.50 10.42 -61.26
C ALA J 296 -77.54 11.34 -61.89
N HIS J 297 -78.60 10.75 -62.43
CA HIS J 297 -79.74 11.47 -62.98
C HIS J 297 -80.92 11.38 -62.02
N SER J 298 -82.07 11.87 -62.47
CA SER J 298 -83.31 11.74 -61.71
C SER J 298 -84.21 10.70 -62.38
N GLY J 299 -84.66 9.74 -61.61
CA GLY J 299 -85.46 8.66 -62.15
C GLY J 299 -86.30 7.97 -61.10
N GLU J 300 -86.59 6.70 -61.33
CA GLU J 300 -87.46 5.92 -60.44
C GLU J 300 -86.73 5.39 -59.23
N GLN J 301 -85.40 5.42 -59.21
CA GLN J 301 -84.64 4.83 -58.10
C GLN J 301 -83.51 5.73 -57.62
N SER J 302 -83.62 7.05 -57.83
CA SER J 302 -82.55 7.95 -57.44
C SER J 302 -82.64 8.29 -55.95
N PHE J 303 -81.52 8.12 -55.26
CA PHE J 303 -81.41 8.48 -53.85
C PHE J 303 -79.92 8.54 -53.50
N PHE J 304 -79.64 8.99 -52.29
CA PHE J 304 -78.28 9.09 -51.78
C PHE J 304 -78.22 8.54 -50.37
N MET J 305 -77.12 7.83 -50.08
CA MET J 305 -76.89 7.27 -48.74
C MET J 305 -75.44 7.52 -48.37
N LEU J 306 -75.22 8.30 -47.33
CA LEU J 306 -73.90 8.73 -46.92
C LEU J 306 -73.69 8.43 -45.44
N PRO J 307 -72.45 8.18 -45.01
CA PRO J 307 -72.18 8.06 -43.58
C PRO J 307 -72.43 9.37 -42.87
N SER J 308 -72.83 9.26 -41.61
CA SER J 308 -73.19 10.43 -40.79
C SER J 308 -72.15 10.72 -39.71
N ASP J 309 -70.89 10.34 -39.92
CA ASP J 309 -69.86 10.62 -38.93
C ASP J 309 -69.60 12.12 -38.82
N THR J 310 -69.09 12.53 -37.68
CA THR J 310 -68.80 13.94 -37.41
C THR J 310 -67.52 14.05 -36.61
N LYS J 311 -66.62 14.93 -37.06
CA LYS J 311 -65.34 15.17 -36.40
C LYS J 311 -65.24 16.54 -35.76
N ASP J 312 -65.91 17.55 -36.32
CA ASP J 312 -65.84 18.92 -35.82
C ASP J 312 -67.20 19.57 -36.06
N ASN J 313 -67.25 20.90 -36.02
CA ASN J 313 -68.50 21.60 -36.28
C ASN J 313 -69.08 21.24 -37.64
N ALA J 314 -68.22 20.85 -38.60
CA ALA J 314 -68.60 20.39 -39.93
C ALA J 314 -68.60 18.87 -40.00
N PRO J 315 -69.48 18.28 -40.81
CA PRO J 315 -69.53 16.82 -40.91
C PRO J 315 -68.46 16.27 -41.85
N GLN J 316 -68.17 14.99 -41.66
CA GLN J 316 -67.16 14.32 -42.48
C GLN J 316 -67.64 14.15 -43.92
N TYR J 317 -68.86 13.66 -44.09
CA TYR J 317 -69.43 13.40 -45.41
C TYR J 317 -70.64 14.30 -45.62
N SER J 318 -70.79 14.82 -46.84
CA SER J 318 -71.90 15.69 -47.14
C SER J 318 -72.17 15.67 -48.64
N MET J 319 -73.37 16.09 -49.01
CA MET J 319 -73.77 16.22 -50.40
C MET J 319 -74.74 17.39 -50.52
N THR J 320 -74.34 18.42 -51.26
CA THR J 320 -75.19 19.58 -51.46
C THR J 320 -75.20 19.94 -52.93
N LEU J 321 -76.27 20.62 -53.35
CA LEU J 321 -76.41 21.13 -54.71
C LEU J 321 -76.08 22.62 -54.70
N LYS J 322 -75.11 23.02 -55.51
CA LYS J 322 -74.64 24.39 -55.51
C LYS J 322 -75.66 25.33 -56.15
N GLY J 323 -75.54 26.61 -55.79
CA GLY J 323 -76.33 27.67 -56.36
C GLY J 323 -75.57 28.97 -56.23
N ILE J 324 -75.98 29.95 -57.03
CA ILE J 324 -75.29 31.24 -57.04
C ILE J 324 -75.54 31.93 -55.70
N ASP J 325 -74.46 32.19 -54.95
CA ASP J 325 -74.55 32.80 -53.64
C ASP J 325 -74.56 34.31 -53.79
N GLY J 326 -75.73 34.84 -54.17
CA GLY J 326 -75.87 36.27 -54.37
C GLY J 326 -76.92 36.61 -55.40
N MET J 327 -76.54 37.41 -56.40
CA MET J 327 -77.43 37.84 -57.46
C MET J 327 -76.84 37.48 -58.82
N GLY J 328 -77.71 37.15 -59.76
CA GLY J 328 -77.30 36.77 -61.10
C GLY J 328 -76.99 37.97 -61.98
N LYS J 329 -76.97 37.71 -63.28
CA LYS J 329 -76.67 38.75 -64.25
C LYS J 329 -77.83 39.75 -64.33
N GLN J 330 -77.50 40.97 -64.75
CA GLN J 330 -78.45 42.07 -64.72
C GLN J 330 -78.72 42.71 -66.07
N TYR J 331 -77.79 42.61 -67.02
CA TYR J 331 -77.85 43.44 -68.21
C TYR J 331 -78.89 42.99 -69.24
N SER J 332 -79.39 41.76 -69.13
CA SER J 332 -80.43 41.24 -70.02
C SER J 332 -80.02 41.42 -71.50
N THR J 333 -78.97 40.68 -71.86
CA THR J 333 -78.37 40.80 -73.19
C THR J 333 -79.36 40.59 -74.33
N ALA J 334 -80.57 40.12 -74.04
CA ALA J 334 -81.55 39.91 -75.10
C ALA J 334 -81.94 41.22 -75.76
N GLN J 335 -82.25 42.25 -74.97
CA GLN J 335 -82.72 43.50 -75.55
C GLN J 335 -81.58 44.30 -76.14
N LEU J 336 -80.33 44.01 -75.74
CA LEU J 336 -79.19 44.64 -76.40
C LEU J 336 -79.13 44.24 -77.87
N ILE J 337 -79.36 42.96 -78.17
CA ILE J 337 -79.26 42.48 -79.54
C ILE J 337 -80.41 43.04 -80.39
N SER J 338 -81.61 43.09 -79.82
CA SER J 338 -82.77 43.57 -80.57
C SER J 338 -82.59 45.02 -81.02
N ASP J 339 -82.00 45.85 -80.14
CA ASP J 339 -81.76 47.25 -80.51
C ASP J 339 -80.76 47.35 -81.66
N ARG J 340 -79.74 46.50 -81.66
CA ARG J 340 -78.72 46.56 -82.69
C ARG J 340 -79.23 45.98 -84.01
N LYS J 341 -80.12 44.99 -83.96
CA LYS J 341 -80.70 44.47 -85.20
C LYS J 341 -81.55 45.52 -85.89
N LYS J 342 -82.41 46.22 -85.14
CA LYS J 342 -83.19 47.30 -85.74
C LYS J 342 -82.28 48.43 -86.19
N SER J 343 -81.12 48.58 -85.55
CA SER J 343 -80.16 49.59 -85.97
C SER J 343 -79.59 49.28 -87.34
N ILE J 344 -79.33 47.99 -87.63
CA ILE J 344 -78.77 47.58 -88.92
C ILE J 344 -79.82 47.64 -90.01
N LEU J 345 -81.01 47.07 -89.81
CA LEU J 345 -82.02 46.98 -90.86
C LEU J 345 -82.58 48.33 -91.27
N ASP J 346 -82.51 49.33 -90.37
CA ASP J 346 -83.07 50.64 -90.68
C ASP J 346 -82.31 51.30 -91.83
N ARG J 347 -81.00 51.07 -91.92
CA ARG J 347 -80.21 51.63 -93.01
C ARG J 347 -80.59 51.06 -94.36
N LEU J 348 -81.18 49.87 -94.40
CA LEU J 348 -81.63 49.25 -95.65
C LEU J 348 -83.12 49.39 -95.86
N GLY J 349 -83.83 50.07 -94.96
CA GLY J 349 -85.26 50.22 -95.09
C GLY J 349 -86.08 48.98 -94.83
N ALA J 350 -85.45 47.90 -94.35
CA ALA J 350 -86.12 46.64 -94.12
C ALA J 350 -86.33 46.36 -92.63
N GLY J 351 -86.49 47.40 -91.82
CA GLY J 351 -86.64 47.22 -90.38
C GLY J 351 -88.00 46.75 -89.94
N PHE J 352 -88.96 46.63 -90.86
CA PHE J 352 -90.32 46.22 -90.50
C PHE J 352 -90.42 44.75 -90.15
N ILE J 353 -89.39 43.93 -90.45
CA ILE J 353 -89.48 42.52 -90.18
C ILE J 353 -89.29 42.20 -88.70
N ASN J 354 -88.82 43.17 -87.90
CA ASN J 354 -88.64 42.94 -86.47
C ASN J 354 -89.97 42.84 -85.73
N VAL J 355 -91.06 43.32 -86.32
CA VAL J 355 -92.37 43.27 -85.68
C VAL J 355 -92.85 41.82 -85.56
N GLN J 370 -98.26 52.87 -99.66
CA GLN J 370 -96.84 53.15 -99.80
C GLN J 370 -96.14 53.10 -98.45
N THR J 371 -94.99 52.42 -98.42
CA THR J 371 -94.24 52.23 -97.19
C THR J 371 -92.81 52.69 -97.40
N ILE J 372 -92.03 52.66 -96.31
CA ILE J 372 -90.63 53.05 -96.38
C ILE J 372 -89.86 52.09 -97.28
N HIS J 373 -90.14 50.79 -97.17
CA HIS J 373 -89.43 49.80 -97.98
C HIS J 373 -89.69 50.00 -99.47
N THR J 374 -90.94 50.28 -99.84
CA THR J 374 -91.24 50.52 -101.25
C THR J 374 -90.56 51.78 -101.78
N GLN J 375 -90.51 52.84 -100.96
CA GLN J 375 -89.85 54.07 -101.38
C GLN J 375 -88.34 53.88 -101.51
N PHE J 376 -87.76 53.02 -100.67
CA PHE J 376 -86.33 52.77 -100.74
C PHE J 376 -85.95 52.06 -102.04
N VAL J 377 -86.80 51.14 -102.50
CA VAL J 377 -86.52 50.40 -103.73
C VAL J 377 -86.56 51.35 -104.93
N GLN J 378 -87.44 52.34 -104.90
CA GLN J 378 -87.55 53.29 -106.00
C GLN J 378 -86.26 54.08 -106.19
N ARG J 379 -85.53 54.36 -105.11
CA ARG J 379 -84.25 55.05 -105.22
C ARG J 379 -83.27 54.28 -106.09
N VAL J 380 -83.16 52.97 -105.85
CA VAL J 380 -82.23 52.15 -106.61
C VAL J 380 -82.64 52.08 -108.08
N ASN J 381 -83.96 51.99 -108.33
CA ASN J 381 -84.45 51.92 -109.70
C ASN J 381 -84.11 53.17 -110.49
N GLU J 382 -84.28 54.34 -109.86
CA GLU J 382 -84.07 55.59 -110.58
C GLU J 382 -82.60 55.80 -110.93
N ILE J 383 -81.69 55.37 -110.05
CA ILE J 383 -80.26 55.51 -110.34
C ILE J 383 -79.88 54.69 -111.56
N ILE J 384 -80.38 53.45 -111.64
CA ILE J 384 -80.08 52.60 -112.79
C ILE J 384 -80.68 53.17 -114.06
N LEU J 385 -81.90 53.69 -113.99
CA LEU J 385 -82.57 54.22 -115.18
C LEU J 385 -81.86 55.44 -115.73
N GLU J 386 -81.28 56.28 -114.86
CA GLU J 386 -80.54 57.45 -115.34
C GLU J 386 -79.36 57.04 -116.20
N ALA J 387 -78.60 56.03 -115.75
CA ALA J 387 -77.49 55.54 -116.55
C ALA J 387 -78.00 54.91 -117.84
N LEU J 388 -79.12 54.19 -117.78
CA LEU J 388 -79.62 53.50 -118.95
C LEU J 388 -80.22 54.48 -119.96
N ASN J 389 -80.94 55.50 -119.49
CA ASN J 389 -81.61 56.45 -120.36
C ASN J 389 -80.67 57.49 -120.95
N GLU J 390 -79.62 57.86 -120.21
CA GLU J 390 -78.81 59.01 -120.57
C GLU J 390 -77.41 58.67 -121.04
N ASN J 391 -76.96 57.43 -120.86
CA ASN J 391 -75.61 57.05 -121.26
C ASN J 391 -75.60 56.02 -122.39
N LEU J 392 -76.57 55.11 -122.42
CA LEU J 392 -76.60 54.07 -123.44
C LEU J 392 -77.48 54.45 -124.64
N LEU J 393 -78.71 54.90 -124.37
CA LEU J 393 -79.64 55.19 -125.46
C LEU J 393 -79.14 56.29 -126.39
N PRO J 394 -78.69 57.46 -125.91
CA PRO J 394 -78.17 58.46 -126.87
C PRO J 394 -77.00 57.95 -127.69
N GLN J 395 -76.10 57.18 -127.08
CA GLN J 395 -74.96 56.65 -127.82
C GLN J 395 -75.40 55.57 -128.80
N LEU J 396 -76.35 54.72 -128.39
CA LEU J 396 -76.81 53.65 -129.27
C LEU J 396 -77.47 54.21 -130.52
N LEU J 397 -78.23 55.29 -130.38
CA LEU J 397 -78.86 55.90 -131.55
C LEU J 397 -77.84 56.63 -132.42
N ALA J 398 -76.77 57.16 -131.82
CA ALA J 398 -75.76 57.86 -132.59
C ALA J 398 -75.04 56.91 -133.55
N LEU J 399 -74.77 55.68 -133.10
CA LEU J 399 -74.07 54.72 -133.96
C LEU J 399 -74.90 54.40 -135.20
N ASN J 400 -76.22 54.26 -135.06
CA ASN J 400 -77.12 54.03 -136.18
C ASN J 400 -77.73 55.33 -136.70
N ASP J 401 -76.98 56.44 -136.57
CA ASP J 401 -77.29 57.79 -137.04
C ASP J 401 -78.78 58.13 -137.00
N ILE J 402 -79.42 57.86 -135.86
CA ILE J 402 -80.81 58.27 -135.63
C ILE J 402 -80.72 59.51 -134.74
N ARG J 403 -80.78 60.69 -135.37
CA ARG J 403 -80.65 61.96 -134.67
C ARG J 403 -82.03 62.61 -134.62
N LEU J 404 -82.52 62.83 -133.40
CA LEU J 404 -83.86 63.32 -133.15
C LEU J 404 -83.82 64.54 -132.23
N PRO J 405 -84.88 65.36 -132.23
CA PRO J 405 -84.96 66.45 -131.27
C PRO J 405 -85.10 65.93 -129.85
N GLU J 406 -84.99 66.84 -128.88
CA GLU J 406 -85.06 66.47 -127.48
C GLU J 406 -86.42 65.89 -127.13
N THR J 407 -87.49 66.48 -127.66
CA THR J 407 -88.84 66.05 -127.31
C THR J 407 -89.21 64.71 -127.94
N GLU J 408 -88.40 64.20 -128.87
CA GLU J 408 -88.71 62.96 -129.57
C GLU J 408 -87.85 61.79 -129.13
N MET J 409 -87.01 61.96 -128.11
CA MET J 409 -86.21 60.86 -127.61
C MET J 409 -87.08 59.87 -126.84
N PRO J 410 -87.12 58.60 -127.24
CA PRO J 410 -87.80 57.59 -126.42
C PRO J 410 -87.02 57.31 -125.15
N TYR J 411 -87.73 56.80 -124.15
CA TYR J 411 -87.12 56.47 -122.87
C TYR J 411 -87.69 55.17 -122.35
N VAL J 412 -86.94 54.51 -121.48
CA VAL J 412 -87.30 53.23 -120.90
C VAL J 412 -87.94 53.47 -119.55
N LYS J 413 -89.08 52.82 -119.30
CA LYS J 413 -89.81 52.94 -118.05
C LYS J 413 -89.81 51.59 -117.35
N ALA J 414 -89.39 51.59 -116.08
CA ALA J 414 -89.35 50.35 -115.31
C ALA J 414 -90.76 49.91 -114.93
N GLY J 415 -90.88 48.65 -114.54
CA GLY J 415 -92.16 48.10 -114.15
C GLY J 415 -92.58 48.56 -112.77
N GLU J 416 -93.76 48.10 -112.36
CA GLU J 416 -94.34 48.46 -111.07
C GLU J 416 -94.02 47.38 -110.05
N ILE J 417 -93.54 47.81 -108.87
CA ILE J 417 -93.09 46.86 -107.86
C ILE J 417 -94.22 46.33 -106.98
N VAL J 418 -95.36 47.03 -106.93
CA VAL J 418 -96.50 46.61 -106.14
C VAL J 418 -97.60 46.15 -107.08
N ASP J 419 -98.16 44.98 -106.81
CA ASP J 419 -99.18 44.40 -107.67
C ASP J 419 -100.46 45.25 -107.62
N VAL J 420 -101.18 45.25 -108.75
CA VAL J 420 -102.42 46.00 -108.84
C VAL J 420 -103.52 45.32 -108.03
N ASP J 421 -104.34 46.12 -107.36
CA ASP J 421 -105.45 45.60 -106.56
C ASP J 421 -106.65 45.40 -107.47
N MET J 422 -107.08 44.15 -107.63
CA MET J 422 -108.22 43.87 -108.50
C MET J 422 -109.49 44.53 -107.99
N GLU J 423 -109.71 44.48 -106.67
CA GLU J 423 -110.89 45.11 -106.08
C GLU J 423 -110.86 46.62 -106.28
N GLY J 424 -109.72 47.25 -105.98
CA GLY J 424 -109.63 48.70 -106.12
C GLY J 424 -109.72 49.17 -107.56
N PHE J 425 -108.99 48.48 -108.46
CA PHE J 425 -108.93 48.92 -109.85
C PHE J 425 -110.27 48.77 -110.54
N SER J 426 -110.97 47.65 -110.31
CA SER J 426 -112.22 47.39 -111.01
C SER J 426 -113.27 48.46 -110.69
N LYS J 427 -113.38 48.83 -109.41
CA LYS J 427 -114.33 49.85 -109.02
C LYS J 427 -113.85 51.26 -109.30
N ALA J 428 -112.55 51.44 -109.57
CA ALA J 428 -112.07 52.74 -110.01
C ALA J 428 -112.44 53.02 -111.46
N ILE J 429 -112.42 51.97 -112.30
CA ILE J 429 -112.79 52.14 -113.70
C ILE J 429 -114.27 52.50 -113.84
N GLN J 430 -115.13 51.86 -113.05
CA GLN J 430 -116.55 52.16 -113.11
C GLN J 430 -116.81 53.63 -112.79
N ARG J 431 -116.21 54.12 -111.71
CA ARG J 431 -116.49 55.48 -111.27
C ARG J 431 -116.06 56.51 -112.31
N ILE J 432 -114.91 56.30 -112.93
CA ILE J 432 -114.50 57.15 -114.05
C ILE J 432 -115.35 56.85 -115.27
N GLY J 433 -115.61 55.57 -115.55
CA GLY J 433 -116.36 55.20 -116.73
C GLY J 433 -117.80 55.65 -116.72
N ALA J 434 -118.46 55.59 -115.56
CA ALA J 434 -119.88 55.96 -115.47
C ALA J 434 -120.12 57.43 -115.79
N VAL J 435 -119.07 58.26 -115.74
CA VAL J 435 -119.21 59.67 -116.07
C VAL J 435 -118.78 59.97 -117.51
N GLY J 436 -117.90 59.15 -118.08
CA GLY J 436 -117.45 59.35 -119.45
C GLY J 436 -116.11 60.02 -119.61
N TYR J 437 -115.27 60.01 -118.57
CA TYR J 437 -113.96 60.63 -118.62
C TYR J 437 -112.86 59.66 -119.06
N LEU J 438 -113.22 58.42 -119.39
CA LEU J 438 -112.25 57.40 -119.78
C LEU J 438 -112.30 57.21 -121.29
N PRO J 439 -111.22 57.51 -122.02
CA PRO J 439 -111.27 57.39 -123.48
C PRO J 439 -111.46 55.95 -123.95
N LYS J 440 -112.04 55.81 -125.13
CA LYS J 440 -112.26 54.51 -125.77
C LYS J 440 -111.06 54.22 -126.67
N THR J 441 -110.06 53.53 -126.14
CA THR J 441 -108.86 53.20 -126.87
C THR J 441 -108.46 51.77 -126.54
N PRO J 442 -107.75 51.09 -127.46
CA PRO J 442 -107.26 49.74 -127.13
C PRO J 442 -106.31 49.71 -125.95
N LYS J 443 -105.67 50.84 -125.63
CA LYS J 443 -104.79 50.89 -124.46
C LYS J 443 -105.56 50.60 -123.19
N VAL J 444 -106.77 51.15 -123.05
CA VAL J 444 -107.59 50.89 -121.88
C VAL J 444 -108.10 49.47 -121.87
N ILE J 445 -108.49 48.96 -123.05
CA ILE J 445 -109.06 47.61 -123.13
C ILE J 445 -108.02 46.57 -122.76
N ASN J 446 -106.78 46.73 -123.24
CA ASN J 446 -105.74 45.74 -122.99
C ASN J 446 -105.34 45.66 -121.52
N ARG J 447 -105.74 46.63 -120.71
CA ARG J 447 -105.38 46.63 -119.29
C ARG J 447 -106.05 45.50 -118.50
N VAL J 448 -107.09 44.88 -119.05
CA VAL J 448 -107.79 43.81 -118.35
C VAL J 448 -107.07 42.49 -118.59
#